data_7YE1
#
_entry.id   7YE1
#
_cell.length_a   1.00
_cell.length_b   1.00
_cell.length_c   1.00
_cell.angle_alpha   90.00
_cell.angle_beta   90.00
_cell.angle_gamma   90.00
#
_symmetry.space_group_name_H-M   'P 1'
#
loop_
_entity.id
_entity.type
_entity.pdbx_description
1 polymer 'DNA-directed RNA polymerase subunit alpha'
2 polymer 'DNA-directed RNA polymerase subunit beta'
3 polymer "DNA-directed RNA polymerase subunit beta'"
4 polymer 'DNA-directed RNA polymerase subunit omega'
5 polymer 'RNA polymerase sigma factor RpoD'
6 polymer 'Cell cycle regulatory protein GcrA'
7 polymer 'DNA (57-MER)-non template'
8 polymer 'DNA (57-MER)-template'
9 non-polymer 'MAGNESIUM ION'
10 non-polymer 'ZINC ION'
#
loop_
_entity_poly.entity_id
_entity_poly.type
_entity_poly.pdbx_seq_one_letter_code
_entity_poly.pdbx_strand_id
1 'polypeptide(L)'
;MIERNWNELIRPEKPQIETGADATRKARIVAEPLERGFGVTLGNALRRVLLSSLQGAAVTAIQIDGVVHEFSSLEGVRED
VVDIVLNIKQLAVRMHAEGPKRMTLRATGPGPVTAGQIETPADIEILNPDHVLCTLDDGASVRMEFTVNNGKGYVPADRN
RPEDAPIGLIAVDALYSPVKRVAYRVEPTRQGQSLDYDKLILEVETNGAVTPVDAVAYAARILQDQLQIFITFEEPKAKS
ADESKPELPFNPALLKKVDELELSVRSANCLKNDNIVYIGDLIQKTEAEMLRTPNFGRKSLNEIKEVLAGMGLHLGMDVP
NWPPENIEDLAKKFEDQI
;
A,B
2 'polypeptide(L)'
;MAQSFTGKKRIRKSFGRIPEAVQMPNLIEVQRSSYEQFLQRETRPGLRRDEGVEAVFKSVFPIKDFNERAVLEYVSYEFE
EPKYDVEECIQRDMTFAAPLKVKLRLIVFETEEETGARSVKDIKEQDVYMGDIPLMTDKGTFIVNGTERVIVSQMHRSPG
VFFDHDKGKTHASGKLLFAARVIPYRGSWLDFEFDAKDIVYVRIDRRRKLPATTFLYALGMDGEEILTTFYDVVPFEKRS
GGWATPYKPERWRGVKPEFPLVDADTGEEVAPAGTKITARQAKKFADGGLKTLLLAPEALTGRYLARDAVNMATGEIYAE
AGDELDVTSIQALADQGFSTIDVLDIDHVTVGAYMRNTLRVDKNAIREDALFDIYRVMRPGEPPTVEAAEAMFKSLFFDA
ERYDLSSVGRVKMNMRLEQDVSDEVRILRKEDVLAVLKVLVGLRDGRGEIDDIDNLGNRRVRSVGELLENQYRVGLLRME
RAIKERMSSVDIDTVMPHDLINAKPAAAAVREFFGSSQLSQFMDQTNPLSEITHKRRLSALGPGGLTRERAGFEVRDVHP
THYGRICPIETPEGPNIGLINSLATHARVNKYGFIESPYRRVKDGKPQDEVVYMSAMEESKHVIAQSNIKVAEGEIVEDL
VPGRINGEPTLLQKETVDLMDVSPRQVVSVAAALIPFLENDDANRALMGSNMQRQAVPLVQSDAPLVGTGMEAVVARDSG
AVVIAKRTGVVEQIDGTRIVIRATEETDPARSGVDIYRMSKFQRSNQSTCINQRPLVKVGDRIVAGDIIADGPSTELGEL
ALGRNALVAFMPWNGYNFEDSILISERIVRDDVFTSIHIEEFEVMARDTKLGPEEITRDIPNVGEEALRNLDEAGIVAIG
AEVQPGDILVGKVTPKGESPMTPEEKLLRAIFGEKASDVRDTSLRLPPGVAGTIVDVRVFNRHGVDKDERALAIERAEID
RLGKDRDDEFAILNRNISGRLKELLIGKVALSGPKGLSRGEITAEGLAQVASGLWWQIALEDEKAMGELESLRRLFDENR
KRLDRRFEDKVDKLQRGDELPPGVMKMVKVFVAVKRKLQPGDKMAGRHGNKGVISRILPIEDMPFLADGTHVDVVLNPLG
VPSRMNVGQIFETHLGWACANLGKQITNLLEDWQQGGQKQALVERLTEIYGPDEELPDTEEGLVELARNLGKGVPIATPV
FDGARMDDIEGHLEMAGVNKSGQSILFDGLTGEQFKRPVTVGYIYMLKLHHLVDDKIHARSIGPYSLVTQQPLGGKAQFG
GQRFGEMEVWALEAYGAAYTLQEMLTVKSDDVAGRTKVYESIVRGDDTFEAGIPESFNVLVKEMRSLGLNVELENS
;
C
3 'polypeptide(L)'
;MNQEVLNIFNPVQAAPTFDQIRISLASPEKIRSWSFGEIKKPETINYRTFKPERDGLFCARIFGPTKDYECLCGKYKRMK
YKGIICEKCGVEVTLARVRRERMGHIELASPVAHIWFLKSLPSRIAMMLDMPLKDIERVLYFEYYIVTEPGLTPLKQHQL
LSEDDYMRAQEEYGDDSFTAEIGAEAIQNLLKAIDLEKEAERLREELSGTVSDMKQKKFSKRLKILEAFQESGNRPEWMV
LTVVPVIPPELRPLVPLDGGRFATSDLNDLYRRVINRNNRLKRLIELRAPDIIIRNEKRMLQESVDALFDNGRRGRVITG
ANKRPLKSLADMLKGKQGRFRQNLLGKRVDYSGRSVIVVGPELKLHECGLPKKMALELFKPFIYARLDAKGLSGTVKQSK
RMVEREQPQVWDILEEVIREHPVLLNRAPTLHRLGIQAFEPKLIEGKAIQLHPLVCAAFNADFDGDQMAVHVPLSLEAQL
EARVLMMSTNNILSPANGRPIIVPSQDIVLGLYYLSVARDGEPGEGKIFADLGEIEAAMDAGVVSLHAKIKARHTEMTPE
GVLLRKVIDTTPGRMKIAALLPHHPQIGHRLIEKALTKKEIGNLIDIVYRHCGQKATVIFADKVMGLGFKEAAKAGISFG
KDDIIIPVRKTAIVEETRKLAEEYEQQYADGLITKGEKYNKVVDAWAKATDRVADEMMAELQMKHKDENGREKEINAIYM
MAHSGARGSQAQMKQLGGMRGLMAKPSGEIIETPIVSNFKEGLTVQEYFNSTHGARKGLADTALKTANSGYLTRRLVDVA
QDCIIVEEDCGTTKGITLRAVVEGGDVLVSLGSRVLGRFTAEDVKDPGTGELVVPADTYIDENIADAIEAAVVQSVKVRS
VLTCEAKIGVCGACYGRDLARGTPVNIGEAVGVIAAQSIGEPGTQLTMRTFHIGGTAQVAEQSFFEASNEGTVRVIGPTV
VGSDGALVIMSRNTSVSVLVDGKERETYKPPYGARLRVKDGDLVKRGQRLGDWDPYTTPIITEVAGKIRAEDLVDGLSIR
EEVDEATGIAQRVVADWRTSARGSDLRPAMGVLSEDGSYKRLSNGGEARYLLSAGAILSVADGDEVKPGEVIARIPTEGA
KTRDITGGLPRVAELFEARRPKDCAVIAEMDGRVEFGKDYKNKRRIKITPDVDADGNQPEAVEFLIPKGKHIAVHDGDYI
TKGEYIIDGNPDPHDILRILGVEALANFLVDEIQEVYRLQGVPINDKHIETIVRQMLQKVEILEPGDTGLIKGDHLDKPE
FDKEQEKAIARGGRPAVTQPVLLGITKASLQTKSFISAASFQETTRVLTEASVHGKTDTLEGLKENVIVGRLIPAGTGSY
LRSLQRVAAKRDEQLAQQREDAMEPLPAEIALSDAE
;
D
4 'polypeptide(L)'
;MARVTVEDCVEKVPNRFALVLLSAHRARGISAGAALMVDRDNDKNPVVALREIADDVIDHEGLKEHLISTLQRVDEHTEA
EEEAETLALLADPSHMQMSELELVRALQSDRDGGQEERY
;
E
5 'polypeptide(L)'
;MSNNSSAETEAPETTGGDGPLLDLTDAGVKKFIKQAKARGYVTMDELNKVLPSEEVSPDAIEDTLAMLSEMGVNVVEAEE
DAENAEGGEVATRDENTTVIASDKPAAYDRTDDPVRMYLREMGSVELLSREGEIAIAKRIEAGRDTMIRGLCESALTFEA
IMVWREELGTGRILLREVIDLEGTYAAINGVAAQPAAEDDEGPAEPVDDEAGEAKAEGAEGEDEDDFDDGAGPTVSAMEG
ELREGVMAILDAIASEFEAFRKLQDKLVGSRLKGEDLSDADRKAYEGLSATIIQHLKTLKLNNNRIEALVEQLYAINKRL
IGLEGRLLRLADSYGISRGEFLKAYFGSELNPTWSEQVKAMGVRWTKFVENDSQSVTDIRSEIAALATETGVPIDDYRRI
VQTVQKGEREARQAKKEMVEANLRLVISIAKKYTNRGLQFLDLIQEGNIGLMKAVDKFEYRRGYKFSTYATWWIRQAITR
SIADQARTIRIPVHMIETINKIVRTSRQMLHEIGREPTPEELAEKLAMPLEKVRKVLKIAKEPISLETPIGDEEDSHLGD
FIEDKNAILPIDAAIQSNLRETTTRVLASLTPREERVLRMRFGIGMNTDHTLEEVGQQFSVTRERIRQIEAKALRKLKHP
SRSRKLRSFLDS
;
F
6 'polypeptide(L)'
;MSWTDERVSTLKKLWLDGLSASQIAKQLGGVTRNAVIGKVHRLGLSGRAAPSQPARPAFKAPRPARPAAQAMPSAPRRVT
PVEAPTSVPVAAAPAPLPAFRHEEPGSATVLTLGAHMCKWPIGDPSSEGFTFCGRRSSEGPYCVEHARVAYQPQQTKKKS
GGAELARSLRRYI
;
G
7 'polydeoxyribonucleotide'
;(DA)(DA)(DA)(DA)(DA)(DA)(DA)(DG)(DA)(DG)(DT)(DT)(DG)(DA)(DC)(DA)(DC)(DC)(DC)(DG)
(DG)(DG)(DC)(DG)(6MA)(DA)(DT)(DC)(DC)(DC)(DT)(DG)(DC)(DT)(DA)(DT)(DA)(DA)(DT)
(DG)(DG)(DG)(DA)(DG)(DC)(DT)(DG)(DT)(DC)(DA)(DC)(DG)(DG)(DA)(DT)(DG)(DC)
;
H
8 'polydeoxyribonucleotide'
;(DG)(DC)(DA)(DT)(DC)(DC)(DG)(DT)(DG)(DA)(DG)(DT)(DC)(DG)(DA)(DG)(DG)(DG)(DT)(DA)
(DA)(DT)(DA)(DA)(DG)(DC)(DA)(DG)(DG)(DG)(6MA)(DT)(DT)(DC)(DG)(DC)(DC)(DC)(DG)
(DG)(DG)(DT)(DG)(DT)(DC)(DA)(DA)(DC)(DT)(DC)(DT)(DT)(DT)(DT)(DT)(DT)(DT)
;
I
#
# COMPACT_ATOMS: atom_id res chain seq x y z
N ARG A 4 -51.80 -36.96 -34.31
CA ARG A 4 -51.28 -36.83 -32.96
C ARG A 4 -50.72 -38.17 -32.46
N ASN A 5 -51.38 -39.25 -32.82
CA ASN A 5 -50.96 -40.61 -32.44
C ASN A 5 -51.10 -41.49 -33.67
N TRP A 6 -49.99 -41.70 -34.39
CA TRP A 6 -49.93 -42.52 -35.59
C TRP A 6 -50.69 -41.91 -36.76
N ASN A 7 -51.02 -40.62 -36.67
CA ASN A 7 -51.72 -39.94 -37.76
C ASN A 7 -50.76 -39.30 -38.75
N GLU A 8 -49.72 -38.65 -38.26
CA GLU A 8 -48.74 -38.01 -39.15
C GLU A 8 -47.94 -39.07 -39.90
N LEU A 9 -47.16 -38.60 -40.87
CA LEU A 9 -46.31 -39.48 -41.68
C LEU A 9 -45.09 -39.89 -40.85
N ILE A 10 -45.32 -40.86 -39.96
CA ILE A 10 -44.24 -41.35 -39.11
C ILE A 10 -43.19 -42.07 -39.96
N ARG A 11 -41.93 -41.90 -39.59
CA ARG A 11 -40.85 -42.54 -40.34
C ARG A 11 -40.93 -44.06 -40.20
N PRO A 12 -40.52 -44.80 -41.22
CA PRO A 12 -40.58 -46.26 -41.14
C PRO A 12 -39.51 -46.80 -40.20
N GLU A 13 -39.83 -47.93 -39.57
CA GLU A 13 -38.91 -48.56 -38.65
C GLU A 13 -37.68 -49.08 -39.39
N LYS A 14 -36.72 -49.59 -38.61
CA LYS A 14 -35.47 -50.11 -39.15
C LYS A 14 -34.73 -49.02 -39.93
N PRO A 15 -34.22 -48.00 -39.25
CA PRO A 15 -33.48 -46.94 -39.95
C PRO A 15 -32.21 -47.47 -40.57
N GLN A 16 -31.82 -46.87 -41.69
CA GLN A 16 -30.63 -47.30 -42.42
C GLN A 16 -29.38 -47.01 -41.60
N ILE A 17 -28.79 -48.06 -41.03
CA ILE A 17 -27.59 -47.93 -40.21
C ILE A 17 -26.38 -48.11 -41.10
N GLU A 18 -25.56 -47.06 -41.21
CA GLU A 18 -24.34 -47.10 -42.03
C GLU A 18 -23.27 -47.84 -41.25
N THR A 19 -23.15 -49.15 -41.52
CA THR A 19 -22.17 -50.00 -40.86
C THR A 19 -20.80 -49.73 -41.46
N GLY A 20 -20.20 -48.62 -41.02
CA GLY A 20 -18.90 -48.23 -41.51
C GLY A 20 -17.80 -49.20 -41.10
N ALA A 21 -16.60 -48.97 -41.63
CA ALA A 21 -15.44 -49.81 -41.35
C ALA A 21 -14.68 -49.27 -40.14
N ASP A 22 -15.37 -49.29 -38.99
CA ASP A 22 -14.78 -48.83 -37.74
C ASP A 22 -15.02 -49.79 -36.58
N ALA A 23 -15.73 -50.90 -36.80
CA ALA A 23 -16.00 -51.88 -35.75
C ALA A 23 -16.80 -51.26 -34.61
N THR A 24 -17.99 -50.75 -34.96
CA THR A 24 -18.91 -50.17 -33.99
C THR A 24 -18.29 -48.96 -33.28
N ARG A 25 -17.70 -48.07 -34.08
CA ARG A 25 -17.11 -46.85 -33.55
C ARG A 25 -17.46 -45.60 -34.34
N LYS A 26 -18.01 -45.74 -35.55
CA LYS A 26 -18.38 -44.58 -36.36
C LYS A 26 -19.51 -45.02 -37.29
N ALA A 27 -20.74 -44.63 -36.95
CA ALA A 27 -21.90 -44.97 -37.74
C ALA A 27 -22.84 -43.78 -37.80
N ARG A 28 -23.76 -43.82 -38.76
CA ARG A 28 -24.72 -42.76 -38.95
C ARG A 28 -26.10 -43.35 -39.22
N ILE A 29 -27.13 -42.56 -38.97
CA ILE A 29 -28.52 -42.97 -39.17
C ILE A 29 -29.21 -41.93 -40.04
N VAL A 30 -30.20 -42.38 -40.82
CA VAL A 30 -30.92 -41.52 -41.74
C VAL A 30 -32.41 -41.81 -41.62
N ALA A 31 -33.21 -40.80 -41.96
CA ALA A 31 -34.67 -40.94 -41.93
C ALA A 31 -35.25 -39.90 -42.89
N GLU A 32 -35.80 -40.37 -44.02
CA GLU A 32 -36.31 -39.48 -45.06
C GLU A 32 -37.64 -38.85 -44.67
N PRO A 33 -38.69 -39.63 -44.37
CA PRO A 33 -39.99 -39.04 -44.11
C PRO A 33 -40.19 -38.66 -42.65
N LEU A 34 -39.12 -38.57 -41.89
CA LEU A 34 -39.19 -38.40 -40.43
C LEU A 34 -39.57 -36.95 -40.10
N GLU A 35 -40.86 -36.66 -40.23
CA GLU A 35 -41.50 -35.48 -39.63
C GLU A 35 -40.82 -34.18 -40.08
N ARG A 36 -41.03 -33.86 -41.36
CA ARG A 36 -40.56 -32.60 -41.93
C ARG A 36 -40.98 -31.43 -41.06
N GLY A 37 -39.99 -30.73 -40.52
CA GLY A 37 -40.20 -29.70 -39.52
C GLY A 37 -39.64 -30.06 -38.15
N PHE A 38 -39.46 -31.35 -37.87
CA PHE A 38 -38.89 -31.81 -36.61
C PHE A 38 -37.42 -32.19 -36.73
N GLY A 39 -36.77 -31.83 -37.84
CA GLY A 39 -35.38 -32.18 -38.02
C GLY A 39 -34.45 -31.54 -37.00
N VAL A 40 -34.76 -30.31 -36.58
CA VAL A 40 -33.95 -29.63 -35.59
C VAL A 40 -34.42 -29.87 -34.16
N THR A 41 -35.67 -30.31 -33.98
CA THR A 41 -36.19 -30.57 -32.64
C THR A 41 -35.75 -31.94 -32.14
N LEU A 42 -36.12 -33.00 -32.86
CA LEU A 42 -35.79 -34.36 -32.44
C LEU A 42 -34.27 -34.58 -32.45
N GLY A 43 -33.59 -34.11 -33.49
CA GLY A 43 -32.16 -34.29 -33.57
C GLY A 43 -31.42 -33.61 -32.44
N ASN A 44 -31.77 -32.34 -32.18
CA ASN A 44 -31.11 -31.62 -31.10
C ASN A 44 -31.45 -32.21 -29.74
N ALA A 45 -32.69 -32.68 -29.56
CA ALA A 45 -33.07 -33.30 -28.30
C ALA A 45 -32.30 -34.60 -28.08
N LEU A 46 -32.07 -35.36 -29.15
CA LEU A 46 -31.31 -36.60 -29.02
C LEU A 46 -29.81 -36.34 -28.85
N ARG A 47 -29.31 -35.24 -29.40
CA ARG A 47 -27.89 -34.92 -29.27
C ARG A 47 -27.56 -34.36 -27.90
N ARG A 48 -28.42 -33.47 -27.36
CA ARG A 48 -28.13 -32.88 -26.06
C ARG A 48 -28.18 -33.91 -24.94
N VAL A 49 -29.01 -34.94 -25.08
CA VAL A 49 -29.08 -35.99 -24.08
C VAL A 49 -28.03 -37.07 -24.30
N LEU A 50 -27.55 -37.25 -25.53
CA LEU A 50 -26.54 -38.26 -25.80
C LEU A 50 -25.19 -37.93 -25.18
N LEU A 51 -24.94 -36.65 -24.91
CA LEU A 51 -23.68 -36.22 -24.29
C LEU A 51 -23.85 -35.81 -22.83
N SER A 52 -25.06 -35.86 -22.30
CA SER A 52 -25.31 -35.40 -20.93
C SER A 52 -25.26 -36.56 -19.93
N SER A 53 -26.10 -37.58 -20.12
CA SER A 53 -26.22 -38.68 -19.20
C SER A 53 -26.05 -40.00 -19.95
N LEU A 54 -24.99 -40.73 -19.63
CA LEU A 54 -24.77 -42.04 -20.23
C LEU A 54 -23.88 -42.84 -19.27
N GLN A 55 -24.43 -43.89 -18.68
CA GLN A 55 -23.70 -44.68 -17.70
C GLN A 55 -22.52 -45.38 -18.36
N GLY A 56 -21.32 -45.11 -17.88
CA GLY A 56 -20.11 -45.72 -18.37
C GLY A 56 -19.31 -46.34 -17.24
N ALA A 57 -18.00 -46.17 -17.31
CA ALA A 57 -17.10 -46.69 -16.28
C ALA A 57 -15.71 -46.12 -16.52
N ALA A 58 -15.00 -45.88 -15.42
CA ALA A 58 -13.65 -45.35 -15.48
C ALA A 58 -12.98 -45.51 -14.13
N VAL A 59 -11.65 -45.54 -14.14
CA VAL A 59 -10.90 -45.71 -12.90
C VAL A 59 -11.09 -44.47 -12.02
N THR A 60 -11.10 -44.69 -10.71
CA THR A 60 -11.33 -43.60 -9.76
C THR A 60 -10.38 -43.65 -8.57
N ALA A 61 -9.41 -44.56 -8.55
CA ALA A 61 -8.47 -44.66 -7.43
C ALA A 61 -7.24 -45.40 -7.90
N ILE A 62 -6.10 -44.72 -7.91
CA ILE A 62 -4.82 -45.31 -8.28
C ILE A 62 -3.98 -45.47 -7.02
N GLN A 63 -3.28 -46.61 -6.92
CA GLN A 63 -2.46 -46.88 -5.75
C GLN A 63 -1.38 -47.88 -6.15
N ILE A 64 -0.11 -47.44 -6.08
CA ILE A 64 1.03 -48.30 -6.34
C ILE A 64 1.96 -48.26 -5.14
N ASP A 65 2.90 -49.21 -5.10
CA ASP A 65 3.76 -49.35 -3.93
C ASP A 65 4.83 -48.29 -3.86
N GLY A 66 5.36 -47.83 -5.00
CA GLY A 66 6.48 -46.91 -5.00
C GLY A 66 6.10 -45.45 -5.02
N VAL A 67 4.96 -45.10 -4.42
CA VAL A 67 4.52 -43.71 -4.35
C VAL A 67 3.84 -43.47 -3.01
N VAL A 68 3.82 -42.20 -2.59
CA VAL A 68 3.11 -41.80 -1.39
C VAL A 68 2.11 -40.69 -1.64
N HIS A 69 2.30 -39.86 -2.67
CA HIS A 69 1.37 -38.78 -3.00
C HIS A 69 1.33 -38.62 -4.51
N GLU A 70 0.52 -37.67 -4.96
CA GLU A 70 0.35 -37.43 -6.39
C GLU A 70 1.51 -36.69 -7.03
N PHE A 71 2.49 -36.25 -6.25
CA PHE A 71 3.62 -35.49 -6.78
C PHE A 71 4.96 -36.21 -6.55
N SER A 72 4.92 -37.53 -6.36
CA SER A 72 6.13 -38.30 -6.15
C SER A 72 6.75 -38.68 -7.50
N SER A 73 7.73 -39.56 -7.49
CA SER A 73 8.39 -40.02 -8.70
C SER A 73 8.91 -41.42 -8.49
N LEU A 74 8.65 -42.30 -9.45
CA LEU A 74 9.10 -43.68 -9.37
C LEU A 74 10.57 -43.77 -9.73
N GLU A 75 11.09 -44.99 -9.84
CA GLU A 75 12.50 -45.22 -10.17
C GLU A 75 12.72 -45.81 -11.54
N GLY A 76 11.73 -46.50 -12.11
CA GLY A 76 11.88 -47.11 -13.41
C GLY A 76 11.14 -46.40 -14.51
N VAL A 77 10.03 -45.74 -14.15
CA VAL A 77 9.24 -45.04 -15.16
C VAL A 77 10.01 -43.85 -15.71
N ARG A 78 9.56 -43.35 -16.86
CA ARG A 78 10.22 -42.23 -17.52
C ARG A 78 9.67 -40.89 -17.08
N GLU A 79 8.43 -40.83 -16.63
CA GLU A 79 7.78 -39.60 -16.21
C GLU A 79 7.37 -39.69 -14.75
N ASP A 80 6.87 -38.56 -14.23
CA ASP A 80 6.45 -38.51 -12.84
C ASP A 80 5.15 -39.29 -12.63
N VAL A 81 4.66 -39.29 -11.39
CA VAL A 81 3.45 -40.03 -11.08
C VAL A 81 2.21 -39.28 -11.54
N VAL A 82 2.23 -37.94 -11.44
CA VAL A 82 1.07 -37.16 -11.86
C VAL A 82 0.86 -37.20 -13.36
N ASP A 83 1.92 -37.49 -14.13
CA ASP A 83 1.75 -37.63 -15.57
C ASP A 83 0.95 -38.88 -15.91
N ILE A 84 1.16 -39.96 -15.15
CA ILE A 84 0.40 -41.18 -15.40
C ILE A 84 -1.06 -40.99 -15.04
N VAL A 85 -1.36 -40.08 -14.12
CA VAL A 85 -2.76 -39.82 -13.77
C VAL A 85 -3.49 -39.17 -14.92
N LEU A 86 -2.79 -38.40 -15.76
CA LEU A 86 -3.39 -37.78 -16.93
C LEU A 86 -3.58 -38.75 -18.09
N ASN A 87 -3.04 -39.98 -17.98
CA ASN A 87 -3.20 -40.99 -19.01
C ASN A 87 -4.11 -42.13 -18.59
N ILE A 88 -4.15 -42.47 -17.30
CA ILE A 88 -5.02 -43.55 -16.84
C ILE A 88 -6.48 -43.11 -16.89
N LYS A 89 -6.76 -41.82 -16.70
CA LYS A 89 -8.13 -41.34 -16.76
C LYS A 89 -8.71 -41.46 -18.15
N GLN A 90 -7.87 -41.39 -19.19
CA GLN A 90 -8.32 -41.53 -20.57
C GLN A 90 -8.19 -42.99 -21.02
N LEU A 91 -8.88 -43.86 -20.28
CA LEU A 91 -8.86 -45.30 -20.53
C LEU A 91 -10.30 -45.80 -20.44
N ALA A 92 -10.95 -45.96 -21.59
CA ALA A 92 -12.35 -46.35 -21.65
C ALA A 92 -12.50 -47.84 -21.34
N VAL A 93 -13.36 -48.16 -20.37
CA VAL A 93 -13.65 -49.53 -20.01
C VAL A 93 -15.08 -49.62 -19.52
N ARG A 94 -15.71 -50.77 -19.77
CA ARG A 94 -17.09 -51.01 -19.35
C ARG A 94 -17.13 -52.24 -18.45
N MET A 95 -17.98 -52.19 -17.43
CA MET A 95 -18.05 -53.25 -16.43
C MET A 95 -19.37 -54.02 -16.42
N HIS A 96 -20.44 -53.43 -16.96
CA HIS A 96 -21.79 -54.01 -17.01
C HIS A 96 -22.21 -54.68 -15.71
N ALA A 97 -21.84 -54.08 -14.57
CA ALA A 97 -22.18 -54.64 -13.27
C ALA A 97 -21.95 -53.56 -12.22
N GLU A 98 -22.79 -53.59 -11.19
CA GLU A 98 -22.71 -52.61 -10.11
C GLU A 98 -21.72 -53.06 -9.04
N GLY A 99 -21.06 -52.09 -8.43
CA GLY A 99 -20.11 -52.35 -7.38
C GLY A 99 -18.68 -52.09 -7.82
N PRO A 100 -17.87 -51.57 -6.91
CA PRO A 100 -16.46 -51.30 -7.25
C PRO A 100 -15.70 -52.58 -7.52
N LYS A 101 -14.58 -52.43 -8.21
CA LYS A 101 -13.71 -53.56 -8.55
C LYS A 101 -12.26 -53.23 -8.27
N ARG A 102 -11.35 -54.12 -8.67
CA ARG A 102 -9.92 -53.90 -8.44
C ARG A 102 -9.16 -54.58 -9.58
N MET A 103 -8.58 -53.76 -10.46
CA MET A 103 -7.77 -54.27 -11.57
C MET A 103 -6.30 -54.21 -11.19
N THR A 104 -5.58 -55.29 -11.44
CA THR A 104 -4.16 -55.38 -11.13
C THR A 104 -3.33 -55.11 -12.38
N LEU A 105 -2.19 -54.47 -12.19
CA LEU A 105 -1.27 -54.14 -13.29
C LEU A 105 0.16 -54.41 -12.80
N ARG A 106 0.74 -55.51 -13.27
CA ARG A 106 2.11 -55.88 -12.91
C ARG A 106 2.80 -56.37 -14.17
N ALA A 107 3.81 -55.65 -14.62
CA ALA A 107 4.54 -56.00 -15.83
C ALA A 107 5.81 -55.18 -15.91
N THR A 108 6.69 -55.56 -16.81
CA THR A 108 7.97 -54.89 -17.03
C THR A 108 8.61 -55.46 -18.29
N GLY A 109 9.40 -54.63 -18.96
CA GLY A 109 10.06 -55.03 -20.18
C GLY A 109 10.71 -53.88 -20.91
N PRO A 110 10.44 -53.76 -22.22
CA PRO A 110 11.09 -52.71 -23.02
C PRO A 110 10.70 -51.30 -22.60
N GLY A 111 9.55 -51.11 -21.96
CA GLY A 111 9.13 -49.80 -21.54
C GLY A 111 7.71 -49.42 -21.95
N PRO A 112 7.29 -49.75 -23.17
CA PRO A 112 5.88 -49.52 -23.52
C PRO A 112 4.94 -50.47 -22.79
N VAL A 113 4.20 -49.93 -21.82
CA VAL A 113 3.26 -50.71 -21.02
C VAL A 113 1.87 -50.43 -21.58
N THR A 114 1.41 -51.31 -22.48
CA THR A 114 0.10 -51.13 -23.09
C THR A 114 -1.00 -51.34 -22.05
N ALA A 115 -2.15 -50.69 -22.29
CA ALA A 115 -3.27 -50.83 -21.37
C ALA A 115 -3.86 -52.24 -21.41
N GLY A 116 -3.71 -52.95 -22.53
CA GLY A 116 -4.23 -54.29 -22.63
C GLY A 116 -3.56 -55.30 -21.72
N GLN A 117 -2.34 -55.01 -21.27
CA GLN A 117 -1.61 -55.92 -20.38
C GLN A 117 -1.95 -55.62 -18.92
N ILE A 118 -3.24 -55.78 -18.61
CA ILE A 118 -3.76 -55.54 -17.27
C ILE A 118 -4.57 -56.78 -16.88
N GLU A 119 -4.01 -57.62 -16.02
CA GLU A 119 -4.68 -58.84 -15.58
C GLU A 119 -5.86 -58.47 -14.68
N THR A 120 -7.07 -58.66 -15.19
CA THR A 120 -8.29 -58.37 -14.47
C THR A 120 -9.23 -59.55 -14.57
N PRO A 121 -10.28 -59.60 -13.73
CA PRO A 121 -11.25 -60.70 -13.81
C PRO A 121 -12.05 -60.65 -15.11
N ALA A 122 -12.95 -61.62 -15.29
CA ALA A 122 -13.75 -61.67 -16.51
C ALA A 122 -15.00 -60.81 -16.37
N ASP A 123 -14.82 -59.56 -15.91
CA ASP A 123 -15.91 -58.61 -15.83
C ASP A 123 -15.54 -57.22 -16.33
N ILE A 124 -14.26 -56.93 -16.55
CA ILE A 124 -13.80 -55.62 -16.98
C ILE A 124 -13.05 -55.82 -18.29
N GLU A 125 -13.72 -55.59 -19.41
CA GLU A 125 -13.06 -55.68 -20.71
C GLU A 125 -12.39 -54.35 -21.03
N ILE A 126 -11.06 -54.33 -20.95
CA ILE A 126 -10.32 -53.10 -21.19
C ILE A 126 -10.33 -52.79 -22.69
N LEU A 127 -10.37 -51.50 -23.01
CA LEU A 127 -10.35 -51.02 -24.39
C LEU A 127 -9.06 -50.27 -24.65
N ASN A 128 -8.84 -49.96 -25.93
CA ASN A 128 -7.62 -49.28 -26.37
C ASN A 128 -6.39 -50.11 -26.00
N PRO A 129 -6.19 -51.26 -26.64
CA PRO A 129 -5.04 -52.11 -26.29
C PRO A 129 -3.69 -51.53 -26.73
N ASP A 130 -3.68 -50.45 -27.50
CA ASP A 130 -2.45 -49.82 -27.95
C ASP A 130 -2.07 -48.60 -27.12
N HIS A 131 -2.88 -48.24 -26.12
CA HIS A 131 -2.56 -47.09 -25.28
C HIS A 131 -1.34 -47.39 -24.41
N VAL A 132 -0.56 -46.35 -24.15
CA VAL A 132 0.66 -46.45 -23.36
C VAL A 132 0.47 -45.66 -22.07
N LEU A 133 0.80 -46.28 -20.95
CA LEU A 133 0.68 -45.63 -19.64
C LEU A 133 2.00 -45.00 -19.22
N CYS A 134 3.06 -45.80 -19.14
CA CYS A 134 4.37 -45.31 -18.73
C CYS A 134 5.44 -46.00 -19.57
N THR A 135 6.68 -45.55 -19.40
CA THR A 135 7.81 -46.10 -20.13
C THR A 135 8.97 -46.31 -19.16
N LEU A 136 9.37 -47.56 -18.98
CA LEU A 136 10.47 -47.92 -18.10
C LEU A 136 11.68 -48.35 -18.92
N ASP A 137 12.87 -47.94 -18.46
CA ASP A 137 14.11 -48.22 -19.18
C ASP A 137 14.73 -49.54 -18.72
N ASP A 138 13.92 -50.60 -18.83
CA ASP A 138 14.33 -51.95 -18.44
C ASP A 138 14.70 -52.01 -16.96
N GLY A 139 14.01 -51.24 -16.14
CA GLY A 139 14.27 -51.16 -14.71
C GLY A 139 13.38 -52.10 -13.91
N ALA A 140 13.10 -51.71 -12.68
CA ALA A 140 12.27 -52.53 -11.80
C ALA A 140 10.84 -52.58 -12.31
N SER A 141 10.09 -53.55 -11.80
CA SER A 141 8.69 -53.72 -12.18
C SER A 141 7.82 -52.68 -11.49
N VAL A 142 6.54 -52.68 -11.83
CA VAL A 142 5.57 -51.74 -11.26
C VAL A 142 4.31 -52.51 -10.90
N ARG A 143 3.78 -52.24 -9.71
CA ARG A 143 2.54 -52.87 -9.23
C ARG A 143 1.49 -51.78 -9.10
N MET A 144 0.46 -51.84 -9.95
CA MET A 144 -0.60 -50.84 -9.97
C MET A 144 -1.94 -51.54 -9.86
N GLU A 145 -2.72 -51.17 -8.85
CA GLU A 145 -4.07 -51.67 -8.67
C GLU A 145 -5.06 -50.53 -8.91
N PHE A 146 -6.07 -50.78 -9.72
CA PHE A 146 -7.04 -49.78 -10.10
C PHE A 146 -8.38 -50.03 -9.40
N THR A 147 -9.34 -49.18 -9.72
CA THR A 147 -10.69 -49.31 -9.16
C THR A 147 -11.68 -48.78 -10.19
N VAL A 148 -12.67 -49.60 -10.53
CA VAL A 148 -13.65 -49.28 -11.56
C VAL A 148 -14.99 -48.99 -10.90
N ASN A 149 -15.72 -48.02 -11.45
CA ASN A 149 -17.05 -47.66 -10.96
C ASN A 149 -17.90 -47.27 -12.16
N ASN A 150 -19.06 -46.68 -11.88
CA ASN A 150 -19.96 -46.25 -12.94
C ASN A 150 -20.70 -44.99 -12.48
N GLY A 151 -20.47 -43.89 -13.19
CA GLY A 151 -21.11 -42.62 -12.91
C GLY A 151 -21.75 -42.06 -14.16
N LYS A 152 -21.67 -40.74 -14.30
CA LYS A 152 -22.24 -40.07 -15.48
C LYS A 152 -21.75 -38.64 -15.60
N GLY A 153 -21.27 -38.27 -16.78
CA GLY A 153 -20.87 -36.91 -17.06
C GLY A 153 -19.48 -36.55 -16.58
N TYR A 154 -19.32 -36.34 -15.28
CA TYR A 154 -18.04 -35.92 -14.73
C TYR A 154 -18.13 -35.92 -13.22
N VAL A 155 -17.00 -36.22 -12.56
CA VAL A 155 -16.93 -36.22 -11.10
C VAL A 155 -15.56 -35.72 -10.69
N PRO A 156 -15.48 -34.74 -9.79
CA PRO A 156 -14.17 -34.24 -9.35
C PRO A 156 -13.41 -35.28 -8.55
N ALA A 157 -12.11 -35.01 -8.36
CA ALA A 157 -11.25 -35.93 -7.64
C ALA A 157 -11.38 -35.82 -6.13
N ASP A 158 -12.04 -34.79 -5.62
CA ASP A 158 -12.21 -34.57 -4.19
C ASP A 158 -13.65 -34.84 -3.74
N ARG A 159 -14.30 -35.83 -4.35
CA ARG A 159 -15.68 -36.15 -4.02
C ARG A 159 -15.85 -37.61 -3.69
N ASN A 160 -14.99 -38.47 -4.23
CA ASN A 160 -15.11 -39.92 -4.03
C ASN A 160 -13.79 -40.50 -3.53
N ARG A 161 -12.67 -39.87 -3.88
CA ARG A 161 -11.36 -40.41 -3.49
C ARG A 161 -11.09 -40.20 -2.01
N PRO A 162 -11.08 -38.98 -1.48
CA PRO A 162 -10.69 -38.79 -0.07
C PRO A 162 -11.85 -38.98 0.89
N GLU A 163 -12.94 -39.61 0.42
CA GLU A 163 -14.08 -39.88 1.30
C GLU A 163 -13.68 -40.80 2.45
N ASP A 164 -13.16 -41.98 2.12
CA ASP A 164 -12.70 -42.94 3.13
C ASP A 164 -11.56 -43.74 2.50
N ALA A 165 -10.32 -43.35 2.82
CA ALA A 165 -9.15 -44.02 2.25
C ALA A 165 -7.97 -43.85 3.18
N PRO A 166 -7.15 -44.87 3.37
CA PRO A 166 -5.96 -44.75 4.21
C PRO A 166 -4.86 -43.97 3.49
N ILE A 167 -3.73 -43.84 4.18
CA ILE A 167 -2.58 -43.14 3.61
C ILE A 167 -1.97 -43.98 2.51
N GLY A 168 -1.68 -43.35 1.37
CA GLY A 168 -1.08 -44.04 0.25
C GLY A 168 -2.07 -44.48 -0.81
N LEU A 169 -2.99 -43.58 -1.17
CA LEU A 169 -3.98 -43.85 -2.20
C LEU A 169 -4.05 -42.62 -3.12
N ILE A 170 -3.49 -42.74 -4.32
CA ILE A 170 -3.44 -41.64 -5.25
C ILE A 170 -4.87 -41.33 -5.72
N ALA A 171 -5.40 -40.19 -5.30
CA ALA A 171 -6.73 -39.78 -5.74
C ALA A 171 -6.70 -39.38 -7.21
N VAL A 172 -7.82 -39.57 -7.89
CA VAL A 172 -7.93 -39.25 -9.31
C VAL A 172 -9.41 -39.16 -9.66
N ASP A 173 -9.73 -38.19 -10.50
CA ASP A 173 -11.09 -38.02 -10.99
C ASP A 173 -11.31 -38.89 -12.23
N ALA A 174 -12.58 -39.11 -12.55
CA ALA A 174 -12.96 -39.95 -13.67
C ALA A 174 -14.08 -39.28 -14.46
N LEU A 175 -14.14 -39.58 -15.75
CA LEU A 175 -15.18 -39.08 -16.64
C LEU A 175 -15.92 -40.27 -17.24
N TYR A 176 -17.21 -40.33 -17.01
CA TYR A 176 -18.05 -41.42 -17.49
C TYR A 176 -18.83 -40.92 -18.69
N SER A 177 -18.27 -41.12 -19.88
CA SER A 177 -18.92 -40.69 -21.12
C SER A 177 -18.47 -41.63 -22.23
N PRO A 178 -19.34 -42.55 -22.65
CA PRO A 178 -18.94 -43.47 -23.74
C PRO A 178 -18.81 -42.78 -25.08
N VAL A 179 -19.56 -41.72 -25.32
CA VAL A 179 -19.53 -40.99 -26.59
C VAL A 179 -18.55 -39.82 -26.47
N LYS A 180 -17.96 -39.46 -27.59
CA LYS A 180 -16.99 -38.36 -27.65
C LYS A 180 -17.51 -37.17 -28.44
N ARG A 181 -17.94 -37.40 -29.68
CA ARG A 181 -18.46 -36.33 -30.53
C ARG A 181 -19.67 -36.84 -31.30
N VAL A 182 -20.60 -35.94 -31.58
CA VAL A 182 -21.84 -36.25 -32.29
C VAL A 182 -22.07 -35.19 -33.36
N ALA A 183 -22.51 -35.62 -34.54
CA ALA A 183 -22.79 -34.72 -35.63
C ALA A 183 -24.28 -34.43 -35.71
N TYR A 184 -24.67 -33.61 -36.67
CA TYR A 184 -26.07 -33.24 -36.84
C TYR A 184 -26.28 -32.56 -38.19
N ARG A 185 -27.26 -33.05 -38.95
CA ARG A 185 -27.54 -32.50 -40.27
C ARG A 185 -29.01 -32.73 -40.62
N VAL A 186 -29.51 -31.92 -41.54
CA VAL A 186 -30.90 -32.03 -42.00
C VAL A 186 -30.94 -31.63 -43.46
N GLU A 187 -31.50 -32.50 -44.30
CA GLU A 187 -31.60 -32.25 -45.73
C GLU A 187 -33.01 -32.56 -46.19
N PRO A 188 -33.68 -31.63 -46.88
CA PRO A 188 -35.05 -31.90 -47.35
C PRO A 188 -35.04 -32.89 -48.52
N THR A 189 -35.89 -33.90 -48.43
CA THR A 189 -35.99 -34.91 -49.46
C THR A 189 -36.89 -34.40 -50.59
N ARG A 190 -37.24 -35.28 -51.52
CA ARG A 190 -38.10 -34.91 -52.64
C ARG A 190 -39.50 -34.56 -52.17
N LEU A 195 -44.51 -32.44 -51.21
CA LEU A 195 -43.89 -33.62 -50.61
C LEU A 195 -42.55 -33.28 -49.98
N ASP A 196 -42.46 -32.10 -49.38
CA ASP A 196 -41.23 -31.66 -48.74
C ASP A 196 -41.06 -32.36 -47.40
N TYR A 197 -39.95 -33.08 -47.24
CA TYR A 197 -39.65 -33.80 -46.00
C TYR A 197 -38.15 -33.70 -45.74
N ASP A 198 -37.80 -33.54 -44.47
CA ASP A 198 -36.40 -33.41 -44.07
C ASP A 198 -35.79 -34.77 -43.78
N LYS A 199 -34.50 -34.91 -44.09
CA LYS A 199 -33.76 -36.14 -43.89
C LYS A 199 -32.73 -35.89 -42.80
N LEU A 200 -32.88 -36.59 -41.66
CA LEU A 200 -31.97 -36.46 -40.54
C LEU A 200 -30.79 -37.41 -40.71
N ILE A 201 -29.58 -36.88 -40.54
CA ILE A 201 -28.35 -37.65 -40.67
C ILE A 201 -27.43 -37.26 -39.53
N LEU A 202 -27.16 -38.20 -38.62
CA LEU A 202 -26.25 -37.97 -37.50
C LEU A 202 -25.28 -39.13 -37.40
N GLU A 203 -23.99 -38.83 -37.33
CA GLU A 203 -22.93 -39.82 -37.23
C GLU A 203 -22.36 -39.75 -35.81
N VAL A 204 -22.89 -40.59 -34.93
CA VAL A 204 -22.42 -40.60 -33.54
C VAL A 204 -21.04 -41.25 -33.48
N GLU A 205 -20.18 -40.68 -32.63
CA GLU A 205 -18.82 -41.18 -32.44
C GLU A 205 -18.67 -41.63 -30.99
N THR A 206 -18.09 -42.81 -30.80
CA THR A 206 -17.93 -43.36 -29.46
C THR A 206 -16.84 -44.42 -29.48
N ASN A 207 -16.34 -44.74 -28.29
CA ASN A 207 -15.32 -45.77 -28.15
C ASN A 207 -15.99 -47.14 -28.10
N GLY A 208 -15.24 -48.17 -27.75
CA GLY A 208 -15.76 -49.52 -27.67
C GLY A 208 -16.63 -49.83 -26.48
N ALA A 209 -16.89 -48.85 -25.62
CA ALA A 209 -17.72 -49.09 -24.44
C ALA A 209 -19.17 -49.40 -24.83
N VAL A 210 -19.73 -48.62 -25.75
CA VAL A 210 -21.09 -48.81 -26.22
C VAL A 210 -21.11 -48.58 -27.72
N THR A 211 -21.84 -49.43 -28.44
CA THR A 211 -21.93 -49.31 -29.88
C THR A 211 -22.67 -48.02 -30.26
N PRO A 212 -22.43 -47.51 -31.46
CA PRO A 212 -23.12 -46.27 -31.88
C PRO A 212 -24.62 -46.44 -31.99
N VAL A 213 -25.08 -47.57 -32.52
CA VAL A 213 -26.52 -47.79 -32.65
C VAL A 213 -27.20 -47.96 -31.30
N ASP A 214 -26.46 -48.39 -30.27
CA ASP A 214 -27.05 -48.56 -28.95
C ASP A 214 -27.12 -47.26 -28.18
N ALA A 215 -26.17 -46.35 -28.41
CA ALA A 215 -26.20 -45.06 -27.72
C ALA A 215 -27.42 -44.24 -28.13
N VAL A 216 -27.77 -44.25 -29.41
CA VAL A 216 -28.95 -43.52 -29.86
C VAL A 216 -30.21 -44.12 -29.25
N ALA A 217 -30.28 -45.45 -29.17
CA ALA A 217 -31.43 -46.10 -28.55
C ALA A 217 -31.55 -45.74 -27.08
N TYR A 218 -30.42 -45.75 -26.36
CA TYR A 218 -30.44 -45.38 -24.95
C TYR A 218 -30.88 -43.93 -24.76
N ALA A 219 -30.38 -43.03 -25.62
CA ALA A 219 -30.77 -41.63 -25.53
C ALA A 219 -32.26 -41.46 -25.82
N ALA A 220 -32.78 -42.17 -26.81
CA ALA A 220 -34.21 -42.08 -27.11
C ALA A 220 -35.05 -42.61 -25.97
N ARG A 221 -34.62 -43.71 -25.34
CA ARG A 221 -35.35 -44.25 -24.21
C ARG A 221 -35.33 -43.28 -23.03
N ILE A 222 -34.19 -42.65 -22.78
CA ILE A 222 -34.10 -41.68 -21.69
C ILE A 222 -35.01 -40.49 -21.96
N LEU A 223 -35.02 -40.00 -23.21
CA LEU A 223 -35.87 -38.88 -23.56
C LEU A 223 -37.35 -39.24 -23.42
N GLN A 224 -37.73 -40.45 -23.82
CA GLN A 224 -39.11 -40.88 -23.67
C GLN A 224 -39.50 -40.98 -22.20
N ASP A 225 -38.62 -41.56 -21.37
CA ASP A 225 -38.90 -41.66 -19.94
C ASP A 225 -39.01 -40.28 -19.30
N GLN A 226 -38.22 -39.31 -19.78
CA GLN A 226 -38.31 -37.96 -19.23
C GLN A 226 -39.60 -37.28 -19.66
N LEU A 227 -40.00 -37.45 -20.92
CA LEU A 227 -41.22 -36.83 -21.41
C LEU A 227 -42.47 -37.50 -20.85
N GLN A 228 -42.35 -38.73 -20.34
CA GLN A 228 -43.51 -39.42 -19.77
C GLN A 228 -44.09 -38.71 -18.57
N ILE A 229 -43.30 -37.88 -17.88
CA ILE A 229 -43.80 -37.21 -16.68
C ILE A 229 -44.89 -36.21 -17.03
N PHE A 230 -44.84 -35.62 -18.22
CA PHE A 230 -45.84 -34.61 -18.59
C PHE A 230 -47.19 -35.26 -18.85
N ILE A 231 -47.21 -36.36 -19.59
CA ILE A 231 -48.46 -37.05 -19.89
C ILE A 231 -48.99 -37.70 -18.63
N THR A 232 -50.27 -37.47 -18.32
CA THR A 232 -50.86 -38.01 -17.11
C THR A 232 -51.29 -39.47 -17.29
N PHE A 233 -52.25 -39.71 -18.19
CA PHE A 233 -52.71 -41.05 -18.46
C PHE A 233 -53.02 -41.32 -19.91
N GLU A 234 -52.77 -40.38 -20.82
CA GLU A 234 -53.09 -40.56 -22.23
C GLU A 234 -52.19 -41.64 -22.86
N ASN A 251 -41.44 -47.95 22.92
CA ASN A 251 -40.94 -46.63 23.33
C ASN A 251 -39.45 -46.69 23.62
N PRO A 252 -38.72 -45.64 23.24
CA PRO A 252 -37.27 -45.61 23.49
C PRO A 252 -36.90 -45.36 24.94
N ALA A 253 -37.86 -44.99 25.79
CA ALA A 253 -37.55 -44.74 27.19
C ALA A 253 -37.16 -46.00 27.95
N LEU A 254 -37.58 -47.18 27.46
CA LEU A 254 -37.23 -48.43 28.13
C LEU A 254 -35.75 -48.73 28.06
N LEU A 255 -35.03 -48.17 27.08
CA LEU A 255 -33.60 -48.43 26.97
C LEU A 255 -32.81 -47.82 28.13
N LYS A 256 -33.35 -46.79 28.77
CA LYS A 256 -32.66 -46.15 29.87
C LYS A 256 -32.62 -47.08 31.08
N LYS A 257 -31.55 -46.98 31.86
CA LYS A 257 -31.38 -47.82 33.04
C LYS A 257 -32.35 -47.38 34.13
N VAL A 258 -32.52 -48.25 35.14
CA VAL A 258 -33.44 -47.95 36.22
C VAL A 258 -32.87 -46.89 37.14
N ASP A 259 -31.55 -46.86 37.31
CA ASP A 259 -30.89 -45.89 38.19
C ASP A 259 -30.51 -44.60 37.47
N GLU A 260 -31.20 -44.28 36.36
CA GLU A 260 -30.91 -43.07 35.60
C GLU A 260 -31.83 -41.91 35.97
N LEU A 261 -32.66 -42.07 37.00
CA LEU A 261 -33.57 -41.02 37.43
C LEU A 261 -33.35 -40.55 38.85
N GLU A 262 -32.65 -41.33 39.68
CA GLU A 262 -32.29 -40.98 41.06
C GLU A 262 -33.48 -40.44 41.86
N LEU A 263 -34.49 -41.30 42.01
CA LEU A 263 -35.69 -40.92 42.76
C LEU A 263 -35.36 -40.74 44.24
N SER A 264 -34.84 -41.79 44.88
CA SER A 264 -34.49 -41.73 46.29
C SER A 264 -33.41 -42.77 46.56
N VAL A 265 -32.89 -42.74 47.78
CA VAL A 265 -31.85 -43.69 48.16
C VAL A 265 -32.43 -45.08 48.40
N ARG A 266 -33.56 -45.16 49.11
CA ARG A 266 -34.18 -46.45 49.37
C ARG A 266 -34.68 -47.09 48.09
N SER A 267 -35.17 -46.28 47.14
CA SER A 267 -35.60 -46.81 45.85
C SER A 267 -34.43 -47.42 45.09
N ALA A 268 -33.29 -46.72 45.06
CA ALA A 268 -32.12 -47.28 44.42
C ALA A 268 -31.65 -48.55 45.12
N ASN A 269 -31.74 -48.57 46.46
CA ASN A 269 -31.33 -49.74 47.21
C ASN A 269 -32.18 -50.96 46.85
N CYS A 270 -33.51 -50.79 46.86
CA CYS A 270 -34.38 -51.92 46.55
C CYS A 270 -34.27 -52.33 45.08
N LEU A 271 -34.04 -51.36 44.18
CA LEU A 271 -33.86 -51.72 42.77
C LEU A 271 -32.58 -52.50 42.56
N LYS A 272 -31.51 -52.14 43.28
CA LYS A 272 -30.27 -52.90 43.19
C LYS A 272 -30.43 -54.29 43.80
N ASN A 273 -31.17 -54.38 44.91
CA ASN A 273 -31.40 -55.68 45.53
C ASN A 273 -32.26 -56.57 44.65
N ASP A 274 -33.16 -55.99 43.86
CA ASP A 274 -34.00 -56.76 42.95
C ASP A 274 -33.28 -57.16 41.68
N ASN A 275 -32.11 -56.59 41.40
CA ASN A 275 -31.33 -56.90 40.21
C ASN A 275 -32.11 -56.55 38.93
N ILE A 276 -32.46 -55.28 38.82
CA ILE A 276 -33.19 -54.75 37.68
C ILE A 276 -32.27 -53.81 36.91
N VAL A 277 -32.32 -53.90 35.58
CA VAL A 277 -31.46 -53.08 34.72
C VAL A 277 -32.32 -52.23 33.80
N TYR A 278 -33.52 -52.70 33.50
CA TYR A 278 -34.43 -52.01 32.59
C TYR A 278 -35.71 -51.63 33.32
N ILE A 279 -36.35 -50.56 32.84
CA ILE A 279 -37.59 -50.09 33.45
C ILE A 279 -38.80 -50.92 33.09
N GLY A 280 -38.68 -51.81 32.09
CA GLY A 280 -39.81 -52.63 31.71
C GLY A 280 -40.21 -53.62 32.78
N ASP A 281 -39.21 -54.26 33.41
CA ASP A 281 -39.50 -55.22 34.47
C ASP A 281 -40.15 -54.56 35.68
N LEU A 282 -39.84 -53.27 35.91
CA LEU A 282 -40.44 -52.55 37.02
C LEU A 282 -41.82 -52.02 36.67
N ILE A 283 -42.04 -51.63 35.42
CA ILE A 283 -43.35 -51.11 35.01
C ILE A 283 -44.36 -52.24 34.85
N GLN A 284 -43.89 -53.44 34.49
CA GLN A 284 -44.82 -54.56 34.35
C GLN A 284 -45.42 -54.96 35.69
N LYS A 285 -44.60 -55.05 36.73
CA LYS A 285 -45.07 -55.39 38.08
C LYS A 285 -45.67 -54.13 38.70
N THR A 286 -47.01 -54.09 38.76
CA THR A 286 -47.69 -52.91 39.29
C THR A 286 -47.72 -52.92 40.81
N GLU A 287 -48.35 -53.94 41.40
CA GLU A 287 -48.44 -54.05 42.85
C GLU A 287 -48.11 -55.42 43.40
N ALA A 288 -48.11 -56.47 42.58
CA ALA A 288 -47.82 -57.81 43.09
C ALA A 288 -46.36 -57.92 43.52
N GLU A 289 -45.43 -57.72 42.57
CA GLU A 289 -44.01 -57.83 42.89
C GLU A 289 -43.51 -56.65 43.71
N MET A 290 -44.23 -55.53 43.72
CA MET A 290 -43.79 -54.36 44.49
C MET A 290 -43.89 -54.63 45.99
N LEU A 291 -45.08 -54.95 46.47
CA LEU A 291 -45.28 -55.19 47.90
C LEU A 291 -44.57 -56.43 48.39
N ARG A 292 -44.17 -57.34 47.49
CA ARG A 292 -43.48 -58.56 47.86
C ARG A 292 -41.97 -58.38 47.99
N THR A 293 -41.50 -57.13 48.14
CA THR A 293 -40.09 -56.85 48.29
C THR A 293 -39.82 -56.25 49.67
N PRO A 294 -38.63 -56.49 50.22
CA PRO A 294 -38.31 -55.93 51.55
C PRO A 294 -38.26 -54.41 51.49
N ASN A 295 -38.95 -53.77 52.43
CA ASN A 295 -39.02 -52.31 52.52
C ASN A 295 -39.66 -51.72 51.26
N PHE A 296 -40.85 -52.22 50.94
CA PHE A 296 -41.61 -51.73 49.78
C PHE A 296 -42.23 -50.39 50.15
N GLY A 297 -41.61 -49.30 49.71
CA GLY A 297 -42.04 -47.96 50.04
C GLY A 297 -43.46 -47.64 49.62
N ARG A 298 -44.34 -47.44 50.60
CA ARG A 298 -45.74 -47.14 50.28
C ARG A 298 -45.88 -45.77 49.62
N LYS A 299 -45.18 -44.77 50.14
CA LYS A 299 -45.25 -43.44 49.54
C LYS A 299 -44.34 -43.31 48.32
N SER A 300 -43.26 -44.10 48.27
CA SER A 300 -42.35 -44.04 47.13
C SER A 300 -42.87 -44.81 45.93
N LEU A 301 -43.71 -45.83 46.15
CA LEU A 301 -44.26 -46.58 45.03
C LEU A 301 -45.19 -45.72 44.19
N ASN A 302 -45.81 -44.70 44.79
CA ASN A 302 -46.66 -43.80 44.03
C ASN A 302 -45.84 -42.75 43.29
N GLU A 303 -44.78 -42.24 43.91
CA GLU A 303 -43.93 -41.26 43.25
C GLU A 303 -43.17 -41.88 42.09
N ILE A 304 -42.74 -43.14 42.24
CA ILE A 304 -42.03 -43.80 41.15
C ILE A 304 -42.97 -44.04 39.98
N LYS A 305 -44.21 -44.44 40.26
CA LYS A 305 -45.19 -44.63 39.19
C LYS A 305 -45.51 -43.29 38.52
N GLU A 306 -45.58 -42.21 39.29
CA GLU A 306 -45.83 -40.89 38.71
C GLU A 306 -44.69 -40.47 37.79
N VAL A 307 -43.44 -40.65 38.24
CA VAL A 307 -42.31 -40.26 37.42
C VAL A 307 -42.18 -41.17 36.20
N LEU A 308 -42.63 -42.42 36.30
CA LEU A 308 -42.62 -43.29 35.13
C LEU A 308 -43.68 -42.86 34.12
N ALA A 309 -44.89 -42.53 34.60
CA ALA A 309 -45.93 -42.05 33.70
C ALA A 309 -45.56 -40.72 33.05
N GLY A 310 -44.85 -39.86 33.79
CA GLY A 310 -44.42 -38.60 33.21
C GLY A 310 -43.43 -38.77 32.07
N MET A 311 -42.65 -39.85 32.11
CA MET A 311 -41.68 -40.11 31.05
C MET A 311 -42.31 -40.67 29.79
N GLY A 312 -43.59 -41.06 29.83
CA GLY A 312 -44.29 -41.59 28.68
C GLY A 312 -44.65 -43.05 28.79
N LEU A 313 -44.17 -43.76 29.80
CA LEU A 313 -44.46 -45.18 29.98
C LEU A 313 -45.37 -45.38 31.18
N HIS A 314 -46.07 -46.51 31.17
CA HIS A 314 -46.99 -46.87 32.24
C HIS A 314 -46.89 -48.36 32.48
N LEU A 315 -47.84 -48.90 33.25
CA LEU A 315 -47.84 -50.32 33.56
C LEU A 315 -48.10 -51.14 32.30
N GLY A 316 -47.23 -52.10 32.02
CA GLY A 316 -47.40 -52.94 30.85
C GLY A 316 -47.29 -52.13 29.57
N MET A 317 -48.32 -52.25 28.73
CA MET A 317 -48.40 -51.51 27.47
C MET A 317 -47.26 -51.91 26.51
N ASP A 318 -46.80 -53.15 26.62
CA ASP A 318 -45.73 -53.66 25.77
C ASP A 318 -45.56 -55.15 26.04
N VAL A 319 -44.79 -55.79 25.18
CA VAL A 319 -44.50 -57.22 25.32
C VAL A 319 -43.68 -57.44 26.59
N PRO A 320 -43.75 -58.62 27.21
CA PRO A 320 -42.98 -58.87 28.44
C PRO A 320 -41.52 -59.10 28.13
N ASN A 321 -40.68 -58.11 28.45
CA ASN A 321 -39.24 -58.17 28.20
C ASN A 321 -38.95 -58.36 26.71
N TRP A 322 -39.43 -57.39 25.91
CA TRP A 322 -39.21 -57.46 24.47
C TRP A 322 -37.73 -57.32 24.13
N PRO A 323 -37.07 -56.19 24.40
CA PRO A 323 -35.65 -56.08 24.11
C PRO A 323 -34.82 -56.56 25.29
N PRO A 324 -34.97 -57.83 25.67
CA PRO A 324 -34.22 -58.36 26.82
C PRO A 324 -32.78 -58.70 26.52
N GLU A 325 -32.34 -58.58 25.27
CA GLU A 325 -30.98 -58.89 24.88
C GLU A 325 -30.15 -57.60 24.77
N ASN A 326 -28.89 -57.75 24.37
CA ASN A 326 -27.99 -56.62 24.21
C ASN A 326 -28.19 -55.88 22.89
N ILE A 327 -29.11 -56.34 22.05
CA ILE A 327 -29.32 -55.68 20.76
C ILE A 327 -29.97 -54.31 20.92
N GLU A 328 -30.64 -54.06 22.05
CA GLU A 328 -31.29 -52.78 22.28
C GLU A 328 -30.36 -51.75 22.92
N ASP A 329 -29.14 -52.13 23.27
CA ASP A 329 -28.21 -51.18 23.86
C ASP A 329 -27.77 -50.15 22.83
N LEU A 330 -27.72 -48.89 23.26
CA LEU A 330 -27.32 -47.81 22.37
C LEU A 330 -25.94 -47.28 22.76
N GLU B 3 -29.07 -53.76 -18.50
CA GLU B 3 -28.60 -52.43 -18.13
C GLU B 3 -29.78 -51.50 -17.81
N ARG B 4 -29.58 -50.65 -16.80
CA ARG B 4 -30.60 -49.69 -16.37
C ARG B 4 -29.91 -48.34 -16.18
N ASN B 5 -29.89 -47.53 -17.23
CA ASN B 5 -29.29 -46.21 -17.18
C ASN B 5 -30.29 -45.07 -17.28
N TRP B 6 -31.52 -45.35 -17.72
CA TRP B 6 -32.55 -44.33 -17.85
C TRP B 6 -33.45 -44.24 -16.62
N ASN B 7 -33.06 -44.87 -15.50
CA ASN B 7 -33.86 -44.85 -14.29
C ASN B 7 -33.06 -44.50 -13.04
N GLU B 8 -31.74 -44.34 -13.14
CA GLU B 8 -30.94 -44.02 -11.98
C GLU B 8 -30.98 -42.54 -11.65
N LEU B 9 -31.01 -41.69 -12.68
CA LEU B 9 -31.02 -40.25 -12.45
C LEU B 9 -32.33 -39.82 -11.79
N ILE B 10 -32.30 -38.63 -11.19
CA ILE B 10 -33.47 -38.11 -10.49
C ILE B 10 -34.57 -37.81 -11.50
N ARG B 11 -35.82 -38.03 -11.08
CA ARG B 11 -36.98 -37.81 -11.93
C ARG B 11 -38.07 -37.14 -11.11
N PRO B 12 -38.70 -36.08 -11.62
CA PRO B 12 -39.78 -35.43 -10.86
C PRO B 12 -41.03 -36.31 -10.83
N GLU B 13 -41.51 -36.59 -9.63
CA GLU B 13 -42.66 -37.47 -9.44
C GLU B 13 -43.98 -36.71 -9.27
N LYS B 14 -43.94 -35.38 -9.17
CA LYS B 14 -45.15 -34.57 -9.00
C LYS B 14 -45.12 -33.42 -10.00
N PRO B 15 -45.32 -33.72 -11.29
CA PRO B 15 -45.36 -32.68 -12.32
C PRO B 15 -46.76 -32.08 -12.51
N GLN B 16 -47.38 -31.66 -11.41
CA GLN B 16 -48.75 -31.15 -11.43
C GLN B 16 -48.86 -29.86 -10.63
N ILE B 17 -47.92 -28.95 -10.86
CA ILE B 17 -47.94 -27.64 -10.21
C ILE B 17 -48.54 -26.67 -11.22
N GLU B 18 -49.86 -26.52 -11.17
CA GLU B 18 -50.59 -25.61 -12.05
C GLU B 18 -50.88 -24.32 -11.30
N THR B 19 -49.85 -23.47 -11.20
CA THR B 19 -50.00 -22.21 -10.50
C THR B 19 -50.97 -21.27 -11.22
N GLY B 20 -51.08 -21.39 -12.53
CA GLY B 20 -51.97 -20.55 -13.30
C GLY B 20 -53.41 -21.01 -13.26
N ALA B 21 -54.29 -20.20 -12.66
CA ALA B 21 -55.70 -20.51 -12.55
C ALA B 21 -56.56 -19.31 -12.92
N ASP B 22 -56.08 -18.49 -13.85
CA ASP B 22 -56.84 -17.31 -14.26
C ASP B 22 -58.09 -17.70 -15.04
N ALA B 23 -57.98 -18.68 -15.92
CA ALA B 23 -59.09 -19.15 -16.73
C ALA B 23 -58.70 -20.50 -17.33
N THR B 24 -59.55 -21.03 -18.20
CA THR B 24 -59.30 -22.31 -18.85
C THR B 24 -58.29 -22.21 -19.99
N ARG B 25 -57.82 -21.01 -20.31
CA ARG B 25 -56.84 -20.81 -21.38
C ARG B 25 -55.42 -20.75 -20.85
N LYS B 26 -55.16 -19.84 -19.92
CA LYS B 26 -53.82 -19.71 -19.35
C LYS B 26 -53.52 -20.90 -18.45
N ALA B 27 -52.23 -21.13 -18.22
CA ALA B 27 -51.77 -22.23 -17.38
C ALA B 27 -50.26 -22.11 -17.21
N ARG B 28 -49.76 -22.69 -16.13
CA ARG B 28 -48.33 -22.66 -15.82
C ARG B 28 -47.97 -23.94 -15.08
N ILE B 29 -47.13 -24.76 -15.69
CA ILE B 29 -46.68 -26.00 -15.10
C ILE B 29 -45.29 -25.78 -14.49
N VAL B 30 -44.89 -26.70 -13.62
CA VAL B 30 -43.60 -26.61 -12.94
C VAL B 30 -42.96 -27.99 -12.93
N ALA B 31 -41.67 -28.03 -13.24
CA ALA B 31 -40.88 -29.26 -13.28
C ALA B 31 -39.56 -29.06 -12.56
N GLU B 32 -39.64 -28.52 -11.34
CA GLU B 32 -38.48 -28.16 -10.52
C GLU B 32 -37.51 -29.34 -10.34
N PRO B 33 -37.96 -30.48 -9.81
CA PRO B 33 -36.98 -31.59 -9.62
C PRO B 33 -36.62 -32.28 -10.92
N LEU B 34 -35.83 -31.61 -11.74
CA LEU B 34 -35.39 -32.12 -13.03
C LEU B 34 -33.87 -32.23 -13.07
N GLU B 35 -33.37 -33.01 -14.01
CA GLU B 35 -31.93 -33.18 -14.18
C GLU B 35 -31.33 -31.95 -14.85
N ARG B 36 -30.06 -31.70 -14.54
CA ARG B 36 -29.36 -30.57 -15.13
C ARG B 36 -29.21 -30.75 -16.63
N GLY B 37 -29.80 -29.84 -17.40
CA GLY B 37 -29.69 -29.90 -18.84
C GLY B 37 -31.01 -30.26 -19.52
N PHE B 38 -31.78 -31.15 -18.89
CA PHE B 38 -33.05 -31.57 -19.48
C PHE B 38 -34.08 -30.46 -19.44
N GLY B 39 -33.97 -29.55 -18.48
CA GLY B 39 -34.96 -28.48 -18.36
C GLY B 39 -34.99 -27.56 -19.57
N VAL B 40 -33.86 -27.44 -20.27
CA VAL B 40 -33.80 -26.59 -21.46
C VAL B 40 -34.22 -27.37 -22.70
N THR B 41 -33.73 -28.60 -22.85
CA THR B 41 -34.03 -29.38 -24.05
C THR B 41 -35.50 -29.77 -24.10
N LEU B 42 -36.07 -30.19 -22.98
CA LEU B 42 -37.49 -30.55 -22.96
C LEU B 42 -38.36 -29.34 -23.24
N GLY B 43 -38.01 -28.18 -22.66
CA GLY B 43 -38.77 -26.98 -22.93
C GLY B 43 -38.70 -26.55 -24.38
N ASN B 44 -37.50 -26.62 -24.97
CA ASN B 44 -37.36 -26.26 -26.38
C ASN B 44 -38.14 -27.21 -27.28
N ALA B 45 -38.09 -28.52 -26.98
CA ALA B 45 -38.84 -29.48 -27.77
C ALA B 45 -40.34 -29.23 -27.66
N LEU B 46 -40.83 -28.98 -26.44
CA LEU B 46 -42.26 -28.73 -26.27
C LEU B 46 -42.68 -27.44 -26.98
N ARG B 47 -41.84 -26.41 -26.93
CA ARG B 47 -42.17 -25.16 -27.61
C ARG B 47 -42.19 -25.34 -29.12
N ARG B 48 -41.23 -26.09 -29.66
CA ARG B 48 -41.19 -26.30 -31.10
C ARG B 48 -42.26 -27.26 -31.59
N VAL B 49 -42.78 -28.12 -30.72
CA VAL B 49 -43.83 -29.04 -31.12
C VAL B 49 -45.22 -28.45 -30.96
N LEU B 50 -45.43 -27.62 -29.92
CA LEU B 50 -46.74 -26.99 -29.75
C LEU B 50 -47.02 -25.98 -30.85
N LEU B 51 -45.97 -25.43 -31.47
CA LEU B 51 -46.10 -24.51 -32.59
C LEU B 51 -45.91 -25.21 -33.93
N SER B 52 -46.40 -26.45 -34.03
CA SER B 52 -46.21 -27.27 -35.22
C SER B 52 -47.53 -27.90 -35.64
N SER B 53 -47.46 -28.89 -36.54
CA SER B 53 -48.67 -29.51 -37.09
C SER B 53 -49.54 -30.12 -36.01
N LEU B 54 -50.71 -29.53 -35.78
CA LEU B 54 -51.70 -30.03 -34.84
C LEU B 54 -53.09 -29.78 -35.40
N GLN B 55 -53.99 -30.72 -35.19
CA GLN B 55 -55.34 -30.60 -35.73
C GLN B 55 -56.07 -29.42 -35.10
N GLY B 56 -56.66 -28.58 -35.93
CA GLY B 56 -57.40 -27.41 -35.48
C GLY B 56 -58.51 -27.06 -36.42
N ALA B 57 -58.67 -25.77 -36.70
CA ALA B 57 -59.71 -25.30 -37.61
C ALA B 57 -59.43 -23.85 -37.97
N ALA B 58 -59.61 -23.52 -39.24
CA ALA B 58 -59.38 -22.17 -39.75
C ALA B 58 -60.68 -21.61 -40.33
N VAL B 59 -60.59 -20.41 -40.90
CA VAL B 59 -61.73 -19.76 -41.51
C VAL B 59 -61.50 -19.61 -43.02
N THR B 60 -60.45 -18.90 -43.40
CA THR B 60 -60.00 -18.70 -44.79
C THR B 60 -61.17 -18.36 -45.73
N ALA B 61 -62.04 -17.47 -45.27
CA ALA B 61 -63.20 -17.08 -46.06
C ALA B 61 -63.56 -15.63 -45.73
N ILE B 62 -64.22 -14.97 -46.70
CA ILE B 62 -64.67 -13.60 -46.56
C ILE B 62 -66.11 -13.51 -47.04
N GLN B 63 -66.64 -12.28 -47.02
CA GLN B 63 -68.02 -12.02 -47.40
C GLN B 63 -68.10 -11.40 -48.80
N ILE B 64 -69.29 -11.44 -49.38
CA ILE B 64 -69.52 -10.96 -50.73
C ILE B 64 -69.68 -9.44 -50.72
N ASP B 65 -69.63 -8.83 -51.91
CA ASP B 65 -69.71 -7.38 -52.08
C ASP B 65 -68.51 -6.70 -51.41
N GLY B 66 -67.32 -7.16 -51.76
CA GLY B 66 -66.10 -6.58 -51.23
C GLY B 66 -64.86 -7.01 -51.98
N VAL B 67 -64.01 -6.06 -52.34
CA VAL B 67 -62.78 -6.35 -53.06
C VAL B 67 -61.71 -6.81 -52.09
N VAL B 68 -60.83 -7.69 -52.55
CA VAL B 68 -59.81 -8.28 -51.69
C VAL B 68 -58.77 -7.20 -51.34
N HIS B 69 -58.79 -6.76 -50.07
CA HIS B 69 -57.81 -5.80 -49.56
C HIS B 69 -57.87 -4.47 -50.30
N GLU B 70 -59.01 -4.14 -50.85
CA GLU B 70 -59.18 -2.86 -51.56
C GLU B 70 -60.37 -2.06 -51.06
N PHE B 71 -61.46 -2.71 -50.68
CA PHE B 71 -62.63 -2.00 -50.19
C PHE B 71 -62.36 -1.46 -48.79
N SER B 72 -63.16 -0.48 -48.40
CA SER B 72 -63.06 0.16 -47.09
C SER B 72 -64.33 0.10 -46.28
N SER B 73 -65.50 0.16 -46.91
CA SER B 73 -66.77 0.10 -46.21
C SER B 73 -67.89 -0.11 -47.21
N LEU B 74 -68.84 -0.97 -46.86
CA LEU B 74 -69.98 -1.24 -47.73
C LEU B 74 -71.16 -0.33 -47.40
N GLU B 75 -71.65 -0.40 -46.15
CA GLU B 75 -72.76 0.46 -45.72
C GLU B 75 -72.57 0.72 -44.23
N GLY B 76 -71.94 1.84 -43.91
CA GLY B 76 -71.73 2.24 -42.53
C GLY B 76 -70.96 1.23 -41.71
N VAL B 77 -69.97 0.58 -42.30
CA VAL B 77 -69.17 -0.41 -41.57
C VAL B 77 -68.36 0.29 -40.48
N ARG B 78 -68.08 -0.44 -39.41
CA ARG B 78 -67.35 0.13 -38.29
C ARG B 78 -65.91 0.47 -38.68
N GLU B 79 -65.16 -0.51 -39.15
CA GLU B 79 -63.77 -0.33 -39.56
C GLU B 79 -63.59 -0.86 -40.97
N ASP B 80 -62.35 -0.80 -41.44
CA ASP B 80 -62.03 -1.31 -42.77
C ASP B 80 -62.19 -2.82 -42.81
N VAL B 81 -62.23 -3.37 -44.03
CA VAL B 81 -62.43 -4.81 -44.20
C VAL B 81 -61.30 -5.61 -43.59
N VAL B 82 -60.09 -5.03 -43.56
CA VAL B 82 -58.96 -5.72 -42.95
C VAL B 82 -59.20 -5.92 -41.45
N ASP B 83 -59.89 -4.98 -40.81
CA ASP B 83 -60.20 -5.14 -39.40
C ASP B 83 -61.14 -6.31 -39.15
N ILE B 84 -62.20 -6.42 -39.97
CA ILE B 84 -63.12 -7.55 -39.84
C ILE B 84 -62.41 -8.85 -40.15
N VAL B 85 -61.49 -8.83 -41.11
CA VAL B 85 -60.74 -10.03 -41.44
C VAL B 85 -59.87 -10.46 -40.27
N LEU B 86 -59.17 -9.51 -39.64
CA LEU B 86 -58.34 -9.84 -38.49
C LEU B 86 -59.20 -10.32 -37.31
N ASN B 87 -60.39 -9.75 -37.15
CA ASN B 87 -61.25 -10.17 -36.06
C ASN B 87 -61.79 -11.58 -36.29
N ILE B 88 -62.17 -11.90 -37.52
CA ILE B 88 -62.70 -13.23 -37.81
C ILE B 88 -61.59 -14.27 -37.80
N LYS B 89 -60.35 -13.86 -38.09
CA LYS B 89 -59.24 -14.80 -38.08
C LYS B 89 -58.96 -15.31 -36.67
N GLN B 90 -59.18 -14.49 -35.65
CA GLN B 90 -58.97 -14.89 -34.26
C GLN B 90 -60.31 -15.33 -33.67
N LEU B 91 -60.77 -16.49 -34.15
CA LEU B 91 -62.04 -17.06 -33.73
C LEU B 91 -61.84 -18.53 -33.41
N ALA B 92 -62.17 -18.93 -32.19
CA ALA B 92 -62.01 -20.32 -31.78
C ALA B 92 -63.09 -21.20 -32.41
N VAL B 93 -62.68 -22.39 -32.85
CA VAL B 93 -63.60 -23.33 -33.48
C VAL B 93 -62.92 -24.69 -33.49
N ARG B 94 -63.73 -25.75 -33.35
CA ARG B 94 -63.22 -27.13 -33.35
C ARG B 94 -64.15 -27.97 -34.23
N MET B 95 -63.69 -28.27 -35.44
CA MET B 95 -64.47 -29.07 -36.37
C MET B 95 -64.31 -30.55 -36.03
N HIS B 96 -65.42 -31.22 -35.73
CA HIS B 96 -65.37 -32.64 -35.40
C HIS B 96 -65.26 -33.49 -36.66
N ALA B 97 -66.08 -33.20 -37.67
CA ALA B 97 -66.07 -33.95 -38.91
C ALA B 97 -64.89 -33.50 -39.76
N GLU B 98 -64.81 -33.99 -41.00
CA GLU B 98 -63.75 -33.67 -41.93
C GLU B 98 -64.33 -33.02 -43.17
N GLY B 99 -63.47 -32.29 -43.89
CA GLY B 99 -63.87 -31.62 -45.11
C GLY B 99 -64.06 -30.13 -44.93
N PRO B 100 -63.84 -29.36 -45.99
CA PRO B 100 -64.01 -27.91 -45.91
C PRO B 100 -65.47 -27.50 -45.84
N LYS B 101 -66.07 -27.58 -44.66
CA LYS B 101 -67.47 -27.23 -44.48
C LYS B 101 -67.68 -25.74 -44.74
N ARG B 102 -68.95 -25.35 -44.80
CA ARG B 102 -69.35 -23.98 -45.05
C ARG B 102 -69.99 -23.37 -43.81
N MET B 103 -69.91 -22.05 -43.71
CA MET B 103 -70.49 -21.30 -42.60
C MET B 103 -71.07 -20.00 -43.11
N THR B 104 -72.13 -19.54 -42.44
CA THR B 104 -72.82 -18.32 -42.83
C THR B 104 -73.11 -17.49 -41.59
N LEU B 105 -73.17 -16.17 -41.79
CA LEU B 105 -73.45 -15.24 -40.71
C LEU B 105 -74.33 -14.12 -41.24
N ARG B 106 -75.40 -13.81 -40.50
CA ARG B 106 -76.33 -12.76 -40.90
C ARG B 106 -76.99 -12.18 -39.65
N ALA B 107 -77.25 -10.88 -39.68
CA ALA B 107 -77.86 -10.20 -38.55
C ALA B 107 -78.54 -8.93 -39.06
N THR B 108 -78.94 -8.05 -38.14
CA THR B 108 -79.59 -6.80 -38.50
C THR B 108 -79.68 -5.96 -37.24
N GLY B 109 -80.06 -4.69 -37.44
CA GLY B 109 -80.19 -3.75 -36.34
C GLY B 109 -78.85 -3.24 -35.86
N PRO B 110 -78.83 -2.01 -35.35
CA PRO B 110 -77.58 -1.43 -34.85
C PRO B 110 -77.13 -2.05 -33.54
N GLY B 111 -76.60 -3.27 -33.61
CA GLY B 111 -76.14 -3.97 -32.44
C GLY B 111 -74.82 -4.68 -32.66
N PRO B 112 -74.12 -5.00 -31.50
CA PRO B 112 -72.83 -5.67 -31.74
C PRO B 112 -72.99 -7.09 -32.26
N VAL B 113 -72.26 -7.43 -33.32
CA VAL B 113 -72.30 -8.76 -33.91
C VAL B 113 -71.73 -9.79 -32.94
N THR B 114 -72.29 -11.00 -32.96
CA THR B 114 -71.83 -12.06 -32.09
C THR B 114 -71.48 -13.33 -32.85
N ALA B 115 -70.49 -14.06 -32.34
CA ALA B 115 -70.03 -15.29 -32.97
C ALA B 115 -71.11 -16.36 -33.01
N GLY B 116 -71.90 -16.44 -31.94
CA GLY B 116 -72.97 -17.44 -31.86
C GLY B 116 -74.02 -17.28 -32.94
N GLN B 117 -74.39 -16.04 -33.24
CA GLN B 117 -75.39 -15.79 -34.27
C GLN B 117 -75.03 -16.52 -35.55
N ILE B 118 -73.78 -16.96 -35.65
CA ILE B 118 -73.31 -17.69 -36.82
C ILE B 118 -73.91 -19.09 -36.79
N GLU B 119 -74.84 -19.36 -37.71
CA GLU B 119 -75.48 -20.67 -37.78
C GLU B 119 -74.48 -21.70 -38.30
N THR B 120 -74.21 -22.73 -37.49
CA THR B 120 -73.26 -23.77 -37.85
C THR B 120 -74.01 -24.96 -38.43
N PRO B 121 -74.07 -25.11 -39.75
CA PRO B 121 -74.79 -26.26 -40.33
C PRO B 121 -74.00 -27.54 -40.24
N ALA B 122 -72.68 -27.44 -40.26
CA ALA B 122 -71.79 -28.60 -40.21
C ALA B 122 -71.54 -29.10 -38.79
N ASP B 123 -72.34 -28.66 -37.82
CA ASP B 123 -72.20 -29.11 -36.42
C ASP B 123 -70.84 -28.69 -35.86
N ILE B 124 -70.43 -27.46 -36.14
CA ILE B 124 -69.17 -26.91 -35.65
C ILE B 124 -69.53 -25.66 -34.85
N GLU B 125 -69.67 -25.82 -33.55
CA GLU B 125 -70.04 -24.71 -32.68
C GLU B 125 -68.84 -23.81 -32.40
N ILE B 126 -69.13 -22.61 -31.93
CA ILE B 126 -68.11 -21.62 -31.59
C ILE B 126 -67.97 -21.58 -30.07
N LEU B 127 -66.75 -21.80 -29.58
CA LEU B 127 -66.53 -21.82 -28.15
C LEU B 127 -66.73 -20.45 -27.52
N ASN B 128 -66.06 -19.44 -28.07
CA ASN B 128 -66.11 -18.07 -27.57
C ASN B 128 -66.88 -17.17 -28.54
N PRO B 129 -68.26 -17.19 -28.42
CA PRO B 129 -68.96 -16.32 -29.37
C PRO B 129 -69.17 -14.91 -28.82
N ASP B 130 -68.09 -14.15 -28.74
CA ASP B 130 -68.14 -12.79 -28.23
C ASP B 130 -66.92 -11.99 -28.64
N HIS B 131 -66.01 -12.62 -29.37
CA HIS B 131 -64.80 -11.93 -29.81
C HIS B 131 -65.05 -10.99 -30.98
N VAL B 132 -65.89 -11.41 -31.92
CA VAL B 132 -66.23 -10.57 -33.06
C VAL B 132 -67.01 -9.36 -32.56
N LEU B 133 -66.55 -8.16 -32.94
CA LEU B 133 -67.19 -6.93 -32.51
C LEU B 133 -67.61 -6.15 -33.77
N CYS B 134 -68.90 -6.21 -34.09
CA CYS B 134 -69.45 -5.48 -35.23
C CYS B 134 -70.73 -4.79 -34.78
N THR B 135 -70.69 -3.47 -34.67
CA THR B 135 -71.83 -2.67 -34.23
C THR B 135 -72.34 -1.78 -35.36
N LEU B 136 -72.38 -2.32 -36.58
CA LEU B 136 -72.87 -1.58 -37.72
C LEU B 136 -74.34 -1.21 -37.54
N ASP B 137 -74.71 -0.03 -38.02
CA ASP B 137 -76.06 0.49 -37.87
C ASP B 137 -76.61 0.89 -39.23
N ASP B 138 -77.84 0.44 -39.53
CA ASP B 138 -78.54 0.83 -40.75
C ASP B 138 -77.81 0.35 -41.99
N GLY B 139 -77.22 -0.83 -41.92
CA GLY B 139 -76.51 -1.41 -43.04
C GLY B 139 -76.70 -2.90 -43.18
N ALA B 140 -76.79 -3.38 -44.42
CA ALA B 140 -76.96 -4.81 -44.68
C ALA B 140 -75.63 -5.51 -44.90
N SER B 141 -74.72 -5.35 -43.95
CA SER B 141 -73.41 -6.01 -44.01
C SER B 141 -73.48 -7.38 -43.34
N VAL B 142 -74.33 -8.24 -43.91
CA VAL B 142 -74.58 -9.58 -43.37
C VAL B 142 -74.54 -10.59 -44.50
N ARG B 143 -74.86 -11.84 -44.18
CA ARG B 143 -74.88 -12.94 -45.14
C ARG B 143 -73.47 -13.31 -45.60
N MET B 144 -72.51 -13.24 -44.68
CA MET B 144 -71.15 -13.63 -44.99
C MET B 144 -71.04 -15.16 -45.05
N GLU B 145 -70.05 -15.63 -45.81
CA GLU B 145 -69.81 -17.05 -46.00
C GLU B 145 -68.44 -17.41 -45.46
N PHE B 146 -68.36 -18.50 -44.70
CA PHE B 146 -67.11 -19.01 -44.15
C PHE B 146 -66.91 -20.44 -44.60
N THR B 147 -65.65 -20.81 -44.86
CA THR B 147 -65.30 -22.16 -45.30
C THR B 147 -64.24 -22.71 -44.36
N VAL B 148 -64.70 -23.32 -43.26
CA VAL B 148 -63.77 -23.91 -42.30
C VAL B 148 -63.14 -25.15 -42.91
N ASN B 149 -61.85 -25.34 -42.64
CA ASN B 149 -61.09 -26.46 -43.18
C ASN B 149 -60.11 -26.97 -42.14
N ASN B 150 -60.06 -28.28 -41.97
CA ASN B 150 -59.14 -28.88 -41.02
C ASN B 150 -57.69 -28.77 -41.52
N GLY B 151 -56.77 -28.65 -40.58
CA GLY B 151 -55.36 -28.53 -40.93
C GLY B 151 -54.51 -28.53 -39.69
N LYS B 152 -53.25 -28.94 -39.88
CA LYS B 152 -52.28 -29.03 -38.80
C LYS B 152 -51.15 -28.04 -39.03
N GLY B 153 -50.77 -27.32 -37.97
CA GLY B 153 -49.68 -26.38 -38.05
C GLY B 153 -50.00 -25.13 -38.84
N TYR B 154 -49.09 -24.16 -38.83
CA TYR B 154 -49.30 -22.92 -39.56
C TYR B 154 -49.23 -23.18 -41.07
N VAL B 155 -50.03 -22.40 -41.81
CA VAL B 155 -50.07 -22.51 -43.27
C VAL B 155 -49.90 -21.11 -43.85
N PRO B 156 -49.16 -20.96 -44.96
CA PRO B 156 -48.99 -19.63 -45.55
C PRO B 156 -50.26 -19.11 -46.19
N ALA B 157 -50.20 -17.92 -46.76
CA ALA B 157 -51.36 -17.29 -47.41
C ALA B 157 -51.54 -17.91 -48.79
N ASP B 158 -52.30 -19.00 -48.84
CA ASP B 158 -52.57 -19.69 -50.10
C ASP B 158 -54.04 -20.10 -50.19
N PRO B 166 -62.76 -18.85 -57.45
CA PRO B 166 -63.70 -17.90 -58.04
C PRO B 166 -63.58 -16.51 -57.42
N ILE B 167 -64.29 -15.53 -57.99
CA ILE B 167 -64.27 -14.18 -57.46
C ILE B 167 -64.99 -14.13 -56.13
N GLY B 168 -64.39 -13.46 -55.15
CA GLY B 168 -64.96 -13.34 -53.82
C GLY B 168 -64.20 -14.07 -52.74
N LEU B 169 -63.14 -14.80 -53.08
CA LEU B 169 -62.36 -15.52 -52.08
C LEU B 169 -61.32 -14.59 -51.45
N ILE B 170 -60.63 -15.11 -50.45
CA ILE B 170 -59.62 -14.35 -49.71
C ILE B 170 -58.44 -15.27 -49.42
N ALA B 171 -57.24 -14.72 -49.53
CA ALA B 171 -56.01 -15.45 -49.21
C ALA B 171 -55.55 -15.08 -47.80
N VAL B 172 -56.27 -15.62 -46.82
CA VAL B 172 -56.01 -15.39 -45.41
C VAL B 172 -55.58 -16.70 -44.77
N ASP B 173 -54.48 -16.65 -44.03
CA ASP B 173 -53.91 -17.83 -43.38
C ASP B 173 -54.25 -17.79 -41.90
N ALA B 174 -55.01 -18.77 -41.44
CA ALA B 174 -55.41 -18.87 -40.04
C ALA B 174 -54.49 -19.83 -39.29
N LEU B 175 -54.51 -19.70 -37.97
CA LEU B 175 -53.68 -20.52 -37.09
C LEU B 175 -54.42 -21.80 -36.75
N TYR B 176 -53.98 -22.93 -37.34
CA TYR B 176 -54.59 -24.22 -37.06
C TYR B 176 -54.19 -24.77 -35.70
N SER B 177 -53.07 -24.31 -35.14
CA SER B 177 -52.62 -24.82 -33.85
C SER B 177 -53.52 -24.30 -32.74
N PRO B 178 -53.94 -25.15 -31.79
CA PRO B 178 -54.79 -24.66 -30.70
C PRO B 178 -54.08 -23.68 -29.79
N VAL B 179 -52.76 -23.75 -29.69
CA VAL B 179 -52.01 -22.86 -28.80
C VAL B 179 -51.70 -21.56 -29.54
N LYS B 180 -51.37 -20.53 -28.79
CA LYS B 180 -51.08 -19.22 -29.34
C LYS B 180 -49.66 -18.76 -29.07
N ARG B 181 -49.11 -19.05 -27.89
CA ARG B 181 -47.75 -18.64 -27.57
C ARG B 181 -47.29 -19.39 -26.32
N VAL B 182 -46.01 -19.74 -26.29
CA VAL B 182 -45.42 -20.43 -25.16
C VAL B 182 -44.05 -19.84 -24.87
N ALA B 183 -43.61 -19.93 -23.62
CA ALA B 183 -42.31 -19.40 -23.21
C ALA B 183 -41.84 -20.17 -21.98
N TYR B 184 -40.74 -20.90 -22.14
CA TYR B 184 -40.20 -21.70 -21.05
C TYR B 184 -39.22 -20.87 -20.24
N ARG B 185 -38.54 -21.50 -19.29
CA ARG B 185 -37.57 -20.83 -18.44
C ARG B 185 -36.86 -21.88 -17.59
N VAL B 186 -35.69 -21.52 -17.09
CA VAL B 186 -34.87 -22.40 -16.27
C VAL B 186 -34.41 -21.63 -15.04
N GLU B 187 -34.65 -22.20 -13.86
CA GLU B 187 -34.26 -21.59 -12.59
C GLU B 187 -33.84 -22.69 -11.62
N PRO B 188 -32.54 -22.88 -11.41
CA PRO B 188 -32.09 -23.93 -10.49
C PRO B 188 -32.45 -23.60 -9.05
N THR B 189 -33.07 -24.56 -8.36
CA THR B 189 -33.50 -24.39 -6.97
C THR B 189 -32.99 -25.58 -6.17
N ARG B 190 -31.86 -25.40 -5.49
CA ARG B 190 -31.30 -26.43 -4.63
C ARG B 190 -30.60 -25.76 -3.46
N GLN B 191 -30.36 -26.53 -2.40
CA GLN B 191 -29.82 -25.99 -1.16
C GLN B 191 -28.41 -26.50 -0.86
N GLY B 192 -28.24 -27.81 -0.71
CA GLY B 192 -26.95 -28.34 -0.29
C GLY B 192 -26.36 -29.43 -1.14
N GLN B 193 -27.17 -30.11 -1.95
CA GLN B 193 -26.69 -31.26 -2.70
C GLN B 193 -25.95 -30.84 -3.96
N SER B 194 -26.63 -30.16 -4.88
CA SER B 194 -26.02 -29.70 -6.12
C SER B 194 -26.85 -28.56 -6.66
N LEU B 195 -26.23 -27.41 -6.90
CA LEU B 195 -26.92 -26.24 -7.44
C LEU B 195 -26.92 -26.28 -8.97
N ASP B 196 -27.42 -27.40 -9.50
CA ASP B 196 -27.47 -27.62 -10.93
C ASP B 196 -28.81 -28.16 -11.44
N TYR B 197 -29.68 -28.63 -10.57
CA TYR B 197 -30.97 -29.15 -10.99
C TYR B 197 -31.82 -28.03 -11.54
N ASP B 198 -32.01 -28.02 -12.87
CA ASP B 198 -32.78 -26.97 -13.51
C ASP B 198 -34.26 -27.13 -13.20
N LYS B 199 -35.05 -26.15 -13.66
CA LYS B 199 -36.48 -26.15 -13.46
C LYS B 199 -37.16 -25.62 -14.71
N LEU B 200 -38.29 -26.22 -15.07
CA LEU B 200 -39.05 -25.86 -16.27
C LEU B 200 -40.38 -25.26 -15.82
N ILE B 201 -40.58 -23.98 -16.14
CA ILE B 201 -41.77 -23.24 -15.69
C ILE B 201 -42.49 -22.64 -16.88
N LEU B 202 -42.46 -23.33 -18.03
CA LEU B 202 -43.13 -22.81 -19.21
C LEU B 202 -44.64 -22.73 -18.99
N GLU B 203 -45.29 -21.91 -19.80
CA GLU B 203 -46.73 -21.68 -19.72
C GLU B 203 -47.35 -21.81 -21.10
N VAL B 204 -48.67 -21.90 -21.13
CA VAL B 204 -49.44 -22.04 -22.37
C VAL B 204 -50.54 -21.00 -22.37
N GLU B 205 -50.86 -20.52 -23.58
CA GLU B 205 -51.88 -19.49 -23.78
C GLU B 205 -52.81 -19.87 -24.92
N THR B 206 -53.30 -21.11 -24.88
CA THR B 206 -54.18 -21.61 -25.92
C THR B 206 -55.47 -20.79 -25.98
N ASN B 207 -56.21 -20.98 -27.07
CA ASN B 207 -57.43 -20.22 -27.29
C ASN B 207 -58.60 -20.74 -26.47
N GLY B 208 -58.67 -22.06 -26.26
CA GLY B 208 -59.75 -22.64 -25.50
C GLY B 208 -60.25 -23.96 -26.07
N ALA B 209 -59.81 -24.28 -27.29
CA ALA B 209 -60.21 -25.54 -27.90
C ALA B 209 -59.70 -26.75 -27.11
N VAL B 210 -58.52 -26.63 -26.52
CA VAL B 210 -57.93 -27.71 -25.72
C VAL B 210 -57.20 -27.09 -24.54
N THR B 211 -57.37 -27.69 -23.37
CA THR B 211 -56.71 -27.20 -22.17
C THR B 211 -55.19 -27.35 -22.30
N PRO B 212 -54.43 -26.48 -21.64
CA PRO B 212 -52.96 -26.57 -21.75
C PRO B 212 -52.38 -27.88 -21.26
N VAL B 213 -52.98 -28.49 -20.23
CA VAL B 213 -52.49 -29.78 -19.75
C VAL B 213 -52.69 -30.85 -20.82
N ASP B 214 -53.85 -30.85 -21.47
CA ASP B 214 -54.09 -31.81 -22.53
C ASP B 214 -53.16 -31.56 -23.72
N ALA B 215 -52.87 -30.29 -24.01
CA ALA B 215 -51.94 -29.98 -25.09
C ALA B 215 -50.54 -30.49 -24.78
N VAL B 216 -50.09 -30.31 -23.54
CA VAL B 216 -48.77 -30.80 -23.14
C VAL B 216 -48.73 -32.32 -23.21
N ALA B 217 -49.82 -32.97 -22.79
CA ALA B 217 -49.87 -34.43 -22.86
C ALA B 217 -49.82 -34.91 -24.31
N TYR B 218 -50.54 -34.22 -25.20
CA TYR B 218 -50.51 -34.59 -26.61
C TYR B 218 -49.13 -34.38 -27.21
N ALA B 219 -48.46 -33.30 -26.83
CA ALA B 219 -47.10 -33.07 -27.33
C ALA B 219 -46.14 -34.14 -26.84
N ALA B 220 -46.25 -34.51 -25.56
CA ALA B 220 -45.39 -35.57 -25.03
C ALA B 220 -45.67 -36.90 -25.73
N ARG B 221 -46.94 -37.21 -25.99
CA ARG B 221 -47.26 -38.45 -26.69
C ARG B 221 -46.72 -38.43 -28.12
N ILE B 222 -46.82 -37.28 -28.80
CA ILE B 222 -46.29 -37.17 -30.16
C ILE B 222 -44.78 -37.37 -30.16
N LEU B 223 -44.08 -36.77 -29.18
CA LEU B 223 -42.63 -36.95 -29.10
C LEU B 223 -42.26 -38.40 -28.82
N GLN B 224 -43.01 -39.05 -27.93
CA GLN B 224 -42.73 -40.46 -27.63
C GLN B 224 -42.98 -41.34 -28.84
N ASP B 225 -44.02 -41.03 -29.62
CA ASP B 225 -44.30 -41.83 -30.80
C ASP B 225 -43.27 -41.60 -31.90
N GLN B 226 -42.77 -40.36 -32.03
CA GLN B 226 -41.79 -40.05 -33.06
C GLN B 226 -40.37 -40.45 -32.66
N LEU B 227 -40.12 -40.72 -31.37
CA LEU B 227 -38.81 -41.15 -30.92
C LEU B 227 -38.62 -42.66 -31.01
N GLN B 228 -39.41 -43.34 -31.85
CA GLN B 228 -39.32 -44.79 -31.99
C GLN B 228 -38.27 -45.13 -33.06
N ILE B 229 -37.01 -44.84 -32.72
CA ILE B 229 -35.89 -45.14 -33.59
C ILE B 229 -34.86 -45.95 -32.82
N PHE B 230 -35.33 -46.69 -31.81
CA PHE B 230 -34.46 -47.48 -30.95
C PHE B 230 -34.87 -48.95 -31.02
N ILE B 231 -33.96 -49.82 -30.57
CA ILE B 231 -34.22 -51.25 -30.58
C ILE B 231 -35.37 -51.56 -29.62
N THR B 232 -36.14 -52.60 -29.96
CA THR B 232 -37.30 -52.96 -29.15
C THR B 232 -36.89 -53.37 -27.73
N PHE B 233 -35.79 -54.11 -27.60
CA PHE B 233 -35.28 -54.57 -26.31
C PHE B 233 -36.23 -55.53 -25.61
N GLU B 234 -37.17 -56.11 -26.36
CA GLU B 234 -38.15 -57.03 -25.80
C GLU B 234 -38.98 -56.39 -24.70
N GLN C 3 17.79 -26.73 -34.18
CA GLN C 3 17.81 -27.46 -35.44
C GLN C 3 18.29 -28.89 -35.23
N SER C 4 19.10 -29.09 -34.20
CA SER C 4 19.65 -30.41 -33.87
C SER C 4 18.91 -30.95 -32.66
N PHE C 5 18.08 -31.97 -32.89
CA PHE C 5 17.28 -32.66 -31.89
C PHE C 5 16.09 -31.84 -31.40
N THR C 6 15.93 -30.60 -31.86
CA THR C 6 14.82 -29.74 -31.46
C THR C 6 13.85 -29.49 -32.60
N GLY C 7 14.34 -28.99 -33.74
CA GLY C 7 13.47 -28.76 -34.89
C GLY C 7 13.16 -30.01 -35.69
N LYS C 8 13.96 -31.06 -35.53
CA LYS C 8 13.71 -32.30 -36.26
C LYS C 8 12.42 -32.96 -35.79
N LYS C 9 12.16 -32.92 -34.49
CA LYS C 9 10.94 -33.54 -33.97
C LYS C 9 9.70 -32.73 -34.32
N ARG C 10 9.85 -31.42 -34.47
CA ARG C 10 8.71 -30.54 -34.80
C ARG C 10 9.22 -29.44 -35.72
N ILE C 11 8.78 -29.45 -36.97
CA ILE C 11 9.18 -28.45 -37.95
C ILE C 11 8.25 -27.25 -37.83
N ARG C 12 8.84 -26.06 -37.76
CA ARG C 12 8.09 -24.82 -37.61
C ARG C 12 8.38 -23.93 -38.82
N LYS C 13 7.38 -23.74 -39.67
CA LYS C 13 7.55 -22.90 -40.85
C LYS C 13 7.68 -21.44 -40.45
N SER C 14 8.50 -20.70 -41.18
CA SER C 14 8.76 -19.29 -40.90
C SER C 14 8.41 -18.45 -42.12
N PHE C 15 7.84 -17.28 -41.86
CA PHE C 15 7.48 -16.32 -42.90
C PHE C 15 8.50 -15.20 -42.95
N GLY C 16 8.24 -14.23 -43.82
CA GLY C 16 9.11 -13.07 -43.94
C GLY C 16 10.41 -13.38 -44.67
N ARG C 17 11.09 -12.33 -45.15
CA ARG C 17 12.36 -12.46 -45.87
C ARG C 17 13.36 -11.51 -45.22
N ILE C 18 14.05 -11.99 -44.19
CA ILE C 18 15.04 -11.19 -43.48
C ILE C 18 16.31 -12.00 -43.29
N PRO C 19 17.49 -11.42 -43.51
CA PRO C 19 18.73 -12.17 -43.31
C PRO C 19 18.96 -12.52 -41.85
N GLU C 20 19.69 -13.60 -41.63
CA GLU C 20 20.03 -14.08 -40.30
C GLU C 20 21.56 -14.16 -40.13
N ALA C 21 22.26 -13.13 -40.58
CA ALA C 21 23.72 -13.12 -40.52
C ALA C 21 24.21 -13.09 -39.08
N VAL C 22 23.83 -12.06 -38.34
CA VAL C 22 24.27 -11.87 -36.95
C VAL C 22 23.19 -12.38 -36.02
N GLN C 23 23.60 -13.07 -34.96
CA GLN C 23 22.69 -13.59 -33.96
C GLN C 23 22.81 -12.78 -32.67
N MET C 24 21.69 -12.65 -31.97
CA MET C 24 21.67 -11.87 -30.74
C MET C 24 22.43 -12.62 -29.64
N PRO C 25 23.23 -11.92 -28.83
CA PRO C 25 23.94 -12.59 -27.74
C PRO C 25 23.02 -13.05 -26.64
N ASN C 26 23.57 -13.67 -25.60
CA ASN C 26 22.76 -14.13 -24.48
C ASN C 26 22.16 -12.94 -23.74
N LEU C 27 20.89 -13.08 -23.36
CA LEU C 27 20.18 -11.97 -22.72
C LEU C 27 20.65 -11.73 -21.29
N ILE C 28 21.31 -12.71 -20.67
CA ILE C 28 21.81 -12.57 -19.30
C ILE C 28 23.29 -12.18 -19.27
N GLU C 29 23.86 -11.79 -20.42
CA GLU C 29 25.26 -11.44 -20.47
C GLU C 29 25.58 -10.16 -19.70
N VAL C 30 24.58 -9.31 -19.46
CA VAL C 30 24.81 -8.02 -18.83
C VAL C 30 25.32 -8.22 -17.39
N GLN C 31 24.52 -8.90 -16.57
CA GLN C 31 24.89 -9.09 -15.17
C GLN C 31 26.17 -9.92 -15.04
N ARG C 32 26.32 -10.95 -15.86
CA ARG C 32 27.51 -11.80 -15.78
C ARG C 32 28.76 -11.02 -16.15
N SER C 33 28.70 -10.25 -17.24
CA SER C 33 29.86 -9.46 -17.64
C SER C 33 30.16 -8.35 -16.64
N SER C 34 29.13 -7.83 -15.97
CA SER C 34 29.37 -6.78 -14.98
C SER C 34 30.00 -7.34 -13.72
N TYR C 35 29.57 -8.54 -13.30
CA TYR C 35 30.12 -9.12 -12.08
C TYR C 35 31.49 -9.74 -12.32
N GLU C 36 31.77 -10.20 -13.55
CA GLU C 36 33.08 -10.76 -13.83
C GLU C 36 34.18 -9.73 -13.75
N GLN C 37 33.89 -8.47 -14.11
CA GLN C 37 34.89 -7.42 -14.01
C GLN C 37 35.25 -7.12 -12.56
N PHE C 38 34.30 -7.33 -11.64
CA PHE C 38 34.59 -7.08 -10.22
C PHE C 38 35.46 -8.19 -9.64
N LEU C 39 35.03 -9.44 -9.79
CA LEU C 39 35.79 -10.60 -9.31
C LEU C 39 36.57 -11.19 -10.47
N GLN C 40 37.88 -11.02 -10.45
CA GLN C 40 38.70 -11.52 -11.55
C GLN C 40 38.78 -13.04 -11.54
N ARG C 41 39.18 -13.63 -10.42
CA ARG C 41 39.35 -15.08 -10.30
C ARG C 41 40.38 -15.59 -11.30
N GLU C 42 41.61 -15.08 -11.16
CA GLU C 42 42.70 -15.43 -12.06
C GLU C 42 43.96 -15.61 -11.22
N THR C 43 45.10 -15.68 -11.89
CA THR C 43 46.37 -15.92 -11.22
C THR C 43 46.81 -14.67 -10.46
N ARG C 44 47.98 -14.77 -9.83
CA ARG C 44 48.51 -13.63 -9.07
C ARG C 44 48.95 -12.50 -9.96
N PRO C 45 49.78 -12.71 -10.99
CA PRO C 45 50.18 -11.59 -11.87
C PRO C 45 49.00 -10.93 -12.59
N GLY C 46 47.88 -11.62 -12.76
CA GLY C 46 46.72 -11.01 -13.36
C GLY C 46 46.00 -10.06 -12.43
N LEU C 47 44.69 -9.92 -12.60
CA LEU C 47 43.88 -9.05 -11.76
C LEU C 47 44.34 -7.59 -11.89
N ARG C 48 44.28 -7.09 -13.13
CA ARG C 48 44.69 -5.74 -13.46
C ARG C 48 43.53 -5.03 -14.16
N ARG C 49 42.88 -4.11 -13.45
CA ARG C 49 41.76 -3.37 -13.99
C ARG C 49 41.35 -2.31 -12.98
N ASP C 50 40.42 -1.44 -13.40
CA ASP C 50 39.93 -0.38 -12.55
C ASP C 50 38.76 -0.79 -11.68
N GLU C 51 38.21 -1.98 -11.90
CA GLU C 51 37.07 -2.48 -11.13
C GLU C 51 37.51 -3.65 -10.26
N GLY C 52 36.71 -3.91 -9.24
CA GLY C 52 36.97 -5.00 -8.31
C GLY C 52 37.53 -4.51 -6.99
N VAL C 53 37.62 -5.46 -6.04
CA VAL C 53 38.17 -5.14 -4.73
C VAL C 53 39.64 -4.72 -4.84
N GLU C 54 40.36 -5.28 -5.81
CA GLU C 54 41.73 -4.86 -6.05
C GLU C 54 41.82 -3.39 -6.43
N ALA C 55 40.76 -2.87 -7.08
CA ALA C 55 40.74 -1.45 -7.42
C ALA C 55 40.82 -0.58 -6.18
N VAL C 56 39.93 -0.79 -5.22
CA VAL C 56 39.96 0.01 -3.99
C VAL C 56 41.20 -0.30 -3.18
N PHE C 57 41.67 -1.56 -3.21
CA PHE C 57 42.87 -1.92 -2.47
C PHE C 57 44.09 -1.14 -2.95
N LYS C 58 44.27 -1.07 -4.28
CA LYS C 58 45.33 -0.24 -4.83
C LYS C 58 45.02 1.24 -4.68
N SER C 59 43.76 1.62 -4.56
CA SER C 59 43.40 3.00 -4.29
C SER C 59 43.99 3.45 -2.97
N VAL C 60 43.59 2.80 -1.88
CA VAL C 60 44.17 3.06 -0.55
C VAL C 60 44.60 1.70 0.03
N PHE C 61 45.83 1.30 -0.27
CA PHE C 61 46.45 0.15 0.39
C PHE C 61 47.12 0.52 1.72
N PRO C 62 47.94 1.59 1.81
CA PRO C 62 48.73 1.77 3.04
C PRO C 62 47.98 2.50 4.15
N ILE C 63 47.82 1.85 5.29
CA ILE C 63 47.23 2.48 6.47
C ILE C 63 48.41 2.95 7.32
N LYS C 64 48.86 4.17 7.06
CA LYS C 64 50.04 4.73 7.72
C LYS C 64 49.63 5.71 8.81
N ASP C 65 50.47 5.81 9.83
CA ASP C 65 50.27 6.73 10.95
C ASP C 65 51.54 7.53 11.15
N PHE C 66 51.41 8.86 11.19
CA PHE C 66 52.57 9.72 11.34
C PHE C 66 53.16 9.67 12.75
N ASN C 67 52.39 9.22 13.73
CA ASN C 67 52.89 9.19 15.10
C ASN C 67 53.95 8.10 15.28
N GLU C 68 53.68 6.90 14.76
CA GLU C 68 54.61 5.79 14.88
C GLU C 68 55.28 5.42 13.56
N ARG C 69 54.80 5.93 12.43
CA ARG C 69 55.38 5.65 11.12
C ARG C 69 55.33 4.15 10.80
N ALA C 70 54.11 3.62 10.79
CA ALA C 70 53.83 2.23 10.45
C ALA C 70 52.85 2.19 9.30
N VAL C 71 53.13 1.34 8.31
CA VAL C 71 52.30 1.24 7.11
C VAL C 71 51.97 -0.22 6.86
N LEU C 72 50.85 -0.44 6.17
CA LEU C 72 50.40 -1.76 5.77
C LEU C 72 50.37 -1.85 4.26
N GLU C 73 51.06 -2.84 3.71
CA GLU C 73 51.19 -2.99 2.26
C GLU C 73 50.30 -4.12 1.77
N TYR C 74 49.78 -3.96 0.56
CA TYR C 74 48.94 -4.95 -0.09
C TYR C 74 49.71 -5.61 -1.23
N VAL C 75 49.59 -6.93 -1.34
CA VAL C 75 50.29 -7.70 -2.35
C VAL C 75 49.32 -8.38 -3.31
N SER C 76 48.32 -9.09 -2.78
CA SER C 76 47.35 -9.79 -3.61
C SER C 76 46.32 -10.42 -2.68
N TYR C 77 45.26 -10.96 -3.28
CA TYR C 77 44.20 -11.63 -2.55
C TYR C 77 43.78 -12.88 -3.31
N GLU C 78 43.32 -13.88 -2.56
CA GLU C 78 42.90 -15.15 -3.13
C GLU C 78 41.50 -15.49 -2.66
N PHE C 79 40.76 -16.21 -3.51
CA PHE C 79 39.41 -16.65 -3.22
C PHE C 79 39.41 -18.14 -2.95
N GLU C 80 38.75 -18.54 -1.87
CA GLU C 80 38.67 -19.95 -1.50
C GLU C 80 37.39 -20.57 -2.06
N GLU C 81 37.31 -21.88 -2.00
CA GLU C 81 36.15 -22.59 -2.50
C GLU C 81 34.95 -22.37 -1.58
N PRO C 82 33.73 -22.43 -2.11
CA PRO C 82 32.55 -22.23 -1.26
C PRO C 82 32.34 -23.41 -0.32
N LYS C 83 31.98 -23.09 0.92
CA LYS C 83 31.78 -24.13 1.93
C LYS C 83 30.52 -24.94 1.63
N TYR C 84 29.44 -24.28 1.21
CA TYR C 84 28.18 -24.94 0.93
C TYR C 84 27.78 -24.68 -0.51
N ASP C 85 27.30 -25.74 -1.19
CA ASP C 85 26.87 -25.62 -2.57
C ASP C 85 25.48 -24.99 -2.64
N VAL C 86 25.05 -24.70 -3.86
CA VAL C 86 23.74 -24.06 -4.06
C VAL C 86 22.62 -25.03 -3.72
N GLU C 87 22.79 -26.30 -4.04
CA GLU C 87 21.74 -27.29 -3.77
C GLU C 87 21.50 -27.46 -2.27
N GLU C 88 22.53 -27.24 -1.45
CA GLU C 88 22.37 -27.25 0.00
C GLU C 88 22.16 -25.86 0.57
N CYS C 89 22.60 -24.81 -0.13
CA CYS C 89 22.35 -23.46 0.33
C CYS C 89 20.88 -23.09 0.21
N ILE C 90 20.18 -23.64 -0.79
CA ILE C 90 18.76 -23.36 -0.93
C ILE C 90 17.96 -24.05 0.17
N GLN C 91 18.40 -25.25 0.59
CA GLN C 91 17.65 -26.00 1.59
C GLN C 91 17.99 -25.53 3.01
N ARG C 92 19.27 -25.31 3.29
CA ARG C 92 19.70 -24.90 4.63
C ARG C 92 19.49 -23.42 4.90
N ASP C 93 19.07 -22.64 3.91
CA ASP C 93 18.82 -21.21 4.07
C ASP C 93 20.09 -20.45 4.42
N MET C 94 21.23 -20.94 3.95
CA MET C 94 22.52 -20.30 4.20
C MET C 94 22.76 -19.21 3.16
N THR C 95 23.98 -18.67 3.13
CA THR C 95 24.36 -17.62 2.19
C THR C 95 25.48 -18.15 1.30
N PHE C 96 25.22 -18.20 -0.01
CA PHE C 96 26.19 -18.68 -0.97
C PHE C 96 27.24 -17.59 -1.20
N ALA C 97 28.46 -17.82 -0.74
CA ALA C 97 29.52 -16.84 -0.88
C ALA C 97 30.86 -17.55 -0.76
N ALA C 98 31.93 -16.83 -1.09
CA ALA C 98 33.29 -17.34 -1.02
C ALA C 98 34.10 -16.53 -0.02
N PRO C 99 34.82 -17.18 0.89
CA PRO C 99 35.61 -16.43 1.87
C PRO C 99 36.79 -15.73 1.20
N LEU C 100 36.87 -14.41 1.42
CA LEU C 100 37.93 -13.60 0.84
C LEU C 100 39.14 -13.55 1.76
N LYS C 101 40.32 -13.72 1.18
CA LYS C 101 41.57 -13.69 1.92
C LYS C 101 42.56 -12.77 1.21
N VAL C 102 43.11 -11.81 1.95
CA VAL C 102 44.07 -10.85 1.42
C VAL C 102 45.35 -10.94 2.22
N LYS C 103 46.48 -10.81 1.53
CA LYS C 103 47.79 -10.85 2.16
C LYS C 103 48.30 -9.43 2.37
N LEU C 104 48.59 -9.08 3.61
CA LEU C 104 49.06 -7.75 3.96
C LEU C 104 50.34 -7.85 4.77
N ARG C 105 51.30 -6.98 4.46
CA ARG C 105 52.59 -6.95 5.15
C ARG C 105 52.59 -5.81 6.16
N LEU C 106 53.00 -6.12 7.39
CA LEU C 106 53.01 -5.14 8.46
C LEU C 106 54.31 -4.34 8.52
N ILE C 107 55.36 -4.80 7.84
CA ILE C 107 56.64 -4.10 7.88
C ILE C 107 56.49 -2.73 7.21
N VAL C 108 57.14 -1.73 7.81
CA VAL C 108 57.11 -0.36 7.32
C VAL C 108 58.54 0.10 7.05
N PHE C 109 58.73 0.78 5.92
CA PHE C 109 60.06 1.26 5.58
C PHE C 109 60.52 2.37 6.52
N GLU C 110 59.60 3.18 7.02
CA GLU C 110 59.96 4.26 7.93
C GLU C 110 60.39 3.70 9.28
N THR C 111 61.42 4.31 9.86
CA THR C 111 61.94 3.92 11.16
C THR C 111 62.36 5.16 11.93
N GLU C 112 62.90 4.94 13.12
CA GLU C 112 63.26 6.05 14.00
C GLU C 112 64.62 6.62 13.61
N GLU C 113 64.83 7.89 13.99
CA GLU C 113 66.08 8.61 13.77
C GLU C 113 66.38 8.82 12.28
N GLU C 114 65.34 8.77 11.44
CA GLU C 114 65.50 8.96 10.00
C GLU C 114 66.40 7.90 9.38
N THR C 115 66.40 6.71 9.96
CA THR C 115 67.22 5.62 9.45
C THR C 115 66.56 5.04 8.20
N GLY C 116 67.18 4.01 7.62
CA GLY C 116 66.67 3.41 6.40
C GLY C 116 65.77 2.22 6.64
N ALA C 117 66.27 1.03 6.33
CA ALA C 117 65.48 -0.19 6.53
C ALA C 117 65.15 -0.38 8.00
N ARG C 118 63.98 -0.95 8.26
CA ARG C 118 63.52 -1.16 9.62
C ARG C 118 64.38 -2.24 10.29
N SER C 119 64.10 -2.46 11.58
CA SER C 119 64.84 -3.49 12.31
C SER C 119 64.54 -4.88 11.77
N VAL C 120 63.30 -5.12 11.34
CA VAL C 120 62.90 -6.40 10.78
C VAL C 120 63.04 -6.29 9.26
N LYS C 121 64.14 -6.84 8.73
CA LYS C 121 64.37 -6.78 7.28
C LYS C 121 63.33 -7.60 6.53
N ASP C 122 62.98 -8.77 7.04
CA ASP C 122 61.99 -9.62 6.40
C ASP C 122 60.59 -9.11 6.72
N ILE C 123 59.74 -9.01 5.69
CA ILE C 123 58.39 -8.54 5.89
C ILE C 123 57.58 -9.60 6.63
N LYS C 124 56.49 -9.16 7.26
CA LYS C 124 55.61 -10.08 7.98
C LYS C 124 54.93 -11.05 7.02
N GLU C 125 54.17 -10.52 6.07
CA GLU C 125 53.47 -11.31 5.05
C GLU C 125 52.49 -12.28 5.72
N GLN C 126 51.54 -11.71 6.45
CA GLN C 126 50.51 -12.48 7.13
C GLN C 126 49.21 -12.46 6.32
N ASP C 127 48.41 -13.49 6.51
CA ASP C 127 47.12 -13.63 5.84
C ASP C 127 46.00 -13.26 6.82
N VAL C 128 45.14 -12.34 6.40
CA VAL C 128 44.05 -11.86 7.22
C VAL C 128 42.74 -12.27 6.57
N TYR C 129 41.81 -12.79 7.39
CA TYR C 129 40.52 -13.22 6.89
C TYR C 129 39.60 -12.01 6.68
N MET C 130 38.79 -12.09 5.63
CA MET C 130 37.84 -11.04 5.29
C MET C 130 36.45 -11.62 5.14
N GLY C 131 35.45 -10.76 5.23
CA GLY C 131 34.08 -11.20 5.05
C GLY C 131 33.82 -11.69 3.63
N ASP C 132 33.13 -12.83 3.54
CA ASP C 132 32.85 -13.42 2.24
C ASP C 132 31.90 -12.55 1.44
N ILE C 133 31.99 -12.67 0.11
CA ILE C 133 31.12 -11.94 -0.80
C ILE C 133 30.27 -12.95 -1.56
N PRO C 134 28.98 -12.69 -1.77
CA PRO C 134 28.12 -13.67 -2.46
C PRO C 134 28.54 -13.83 -3.91
N LEU C 135 28.70 -15.08 -4.33
CA LEU C 135 29.08 -15.38 -5.71
C LEU C 135 27.85 -15.40 -6.62
N MET C 136 28.10 -15.30 -7.91
CA MET C 136 27.04 -15.26 -8.92
C MET C 136 26.86 -16.63 -9.53
N THR C 137 25.64 -17.17 -9.47
CA THR C 137 25.34 -18.41 -10.15
C THR C 137 25.41 -18.22 -11.66
N ASP C 138 25.42 -19.33 -12.40
CA ASP C 138 25.48 -19.25 -13.86
C ASP C 138 24.27 -18.51 -14.43
N LYS C 139 23.14 -18.53 -13.74
CA LYS C 139 21.97 -17.79 -14.19
C LYS C 139 21.98 -16.34 -13.73
N GLY C 140 22.81 -16.01 -12.74
CA GLY C 140 22.85 -14.66 -12.21
C GLY C 140 21.75 -14.38 -11.21
N THR C 141 21.63 -15.24 -10.21
CA THR C 141 20.56 -15.13 -9.23
C THR C 141 20.95 -14.37 -7.96
N PHE C 142 22.21 -14.45 -7.56
CA PHE C 142 22.69 -13.80 -6.33
C PHE C 142 21.92 -14.33 -5.11
N ILE C 143 22.07 -15.63 -4.87
CA ILE C 143 21.35 -16.29 -3.79
C ILE C 143 22.04 -16.03 -2.46
N VAL C 144 21.61 -14.98 -1.77
CA VAL C 144 22.18 -14.65 -0.47
C VAL C 144 21.48 -15.40 0.65
N ASN C 145 20.19 -15.69 0.50
CA ASN C 145 19.43 -16.44 1.48
C ASN C 145 18.69 -17.58 0.80
N GLY C 146 17.76 -18.22 1.52
CA GLY C 146 16.96 -19.28 0.92
C GLY C 146 16.19 -18.82 -0.30
N THR C 147 15.82 -17.55 -0.35
CA THR C 147 15.15 -16.96 -1.51
C THR C 147 16.16 -16.14 -2.29
N GLU C 148 16.43 -16.56 -3.53
CA GLU C 148 17.39 -15.86 -4.36
C GLU C 148 16.88 -14.47 -4.74
N ARG C 149 17.78 -13.49 -4.72
CA ARG C 149 17.44 -12.11 -5.01
C ARG C 149 18.43 -11.56 -6.02
N VAL C 150 17.93 -11.08 -7.15
CA VAL C 150 18.77 -10.49 -8.18
C VAL C 150 18.85 -8.99 -7.98
N ILE C 151 19.88 -8.38 -8.56
CA ILE C 151 20.12 -6.95 -8.45
C ILE C 151 19.92 -6.32 -9.82
N VAL C 152 18.97 -5.39 -9.90
CA VAL C 152 18.67 -4.72 -11.16
C VAL C 152 19.65 -3.57 -11.36
N SER C 153 19.95 -3.28 -12.62
CA SER C 153 20.87 -2.19 -12.95
C SER C 153 20.19 -0.84 -12.73
N GLN C 154 21.00 0.16 -12.38
CA GLN C 154 20.52 1.51 -12.13
C GLN C 154 20.95 2.44 -13.25
N MET C 155 20.11 3.43 -13.54
CA MET C 155 20.35 4.40 -14.60
C MET C 155 20.28 5.79 -14.00
N HIS C 156 21.37 6.56 -14.11
CA HIS C 156 21.46 7.89 -13.55
C HIS C 156 22.22 8.79 -14.51
N ARG C 157 22.32 10.07 -14.15
CA ARG C 157 22.97 11.04 -15.01
C ARG C 157 24.47 10.77 -15.10
N SER C 158 25.03 11.02 -16.28
CA SER C 158 26.46 10.81 -16.47
C SER C 158 27.25 11.89 -15.72
N PRO C 159 28.38 11.54 -15.11
CA PRO C 159 29.18 12.51 -14.36
C PRO C 159 30.01 13.41 -15.28
N GLY C 160 29.32 14.28 -16.02
CA GLY C 160 29.99 15.20 -16.92
C GLY C 160 29.39 16.59 -16.83
N VAL C 161 30.01 17.51 -17.55
CA VAL C 161 29.54 18.90 -17.58
C VAL C 161 28.35 19.01 -18.52
N PHE C 162 27.37 19.82 -18.12
CA PHE C 162 26.17 20.03 -18.90
C PHE C 162 25.86 21.52 -18.98
N PHE C 163 25.16 21.92 -20.04
CA PHE C 163 24.77 23.31 -20.28
C PHE C 163 23.27 23.32 -20.56
N ASP C 164 22.48 23.42 -19.50
CA ASP C 164 21.02 23.43 -19.60
C ASP C 164 20.49 24.80 -19.23
N HIS C 165 19.63 25.35 -20.08
CA HIS C 165 19.03 26.65 -19.87
C HIS C 165 17.51 26.49 -19.84
N ASP C 166 16.87 27.10 -18.84
CA ASP C 166 15.42 27.02 -18.72
C ASP C 166 14.75 27.71 -19.90
N LYS C 167 13.61 27.16 -20.31
CA LYS C 167 12.86 27.67 -21.46
C LYS C 167 11.95 28.83 -21.04
N GLY C 168 12.57 29.90 -20.57
CA GLY C 168 11.82 31.07 -20.15
C GLY C 168 10.89 30.83 -18.99
N LYS C 169 11.37 30.13 -17.96
CA LYS C 169 10.57 29.82 -16.78
C LYS C 169 11.32 30.26 -15.53
N THR C 170 10.56 30.53 -14.47
CA THR C 170 11.12 30.97 -13.20
C THR C 170 11.87 32.30 -13.35
N HIS C 171 11.30 33.20 -14.15
CA HIS C 171 11.89 34.51 -14.39
C HIS C 171 10.78 35.55 -14.51
N ALA C 172 11.12 36.79 -14.16
CA ALA C 172 10.13 37.87 -14.24
C ALA C 172 9.74 38.15 -15.68
N SER C 173 10.71 38.15 -16.60
CA SER C 173 10.45 38.42 -18.00
C SER C 173 11.03 37.28 -18.84
N GLY C 174 10.59 37.21 -20.09
CA GLY C 174 11.05 36.19 -21.01
C GLY C 174 12.54 36.29 -21.31
N LYS C 175 13.29 35.28 -20.89
CA LYS C 175 14.73 35.25 -21.11
C LYS C 175 15.23 33.85 -20.77
N LEU C 176 16.52 33.62 -21.01
CA LEU C 176 17.16 32.34 -20.74
C LEU C 176 18.31 32.53 -19.76
N LEU C 177 18.53 31.52 -18.92
CA LEU C 177 19.58 31.59 -17.91
C LEU C 177 20.90 31.00 -18.39
N PHE C 178 20.85 29.86 -19.09
CA PHE C 178 22.05 29.19 -19.59
C PHE C 178 22.97 28.78 -18.44
N ALA C 179 22.44 27.91 -17.59
CA ALA C 179 23.21 27.39 -16.46
C ALA C 179 24.09 26.24 -16.91
N ALA C 180 25.26 26.14 -16.26
CA ALA C 180 26.23 25.09 -16.54
C ALA C 180 26.57 24.35 -15.26
N ARG C 181 26.64 23.02 -15.35
CA ARG C 181 26.91 22.17 -14.20
C ARG C 181 28.18 21.37 -14.42
N VAL C 182 28.90 21.12 -13.32
CA VAL C 182 30.15 20.37 -13.35
C VAL C 182 30.01 19.16 -12.45
N ILE C 183 28.80 18.60 -12.41
CA ILE C 183 28.43 17.48 -11.54
C ILE C 183 29.44 16.33 -11.65
N PRO C 184 30.23 16.08 -10.60
CA PRO C 184 31.20 14.97 -10.66
C PRO C 184 30.59 13.66 -10.21
N TYR C 185 31.42 12.60 -10.17
CA TYR C 185 30.94 11.30 -9.72
C TYR C 185 30.76 11.26 -8.22
N ARG C 186 31.80 11.64 -7.47
CA ARG C 186 31.76 11.63 -6.00
C ARG C 186 32.43 12.92 -5.52
N GLY C 187 31.63 13.95 -5.28
CA GLY C 187 32.15 15.21 -4.82
C GLY C 187 31.08 16.28 -4.84
N SER C 188 31.47 17.47 -4.39
CA SER C 188 30.55 18.59 -4.35
C SER C 188 30.24 19.08 -5.76
N TRP C 189 28.98 19.41 -5.99
CA TRP C 189 28.55 19.87 -7.30
C TRP C 189 28.87 21.35 -7.49
N LEU C 190 29.00 21.75 -8.75
CA LEU C 190 29.34 23.12 -9.10
C LEU C 190 28.34 23.65 -10.12
N ASP C 191 28.11 24.96 -10.07
CA ASP C 191 27.16 25.61 -10.96
C ASP C 191 27.66 26.99 -11.33
N PHE C 192 27.31 27.44 -12.53
CA PHE C 192 27.67 28.76 -13.04
C PHE C 192 26.47 29.42 -13.68
N GLU C 193 25.33 29.39 -12.99
CA GLU C 193 24.10 29.96 -13.53
C GLU C 193 24.22 31.48 -13.67
N PHE C 194 23.59 32.00 -14.71
CA PHE C 194 23.62 33.43 -14.99
C PHE C 194 22.63 34.15 -14.08
N ASP C 195 22.43 35.44 -14.32
CA ASP C 195 21.47 36.25 -13.57
C ASP C 195 20.70 37.13 -14.54
N ALA C 196 19.53 37.58 -14.09
CA ALA C 196 18.72 38.48 -14.91
C ALA C 196 19.44 39.79 -15.19
N LYS C 197 20.33 40.20 -14.28
CA LYS C 197 21.12 41.42 -14.47
C LYS C 197 22.40 41.17 -15.27
N ASP C 198 22.51 40.02 -15.93
CA ASP C 198 23.68 39.69 -16.75
C ASP C 198 24.95 39.62 -15.91
N ILE C 199 24.85 38.96 -14.75
CA ILE C 199 25.97 38.77 -13.85
C ILE C 199 26.14 37.27 -13.61
N VAL C 200 27.35 36.77 -13.78
CA VAL C 200 27.64 35.36 -13.59
C VAL C 200 27.72 35.07 -12.09
N TYR C 201 26.88 34.14 -11.63
CA TYR C 201 26.84 33.74 -10.22
C TYR C 201 27.17 32.26 -10.10
N VAL C 202 28.06 31.94 -9.18
CA VAL C 202 28.50 30.56 -8.94
C VAL C 202 28.01 30.12 -7.57
N ARG C 203 27.51 28.89 -7.49
CA ARG C 203 27.05 28.32 -6.24
C ARG C 203 27.52 26.88 -6.15
N ILE C 204 28.19 26.54 -5.05
CA ILE C 204 28.76 25.21 -4.84
C ILE C 204 27.84 24.44 -3.91
N ASP C 205 27.36 23.29 -4.37
CA ASP C 205 26.50 22.42 -3.57
C ASP C 205 25.17 23.10 -3.21
N ARG C 206 24.71 23.99 -4.07
CA ARG C 206 23.43 24.69 -3.87
C ARG C 206 23.45 25.53 -2.61
N ARG C 207 24.57 26.23 -2.39
CA ARG C 207 24.71 27.12 -1.25
C ARG C 207 24.27 28.53 -1.65
N ARG C 208 24.57 29.52 -0.80
CA ARG C 208 24.21 30.89 -1.11
C ARG C 208 24.97 31.38 -2.34
N LYS C 209 24.25 32.04 -3.25
CA LYS C 209 24.85 32.50 -4.48
C LYS C 209 25.85 33.63 -4.23
N LEU C 210 26.98 33.56 -4.92
CA LEU C 210 28.00 34.60 -4.87
C LEU C 210 28.61 34.75 -6.25
N PRO C 211 29.23 35.89 -6.54
CA PRO C 211 29.80 36.11 -7.87
C PRO C 211 30.93 35.15 -8.17
N ALA C 212 31.05 34.78 -9.46
CA ALA C 212 32.10 33.87 -9.89
C ALA C 212 33.47 34.51 -9.81
N THR C 213 33.55 35.85 -9.72
CA THR C 213 34.84 36.50 -9.61
C THR C 213 35.57 36.10 -8.33
N THR C 214 34.83 35.85 -7.25
CA THR C 214 35.47 35.40 -6.01
C THR C 214 36.09 34.02 -6.19
N PHE C 215 35.35 33.09 -6.78
CA PHE C 215 35.89 31.75 -7.03
C PHE C 215 37.06 31.79 -8.00
N LEU C 216 37.04 32.73 -8.95
CA LEU C 216 38.16 32.85 -9.88
C LEU C 216 39.39 33.41 -9.18
N TYR C 217 39.21 34.40 -8.32
CA TYR C 217 40.34 34.96 -7.57
C TYR C 217 40.88 33.96 -6.55
N ALA C 218 40.04 33.03 -6.09
CA ALA C 218 40.52 32.01 -5.16
C ALA C 218 41.58 31.13 -5.80
N LEU C 219 41.53 30.94 -7.10
CA LEU C 219 42.52 30.14 -7.82
C LEU C 219 43.76 30.99 -8.08
N GLY C 220 44.68 30.47 -8.90
CA GLY C 220 45.89 31.21 -9.20
C GLY C 220 45.67 32.42 -10.08
N MET C 221 44.71 32.33 -11.01
CA MET C 221 44.43 33.42 -11.93
C MET C 221 43.88 34.61 -11.15
N ASP C 222 44.67 35.66 -11.02
CA ASP C 222 44.28 36.85 -10.27
C ASP C 222 44.65 38.10 -11.08
N GLY C 223 44.05 39.22 -10.69
CA GLY C 223 44.34 40.47 -11.36
C GLY C 223 43.70 40.53 -12.74
N GLU C 224 44.43 41.09 -13.70
CA GLU C 224 43.94 41.24 -15.07
C GLU C 224 44.08 39.96 -15.88
N GLU C 225 44.59 38.88 -15.30
CA GLU C 225 44.70 37.62 -16.03
C GLU C 225 43.32 37.04 -16.36
N ILE C 226 42.32 37.35 -15.54
CA ILE C 226 40.98 36.86 -15.81
C ILE C 226 40.35 37.62 -16.98
N LEU C 227 40.77 38.86 -17.20
CA LEU C 227 40.27 39.64 -18.32
C LEU C 227 41.06 39.41 -19.61
N THR C 228 42.36 39.14 -19.49
CA THR C 228 43.16 38.89 -20.69
C THR C 228 42.81 37.57 -21.36
N THR C 229 42.27 36.61 -20.59
CA THR C 229 41.92 35.31 -21.13
C THR C 229 40.49 35.25 -21.65
N PHE C 230 39.64 36.20 -21.29
CA PHE C 230 38.24 36.21 -21.72
C PHE C 230 37.98 37.17 -22.87
N TYR C 231 38.53 38.38 -22.83
CA TYR C 231 38.34 39.38 -23.86
C TYR C 231 39.67 39.73 -24.50
N ASP C 232 39.66 39.82 -25.83
CA ASP C 232 40.87 40.20 -26.56
C ASP C 232 41.09 41.70 -26.47
N VAL C 233 42.34 42.11 -26.61
CA VAL C 233 42.74 43.51 -26.50
C VAL C 233 43.22 43.98 -27.87
N VAL C 234 42.83 45.20 -28.23
CA VAL C 234 43.21 45.79 -29.51
C VAL C 234 44.05 47.04 -29.26
N PRO C 235 45.15 47.22 -29.97
CA PRO C 235 46.01 48.38 -29.73
C PRO C 235 45.47 49.64 -30.38
N PHE C 236 45.89 50.78 -29.83
CA PHE C 236 45.53 52.09 -30.37
C PHE C 236 46.72 53.03 -30.21
N GLU C 237 46.77 54.04 -31.08
CA GLU C 237 47.87 54.99 -31.05
C GLU C 237 47.73 55.95 -29.87
N LYS C 238 48.86 56.50 -29.44
CA LYS C 238 48.90 57.40 -28.29
C LYS C 238 48.59 58.83 -28.74
N ARG C 239 47.34 59.02 -29.16
CA ARG C 239 46.82 60.33 -29.57
C ARG C 239 47.63 60.91 -30.74
N SER C 240 47.58 60.20 -31.86
CA SER C 240 48.24 60.64 -33.07
C SER C 240 47.32 61.58 -33.85
N GLY C 241 47.69 61.89 -35.09
CA GLY C 241 46.86 62.72 -35.94
C GLY C 241 45.52 62.06 -36.23
N GLY C 242 44.45 62.61 -35.66
CA GLY C 242 43.15 61.99 -35.79
C GLY C 242 42.99 60.80 -34.86
N TRP C 243 42.70 59.63 -35.43
CA TRP C 243 42.59 58.39 -34.66
C TRP C 243 43.17 57.26 -35.51
N ALA C 244 44.45 56.98 -35.32
CA ALA C 244 45.16 55.94 -36.06
C ALA C 244 45.10 54.64 -35.26
N THR C 245 44.28 53.70 -35.73
CA THR C 245 44.11 52.40 -35.08
C THR C 245 44.37 51.30 -36.09
N PRO C 246 45.56 50.72 -36.11
CA PRO C 246 45.85 49.65 -37.07
C PRO C 246 45.08 48.37 -36.75
N TYR C 247 44.08 48.04 -37.57
CA TYR C 247 43.25 46.87 -37.35
C TYR C 247 43.13 46.03 -38.62
N LYS C 248 42.25 45.05 -38.60
CA LYS C 248 41.95 44.20 -39.73
C LYS C 248 40.49 43.80 -39.69
N PRO C 249 39.92 43.38 -40.82
CA PRO C 249 38.45 43.31 -40.93
C PRO C 249 37.81 42.00 -40.48
N GLU C 250 38.50 41.17 -39.69
CA GLU C 250 37.90 39.90 -39.29
C GLU C 250 36.72 40.09 -38.33
N ARG C 251 36.60 41.26 -37.70
CA ARG C 251 35.55 41.50 -36.73
C ARG C 251 34.55 42.56 -37.17
N TRP C 252 34.90 43.40 -38.14
CA TRP C 252 34.01 44.45 -38.62
C TRP C 252 32.90 43.94 -39.53
N ARG C 253 32.85 42.63 -39.79
CA ARG C 253 31.82 42.08 -40.66
C ARG C 253 30.47 42.12 -39.96
N GLY C 254 29.51 42.82 -40.54
CA GLY C 254 28.17 42.90 -40.00
C GLY C 254 28.10 43.62 -38.66
N VAL C 255 28.40 44.92 -38.68
CA VAL C 255 28.36 45.75 -37.47
C VAL C 255 27.84 47.12 -37.84
N LYS C 256 26.96 47.66 -37.00
CA LYS C 256 26.40 48.99 -37.22
C LYS C 256 27.37 50.05 -36.76
N PRO C 257 27.92 50.85 -37.67
CA PRO C 257 28.91 51.88 -37.29
C PRO C 257 28.22 53.10 -36.68
N GLU C 258 28.51 53.36 -35.41
CA GLU C 258 27.97 54.55 -34.75
C GLU C 258 28.75 55.81 -35.07
N PHE C 259 29.98 55.67 -35.52
CA PHE C 259 30.84 56.78 -35.91
C PHE C 259 31.45 56.50 -37.26
N PRO C 260 32.00 57.53 -37.93
CA PRO C 260 32.61 57.31 -39.25
C PRO C 260 33.88 56.48 -39.16
N LEU C 261 33.84 55.26 -39.69
CA LEU C 261 34.98 54.35 -39.69
C LEU C 261 35.70 54.32 -41.03
N VAL C 262 35.71 55.44 -41.75
CA VAL C 262 36.36 55.48 -43.05
C VAL C 262 37.88 55.36 -42.88
N ASP C 263 38.54 54.88 -43.93
CA ASP C 263 39.98 54.72 -43.89
C ASP C 263 40.66 56.08 -43.98
N ALA C 264 41.86 56.16 -43.38
CA ALA C 264 42.59 57.41 -43.39
C ALA C 264 43.11 57.76 -44.78
N ASP C 265 43.42 56.75 -45.60
CA ASP C 265 43.95 56.97 -46.94
C ASP C 265 43.02 56.49 -48.06
N THR C 266 42.03 55.66 -47.75
CA THR C 266 41.12 55.13 -48.76
C THR C 266 39.68 55.42 -48.34
N GLY C 267 38.77 55.28 -49.31
CA GLY C 267 37.37 55.54 -49.07
C GLY C 267 36.56 54.28 -48.86
N GLU C 268 36.08 54.08 -47.64
CA GLU C 268 35.29 52.90 -47.29
C GLU C 268 34.30 53.30 -46.21
N GLU C 269 33.74 52.30 -45.51
CA GLU C 269 32.74 52.53 -44.47
C GLU C 269 31.51 53.24 -45.04
N VAL C 270 30.83 52.49 -45.93
CA VAL C 270 29.62 53.01 -46.57
C VAL C 270 28.58 53.34 -45.51
N ALA C 271 27.67 54.26 -45.85
CA ALA C 271 26.66 54.73 -44.91
C ALA C 271 25.76 53.61 -44.38
N PRO C 272 25.19 52.74 -45.21
CA PRO C 272 24.40 51.62 -44.67
C PRO C 272 25.20 50.72 -43.74
N ALA C 273 26.30 50.17 -44.24
CA ALA C 273 27.21 49.35 -43.44
C ALA C 273 26.49 48.14 -42.83
N GLY C 274 26.04 47.25 -43.71
CA GLY C 274 25.31 46.07 -43.28
C GLY C 274 26.22 44.88 -43.05
N THR C 275 26.07 43.84 -43.88
CA THR C 275 26.93 42.68 -43.75
C THR C 275 28.39 43.03 -44.01
N LYS C 276 28.64 44.04 -44.84
CA LYS C 276 29.99 44.52 -45.12
C LYS C 276 30.82 43.46 -45.83
N ILE C 277 30.17 42.73 -46.75
CA ILE C 277 30.89 41.74 -47.54
C ILE C 277 31.86 42.43 -48.51
N THR C 278 31.36 43.42 -49.25
CA THR C 278 32.24 44.19 -50.12
C THR C 278 33.26 44.98 -49.32
N ALA C 279 32.85 45.51 -48.16
CA ALA C 279 33.79 46.20 -47.29
C ALA C 279 34.84 45.25 -46.75
N ARG C 280 34.43 44.02 -46.41
CA ARG C 280 35.39 43.02 -45.94
C ARG C 280 36.39 42.68 -47.03
N GLN C 281 35.91 42.52 -48.27
CA GLN C 281 36.81 42.22 -49.38
C GLN C 281 37.77 43.38 -49.63
N ALA C 282 37.27 44.61 -49.57
CA ALA C 282 38.14 45.77 -49.76
C ALA C 282 39.19 45.86 -48.67
N LYS C 283 38.82 45.61 -47.42
CA LYS C 283 39.79 45.63 -46.34
C LYS C 283 40.81 44.51 -46.49
N LYS C 284 40.37 43.34 -46.96
CA LYS C 284 41.31 42.26 -47.22
C LYS C 284 42.26 42.61 -48.35
N PHE C 285 41.81 43.40 -49.33
CA PHE C 285 42.65 43.84 -50.44
C PHE C 285 43.24 45.21 -50.23
N ALA C 286 43.02 45.83 -49.07
CA ALA C 286 43.56 47.14 -48.76
C ALA C 286 44.84 47.08 -47.94
N ASP C 287 45.47 45.90 -47.86
CA ASP C 287 46.71 45.72 -47.11
C ASP C 287 46.49 45.97 -45.61
N GLY C 288 45.38 45.46 -45.08
CA GLY C 288 45.03 45.60 -43.69
C GLY C 288 43.69 46.29 -43.51
N GLY C 289 43.24 46.27 -42.25
CA GLY C 289 41.97 46.88 -41.90
C GLY C 289 42.12 48.15 -41.10
N LEU C 290 43.25 48.84 -41.28
CA LEU C 290 43.50 50.09 -40.56
C LEU C 290 42.49 51.15 -40.98
N LYS C 291 41.97 51.87 -39.99
CA LYS C 291 40.97 52.91 -40.22
C LYS C 291 41.23 54.08 -39.28
N THR C 292 40.67 55.23 -39.65
CA THR C 292 40.80 56.45 -38.85
C THR C 292 39.45 56.81 -38.25
N LEU C 293 39.46 57.21 -36.98
CA LEU C 293 38.23 57.59 -36.28
C LEU C 293 38.17 59.09 -36.06
N LEU C 300 35.40 55.18 -28.51
CA LEU C 300 35.73 56.59 -28.39
C LEU C 300 35.93 56.99 -26.93
N THR C 301 34.86 57.48 -26.30
CA THR C 301 34.91 57.91 -24.92
C THR C 301 34.56 56.79 -23.94
N GLY C 302 33.61 55.92 -24.33
CA GLY C 302 33.22 54.82 -23.47
C GLY C 302 33.96 53.54 -23.79
N ARG C 303 35.00 53.23 -23.00
CA ARG C 303 35.80 52.04 -23.20
C ARG C 303 36.36 51.58 -21.87
N TYR C 304 36.36 50.27 -21.65
CA TYR C 304 36.93 49.66 -20.46
C TYR C 304 38.32 49.15 -20.80
N LEU C 305 39.33 49.95 -20.52
CA LEU C 305 40.70 49.63 -20.91
C LEU C 305 41.19 48.42 -20.12
N ALA C 306 41.30 47.28 -20.79
CA ALA C 306 41.73 46.03 -20.17
C ALA C 306 43.25 45.93 -20.06
N ARG C 307 43.97 47.02 -20.31
CA ARG C 307 45.42 47.00 -20.17
C ARG C 307 45.81 46.79 -18.71
N ASP C 308 46.93 46.09 -18.51
CA ASP C 308 47.44 45.80 -17.17
C ASP C 308 48.12 47.05 -16.61
N ALA C 309 47.29 48.02 -16.24
CA ALA C 309 47.78 49.28 -15.69
C ALA C 309 48.28 49.08 -14.27
N GLU C 316 52.06 52.04 -10.94
CA GLU C 316 51.53 52.69 -9.75
C GLU C 316 51.80 54.19 -9.77
N ILE C 317 52.85 54.59 -10.48
CA ILE C 317 53.20 56.00 -10.56
C ILE C 317 52.19 56.76 -11.44
N TYR C 318 51.82 56.18 -12.57
CA TYR C 318 50.86 56.79 -13.49
C TYR C 318 49.61 55.94 -13.66
N ALA C 319 49.76 54.65 -13.89
CA ALA C 319 48.62 53.76 -14.06
C ALA C 319 47.97 53.46 -12.72
N GLU C 320 46.66 53.25 -12.76
CA GLU C 320 45.88 52.96 -11.57
C GLU C 320 44.92 51.82 -11.85
N ALA C 321 44.23 51.38 -10.80
CA ALA C 321 43.27 50.30 -10.93
C ALA C 321 42.00 50.78 -11.62
N GLY C 322 41.05 49.87 -11.81
CA GLY C 322 39.82 50.19 -12.49
C GLY C 322 40.01 50.36 -13.98
N ASP C 323 38.96 50.08 -14.76
CA ASP C 323 39.03 50.13 -16.22
C ASP C 323 37.87 50.97 -16.73
N GLU C 324 38.04 52.30 -16.68
CA GLU C 324 37.06 53.22 -17.27
C GLU C 324 37.57 54.65 -17.25
N LEU C 325 37.56 55.31 -18.41
CA LEU C 325 37.84 56.75 -18.47
C LEU C 325 36.54 57.56 -18.49
N ASP C 326 35.73 57.38 -19.53
CA ASP C 326 34.33 57.77 -19.53
C ASP C 326 34.06 59.27 -19.53
N VAL C 327 35.09 60.11 -19.39
CA VAL C 327 34.84 61.55 -19.35
C VAL C 327 35.70 62.31 -20.38
N THR C 328 37.02 62.31 -20.21
CA THR C 328 37.88 63.08 -21.11
C THR C 328 39.18 62.37 -21.46
N SER C 329 39.38 61.11 -21.07
CA SER C 329 40.68 60.46 -21.21
C SER C 329 41.75 61.23 -20.43
N ILE C 330 41.57 61.26 -19.11
CA ILE C 330 42.43 62.08 -18.26
C ILE C 330 43.87 61.57 -18.29
N GLN C 331 44.78 62.41 -17.81
CA GLN C 331 46.22 62.17 -17.76
C GLN C 331 46.87 62.18 -19.13
N ALA C 332 46.15 62.65 -20.16
CA ALA C 332 46.68 62.72 -21.53
C ALA C 332 47.08 61.34 -22.03
N LEU C 333 46.22 60.35 -21.81
CA LEU C 333 46.48 58.97 -22.19
C LEU C 333 47.73 58.43 -21.50
N ALA C 334 47.74 58.54 -20.17
CA ALA C 334 48.87 58.07 -19.36
C ALA C 334 50.14 58.85 -19.66
N ASP C 335 50.00 60.10 -20.08
CA ASP C 335 51.13 60.96 -20.40
C ASP C 335 51.97 60.38 -21.53
N ASP C 342 46.06 49.29 -26.71
CA ASP C 342 45.52 48.15 -25.99
C ASP C 342 44.52 48.60 -24.93
N VAL C 343 43.25 48.69 -25.31
CA VAL C 343 42.20 49.11 -24.38
C VAL C 343 41.22 47.98 -24.13
N LEU C 344 40.52 47.53 -25.17
CA LEU C 344 39.55 46.45 -25.05
C LEU C 344 38.95 46.16 -26.42
N ASP C 345 38.38 44.96 -26.55
CA ASP C 345 37.66 44.55 -27.75
C ASP C 345 36.33 43.97 -27.28
N ILE C 346 35.33 44.84 -27.09
CA ILE C 346 34.00 44.44 -26.67
C ILE C 346 32.99 45.32 -27.38
N ASP C 347 32.27 44.75 -28.35
CA ASP C 347 31.19 45.44 -29.03
C ASP C 347 29.86 45.01 -28.40
N HIS C 348 28.75 45.40 -29.03
CA HIS C 348 27.43 45.09 -28.51
C HIS C 348 26.62 44.21 -29.47
N VAL C 349 27.24 43.62 -30.47
CA VAL C 349 26.55 42.80 -31.44
C VAL C 349 26.94 41.32 -31.36
N THR C 350 28.20 41.01 -31.06
CA THR C 350 28.68 39.63 -31.02
C THR C 350 29.19 39.20 -29.66
N VAL C 351 29.82 40.09 -28.90
CA VAL C 351 30.36 39.76 -27.59
C VAL C 351 29.67 40.62 -26.55
N GLY C 352 29.58 40.08 -25.33
CA GLY C 352 28.95 40.80 -24.24
C GLY C 352 29.91 41.16 -23.13
N ALA C 353 29.52 42.13 -22.29
CA ALA C 353 30.33 42.57 -21.17
C ALA C 353 29.92 41.91 -19.86
N TYR C 354 29.43 40.67 -19.94
CA TYR C 354 28.98 39.99 -18.72
C TYR C 354 30.14 39.70 -17.79
N MET C 355 31.29 39.28 -18.32
CA MET C 355 32.43 38.98 -17.48
C MET C 355 33.01 40.26 -16.86
N ARG C 356 33.04 41.34 -17.63
CA ARG C 356 33.56 42.60 -17.11
C ARG C 356 32.62 43.19 -16.05
N ASN C 357 31.31 43.07 -16.26
CA ASN C 357 30.36 43.61 -15.29
C ASN C 357 30.41 42.86 -13.96
N THR C 358 30.82 41.58 -13.99
CA THR C 358 30.91 40.82 -12.75
C THR C 358 32.03 41.31 -11.84
N LEU C 359 33.06 41.95 -12.41
CA LEU C 359 34.17 42.46 -11.61
C LEU C 359 33.81 43.74 -10.84
N ARG C 360 32.66 44.34 -11.12
CA ARG C 360 32.24 45.55 -10.44
C ARG C 360 31.18 45.30 -9.37
N VAL C 361 30.63 44.10 -9.30
CA VAL C 361 29.64 43.78 -8.28
C VAL C 361 30.28 43.14 -7.05
N ASP C 362 31.44 42.50 -7.22
CA ASP C 362 32.13 41.88 -6.09
C ASP C 362 32.98 42.89 -5.35
N LYS C 363 33.04 42.76 -4.04
CA LYS C 363 33.82 43.64 -3.19
C LYS C 363 35.12 43.01 -2.70
N ASN C 364 35.42 41.80 -3.15
CA ASN C 364 36.63 41.09 -2.73
C ASN C 364 37.73 41.30 -3.77
N ALA C 365 38.90 41.72 -3.30
CA ALA C 365 40.05 41.98 -4.17
C ALA C 365 41.20 41.01 -3.93
N ILE C 366 41.65 40.88 -2.69
CA ILE C 366 42.77 39.99 -2.38
C ILE C 366 42.27 38.55 -2.35
N ARG C 367 43.20 37.61 -2.58
CA ARG C 367 42.85 36.20 -2.55
C ARG C 367 42.39 35.77 -1.15
N GLU C 368 42.95 36.38 -0.11
CA GLU C 368 42.51 36.06 1.24
C GLU C 368 41.05 36.42 1.46
N ASP C 369 40.61 37.52 0.84
CA ASP C 369 39.20 37.91 0.96
C ASP C 369 38.30 36.87 0.30
N ALA C 370 38.68 36.40 -0.88
CA ALA C 370 37.88 35.37 -1.55
C ALA C 370 37.87 34.08 -0.76
N LEU C 371 39.02 33.70 -0.19
CA LEU C 371 39.08 32.48 0.62
C LEU C 371 38.20 32.59 1.86
N PHE C 372 38.23 33.75 2.52
CA PHE C 372 37.37 33.96 3.68
C PHE C 372 35.90 33.92 3.29
N ASP C 373 35.55 34.52 2.15
CA ASP C 373 34.16 34.49 1.70
C ASP C 373 33.71 33.07 1.40
N ILE C 374 34.57 32.29 0.74
CA ILE C 374 34.22 30.91 0.43
C ILE C 374 34.06 30.09 1.71
N TYR C 375 34.95 30.31 2.68
CA TYR C 375 34.84 29.58 3.94
C TYR C 375 33.58 29.96 4.71
N ARG C 376 33.19 31.24 4.65
CA ARG C 376 31.97 31.67 5.32
C ARG C 376 30.74 31.12 4.63
N VAL C 377 30.79 31.01 3.30
CA VAL C 377 29.65 30.44 2.57
C VAL C 377 29.53 28.94 2.83
N MET C 378 30.66 28.26 2.95
CA MET C 378 30.63 26.82 3.21
C MET C 378 30.28 26.52 4.66
N ARG C 379 31.07 27.01 5.60
CA ARG C 379 30.85 26.81 7.03
C ARG C 379 30.35 28.12 7.65
N PRO C 380 29.05 28.36 7.65
CA PRO C 380 28.54 29.63 8.19
C PRO C 380 28.64 29.67 9.71
N GLY C 381 28.78 30.89 10.23
CA GLY C 381 28.85 31.09 11.66
C GLY C 381 30.09 30.53 12.31
N GLU C 382 31.27 30.95 11.82
CA GLU C 382 32.53 30.51 12.39
C GLU C 382 33.61 31.51 12.00
N PRO C 383 34.52 31.87 12.90
CA PRO C 383 35.57 32.82 12.57
C PRO C 383 36.55 32.21 11.57
N PRO C 384 36.59 32.72 10.35
CA PRO C 384 37.50 32.16 9.35
C PRO C 384 38.94 32.59 9.57
N THR C 385 39.85 31.69 9.24
CA THR C 385 41.28 31.94 9.35
C THR C 385 41.97 31.56 8.04
N VAL C 386 43.11 32.18 7.79
CA VAL C 386 43.83 31.93 6.54
C VAL C 386 44.36 30.50 6.49
N GLU C 387 44.65 29.90 7.64
CA GLU C 387 45.21 28.56 7.66
C GLU C 387 44.12 27.51 7.40
N ALA C 388 42.99 27.61 8.09
CA ALA C 388 41.91 26.65 7.91
C ALA C 388 41.16 26.87 6.61
N ALA C 389 41.01 28.11 6.16
CA ALA C 389 40.29 28.37 4.93
C ALA C 389 41.05 27.87 3.72
N GLU C 390 42.39 27.90 3.76
CA GLU C 390 43.18 27.43 2.62
C GLU C 390 43.02 25.93 2.41
N ALA C 391 43.04 25.16 3.50
CA ALA C 391 42.88 23.71 3.38
C ALA C 391 41.48 23.33 2.95
N MET C 392 40.47 24.11 3.36
CA MET C 392 39.09 23.79 3.00
C MET C 392 38.88 23.91 1.50
N PHE C 393 39.32 25.01 0.90
CA PHE C 393 39.18 25.18 -0.54
C PHE C 393 40.03 24.18 -1.31
N LYS C 394 41.17 23.77 -0.76
CA LYS C 394 42.02 22.80 -1.44
C LYS C 394 41.41 21.41 -1.39
N SER C 395 40.72 21.06 -0.31
CA SER C 395 40.11 19.76 -0.17
C SER C 395 38.71 19.68 -0.77
N LEU C 396 38.07 20.82 -1.03
CA LEU C 396 36.72 20.78 -1.58
C LEU C 396 36.72 20.25 -3.01
N PHE C 397 37.57 20.80 -3.88
CA PHE C 397 37.60 20.41 -5.27
C PHE C 397 38.93 19.82 -5.73
N PHE C 398 40.05 20.21 -5.12
CA PHE C 398 41.38 19.75 -5.52
C PHE C 398 41.90 18.64 -4.64
N ASP C 399 41.03 17.79 -4.14
CA ASP C 399 41.41 16.65 -3.30
C ASP C 399 41.11 15.35 -4.02
N ALA C 400 41.98 14.36 -3.85
CA ALA C 400 41.79 13.08 -4.52
C ALA C 400 40.65 12.30 -3.89
N GLU C 401 40.72 12.07 -2.58
CA GLU C 401 39.68 11.28 -1.92
C GLU C 401 38.38 12.07 -1.77
N ARG C 402 38.46 13.37 -1.57
CA ARG C 402 37.25 14.17 -1.36
C ARG C 402 36.50 14.38 -2.67
N TYR C 403 37.21 14.73 -3.74
CA TYR C 403 36.61 15.00 -5.05
C TYR C 403 37.08 13.91 -6.00
N ASP C 404 36.22 12.92 -6.23
CA ASP C 404 36.51 11.81 -7.14
C ASP C 404 35.73 11.99 -8.43
N LEU C 405 36.41 11.83 -9.57
CA LEU C 405 35.80 11.91 -10.88
C LEU C 405 36.23 10.71 -11.69
N SER C 406 35.27 9.87 -12.07
CA SER C 406 35.56 8.65 -12.80
C SER C 406 36.17 8.97 -14.17
N SER C 407 36.75 7.94 -14.79
CA SER C 407 37.36 8.12 -16.10
C SER C 407 36.31 8.46 -17.16
N VAL C 408 35.09 7.93 -17.01
CA VAL C 408 34.03 8.24 -17.96
C VAL C 408 33.68 9.72 -17.89
N GLY C 409 33.70 10.29 -16.69
CA GLY C 409 33.47 11.72 -16.58
C GLY C 409 34.54 12.55 -17.25
N ARG C 410 35.80 12.13 -17.10
CA ARG C 410 36.90 12.85 -17.75
C ARG C 410 36.79 12.76 -19.26
N VAL C 411 36.47 11.57 -19.78
CA VAL C 411 36.36 11.42 -21.23
C VAL C 411 35.17 12.20 -21.76
N LYS C 412 34.07 12.26 -20.99
CA LYS C 412 32.92 13.06 -21.42
C LYS C 412 33.26 14.54 -21.43
N MET C 413 33.98 15.01 -20.42
CA MET C 413 34.39 16.42 -20.39
C MET C 413 35.34 16.74 -21.53
N ASN C 414 36.23 15.80 -21.87
CA ASN C 414 37.14 16.03 -22.98
C ASN C 414 36.40 16.05 -24.31
N MET C 415 35.39 15.18 -24.46
CA MET C 415 34.59 15.20 -25.68
C MET C 415 33.80 16.49 -25.80
N ARG C 416 33.19 16.95 -24.70
CA ARG C 416 32.47 18.21 -24.74
C ARG C 416 33.41 19.40 -24.91
N LEU C 417 34.52 19.39 -24.16
CA LEU C 417 35.52 20.45 -24.25
C LEU C 417 36.89 19.80 -24.45
N GLU C 418 37.55 20.15 -25.55
CA GLU C 418 38.85 19.55 -25.87
C GLU C 418 39.89 19.98 -24.84
N GLN C 419 40.47 18.99 -24.15
CA GLN C 419 41.51 19.26 -23.15
C GLN C 419 42.75 18.42 -23.32
N ASP C 420 42.69 17.27 -24.00
CA ASP C 420 43.85 16.43 -24.24
C ASP C 420 44.44 15.87 -22.95
N VAL C 421 43.60 15.72 -21.92
CA VAL C 421 44.03 15.19 -20.62
C VAL C 421 42.91 14.28 -20.13
N SER C 422 43.19 12.98 -20.05
CA SER C 422 42.20 12.01 -19.61
C SER C 422 42.90 10.75 -19.12
N ASP C 423 42.26 10.08 -18.17
CA ASP C 423 42.72 8.83 -17.55
C ASP C 423 43.92 9.03 -16.63
N GLU C 424 44.41 10.25 -16.45
CA GLU C 424 45.56 10.53 -15.60
C GLU C 424 45.20 11.39 -14.40
N VAL C 425 44.36 12.41 -14.58
CA VAL C 425 43.96 13.30 -13.50
C VAL C 425 42.50 13.05 -13.19
N ARG C 426 42.18 13.00 -11.89
CA ARG C 426 40.82 12.78 -11.43
C ARG C 426 40.19 14.00 -10.77
N ILE C 427 41.00 14.88 -10.19
CA ILE C 427 40.46 16.08 -9.56
C ILE C 427 40.21 17.15 -10.62
N LEU C 428 39.41 18.15 -10.24
CA LEU C 428 39.08 19.23 -11.16
C LEU C 428 40.33 20.08 -11.41
N ARG C 429 40.74 20.15 -12.67
CA ARG C 429 41.92 20.92 -13.02
C ARG C 429 41.60 22.41 -13.01
N LYS C 430 42.61 23.22 -12.67
CA LYS C 430 42.42 24.66 -12.61
C LYS C 430 42.12 25.26 -13.97
N GLU C 431 42.60 24.62 -15.04
CA GLU C 431 42.34 25.12 -16.39
C GLU C 431 40.95 24.75 -16.90
N ASP C 432 40.31 23.74 -16.32
CA ASP C 432 38.99 23.33 -16.78
C ASP C 432 37.93 24.36 -16.42
N VAL C 433 38.06 25.01 -15.27
CA VAL C 433 37.08 26.02 -14.87
C VAL C 433 37.10 27.20 -15.82
N LEU C 434 38.29 27.63 -16.24
CA LEU C 434 38.38 28.74 -17.18
C LEU C 434 37.77 28.38 -18.52
N ALA C 435 38.01 27.15 -19.00
CA ALA C 435 37.41 26.72 -20.26
C ALA C 435 35.90 26.65 -20.15
N VAL C 436 35.39 26.17 -19.02
CA VAL C 436 33.94 26.10 -18.83
C VAL C 436 33.33 27.49 -18.81
N LEU C 437 33.99 28.43 -18.12
CA LEU C 437 33.47 29.80 -18.09
C LEU C 437 33.51 30.44 -19.48
N LYS C 438 34.57 30.17 -20.25
CA LYS C 438 34.65 30.70 -21.59
C LYS C 438 33.55 30.13 -22.49
N VAL C 439 33.31 28.82 -22.39
CA VAL C 439 32.25 28.19 -23.18
C VAL C 439 30.89 28.74 -22.78
N LEU C 440 30.69 28.99 -21.49
CA LEU C 440 29.42 29.55 -21.04
C LEU C 440 29.22 30.97 -21.55
N VAL C 441 30.28 31.79 -21.50
CA VAL C 441 30.18 33.16 -22.00
C VAL C 441 29.94 33.16 -23.51
N GLY C 442 30.52 32.19 -24.22
CA GLY C 442 30.27 32.10 -25.64
C GLY C 442 28.85 31.66 -25.96
N LEU C 443 28.34 30.68 -25.23
CA LEU C 443 26.97 30.20 -25.44
C LEU C 443 25.93 31.24 -25.03
N ARG C 444 26.27 32.15 -24.11
CA ARG C 444 25.33 33.17 -23.69
C ARG C 444 24.94 34.07 -24.86
N ASP C 445 25.93 34.55 -25.61
CA ASP C 445 25.63 35.41 -26.75
C ASP C 445 25.00 34.65 -27.89
N GLY C 446 25.37 33.39 -28.09
CA GLY C 446 24.83 32.57 -29.15
C GLY C 446 25.91 31.67 -29.71
N ARG C 447 25.64 31.12 -30.90
CA ARG C 447 26.57 30.23 -31.58
C ARG C 447 26.86 28.97 -30.78
N GLY C 448 25.87 28.51 -30.00
CA GLY C 448 26.04 27.32 -29.20
C GLY C 448 24.75 26.56 -29.06
N GLU C 449 24.87 25.28 -28.72
CA GLU C 449 23.73 24.39 -28.54
C GLU C 449 23.78 23.79 -27.15
N ILE C 450 22.64 23.81 -26.46
CA ILE C 450 22.54 23.25 -25.11
C ILE C 450 22.52 21.73 -25.19
N ASP C 451 22.73 21.07 -24.06
CA ASP C 451 22.77 19.61 -23.99
C ASP C 451 21.58 19.14 -23.16
N ASP C 452 20.70 18.37 -23.79
CA ASP C 452 19.52 17.85 -23.10
C ASP C 452 19.91 16.77 -22.11
N ILE C 453 19.23 16.75 -20.97
CA ILE C 453 19.56 15.77 -19.93
C ILE C 453 18.88 14.43 -20.22
N ASP C 454 17.76 14.43 -20.94
CA ASP C 454 17.06 13.20 -21.27
C ASP C 454 17.72 12.41 -22.39
N ASN C 455 18.77 12.95 -23.01
CA ASN C 455 19.45 12.24 -24.08
C ASN C 455 20.09 10.96 -23.55
N LEU C 456 19.96 9.87 -24.31
CA LEU C 456 20.50 8.59 -23.88
C LEU C 456 22.03 8.59 -23.82
N GLY C 457 22.69 9.51 -24.53
CA GLY C 457 24.13 9.59 -24.47
C GLY C 457 24.66 10.17 -23.17
N ASN C 458 23.83 10.89 -22.43
CA ASN C 458 24.22 11.48 -21.16
C ASN C 458 23.77 10.66 -19.96
N ARG C 459 23.38 9.41 -20.18
CA ARG C 459 22.94 8.53 -19.11
C ARG C 459 23.73 7.23 -19.16
N ARG C 460 24.27 6.82 -18.01
CA ARG C 460 25.01 5.58 -17.89
C ARG C 460 24.29 4.64 -16.94
N VAL C 461 24.52 3.34 -17.12
CA VAL C 461 23.87 2.31 -16.33
C VAL C 461 24.86 1.76 -15.32
N ARG C 462 24.46 1.72 -14.05
CA ARG C 462 25.26 1.16 -12.97
C ARG C 462 24.74 -0.23 -12.65
N SER C 463 25.49 -1.26 -13.04
CA SER C 463 25.11 -2.63 -12.77
C SER C 463 25.49 -2.98 -11.33
N VAL C 464 25.40 -4.26 -10.98
CA VAL C 464 25.71 -4.68 -9.62
C VAL C 464 27.19 -4.50 -9.33
N GLY C 465 28.04 -4.56 -10.35
CA GLY C 465 29.48 -4.47 -10.13
C GLY C 465 29.90 -3.15 -9.52
N GLU C 466 29.51 -2.04 -10.15
CA GLU C 466 29.93 -0.73 -9.66
C GLU C 466 29.32 -0.42 -8.30
N LEU C 467 28.06 -0.80 -8.08
CA LEU C 467 27.42 -0.55 -6.80
C LEU C 467 28.12 -1.32 -5.68
N LEU C 468 28.36 -2.61 -5.90
CA LEU C 468 29.05 -3.41 -4.89
C LEU C 468 30.47 -2.91 -4.68
N GLU C 469 31.14 -2.43 -5.73
CA GLU C 469 32.47 -1.88 -5.58
C GLU C 469 32.46 -0.62 -4.73
N ASN C 470 31.48 0.27 -4.94
CA ASN C 470 31.38 1.46 -4.12
C ASN C 470 31.07 1.12 -2.66
N GLN C 471 30.19 0.15 -2.44
CA GLN C 471 29.89 -0.27 -1.08
C GLN C 471 31.12 -0.85 -0.39
N TYR C 472 31.86 -1.70 -1.10
CA TYR C 472 33.08 -2.27 -0.53
C TYR C 472 34.13 -1.19 -0.29
N ARG C 473 34.17 -0.16 -1.13
CA ARG C 473 35.12 0.92 -0.92
C ARG C 473 34.77 1.72 0.33
N VAL C 474 33.48 1.98 0.54
CA VAL C 474 33.06 2.67 1.77
C VAL C 474 33.40 1.82 3.00
N GLY C 475 33.14 0.51 2.92
CA GLY C 475 33.49 -0.37 4.02
C GLY C 475 34.98 -0.39 4.29
N LEU C 476 35.79 -0.41 3.23
CA LEU C 476 37.24 -0.41 3.39
C LEU C 476 37.73 0.90 3.97
N LEU C 477 37.10 2.01 3.60
CA LEU C 477 37.47 3.30 4.20
C LEU C 477 37.16 3.31 5.69
N ARG C 478 35.99 2.79 6.07
CA ARG C 478 35.65 2.70 7.49
C ARG C 478 36.63 1.80 8.24
N MET C 479 36.99 0.66 7.64
CA MET C 479 37.96 -0.24 8.26
C MET C 479 39.31 0.42 8.40
N GLU C 480 39.72 1.20 7.39
CA GLU C 480 41.01 1.90 7.46
C GLU C 480 41.00 2.94 8.57
N ARG C 481 39.90 3.68 8.71
CA ARG C 481 39.79 4.63 9.80
C ARG C 481 39.87 3.94 11.15
N ALA C 482 39.16 2.82 11.30
CA ALA C 482 39.21 2.07 12.56
C ALA C 482 40.62 1.56 12.86
N ILE C 483 41.31 1.06 11.83
CA ILE C 483 42.65 0.53 12.04
C ILE C 483 43.62 1.65 12.39
N LYS C 484 43.49 2.81 11.74
CA LYS C 484 44.35 3.94 12.06
C LYS C 484 44.10 4.44 13.47
N GLU C 485 42.84 4.39 13.93
CA GLU C 485 42.54 4.83 15.30
C GLU C 485 42.98 3.81 16.34
N ARG C 486 42.99 2.52 15.99
CA ARG C 486 43.37 1.48 16.94
C ARG C 486 44.85 1.18 16.96
N MET C 487 45.60 1.55 15.92
CA MET C 487 47.02 1.23 15.85
C MET C 487 47.86 2.10 16.77
N SER C 488 47.31 3.19 17.32
CA SER C 488 48.08 4.04 18.21
C SER C 488 48.15 3.48 19.62
N SER C 489 47.09 2.81 20.08
CA SER C 489 47.07 2.28 21.44
C SER C 489 48.05 1.12 21.57
N VAL C 490 47.88 0.08 20.75
CA VAL C 490 48.74 -1.09 20.82
C VAL C 490 50.15 -0.73 20.37
N ASP C 491 51.14 -1.28 21.06
CA ASP C 491 52.54 -1.03 20.72
C ASP C 491 52.87 -1.70 19.39
N ILE C 492 53.31 -0.90 18.41
CA ILE C 492 53.65 -1.45 17.11
C ILE C 492 54.90 -2.32 17.19
N ASP C 493 55.85 -1.96 18.06
CA ASP C 493 57.07 -2.74 18.20
C ASP C 493 56.77 -4.10 18.82
N THR C 494 57.41 -5.14 18.29
CA THR C 494 57.23 -6.50 18.79
C THR C 494 55.77 -6.95 18.65
N VAL C 495 55.20 -6.71 17.47
CA VAL C 495 53.83 -7.06 17.16
C VAL C 495 53.80 -7.87 15.87
N MET C 496 52.61 -8.27 15.47
CA MET C 496 52.41 -9.06 14.25
C MET C 496 51.07 -8.69 13.61
N PRO C 497 50.76 -9.25 12.45
CA PRO C 497 49.47 -8.93 11.81
C PRO C 497 48.35 -9.85 12.28
N HIS C 498 47.16 -9.66 11.74
CA HIS C 498 45.93 -10.42 12.00
C HIS C 498 45.31 -10.05 13.34
N ASP C 499 45.93 -9.19 14.15
CA ASP C 499 45.37 -8.77 15.43
C ASP C 499 44.87 -7.33 15.42
N LEU C 500 45.56 -6.44 14.71
CA LEU C 500 45.14 -5.05 14.59
C LEU C 500 44.25 -4.84 13.36
N ILE C 501 43.23 -5.68 13.24
CA ILE C 501 42.29 -5.62 12.13
C ILE C 501 40.93 -6.09 12.62
N ASN C 502 39.90 -5.28 12.39
CA ASN C 502 38.56 -5.63 12.82
C ASN C 502 38.06 -6.86 12.06
N ALA C 503 37.37 -7.74 12.78
CA ALA C 503 36.87 -8.96 12.17
C ALA C 503 35.79 -8.66 11.14
N LYS C 504 34.83 -7.81 11.49
CA LYS C 504 33.73 -7.43 10.60
C LYS C 504 33.61 -5.91 10.57
N PRO C 505 34.61 -5.21 10.03
CA PRO C 505 34.52 -3.75 9.93
C PRO C 505 33.79 -3.32 8.67
N ALA C 506 33.80 -4.19 7.65
CA ALA C 506 33.14 -3.91 6.38
C ALA C 506 32.27 -5.04 5.88
N ALA C 507 32.25 -6.20 6.55
CA ALA C 507 31.38 -7.29 6.11
C ALA C 507 29.91 -6.93 6.28
N ALA C 508 29.58 -6.15 7.31
CA ALA C 508 28.21 -5.71 7.48
C ALA C 508 27.78 -4.76 6.37
N ALA C 509 28.70 -3.92 5.89
CA ALA C 509 28.37 -3.00 4.82
C ALA C 509 28.05 -3.72 3.52
N VAL C 510 28.66 -4.87 3.28
CA VAL C 510 28.35 -5.65 2.09
C VAL C 510 27.16 -6.59 2.32
N ARG C 511 26.92 -6.99 3.57
CA ARG C 511 25.76 -7.84 3.85
C ARG C 511 24.47 -7.03 3.82
N GLU C 512 24.51 -5.76 4.20
CA GLU C 512 23.32 -4.93 4.17
C GLU C 512 22.93 -4.52 2.76
N PHE C 513 23.88 -4.57 1.82
CA PHE C 513 23.56 -4.21 0.44
C PHE C 513 22.57 -5.19 -0.17
N PHE C 514 22.86 -6.49 -0.06
CA PHE C 514 21.94 -7.50 -0.60
C PHE C 514 20.67 -7.60 0.23
N GLY C 515 20.75 -7.37 1.53
CA GLY C 515 19.60 -7.49 2.40
C GLY C 515 18.60 -6.36 2.25
N SER C 516 19.04 -5.13 2.50
CA SER C 516 18.19 -3.95 2.45
C SER C 516 18.75 -2.99 1.41
N SER C 517 18.04 -2.86 0.28
CA SER C 517 18.46 -1.97 -0.78
C SER C 517 17.32 -1.84 -1.78
N GLN C 518 17.08 -0.62 -2.26
CA GLN C 518 16.01 -0.41 -3.23
C GLN C 518 16.30 -1.10 -4.55
N LEU C 519 17.57 -1.21 -4.93
CA LEU C 519 17.92 -1.88 -6.19
C LEU C 519 17.75 -3.38 -6.07
N SER C 520 18.43 -4.01 -5.12
CA SER C 520 18.31 -5.45 -4.91
C SER C 520 16.92 -5.76 -4.41
N GLN C 521 16.10 -6.36 -5.26
CA GLN C 521 14.72 -6.67 -4.96
C GLN C 521 14.48 -8.18 -5.07
N PHE C 522 13.26 -8.59 -4.72
CA PHE C 522 12.90 -10.00 -4.76
C PHE C 522 12.91 -10.51 -6.20
N MET C 523 13.22 -11.79 -6.36
CA MET C 523 13.27 -12.41 -7.67
C MET C 523 11.88 -12.83 -8.12
N ASP C 524 11.52 -12.47 -9.36
CA ASP C 524 10.22 -12.82 -9.92
C ASP C 524 10.37 -14.14 -10.68
N GLN C 525 10.47 -15.23 -9.91
CA GLN C 525 10.65 -16.56 -10.48
C GLN C 525 9.30 -17.27 -10.60
N THR C 526 8.52 -16.80 -11.57
CA THR C 526 7.21 -17.38 -11.86
C THR C 526 7.18 -18.23 -13.12
N ASN C 527 8.06 -17.96 -14.08
CA ASN C 527 8.13 -18.73 -15.32
C ASN C 527 9.44 -18.43 -16.02
N PRO C 528 9.80 -19.20 -17.06
CA PRO C 528 11.09 -18.94 -17.73
C PRO C 528 11.17 -17.59 -18.41
N LEU C 529 10.04 -16.95 -18.72
CA LEU C 529 10.10 -15.64 -19.36
C LEU C 529 10.39 -14.54 -18.35
N SER C 530 9.85 -14.65 -17.13
CA SER C 530 10.10 -13.64 -16.11
C SER C 530 11.52 -13.72 -15.58
N GLU C 531 12.12 -14.91 -15.57
CA GLU C 531 13.50 -15.05 -15.10
C GLU C 531 14.48 -14.35 -16.03
N ILE C 532 14.12 -14.20 -17.30
CA ILE C 532 15.00 -13.55 -18.27
C ILE C 532 14.67 -12.08 -18.49
N THR C 533 13.46 -11.64 -18.13
CA THR C 533 13.06 -10.25 -18.29
C THR C 533 13.28 -9.42 -17.03
N HIS C 534 13.52 -10.06 -15.90
CA HIS C 534 13.78 -9.34 -14.65
C HIS C 534 15.25 -8.98 -14.48
N LYS C 535 16.15 -9.63 -15.21
CA LYS C 535 17.57 -9.32 -15.14
C LYS C 535 17.99 -8.25 -16.14
N ARG C 536 17.25 -8.09 -17.24
CA ARG C 536 17.51 -7.05 -18.22
C ARG C 536 16.74 -5.76 -17.92
N ARG C 537 16.42 -5.51 -16.66
CA ARG C 537 15.64 -4.35 -16.27
C ARG C 537 16.56 -3.20 -15.91
N LEU C 538 16.14 -1.98 -16.23
CA LEU C 538 16.90 -0.76 -15.98
C LEU C 538 16.05 0.15 -15.11
N SER C 539 16.26 0.09 -13.80
CA SER C 539 15.52 0.93 -12.87
C SER C 539 16.17 2.31 -12.77
N ALA C 540 15.36 3.28 -12.36
CA ALA C 540 15.83 4.66 -12.19
C ALA C 540 15.78 5.14 -10.75
N LEU C 541 15.35 4.30 -9.81
CA LEU C 541 15.28 4.66 -8.40
C LEU C 541 16.46 4.06 -7.66
N GLY C 542 16.46 4.21 -6.33
CA GLY C 542 17.50 3.66 -5.50
C GLY C 542 18.38 4.73 -4.88
N PRO C 543 19.55 4.33 -4.37
CA PRO C 543 20.48 5.28 -3.72
C PRO C 543 21.24 6.12 -4.74
N GLY C 544 20.60 7.21 -5.17
CA GLY C 544 21.20 8.10 -6.15
C GLY C 544 20.32 8.30 -7.37
N GLY C 545 19.03 8.00 -7.23
CA GLY C 545 18.09 8.15 -8.32
C GLY C 545 16.91 9.03 -7.97
N LEU C 546 16.21 9.53 -8.98
CA LEU C 546 15.08 10.41 -8.74
C LEU C 546 13.93 9.65 -8.08
N THR C 547 13.41 10.20 -6.99
CA THR C 547 12.29 9.58 -6.29
C THR C 547 11.04 9.62 -7.18
N ARG C 548 10.11 8.69 -6.91
CA ARG C 548 8.89 8.61 -7.70
C ARG C 548 8.09 9.91 -7.63
N GLU C 549 8.08 10.56 -6.47
CA GLU C 549 7.39 11.85 -6.34
C GLU C 549 8.16 13.00 -6.97
N ARG C 550 9.46 12.84 -7.18
CA ARG C 550 10.30 13.85 -7.79
C ARG C 550 10.59 13.57 -9.26
N ALA C 551 9.92 12.58 -9.85
CA ALA C 551 10.18 12.23 -11.25
C ALA C 551 9.77 13.35 -12.17
N GLY C 552 8.49 13.73 -12.15
CA GLY C 552 8.00 14.79 -13.00
C GLY C 552 7.28 14.27 -14.24
N PHE C 553 7.56 14.88 -15.39
CA PHE C 553 6.92 14.47 -16.64
C PHE C 553 7.94 14.19 -17.73
N GLU C 554 9.11 14.83 -17.64
CA GLU C 554 10.13 14.65 -18.65
C GLU C 554 10.87 13.32 -18.49
N VAL C 555 11.04 12.85 -17.27
CA VAL C 555 11.73 11.59 -17.04
C VAL C 555 10.89 10.42 -17.52
N ARG C 556 9.58 10.50 -17.34
CA ARG C 556 8.69 9.43 -17.77
C ARG C 556 8.47 9.41 -19.27
N ASP C 557 8.78 10.50 -19.97
CA ASP C 557 8.57 10.57 -21.40
C ASP C 557 9.67 9.81 -22.15
N VAL C 558 9.33 9.37 -23.35
CA VAL C 558 10.24 8.61 -24.21
C VAL C 558 10.95 9.56 -25.16
N HIS C 559 12.27 9.36 -25.31
CA HIS C 559 13.22 10.13 -26.10
C HIS C 559 13.51 9.43 -27.41
N PRO C 560 13.73 10.17 -28.50
CA PRO C 560 13.93 9.53 -29.81
C PRO C 560 15.29 8.84 -29.98
N THR C 561 16.14 8.86 -28.96
CA THR C 561 17.41 8.15 -29.02
C THR C 561 17.31 6.72 -28.52
N HIS C 562 16.16 6.33 -27.94
CA HIS C 562 15.94 4.98 -27.45
C HIS C 562 15.70 3.97 -28.57
N TYR C 563 15.84 4.36 -29.83
CA TYR C 563 15.64 3.46 -30.95
C TYR C 563 16.74 2.41 -30.97
N GLY C 564 16.40 1.18 -30.60
CA GLY C 564 17.36 0.09 -30.60
C GLY C 564 18.22 -0.01 -29.35
N ARG C 565 17.92 0.75 -28.31
CA ARG C 565 18.70 0.70 -27.08
C ARG C 565 17.80 0.45 -25.88
N ILE C 566 16.57 0.96 -25.93
CA ILE C 566 15.59 0.76 -24.87
C ILE C 566 14.23 0.58 -25.52
N CYS C 567 13.64 -0.59 -25.33
CA CYS C 567 12.34 -0.91 -25.91
C CYS C 567 11.24 -0.08 -25.26
N PRO C 568 10.60 0.85 -25.97
CA PRO C 568 9.52 1.62 -25.36
C PRO C 568 8.17 0.91 -25.42
N ILE C 569 8.16 -0.38 -25.13
CA ILE C 569 6.92 -1.16 -25.10
C ILE C 569 6.73 -1.96 -23.82
N GLU C 570 7.79 -2.23 -23.06
CA GLU C 570 7.71 -2.99 -21.82
C GLU C 570 7.92 -2.03 -20.66
N THR C 571 6.81 -1.63 -20.02
CA THR C 571 6.86 -0.70 -18.90
C THR C 571 5.63 -0.92 -18.04
N PRO C 572 5.78 -0.89 -16.72
CA PRO C 572 4.62 -1.07 -15.85
C PRO C 572 3.64 0.08 -15.99
N GLU C 573 2.34 -0.27 -16.07
CA GLU C 573 1.28 0.71 -16.25
C GLU C 573 0.79 1.29 -14.92
N GLY C 574 1.57 1.16 -13.85
CA GLY C 574 1.21 1.69 -12.56
C GLY C 574 1.64 3.12 -12.38
N PRO C 575 1.84 3.54 -11.13
CA PRO C 575 2.28 4.92 -10.88
C PRO C 575 3.67 5.20 -11.43
N ASN C 576 4.60 4.26 -11.28
CA ASN C 576 5.97 4.45 -11.77
C ASN C 576 6.06 3.99 -13.23
N ILE C 577 5.40 4.75 -14.09
CA ILE C 577 5.41 4.50 -15.53
C ILE C 577 6.55 5.28 -16.16
N GLY C 578 7.26 4.64 -17.10
CA GLY C 578 8.38 5.27 -17.75
C GLY C 578 9.65 5.30 -16.94
N LEU C 579 9.74 4.49 -15.88
CA LEU C 579 10.94 4.44 -15.05
C LEU C 579 11.51 3.04 -14.87
N ILE C 580 10.83 2.00 -15.37
CA ILE C 580 11.30 0.63 -15.20
C ILE C 580 11.44 -0.01 -16.57
N ASN C 581 11.84 0.80 -17.55
CA ASN C 581 12.02 0.28 -18.90
C ASN C 581 13.22 -0.66 -18.96
N SER C 582 13.14 -1.64 -19.86
CA SER C 582 14.19 -2.63 -20.03
C SER C 582 14.99 -2.35 -21.30
N LEU C 583 15.99 -3.18 -21.56
CA LEU C 583 16.83 -3.03 -22.74
C LEU C 583 16.19 -3.73 -23.93
N ALA C 584 16.86 -3.63 -25.08
CA ALA C 584 16.40 -4.28 -26.29
C ALA C 584 16.99 -5.69 -26.39
N THR C 585 16.84 -6.32 -27.55
CA THR C 585 17.38 -7.66 -27.72
C THR C 585 18.85 -7.66 -28.11
N HIS C 586 19.28 -6.67 -28.89
CA HIS C 586 20.66 -6.58 -29.33
C HIS C 586 21.46 -5.50 -28.61
N ALA C 587 20.83 -4.78 -27.68
CA ALA C 587 21.53 -3.71 -26.98
C ALA C 587 22.59 -4.27 -26.04
N ARG C 588 23.72 -3.55 -25.95
CA ARG C 588 24.80 -3.94 -25.06
C ARG C 588 25.22 -2.77 -24.19
N VAL C 589 26.30 -2.93 -23.43
CA VAL C 589 26.81 -1.89 -22.56
C VAL C 589 28.32 -1.82 -22.72
N ASN C 590 28.84 -0.63 -23.02
CA ASN C 590 30.27 -0.45 -23.19
C ASN C 590 30.97 -0.56 -21.84
N LYS C 591 32.31 -0.50 -21.88
CA LYS C 591 33.09 -0.57 -20.65
C LYS C 591 32.88 0.68 -19.79
N TYR C 592 32.55 1.81 -20.42
CA TYR C 592 32.32 3.03 -19.66
C TYR C 592 30.99 2.97 -18.91
N GLY C 593 29.94 2.48 -19.55
CA GLY C 593 28.64 2.37 -18.92
C GLY C 593 27.51 2.79 -19.82
N PHE C 594 27.82 3.22 -21.04
CA PHE C 594 26.80 3.65 -21.98
C PHE C 594 26.19 2.45 -22.69
N ILE C 595 25.02 2.67 -23.29
CA ILE C 595 24.30 1.63 -23.99
C ILE C 595 24.75 1.60 -25.44
N GLU C 596 24.99 0.41 -25.97
CA GLU C 596 25.45 0.21 -27.32
C GLU C 596 24.38 -0.49 -28.16
N SER C 597 24.39 -0.21 -29.47
CA SER C 597 23.46 -0.81 -30.40
C SER C 597 24.20 -1.25 -31.65
N PRO C 598 23.87 -2.41 -32.21
CA PRO C 598 24.56 -2.88 -33.40
C PRO C 598 24.01 -2.23 -34.67
N TYR C 599 24.93 -1.82 -35.53
CA TYR C 599 24.56 -1.20 -36.81
C TYR C 599 25.45 -1.77 -37.90
N ARG C 600 24.84 -2.42 -38.88
CA ARG C 600 25.59 -3.01 -39.99
C ARG C 600 26.14 -1.90 -40.88
N ARG C 601 27.46 -1.79 -40.94
CA ARG C 601 28.09 -0.75 -41.75
C ARG C 601 27.83 -1.01 -43.23
N VAL C 602 27.47 0.04 -43.96
CA VAL C 602 27.19 -0.04 -45.38
C VAL C 602 28.02 1.01 -46.11
N LYS C 603 28.67 0.61 -47.19
CA LYS C 603 29.47 1.52 -47.99
C LYS C 603 28.58 2.19 -49.04
N ASP C 604 29.19 2.87 -50.00
CA ASP C 604 28.43 3.55 -51.04
C ASP C 604 27.75 2.51 -51.92
N GLY C 605 26.45 2.36 -51.75
CA GLY C 605 25.68 1.41 -52.54
C GLY C 605 25.77 -0.01 -52.02
N LYS C 606 26.92 -0.66 -52.23
CA LYS C 606 27.10 -2.05 -51.81
C LYS C 606 27.19 -2.12 -50.30
N PRO C 607 26.25 -2.79 -49.62
CA PRO C 607 26.33 -2.89 -48.16
C PRO C 607 27.39 -3.89 -47.74
N GLN C 608 28.19 -3.51 -46.74
CA GLN C 608 29.25 -4.37 -46.25
C GLN C 608 28.66 -5.46 -45.35
N ASP C 609 29.51 -6.40 -44.96
CA ASP C 609 29.12 -7.52 -44.10
C ASP C 609 29.90 -7.51 -42.78
N GLU C 610 30.24 -6.32 -42.28
CA GLU C 610 31.00 -6.16 -41.04
C GLU C 610 30.17 -5.30 -40.09
N VAL C 611 29.35 -5.96 -39.27
CA VAL C 611 28.52 -5.25 -38.31
C VAL C 611 29.39 -4.68 -37.20
N VAL C 612 29.15 -3.43 -36.84
CA VAL C 612 29.90 -2.74 -35.80
C VAL C 612 28.91 -2.09 -34.84
N TYR C 613 29.21 -2.18 -33.54
CA TYR C 613 28.35 -1.58 -32.52
C TYR C 613 28.61 -0.08 -32.44
N MET C 614 27.57 0.71 -32.63
CA MET C 614 27.66 2.17 -32.61
C MET C 614 27.05 2.69 -31.32
N SER C 615 27.81 3.51 -30.59
CA SER C 615 27.32 4.07 -29.35
C SER C 615 26.25 5.13 -29.63
N ALA C 616 25.59 5.56 -28.56
CA ALA C 616 24.52 6.54 -28.69
C ALA C 616 25.08 7.93 -29.01
N MET C 617 26.13 8.33 -28.31
CA MET C 617 26.70 9.65 -28.53
C MET C 617 27.47 9.73 -29.85
N GLU C 618 28.08 8.62 -30.27
CA GLU C 618 28.86 8.61 -31.49
C GLU C 618 28.00 8.49 -32.75
N GLU C 619 26.80 7.92 -32.62
CA GLU C 619 25.91 7.74 -33.76
C GLU C 619 25.20 9.02 -34.17
N SER C 620 25.38 10.11 -33.43
CA SER C 620 24.71 11.37 -33.79
C SER C 620 25.25 11.93 -35.10
N LYS C 621 26.56 11.84 -35.30
CA LYS C 621 27.19 12.38 -36.51
C LYS C 621 27.28 11.31 -37.60
N HIS C 622 26.15 10.70 -37.92
CA HIS C 622 26.09 9.66 -38.94
C HIS C 622 24.68 9.60 -39.50
N VAL C 623 24.52 8.82 -40.56
CA VAL C 623 23.22 8.61 -41.19
C VAL C 623 22.83 7.14 -41.00
N ILE C 624 21.56 6.91 -40.70
CA ILE C 624 21.04 5.57 -40.45
C ILE C 624 19.97 5.26 -41.49
N ALA C 625 20.06 4.08 -42.08
CA ALA C 625 19.09 3.61 -43.06
C ALA C 625 18.30 2.45 -42.48
N GLN C 626 16.97 2.52 -42.58
CA GLN C 626 16.12 1.49 -42.03
C GLN C 626 16.29 0.18 -42.82
N SER C 627 15.83 -0.91 -42.20
CA SER C 627 15.90 -2.22 -42.83
C SER C 627 14.77 -2.37 -43.83
N ASN C 628 14.56 -3.59 -44.31
CA ASN C 628 13.51 -3.91 -45.29
C ASN C 628 13.73 -3.22 -46.63
N ILE C 629 14.97 -2.86 -46.94
CA ILE C 629 15.29 -2.24 -48.22
C ILE C 629 15.50 -3.32 -49.26
N LYS C 630 15.13 -3.00 -50.51
CA LYS C 630 15.30 -3.95 -51.61
C LYS C 630 16.78 -4.22 -51.85
N VAL C 631 17.21 -5.44 -51.57
CA VAL C 631 18.62 -5.82 -51.72
C VAL C 631 18.74 -6.90 -52.78
N ALA C 632 17.83 -6.89 -53.75
CA ALA C 632 17.89 -7.86 -54.84
C ALA C 632 19.17 -7.72 -55.65
N GLU C 633 19.54 -6.49 -55.98
CA GLU C 633 20.77 -6.22 -56.70
C GLU C 633 21.90 -5.97 -55.70
N GLY C 634 23.05 -5.50 -56.19
CA GLY C 634 24.17 -5.23 -55.31
C GLY C 634 23.91 -4.08 -54.36
N GLU C 635 23.05 -3.15 -54.74
CA GLU C 635 22.73 -1.99 -53.92
C GLU C 635 21.23 -1.71 -54.01
N ILE C 636 20.77 -0.83 -53.12
CA ILE C 636 19.36 -0.45 -53.11
C ILE C 636 19.05 0.33 -54.37
N VAL C 637 18.04 -0.13 -55.12
CA VAL C 637 17.68 0.52 -56.38
C VAL C 637 16.59 1.57 -56.22
N GLU C 638 15.94 1.64 -55.05
CA GLU C 638 14.85 2.61 -54.87
C GLU C 638 15.38 4.03 -54.87
N ASP C 639 16.54 4.26 -54.25
CA ASP C 639 17.19 5.57 -54.13
C ASP C 639 16.44 6.52 -53.22
N LEU C 640 15.40 6.05 -52.52
CA LEU C 640 14.64 6.86 -51.58
C LEU C 640 14.34 6.07 -50.32
N VAL C 641 15.35 5.36 -49.81
CA VAL C 641 15.15 4.51 -48.63
C VAL C 641 14.84 5.38 -47.42
N PRO C 642 13.90 4.98 -46.55
CA PRO C 642 13.60 5.79 -45.36
C PRO C 642 14.68 5.62 -44.31
N GLY C 643 15.25 6.75 -43.88
CA GLY C 643 16.29 6.72 -42.87
C GLY C 643 16.23 7.97 -42.01
N ARG C 644 16.78 7.84 -40.81
CA ARG C 644 16.82 8.93 -39.83
C ARG C 644 18.25 9.43 -39.73
N ILE C 645 18.47 10.68 -40.14
CA ILE C 645 19.80 11.27 -40.07
C ILE C 645 20.21 11.46 -38.61
N ASN C 646 19.44 12.26 -37.88
CA ASN C 646 19.72 12.50 -36.46
C ASN C 646 18.38 12.76 -35.77
N GLY C 647 17.78 11.69 -35.22
CA GLY C 647 16.52 11.82 -34.52
C GLY C 647 15.30 11.74 -35.41
N GLU C 648 15.05 12.80 -36.19
CA GLU C 648 13.86 12.81 -37.02
C GLU C 648 14.10 12.04 -38.33
N PRO C 649 13.13 11.25 -38.76
CA PRO C 649 13.29 10.51 -40.02
C PRO C 649 12.87 11.32 -41.23
N THR C 650 13.75 11.43 -42.23
CA THR C 650 13.46 12.12 -43.47
C THR C 650 13.97 11.30 -44.63
N LEU C 651 13.28 11.38 -45.76
CA LEU C 651 13.67 10.65 -46.95
C LEU C 651 15.04 11.12 -47.44
N LEU C 652 16.05 10.27 -47.34
CA LEU C 652 17.41 10.59 -47.73
C LEU C 652 17.81 9.79 -48.97
N GLN C 653 18.86 10.24 -49.63
CA GLN C 653 19.34 9.61 -50.84
C GLN C 653 20.26 8.43 -50.49
N LYS C 654 20.68 7.71 -51.52
CA LYS C 654 21.58 6.58 -51.37
C LYS C 654 23.05 7.00 -51.26
N GLU C 655 23.33 8.29 -51.24
CA GLU C 655 24.70 8.80 -51.19
C GLU C 655 25.13 9.02 -49.74
N THR C 656 26.30 8.52 -49.40
CA THR C 656 26.89 8.68 -48.06
C THR C 656 26.07 7.98 -46.98
N VAL C 657 25.36 6.93 -47.34
CA VAL C 657 24.67 6.09 -46.35
C VAL C 657 25.70 5.15 -45.75
N ASP C 658 26.04 5.37 -44.48
CA ASP C 658 27.11 4.63 -43.84
C ASP C 658 26.63 3.51 -42.92
N LEU C 659 25.49 3.69 -42.26
CA LEU C 659 24.96 2.71 -41.33
C LEU C 659 23.59 2.25 -41.78
N MET C 660 23.32 0.95 -41.59
CA MET C 660 22.05 0.35 -41.94
C MET C 660 21.52 -0.47 -40.77
N ASP C 661 20.20 -0.57 -40.68
CA ASP C 661 19.60 -1.34 -39.61
C ASP C 661 19.97 -2.81 -39.72
N VAL C 662 20.28 -3.43 -38.58
CA VAL C 662 20.72 -4.82 -38.58
C VAL C 662 19.54 -5.76 -38.67
N SER C 663 18.42 -5.42 -38.03
CA SER C 663 17.24 -6.29 -38.04
C SER C 663 16.04 -5.53 -37.52
N PRO C 664 14.83 -5.86 -37.99
CA PRO C 664 13.64 -5.13 -37.51
C PRO C 664 13.33 -5.38 -36.05
N ARG C 665 13.64 -6.57 -35.53
CA ARG C 665 13.37 -6.90 -34.13
C ARG C 665 14.54 -6.47 -33.24
N GLN C 666 14.86 -5.18 -33.32
CA GLN C 666 15.94 -4.59 -32.55
C GLN C 666 15.48 -3.53 -31.56
N VAL C 667 14.34 -2.88 -31.81
CA VAL C 667 13.84 -1.86 -30.90
C VAL C 667 12.83 -2.41 -29.90
N VAL C 668 12.49 -3.69 -29.99
CA VAL C 668 11.51 -4.32 -29.10
C VAL C 668 12.24 -5.21 -28.11
N SER C 669 11.69 -5.29 -26.90
CA SER C 669 12.29 -6.10 -25.87
C SER C 669 12.00 -7.58 -26.10
N VAL C 670 12.60 -8.43 -25.26
CA VAL C 670 12.37 -9.86 -25.39
C VAL C 670 10.94 -10.23 -25.05
N ALA C 671 10.31 -9.50 -24.12
CA ALA C 671 8.93 -9.80 -23.75
C ALA C 671 7.97 -9.44 -24.88
N ALA C 672 8.15 -8.26 -25.49
CA ALA C 672 7.27 -7.83 -26.57
C ALA C 672 7.56 -8.55 -27.88
N ALA C 673 8.74 -9.15 -28.03
CA ALA C 673 9.06 -9.85 -29.27
C ALA C 673 8.24 -11.13 -29.44
N LEU C 674 7.74 -11.72 -28.35
CA LEU C 674 6.96 -12.94 -28.45
C LEU C 674 5.54 -12.68 -28.95
N ILE C 675 5.07 -11.44 -28.92
CA ILE C 675 3.72 -11.10 -29.37
C ILE C 675 3.62 -11.33 -30.87
N PRO C 676 2.84 -12.32 -31.33
CA PRO C 676 2.72 -12.56 -32.77
C PRO C 676 1.80 -11.54 -33.43
N PHE C 677 2.09 -11.28 -34.70
CA PHE C 677 1.31 -10.34 -35.50
C PHE C 677 1.35 -8.93 -34.91
N LEU C 678 2.54 -8.52 -34.46
CA LEU C 678 2.72 -7.18 -33.95
C LEU C 678 2.59 -6.16 -35.07
N GLU C 679 2.65 -4.89 -34.69
CA GLU C 679 2.52 -3.74 -35.60
C GLU C 679 1.11 -3.57 -36.14
N ASN C 680 0.15 -4.36 -35.65
CA ASN C 680 -1.24 -4.25 -36.08
C ASN C 680 -2.17 -3.77 -34.97
N ASP C 681 -1.68 -3.63 -33.74
CA ASP C 681 -2.47 -3.16 -32.62
C ASP C 681 -1.93 -1.82 -32.13
N ASP C 682 -2.68 -1.20 -31.23
CA ASP C 682 -2.29 0.10 -30.69
C ASP C 682 -1.04 -0.04 -29.83
N ALA C 683 -0.31 1.07 -29.71
CA ALA C 683 0.92 1.07 -28.92
C ALA C 683 0.61 0.88 -27.43
N ASN C 684 -0.44 1.54 -26.93
CA ASN C 684 -0.77 1.43 -25.52
C ASN C 684 -1.31 0.04 -25.18
N ARG C 685 -2.12 -0.53 -26.08
CA ARG C 685 -2.67 -1.86 -25.81
C ARG C 685 -1.59 -2.93 -25.87
N ALA C 686 -0.59 -2.76 -26.73
CA ALA C 686 0.51 -3.71 -26.78
C ALA C 686 1.34 -3.67 -25.50
N LEU C 687 1.37 -2.54 -24.82
CA LEU C 687 2.09 -2.44 -23.55
C LEU C 687 1.47 -3.34 -22.49
N MET C 688 0.15 -3.44 -22.47
CA MET C 688 -0.52 -4.32 -21.51
C MET C 688 -0.26 -5.79 -21.83
N GLY C 689 -0.17 -6.14 -23.11
CA GLY C 689 0.11 -7.52 -23.47
C GLY C 689 1.50 -7.98 -23.06
N SER C 690 2.45 -7.04 -22.96
CA SER C 690 3.80 -7.41 -22.53
C SER C 690 3.83 -7.72 -21.04
N ASN C 691 3.08 -6.96 -20.23
CA ASN C 691 3.04 -7.23 -18.80
C ASN C 691 2.34 -8.55 -18.50
N MET C 692 1.32 -8.91 -19.28
CA MET C 692 0.63 -10.17 -19.07
C MET C 692 1.44 -11.37 -19.56
N GLN C 693 2.48 -11.13 -20.36
CA GLN C 693 3.32 -12.22 -20.83
C GLN C 693 4.07 -12.86 -19.67
N ARG C 694 4.75 -12.05 -18.86
CA ARG C 694 5.50 -12.55 -17.71
C ARG C 694 4.64 -12.57 -16.45
N GLN C 695 3.43 -13.14 -16.56
CA GLN C 695 2.55 -13.28 -15.42
C GLN C 695 1.77 -14.59 -15.42
N ALA C 696 2.02 -15.49 -16.36
CA ALA C 696 1.25 -16.71 -16.49
C ALA C 696 1.90 -17.84 -15.69
N VAL C 697 1.13 -18.48 -14.84
CA VAL C 697 1.64 -19.61 -14.05
C VAL C 697 1.90 -20.78 -14.98
N PRO C 698 2.99 -21.54 -14.80
CA PRO C 698 3.26 -22.69 -15.68
C PRO C 698 2.22 -23.78 -15.49
N LEU C 699 1.57 -24.16 -16.58
CA LEU C 699 0.55 -25.20 -16.56
C LEU C 699 1.18 -26.57 -16.77
N VAL C 700 0.48 -27.60 -16.31
CA VAL C 700 0.94 -28.97 -16.47
C VAL C 700 0.57 -29.46 -17.87
N GLN C 701 1.53 -30.05 -18.57
CA GLN C 701 1.34 -30.55 -19.92
C GLN C 701 0.93 -29.43 -20.88
N SER C 702 1.83 -28.46 -21.01
CA SER C 702 1.62 -27.34 -21.91
C SER C 702 2.23 -27.65 -23.28
N ASP C 703 1.88 -26.81 -24.26
CA ASP C 703 2.37 -26.97 -25.62
C ASP C 703 2.81 -25.62 -26.17
N ALA C 704 3.61 -25.67 -27.23
CA ALA C 704 4.06 -24.44 -27.86
C ALA C 704 2.92 -23.79 -28.65
N PRO C 705 2.96 -22.48 -28.82
CA PRO C 705 1.89 -21.80 -29.57
C PRO C 705 1.92 -22.16 -31.04
N LEU C 706 0.74 -22.23 -31.64
CA LEU C 706 0.66 -22.51 -33.07
C LEU C 706 1.23 -21.36 -33.89
N VAL C 707 0.98 -20.12 -33.48
CA VAL C 707 1.51 -18.94 -34.15
C VAL C 707 2.52 -18.31 -33.20
N GLY C 708 3.80 -18.53 -33.47
CA GLY C 708 4.87 -18.00 -32.64
C GLY C 708 5.76 -17.07 -33.43
N THR C 709 6.38 -16.12 -32.73
CA THR C 709 7.27 -15.15 -33.35
C THR C 709 8.67 -15.69 -33.58
N GLY C 710 8.96 -16.92 -33.17
CA GLY C 710 10.26 -17.50 -33.33
C GLY C 710 11.27 -17.16 -32.25
N MET C 711 11.05 -16.06 -31.51
CA MET C 711 11.96 -15.68 -30.44
C MET C 711 11.77 -16.53 -29.18
N GLU C 712 10.74 -17.37 -29.14
CA GLU C 712 10.49 -18.17 -27.94
C GLU C 712 11.58 -19.22 -27.74
N ALA C 713 12.07 -19.81 -28.83
CA ALA C 713 13.11 -20.83 -28.72
C ALA C 713 14.40 -20.24 -28.16
N VAL C 714 14.79 -19.06 -28.63
CA VAL C 714 16.03 -18.44 -28.15
C VAL C 714 15.89 -18.05 -26.68
N VAL C 715 14.76 -17.46 -26.29
CA VAL C 715 14.58 -17.06 -24.90
C VAL C 715 14.45 -18.28 -24.00
N ALA C 716 13.99 -19.42 -24.52
CA ALA C 716 13.90 -20.63 -23.72
C ALA C 716 15.27 -21.26 -23.53
N ARG C 717 16.04 -21.39 -24.61
CA ARG C 717 17.36 -22.01 -24.50
C ARG C 717 18.36 -21.10 -23.81
N ASP C 718 18.15 -19.78 -23.89
CA ASP C 718 19.10 -18.84 -23.29
C ASP C 718 18.93 -18.77 -21.77
N SER C 719 17.68 -18.69 -21.31
CA SER C 719 17.43 -18.61 -19.88
C SER C 719 17.84 -19.91 -19.18
N GLY C 720 18.11 -19.80 -17.89
CA GLY C 720 18.52 -20.95 -17.10
C GLY C 720 17.36 -21.77 -16.59
N ALA C 721 16.52 -22.26 -17.50
CA ALA C 721 15.36 -23.06 -17.14
C ALA C 721 15.36 -24.45 -17.75
N VAL C 722 16.27 -24.74 -18.69
CA VAL C 722 16.33 -26.05 -19.33
C VAL C 722 17.78 -26.53 -19.31
N VAL C 723 17.94 -27.84 -19.20
CA VAL C 723 19.26 -28.45 -19.19
C VAL C 723 19.78 -28.55 -20.62
N ILE C 724 21.09 -28.49 -20.77
CA ILE C 724 21.74 -28.56 -22.08
C ILE C 724 22.93 -29.51 -21.99
N ALA C 725 23.08 -30.36 -23.00
CA ALA C 725 24.17 -31.31 -23.02
C ALA C 725 25.51 -30.60 -23.18
N LYS C 726 26.53 -31.10 -22.47
CA LYS C 726 27.86 -30.52 -22.49
C LYS C 726 28.84 -31.29 -23.37
N ARG C 727 28.48 -32.49 -23.82
CA ARG C 727 29.37 -33.31 -24.64
C ARG C 727 28.56 -33.90 -25.79
N THR C 728 29.21 -34.78 -26.56
CA THR C 728 28.59 -35.40 -27.72
C THR C 728 28.22 -36.86 -27.46
N GLY C 729 28.58 -37.40 -26.30
CA GLY C 729 28.30 -38.80 -26.02
C GLY C 729 26.82 -39.11 -25.99
N VAL C 730 26.51 -40.37 -26.27
CA VAL C 730 25.13 -40.83 -26.34
C VAL C 730 24.59 -41.08 -24.94
N VAL C 731 23.27 -41.24 -24.82
CA VAL C 731 22.62 -41.49 -23.55
C VAL C 731 22.53 -43.00 -23.32
N GLU C 732 22.58 -43.40 -22.05
CA GLU C 732 22.51 -44.81 -21.68
C GLU C 732 21.11 -45.21 -21.23
N GLN C 733 20.56 -44.52 -20.24
CA GLN C 733 19.23 -44.82 -19.75
C GLN C 733 18.67 -43.59 -19.05
N ILE C 734 17.37 -43.36 -19.20
CA ILE C 734 16.67 -42.23 -18.59
C ILE C 734 15.79 -42.78 -17.48
N ASP C 735 16.17 -42.52 -16.23
CA ASP C 735 15.43 -43.00 -15.08
C ASP C 735 14.37 -42.01 -14.61
N GLY C 736 14.04 -41.02 -15.42
CA GLY C 736 13.04 -40.02 -15.02
C GLY C 736 13.53 -38.92 -14.12
N THR C 737 14.19 -39.28 -13.02
CA THR C 737 14.73 -38.31 -12.09
C THR C 737 16.21 -37.99 -12.33
N ARG C 738 16.86 -38.72 -13.23
CA ARG C 738 18.27 -38.49 -13.54
C ARG C 738 18.60 -39.14 -14.86
N ILE C 739 19.28 -38.41 -15.73
CA ILE C 739 19.66 -38.87 -17.06
C ILE C 739 21.17 -39.03 -17.11
N VAL C 740 21.62 -40.17 -17.64
CA VAL C 740 23.04 -40.46 -17.77
C VAL C 740 23.43 -40.36 -19.23
N ILE C 741 24.62 -39.80 -19.49
CA ILE C 741 25.14 -39.64 -20.84
C ILE C 741 26.52 -40.26 -20.91
N ARG C 742 26.84 -40.82 -22.08
CA ARG C 742 28.17 -41.35 -22.30
C ARG C 742 29.20 -40.23 -22.29
N ALA C 743 30.48 -40.61 -22.34
CA ALA C 743 31.55 -39.63 -22.31
C ALA C 743 31.49 -38.72 -23.52
N THR C 744 31.71 -39.27 -24.70
CA THR C 744 31.63 -38.52 -25.96
C THR C 744 31.95 -39.48 -27.10
N GLU C 745 31.66 -39.03 -28.32
CA GLU C 745 32.12 -39.74 -29.50
C GLU C 745 33.56 -39.40 -29.85
N GLU C 746 34.05 -38.25 -29.38
CA GLU C 746 35.43 -37.81 -29.60
C GLU C 746 36.01 -37.24 -28.31
N THR C 747 35.70 -37.89 -27.18
CA THR C 747 36.09 -37.38 -25.88
C THR C 747 37.61 -37.32 -25.74
N ASP C 748 38.07 -36.43 -24.86
CA ASP C 748 39.49 -36.25 -24.65
C ASP C 748 40.07 -37.41 -23.83
N PRO C 749 41.38 -37.60 -23.88
CA PRO C 749 42.00 -38.69 -23.12
C PRO C 749 42.11 -38.35 -21.64
N ALA C 750 41.83 -39.36 -20.81
CA ALA C 750 41.91 -39.23 -19.36
C ALA C 750 40.93 -38.19 -18.81
N ARG C 751 39.80 -38.03 -19.48
CA ARG C 751 38.77 -37.10 -19.05
C ARG C 751 37.76 -37.82 -18.15
N SER C 752 36.66 -37.16 -17.83
CA SER C 752 35.63 -37.76 -17.00
C SER C 752 34.99 -38.95 -17.70
N GLY C 753 34.55 -39.92 -16.90
CA GLY C 753 33.92 -41.12 -17.43
C GLY C 753 32.62 -40.84 -18.16
N VAL C 754 31.62 -40.35 -17.43
CA VAL C 754 30.31 -40.05 -18.01
C VAL C 754 29.74 -38.83 -17.31
N ASP C 755 28.89 -38.09 -18.01
CA ASP C 755 28.26 -36.89 -17.49
C ASP C 755 26.87 -37.26 -16.99
N ILE C 756 26.65 -37.11 -15.68
CA ILE C 756 25.37 -37.41 -15.05
C ILE C 756 24.60 -36.10 -14.85
N TYR C 757 23.35 -36.09 -15.28
CA TYR C 757 22.47 -34.94 -15.15
C TYR C 757 21.23 -35.34 -14.37
N ARG C 758 21.04 -34.74 -13.20
CA ARG C 758 19.88 -35.00 -12.36
C ARG C 758 18.86 -33.89 -12.54
N MET C 759 17.69 -34.24 -13.06
CA MET C 759 16.64 -33.26 -13.30
C MET C 759 15.90 -32.95 -12.01
N SER C 760 15.70 -31.66 -11.74
CA SER C 760 15.01 -31.25 -10.53
C SER C 760 13.55 -31.66 -10.58
N LYS C 761 13.05 -32.22 -9.48
CA LYS C 761 11.67 -32.66 -9.40
C LYS C 761 10.81 -31.52 -8.87
N PHE C 762 9.58 -31.84 -8.48
CA PHE C 762 8.64 -30.83 -7.96
C PHE C 762 9.21 -30.14 -6.73
N GLN C 763 9.50 -28.85 -6.85
CA GLN C 763 10.05 -28.07 -5.76
C GLN C 763 9.45 -26.68 -5.78
N ARG C 764 9.27 -26.10 -4.59
CA ARG C 764 8.68 -24.78 -4.48
C ARG C 764 9.62 -23.73 -5.09
N SER C 765 9.08 -22.94 -6.01
CA SER C 765 9.86 -21.87 -6.64
C SER C 765 9.84 -20.64 -5.73
N ASN C 766 10.33 -19.52 -6.25
CA ASN C 766 10.36 -18.28 -5.47
C ASN C 766 8.99 -17.61 -5.39
N GLN C 767 8.07 -17.95 -6.29
CA GLN C 767 6.74 -17.35 -6.30
C GLN C 767 5.65 -18.36 -5.92
N SER C 768 6.03 -19.44 -5.25
CA SER C 768 5.09 -20.47 -4.80
C SER C 768 4.39 -21.13 -5.99
N THR C 769 5.19 -21.66 -6.90
CA THR C 769 4.70 -22.39 -8.06
C THR C 769 5.62 -23.57 -8.33
N CYS C 770 5.03 -24.64 -8.86
CA CYS C 770 5.79 -25.86 -9.11
C CYS C 770 6.83 -25.65 -10.19
N ILE C 771 7.96 -26.35 -10.06
CA ILE C 771 9.05 -26.28 -11.02
C ILE C 771 9.61 -27.70 -11.17
N ASN C 772 9.46 -28.28 -12.35
CA ASN C 772 9.92 -29.63 -12.62
C ASN C 772 10.43 -29.72 -14.05
N GLN C 773 11.25 -30.73 -14.30
CA GLN C 773 11.84 -30.95 -15.61
C GLN C 773 11.57 -32.39 -16.04
N ARG C 774 11.26 -32.57 -17.32
CA ARG C 774 10.96 -33.88 -17.87
C ARG C 774 11.93 -34.21 -19.00
N PRO C 775 12.43 -35.44 -19.05
CA PRO C 775 13.35 -35.82 -20.13
C PRO C 775 12.62 -35.96 -21.46
N LEU C 776 13.40 -35.83 -22.53
CA LEU C 776 12.86 -35.94 -23.89
C LEU C 776 13.60 -36.94 -24.76
N VAL C 777 14.76 -37.44 -24.33
CA VAL C 777 15.53 -38.38 -25.15
C VAL C 777 15.12 -39.80 -24.82
N LYS C 778 15.44 -40.72 -25.72
CA LYS C 778 15.18 -42.14 -25.57
C LYS C 778 16.50 -42.90 -25.57
N VAL C 779 16.41 -44.23 -25.61
CA VAL C 779 17.60 -45.05 -25.70
C VAL C 779 18.34 -44.75 -27.00
N GLY C 780 19.66 -44.71 -26.92
CA GLY C 780 20.43 -44.29 -28.09
C GLY C 780 20.26 -42.80 -28.31
N ASP C 781 19.97 -42.42 -29.56
CA ASP C 781 19.71 -41.04 -29.93
C ASP C 781 20.91 -40.15 -29.59
N ARG C 782 22.01 -40.41 -30.29
CA ARG C 782 23.24 -39.65 -30.11
C ARG C 782 22.99 -38.15 -30.29
N ILE C 783 23.39 -37.37 -29.29
CA ILE C 783 23.11 -35.94 -29.24
C ILE C 783 24.42 -35.19 -29.44
N VAL C 784 24.34 -34.05 -30.13
CA VAL C 784 25.48 -33.18 -30.33
C VAL C 784 25.60 -32.25 -29.13
N ALA C 785 26.83 -31.83 -28.83
CA ALA C 785 27.06 -30.96 -27.68
C ALA C 785 26.35 -29.62 -27.87
N GLY C 786 25.86 -29.06 -26.78
CA GLY C 786 25.12 -27.81 -26.84
C GLY C 786 23.70 -27.95 -27.31
N ASP C 787 22.99 -28.97 -26.83
CA ASP C 787 21.61 -29.21 -27.22
C ASP C 787 20.76 -29.46 -25.98
N ILE C 788 19.54 -28.91 -25.99
CA ILE C 788 18.64 -29.09 -24.86
C ILE C 788 18.25 -30.56 -24.75
N ILE C 789 18.26 -31.09 -23.53
CA ILE C 789 17.94 -32.49 -23.28
C ILE C 789 16.55 -32.60 -22.70
N ALA C 790 16.33 -31.98 -21.55
CA ALA C 790 15.05 -32.01 -20.85
C ALA C 790 14.50 -30.61 -20.72
N ASP C 791 13.22 -30.45 -21.04
CA ASP C 791 12.58 -29.14 -20.95
C ASP C 791 12.40 -28.73 -19.49
N GLY C 792 12.26 -27.42 -19.29
CA GLY C 792 12.04 -26.88 -17.98
C GLY C 792 10.57 -26.68 -17.66
N PRO C 793 10.26 -25.77 -16.74
CA PRO C 793 8.86 -25.50 -16.41
C PRO C 793 8.18 -24.72 -17.51
N SER C 794 7.01 -25.18 -17.93
CA SER C 794 6.22 -24.52 -18.98
C SER C 794 6.97 -24.49 -20.30
N THR C 795 7.66 -25.59 -20.61
CA THR C 795 8.39 -25.72 -21.88
C THR C 795 8.24 -27.14 -22.39
N GLU C 796 8.09 -27.27 -23.71
CA GLU C 796 7.95 -28.57 -24.35
C GLU C 796 8.74 -28.58 -25.64
N LEU C 797 9.60 -29.59 -25.81
CA LEU C 797 10.42 -29.74 -27.01
C LEU C 797 11.36 -28.56 -27.21
N GLY C 798 11.77 -27.91 -26.11
CA GLY C 798 12.65 -26.76 -26.15
C GLY C 798 11.94 -25.44 -26.39
N GLU C 799 10.89 -25.45 -27.21
CA GLU C 799 10.16 -24.23 -27.51
C GLU C 799 9.44 -23.72 -26.27
N LEU C 800 9.42 -22.41 -26.10
CA LEU C 800 8.79 -21.82 -24.93
C LEU C 800 7.27 -21.91 -25.04
N ALA C 801 6.62 -22.07 -23.88
CA ALA C 801 5.18 -22.14 -23.79
C ALA C 801 4.71 -21.43 -22.53
N LEU C 802 3.47 -20.94 -22.56
CA LEU C 802 2.92 -20.24 -21.41
C LEU C 802 1.58 -20.82 -20.99
N GLY C 803 0.84 -21.39 -21.94
CA GLY C 803 -0.44 -21.98 -21.63
C GLY C 803 -1.02 -22.68 -22.83
N ARG C 804 -2.06 -23.48 -22.57
CA ARG C 804 -2.74 -24.20 -23.63
C ARG C 804 -3.62 -23.26 -24.43
N ASN C 805 -3.92 -23.67 -25.67
CA ASN C 805 -4.76 -22.89 -26.57
C ASN C 805 -5.98 -23.72 -26.96
N ALA C 806 -7.12 -23.04 -27.05
CA ALA C 806 -8.38 -23.69 -27.38
C ALA C 806 -9.11 -22.89 -28.45
N LEU C 807 -10.12 -23.53 -29.04
CA LEU C 807 -10.90 -22.89 -30.09
C LEU C 807 -11.73 -21.74 -29.51
N VAL C 808 -11.72 -20.61 -30.20
CA VAL C 808 -12.41 -19.41 -29.75
C VAL C 808 -13.40 -18.97 -30.81
N ALA C 809 -14.53 -18.42 -30.35
CA ALA C 809 -15.58 -17.93 -31.23
C ALA C 809 -16.08 -16.60 -30.68
N PHE C 810 -15.74 -15.51 -31.35
CA PHE C 810 -16.13 -14.17 -30.90
C PHE C 810 -17.61 -13.95 -31.18
N MET C 811 -18.41 -13.93 -30.12
CA MET C 811 -19.85 -13.68 -30.25
C MET C 811 -20.48 -13.52 -28.89
N PRO C 812 -21.47 -12.63 -28.75
CA PRO C 812 -22.17 -12.49 -27.46
C PRO C 812 -23.07 -13.69 -27.20
N TRP C 813 -23.00 -14.23 -25.99
CA TRP C 813 -23.74 -15.44 -25.61
C TRP C 813 -24.62 -15.11 -24.41
N ASN C 814 -25.83 -14.62 -24.70
CA ASN C 814 -26.84 -14.37 -23.67
C ASN C 814 -26.36 -13.39 -22.60
N GLY C 815 -25.47 -12.47 -22.98
CA GLY C 815 -24.98 -11.47 -22.06
C GLY C 815 -23.99 -11.95 -21.03
N TYR C 816 -23.62 -13.23 -21.05
CA TYR C 816 -22.64 -13.72 -20.07
C TYR C 816 -21.27 -13.09 -20.29
N ASN C 817 -20.97 -12.67 -21.51
CA ASN C 817 -19.74 -11.96 -21.84
C ASN C 817 -20.03 -10.52 -22.20
N PHE C 818 -20.96 -9.89 -21.46
CA PHE C 818 -21.35 -8.51 -21.74
C PHE C 818 -20.16 -7.56 -21.60
N GLU C 819 -19.61 -7.48 -20.40
CA GLU C 819 -18.44 -6.64 -20.15
C GLU C 819 -17.18 -7.38 -20.59
N ASP C 820 -16.01 -6.87 -20.17
CA ASP C 820 -14.73 -7.47 -20.54
C ASP C 820 -14.57 -8.76 -19.72
N SER C 821 -15.24 -9.81 -20.18
CA SER C 821 -15.21 -11.10 -19.52
C SER C 821 -15.02 -12.19 -20.57
N ILE C 822 -14.92 -13.44 -20.11
CA ILE C 822 -14.70 -14.58 -20.98
C ILE C 822 -15.57 -15.73 -20.49
N LEU C 823 -16.17 -16.46 -21.44
CA LEU C 823 -16.99 -17.62 -21.14
C LEU C 823 -16.30 -18.87 -21.68
N ILE C 824 -16.22 -19.90 -20.85
CA ILE C 824 -15.55 -21.14 -21.22
C ILE C 824 -16.49 -22.32 -20.96
N SER C 825 -16.21 -23.43 -21.61
CA SER C 825 -16.99 -24.65 -21.49
C SER C 825 -16.35 -25.60 -20.49
N GLU C 826 -17.10 -26.65 -20.14
CA GLU C 826 -16.60 -27.65 -19.21
C GLU C 826 -15.57 -28.58 -19.84
N ARG C 827 -15.46 -28.59 -21.17
CA ARG C 827 -14.47 -29.44 -21.82
C ARG C 827 -13.05 -29.03 -21.46
N ILE C 828 -12.84 -27.74 -21.17
CA ILE C 828 -11.51 -27.28 -20.80
C ILE C 828 -11.11 -27.74 -19.41
N VAL C 829 -12.07 -28.12 -18.57
CA VAL C 829 -11.78 -28.55 -17.20
C VAL C 829 -11.83 -30.08 -17.12
N ARG C 830 -12.59 -30.69 -18.03
CA ARG C 830 -12.70 -32.15 -18.02
C ARG C 830 -11.37 -32.80 -18.34
N ASP C 831 -10.63 -32.27 -19.30
CA ASP C 831 -9.34 -32.82 -19.68
C ASP C 831 -8.22 -32.41 -18.72
N ASP C 832 -8.45 -31.44 -17.85
CA ASP C 832 -7.45 -30.96 -16.90
C ASP C 832 -6.23 -30.42 -17.64
N VAL C 833 -6.46 -29.39 -18.46
CA VAL C 833 -5.41 -28.80 -19.27
C VAL C 833 -4.93 -27.50 -18.64
N PHE C 834 -5.81 -26.83 -17.90
CA PHE C 834 -5.50 -25.56 -17.28
C PHE C 834 -5.20 -25.67 -15.79
N THR C 835 -5.05 -26.88 -15.27
CA THR C 835 -4.75 -27.07 -13.87
C THR C 835 -3.27 -26.83 -13.61
N SER C 836 -2.97 -26.19 -12.49
CA SER C 836 -1.60 -25.89 -12.07
C SER C 836 -1.36 -26.45 -10.67
N ILE C 837 -0.12 -26.29 -10.21
CA ILE C 837 0.30 -26.77 -8.89
C ILE C 837 0.88 -25.60 -8.11
N HIS C 838 0.64 -25.59 -6.81
CA HIS C 838 1.14 -24.54 -5.93
C HIS C 838 1.69 -25.17 -4.66
N ILE C 839 2.55 -24.41 -3.98
CA ILE C 839 3.19 -24.87 -2.74
C ILE C 839 3.25 -23.70 -1.77
N GLU C 840 2.83 -23.94 -0.53
CA GLU C 840 2.81 -22.88 0.48
C GLU C 840 4.06 -22.88 1.35
N GLU C 841 4.53 -24.05 1.76
CA GLU C 841 5.75 -24.18 2.56
C GLU C 841 5.62 -23.44 3.89
N PHE C 842 4.69 -23.91 4.72
CA PHE C 842 4.54 -23.35 6.05
C PHE C 842 5.72 -23.76 6.94
N GLU C 843 5.94 -22.97 7.98
CA GLU C 843 7.04 -23.21 8.91
C GLU C 843 6.57 -22.98 10.34
N VAL C 844 7.34 -23.50 11.29
CA VAL C 844 7.04 -23.36 12.70
C VAL C 844 8.34 -23.40 13.48
N MET C 845 8.37 -22.66 14.60
CA MET C 845 9.55 -22.59 15.45
C MET C 845 9.26 -23.22 16.81
N ALA C 846 10.33 -23.50 17.54
CA ALA C 846 10.25 -24.10 18.87
C ALA C 846 11.17 -23.36 19.84
N ARG C 847 11.08 -22.03 19.81
CA ARG C 847 11.93 -21.22 20.68
C ARG C 847 11.55 -21.42 22.14
N ASP C 848 12.56 -21.48 23.01
CA ASP C 848 12.32 -21.66 24.43
C ASP C 848 11.72 -20.39 25.02
N THR C 849 11.31 -20.49 26.29
CA THR C 849 10.71 -19.37 27.00
C THR C 849 11.33 -19.27 28.38
N LYS C 850 11.11 -18.11 29.02
CA LYS C 850 11.64 -17.90 30.36
C LYS C 850 11.02 -18.87 31.36
N LEU C 851 9.71 -19.12 31.23
CA LEU C 851 9.01 -20.03 32.14
C LEU C 851 8.98 -21.45 31.58
N GLY C 852 10.16 -21.98 31.25
CA GLY C 852 10.27 -23.34 30.76
C GLY C 852 10.44 -23.40 29.25
N PRO C 853 10.95 -24.52 28.75
CA PRO C 853 11.13 -24.68 27.31
C PRO C 853 9.94 -25.33 26.64
N GLU C 854 9.66 -24.88 25.42
CA GLU C 854 8.58 -25.46 24.64
C GLU C 854 8.97 -26.86 24.16
N GLU C 855 7.97 -27.58 23.63
CA GLU C 855 8.19 -28.95 23.19
C GLU C 855 7.16 -29.29 22.12
N ILE C 856 7.56 -30.17 21.20
CA ILE C 856 6.67 -30.64 20.13
C ILE C 856 5.98 -31.89 20.67
N THR C 857 4.87 -31.65 21.39
CA THR C 857 4.13 -32.75 22.00
C THR C 857 3.19 -33.40 20.98
N ARG C 858 3.09 -34.72 21.04
CA ARG C 858 2.23 -35.44 20.11
C ARG C 858 0.76 -35.14 20.35
N ASP C 859 0.38 -34.95 21.61
CA ASP C 859 -1.02 -34.73 21.98
C ASP C 859 -1.15 -33.39 22.68
N ILE C 860 -2.00 -32.52 22.16
CA ILE C 860 -2.29 -31.22 22.76
C ILE C 860 -3.45 -31.40 23.73
N PRO C 861 -3.46 -30.69 24.86
CA PRO C 861 -4.57 -30.84 25.80
C PRO C 861 -5.88 -30.35 25.21
N ASN C 862 -6.98 -30.85 25.80
CA ASN C 862 -8.36 -30.56 25.42
C ASN C 862 -8.59 -30.55 23.91
N VAL C 863 -7.99 -31.51 23.20
CA VAL C 863 -8.17 -31.62 21.75
C VAL C 863 -8.91 -32.91 21.47
N GLY C 864 -9.65 -32.92 20.36
CA GLY C 864 -10.38 -34.10 19.98
C GLY C 864 -9.48 -35.18 19.40
N GLU C 865 -9.84 -36.44 19.67
CA GLU C 865 -9.03 -37.55 19.20
C GLU C 865 -9.10 -37.69 17.68
N GLU C 866 -10.21 -37.28 17.08
CA GLU C 866 -10.36 -37.40 15.62
C GLU C 866 -9.42 -36.45 14.89
N ALA C 867 -9.12 -35.30 15.49
CA ALA C 867 -8.24 -34.32 14.86
C ALA C 867 -6.77 -34.75 14.88
N LEU C 868 -6.41 -35.75 15.67
CA LEU C 868 -5.04 -36.22 15.76
C LEU C 868 -4.69 -37.24 14.69
N ARG C 869 -5.61 -37.54 13.77
CA ARG C 869 -5.32 -38.49 12.71
C ARG C 869 -4.30 -37.93 11.74
N ASN C 870 -3.55 -38.84 11.09
CA ASN C 870 -2.52 -38.47 10.13
C ASN C 870 -1.41 -37.66 10.79
N LEU C 871 -1.10 -37.96 12.05
CA LEU C 871 -0.05 -37.28 12.80
C LEU C 871 0.89 -38.32 13.39
N ASP C 872 2.19 -38.17 13.12
CA ASP C 872 3.17 -39.08 13.67
C ASP C 872 3.30 -38.89 15.17
N GLU C 873 3.98 -39.85 15.81
CA GLU C 873 4.17 -39.77 17.26
C GLU C 873 5.04 -38.59 17.66
N ALA C 874 5.94 -38.16 16.78
CA ALA C 874 6.80 -37.02 17.07
C ALA C 874 6.02 -35.70 17.05
N GLY C 875 4.87 -35.66 16.39
CA GLY C 875 4.07 -34.46 16.30
C GLY C 875 3.99 -33.81 14.94
N ILE C 876 4.56 -34.43 13.91
CA ILE C 876 4.54 -33.91 12.55
C ILE C 876 3.69 -34.83 11.68
N VAL C 877 2.92 -34.24 10.78
CA VAL C 877 2.06 -35.03 9.89
C VAL C 877 2.93 -35.85 8.95
N ALA C 878 2.48 -37.06 8.65
CA ALA C 878 3.22 -37.93 7.76
C ALA C 878 3.21 -37.40 6.33
N ILE C 879 4.26 -37.74 5.57
CA ILE C 879 4.36 -37.29 4.20
C ILE C 879 3.26 -37.93 3.36
N GLY C 880 2.57 -37.13 2.56
CA GLY C 880 1.49 -37.63 1.75
C GLY C 880 0.16 -37.74 2.44
N ALA C 881 -0.03 -37.04 3.55
CA ALA C 881 -1.26 -37.09 4.32
C ALA C 881 -2.18 -35.95 3.91
N GLU C 882 -3.42 -36.28 3.59
CA GLU C 882 -4.40 -35.26 3.22
C GLU C 882 -4.77 -34.41 4.42
N VAL C 883 -4.71 -33.09 4.26
CA VAL C 883 -5.03 -32.15 5.33
C VAL C 883 -6.10 -31.19 4.84
N GLN C 884 -6.92 -30.73 5.76
CA GLN C 884 -8.03 -29.83 5.50
C GLN C 884 -7.78 -28.46 6.09
N PRO C 885 -8.55 -27.45 5.69
CA PRO C 885 -8.35 -26.11 6.25
C PRO C 885 -8.66 -26.08 7.73
N GLY C 886 -7.72 -25.55 8.52
CA GLY C 886 -7.86 -25.52 9.95
C GLY C 886 -7.51 -26.85 10.58
N ASP C 887 -6.37 -27.41 10.21
CA ASP C 887 -5.90 -28.69 10.71
C ASP C 887 -4.59 -28.49 11.49
N ILE C 888 -4.30 -29.46 12.35
CA ILE C 888 -3.10 -29.42 13.19
C ILE C 888 -1.96 -30.06 12.40
N LEU C 889 -1.08 -29.21 11.85
CA LEU C 889 0.07 -29.73 11.11
C LEU C 889 1.17 -30.19 12.05
N VAL C 890 1.56 -29.34 12.99
CA VAL C 890 2.60 -29.65 13.96
C VAL C 890 2.05 -29.35 15.35
N GLY C 891 2.01 -30.38 16.21
CA GLY C 891 1.51 -30.20 17.55
C GLY C 891 2.56 -29.65 18.50
N LYS C 892 2.42 -28.37 18.86
CA LYS C 892 3.36 -27.69 19.74
C LYS C 892 2.60 -27.10 20.92
N VAL C 893 3.13 -27.33 22.12
CA VAL C 893 2.55 -26.82 23.36
C VAL C 893 3.61 -26.02 24.10
N THR C 894 3.22 -24.86 24.60
CA THR C 894 4.14 -23.99 25.32
C THR C 894 3.72 -23.86 26.78
N PRO C 895 4.68 -23.78 27.70
CA PRO C 895 4.32 -23.64 29.12
C PRO C 895 3.66 -22.28 29.37
N LYS C 896 2.50 -22.33 30.01
CA LYS C 896 1.72 -21.13 30.31
C LYS C 896 1.72 -20.86 31.80
N GLY C 897 1.97 -19.62 32.19
CA GLY C 897 1.98 -19.26 33.58
C GLY C 897 0.59 -19.30 34.19
N GLU C 898 0.56 -19.37 35.52
CA GLU C 898 -0.70 -19.42 36.24
C GLU C 898 -1.44 -18.09 36.08
N SER C 899 -2.71 -18.17 35.68
CA SER C 899 -3.54 -17.00 35.47
C SER C 899 -4.85 -17.14 36.23
N PRO C 900 -5.41 -16.03 36.70
CA PRO C 900 -6.69 -16.11 37.42
C PRO C 900 -7.83 -16.49 36.49
N MET C 901 -8.80 -17.22 37.04
CA MET C 901 -9.94 -17.70 36.30
C MET C 901 -11.23 -17.20 36.96
N THR C 902 -12.28 -17.11 36.15
CA THR C 902 -13.57 -16.69 36.66
C THR C 902 -14.13 -17.73 37.63
N PRO C 903 -14.92 -17.31 38.62
CA PRO C 903 -15.45 -18.28 39.59
C PRO C 903 -16.40 -19.29 38.98
N GLU C 904 -17.15 -18.90 37.93
CA GLU C 904 -18.06 -19.85 37.30
C GLU C 904 -17.30 -20.96 36.59
N GLU C 905 -16.21 -20.61 35.92
CA GLU C 905 -15.38 -21.63 35.27
C GLU C 905 -14.76 -22.57 36.30
N LYS C 906 -14.34 -22.02 37.44
CA LYS C 906 -13.80 -22.87 38.51
C LYS C 906 -14.87 -23.80 39.05
N LEU C 907 -16.10 -23.30 39.23
CA LEU C 907 -17.19 -24.15 39.70
C LEU C 907 -17.49 -25.26 38.69
N LEU C 908 -17.50 -24.93 37.41
CA LEU C 908 -17.73 -25.95 36.39
C LEU C 908 -16.62 -26.99 36.39
N ARG C 909 -15.36 -26.55 36.52
CA ARG C 909 -14.25 -27.49 36.55
C ARG C 909 -14.33 -28.41 37.76
N ALA C 910 -14.71 -27.86 38.91
CA ALA C 910 -14.88 -28.68 40.10
C ALA C 910 -16.06 -29.65 39.97
N ILE C 911 -17.10 -29.23 39.26
CA ILE C 911 -18.25 -30.11 39.05
C ILE C 911 -17.86 -31.28 38.15
N PHE C 912 -17.14 -31.01 37.06
CA PHE C 912 -16.76 -32.07 36.14
C PHE C 912 -15.51 -32.82 36.58
N GLY C 913 -14.76 -32.29 37.54
CA GLY C 913 -13.59 -32.98 38.08
C GLY C 913 -12.33 -32.88 37.25
N GLU C 914 -12.41 -32.39 36.01
CA GLU C 914 -11.22 -32.25 35.19
C GLU C 914 -10.26 -31.23 35.78
N LYS C 915 -8.99 -31.40 35.47
CA LYS C 915 -7.93 -30.52 35.96
C LYS C 915 -7.43 -29.63 34.82
N ALA C 916 -7.32 -28.34 35.09
CA ALA C 916 -6.86 -27.40 34.07
C ALA C 916 -5.38 -27.64 33.77
N SER C 917 -5.05 -27.70 32.49
CA SER C 917 -3.68 -27.92 32.07
C SER C 917 -2.86 -26.65 32.23
N ASP C 918 -1.54 -26.83 32.40
CA ASP C 918 -0.62 -25.71 32.57
C ASP C 918 0.08 -25.32 31.28
N VAL C 919 -0.32 -25.90 30.15
CA VAL C 919 0.29 -25.61 28.86
C VAL C 919 -0.77 -24.99 27.95
N ARG C 920 -0.30 -24.17 27.00
CA ARG C 920 -1.16 -23.49 26.06
C ARG C 920 -1.03 -24.11 24.68
N ASP C 921 -2.14 -24.11 23.94
CA ASP C 921 -2.18 -24.69 22.60
C ASP C 921 -1.66 -23.65 21.60
N THR C 922 -0.50 -23.93 20.99
CA THR C 922 0.08 -23.05 20.00
C THR C 922 0.51 -23.84 18.77
N SER C 923 -0.20 -24.93 18.46
CA SER C 923 0.15 -25.75 17.32
C SER C 923 -0.16 -25.02 16.01
N LEU C 924 0.62 -25.32 14.98
CA LEU C 924 0.41 -24.71 13.68
C LEU C 924 -0.86 -25.24 13.05
N ARG C 925 -1.62 -24.34 12.41
CA ARG C 925 -2.88 -24.69 11.78
C ARG C 925 -2.90 -24.11 10.36
N LEU C 926 -3.49 -24.85 9.44
CA LEU C 926 -3.56 -24.41 8.05
C LEU C 926 -4.56 -23.26 7.93
N PRO C 927 -4.19 -22.17 7.27
CA PRO C 927 -5.15 -21.08 7.04
C PRO C 927 -6.24 -21.52 6.08
N PRO C 928 -7.28 -20.72 5.90
CA PRO C 928 -8.35 -21.10 4.97
C PRO C 928 -7.84 -21.15 3.55
N GLY C 929 -8.11 -22.27 2.88
CA GLY C 929 -7.66 -22.44 1.51
C GLY C 929 -8.11 -23.77 0.95
N VAL C 930 -7.41 -24.23 -0.08
CA VAL C 930 -7.77 -25.48 -0.73
C VAL C 930 -7.37 -26.67 0.12
N ALA C 931 -6.34 -26.52 0.96
CA ALA C 931 -5.87 -27.59 1.84
C ALA C 931 -5.39 -28.80 1.04
N GLY C 932 -4.37 -28.57 0.23
CA GLY C 932 -3.76 -29.63 -0.55
C GLY C 932 -3.04 -30.65 0.32
N THR C 933 -2.47 -31.64 -0.35
CA THR C 933 -1.75 -32.70 0.33
C THR C 933 -0.34 -32.26 0.68
N ILE C 934 0.27 -32.98 1.62
CA ILE C 934 1.64 -32.70 2.04
C ILE C 934 2.60 -33.34 1.03
N VAL C 935 3.78 -32.72 0.89
CA VAL C 935 4.78 -33.20 -0.06
C VAL C 935 6.03 -33.62 0.68
N ASP C 936 6.60 -32.71 1.47
CA ASP C 936 7.84 -32.98 2.18
C ASP C 936 7.86 -32.20 3.50
N VAL C 937 8.56 -32.75 4.48
CA VAL C 937 8.71 -32.14 5.79
C VAL C 937 10.18 -32.21 6.18
N ARG C 938 10.71 -31.11 6.68
CA ARG C 938 12.11 -31.02 7.10
C ARG C 938 12.18 -30.45 8.51
N VAL C 939 12.95 -31.11 9.37
CA VAL C 939 13.13 -30.70 10.75
C VAL C 939 14.61 -30.48 11.02
N PHE C 940 14.92 -29.45 11.80
CA PHE C 940 16.30 -29.13 12.17
C PHE C 940 16.42 -29.13 13.69
N ASN C 941 17.49 -29.74 14.18
CA ASN C 941 17.75 -29.83 15.61
C ASN C 941 19.01 -29.06 15.97
N ARG C 942 19.14 -28.74 17.25
CA ARG C 942 20.30 -28.01 17.73
C ARG C 942 21.52 -28.93 17.82
N HIS C 943 22.69 -28.33 18.03
CA HIS C 943 23.92 -29.10 18.14
C HIS C 943 23.95 -29.95 19.40
N GLY C 944 23.21 -29.58 20.44
CA GLY C 944 23.20 -30.36 21.67
C GLY C 944 22.60 -31.74 21.47
N VAL C 945 21.45 -31.81 20.80
CA VAL C 945 20.77 -33.07 20.52
C VAL C 945 20.42 -33.10 19.04
N ASP C 946 20.84 -34.16 18.35
CA ASP C 946 20.57 -34.34 16.93
C ASP C 946 20.09 -35.77 16.70
N LYS C 947 18.83 -35.92 16.30
CA LYS C 947 18.24 -37.22 16.02
C LYS C 947 18.24 -38.13 17.25
N ASP C 948 18.12 -37.53 18.44
CA ASP C 948 18.11 -38.32 19.66
C ASP C 948 16.85 -39.17 19.74
N GLU C 949 15.67 -38.52 19.72
CA GLU C 949 14.41 -39.24 19.75
C GLU C 949 13.37 -38.68 18.79
N ARG C 950 13.72 -37.68 17.97
CA ARG C 950 12.79 -37.07 17.03
C ARG C 950 13.43 -37.08 15.64
N ALA C 951 12.65 -37.50 14.64
CA ALA C 951 13.10 -37.54 13.26
C ALA C 951 14.24 -38.54 13.06
N LEU C 952 14.31 -39.56 13.91
CA LEU C 952 15.32 -40.59 13.73
C LEU C 952 15.06 -41.41 12.48
N ALA C 953 13.80 -41.78 12.23
CA ALA C 953 13.45 -42.49 11.01
C ALA C 953 13.72 -41.63 9.78
N ILE C 954 13.55 -40.31 9.90
CA ILE C 954 13.83 -39.42 8.77
C ILE C 954 15.32 -39.46 8.42
N GLU C 955 16.17 -39.38 9.44
CA GLU C 955 17.61 -39.45 9.20
C GLU C 955 18.01 -40.82 8.66
N ARG C 956 17.37 -41.88 9.15
CA ARG C 956 17.67 -43.22 8.66
C ARG C 956 17.31 -43.35 7.18
N ALA C 957 16.13 -42.85 6.80
CA ALA C 957 15.73 -42.89 5.40
C ALA C 957 16.65 -42.04 4.54
N GLU C 958 17.08 -40.88 5.06
CA GLU C 958 17.98 -40.02 4.30
C GLU C 958 19.32 -40.70 4.05
N ILE C 959 19.90 -41.31 5.10
CA ILE C 959 21.18 -41.98 4.93
C ILE C 959 21.03 -43.20 4.04
N ASP C 960 19.90 -43.90 4.11
CA ASP C 960 19.67 -45.04 3.24
C ASP C 960 19.58 -44.62 1.78
N ARG C 961 18.86 -43.52 1.51
CA ARG C 961 18.77 -43.02 0.14
C ARG C 961 20.14 -42.55 -0.36
N LEU C 962 20.92 -41.91 0.51
CA LEU C 962 22.26 -41.48 0.13
C LEU C 962 23.13 -42.67 -0.23
N GLY C 963 23.11 -43.71 0.60
CA GLY C 963 23.87 -44.92 0.29
C GLY C 963 23.40 -45.58 -0.99
N LYS C 964 22.08 -45.58 -1.23
CA LYS C 964 21.54 -46.18 -2.44
C LYS C 964 22.02 -45.44 -3.68
N ASP C 965 21.93 -44.11 -3.67
CA ASP C 965 22.40 -43.35 -4.84
C ASP C 965 23.91 -43.48 -5.02
N ARG C 966 24.65 -43.55 -3.91
CA ARG C 966 26.10 -43.74 -4.01
C ARG C 966 26.43 -45.07 -4.65
N ASP C 967 25.75 -46.14 -4.23
CA ASP C 967 25.97 -47.46 -4.82
C ASP C 967 25.56 -47.48 -6.29
N ASP C 968 24.47 -46.80 -6.64
CA ASP C 968 24.04 -46.77 -8.03
C ASP C 968 25.06 -46.03 -8.90
N GLU C 969 25.56 -44.89 -8.44
CA GLU C 969 26.56 -44.15 -9.20
C GLU C 969 27.86 -44.95 -9.32
N PHE C 970 28.26 -45.61 -8.24
CA PHE C 970 29.45 -46.45 -8.29
C PHE C 970 29.28 -47.59 -9.28
N ALA C 971 28.10 -48.20 -9.30
CA ALA C 971 27.85 -49.31 -10.22
C ALA C 971 27.86 -48.85 -11.68
N ILE C 972 27.23 -47.71 -11.96
CA ILE C 972 27.21 -47.23 -13.34
C ILE C 972 28.61 -46.80 -13.77
N LEU C 973 29.37 -46.17 -12.88
CA LEU C 973 30.74 -45.79 -13.21
C LEU C 973 31.61 -47.02 -13.44
N ASN C 974 31.43 -48.06 -12.62
CA ASN C 974 32.21 -49.29 -12.81
C ASN C 974 31.83 -49.99 -14.11
N ARG C 975 30.56 -49.93 -14.49
CA ARG C 975 30.14 -50.51 -15.77
C ARG C 975 30.79 -49.76 -16.93
N ASN C 976 30.78 -48.43 -16.87
CA ASN C 976 31.44 -47.65 -17.91
C ASN C 976 32.94 -47.93 -17.94
N ILE C 977 33.55 -48.11 -16.77
CA ILE C 977 34.98 -48.41 -16.70
C ILE C 977 35.28 -49.76 -17.34
N SER C 978 34.45 -50.77 -17.04
CA SER C 978 34.64 -52.09 -17.63
C SER C 978 34.47 -52.04 -19.15
N GLY C 979 33.47 -51.29 -19.62
CA GLY C 979 33.27 -51.15 -21.06
C GLY C 979 34.46 -50.48 -21.73
N ARG C 980 34.98 -49.41 -21.13
CA ARG C 980 36.14 -48.72 -21.69
C ARG C 980 37.36 -49.62 -21.69
N LEU C 981 37.59 -50.36 -20.61
CA LEU C 981 38.74 -51.27 -20.55
C LEU C 981 38.62 -52.37 -21.59
N LYS C 982 37.41 -52.91 -21.79
CA LYS C 982 37.21 -53.93 -22.79
C LYS C 982 37.47 -53.39 -24.20
N GLU C 983 36.92 -52.21 -24.50
CA GLU C 983 37.13 -51.63 -25.82
C GLU C 983 38.58 -51.20 -26.03
N LEU C 984 39.34 -50.97 -24.96
CA LEU C 984 40.74 -50.61 -25.11
C LEU C 984 41.62 -51.84 -25.28
N LEU C 985 41.36 -52.91 -24.53
CA LEU C 985 42.16 -54.12 -24.61
C LEU C 985 41.69 -55.07 -25.71
N ILE C 986 40.60 -54.76 -26.41
CA ILE C 986 40.13 -55.62 -27.48
C ILE C 986 41.12 -55.63 -28.64
N GLY C 987 41.88 -54.55 -28.81
CA GLY C 987 42.86 -54.51 -29.89
C GLY C 987 44.00 -55.50 -29.69
N LYS C 988 44.50 -55.59 -28.46
CA LYS C 988 45.59 -56.50 -28.15
C LYS C 988 45.07 -57.86 -27.70
N LEU C 1007 38.50 -64.84 -25.42
CA LEU C 1007 37.89 -65.47 -24.25
C LEU C 1007 37.74 -64.48 -23.10
N ALA C 1008 37.42 -63.24 -23.43
CA ALA C 1008 37.26 -62.21 -22.40
C ALA C 1008 36.00 -62.44 -21.57
N GLN C 1009 34.93 -62.95 -22.19
CA GLN C 1009 33.69 -63.18 -21.46
C GLN C 1009 33.84 -64.29 -20.42
N VAL C 1010 34.73 -65.25 -20.67
CA VAL C 1010 34.96 -66.35 -19.73
C VAL C 1010 36.08 -65.97 -18.77
N ALA C 1011 36.55 -64.73 -18.86
CA ALA C 1011 37.61 -64.19 -18.00
C ALA C 1011 37.11 -62.86 -17.43
N SER C 1012 36.41 -62.93 -16.30
CA SER C 1012 35.89 -61.73 -15.67
C SER C 1012 36.95 -61.03 -14.83
N GLY C 1013 37.80 -61.81 -14.16
CA GLY C 1013 38.83 -61.23 -13.31
C GLY C 1013 40.05 -60.70 -14.02
N LEU C 1014 40.22 -61.03 -15.31
CA LEU C 1014 41.36 -60.59 -16.08
C LEU C 1014 41.15 -59.20 -16.72
N TRP C 1015 40.13 -58.46 -16.27
CA TRP C 1015 39.90 -57.13 -16.84
C TRP C 1015 41.00 -56.16 -16.42
N TRP C 1016 41.39 -56.20 -15.15
CA TRP C 1016 42.45 -55.32 -14.66
C TRP C 1016 43.82 -55.97 -14.71
N GLN C 1017 43.88 -57.30 -14.82
CA GLN C 1017 45.15 -58.03 -14.88
C GLN C 1017 45.20 -58.81 -16.19
N ILE C 1018 46.25 -58.56 -16.98
CA ILE C 1018 46.39 -59.24 -18.27
C ILE C 1018 46.60 -60.74 -18.05
N ALA C 1019 47.53 -61.09 -17.16
CA ALA C 1019 47.85 -62.50 -16.88
C ALA C 1019 48.37 -63.20 -18.12
N LEU C 1020 49.18 -62.49 -18.91
CA LEU C 1020 49.74 -63.02 -20.14
C LEU C 1020 51.16 -62.50 -20.30
N GLU C 1021 51.88 -63.08 -21.27
CA GLU C 1021 53.26 -62.66 -21.52
C GLU C 1021 53.32 -61.20 -21.98
N ASP C 1022 52.29 -60.74 -22.68
CA ASP C 1022 52.26 -59.36 -23.15
C ASP C 1022 52.11 -58.41 -21.96
N GLU C 1023 52.99 -57.41 -21.88
CA GLU C 1023 52.98 -56.45 -20.79
C GLU C 1023 53.01 -55.01 -21.28
N LYS C 1024 52.92 -54.77 -22.59
CA LYS C 1024 52.95 -53.41 -23.11
C LYS C 1024 51.71 -52.63 -22.70
N ALA C 1025 50.55 -53.29 -22.68
CA ALA C 1025 49.30 -52.64 -22.30
C ALA C 1025 49.18 -52.41 -20.80
N MET C 1026 50.06 -53.02 -20.00
CA MET C 1026 49.96 -52.85 -18.55
C MET C 1026 50.23 -51.41 -18.13
N GLY C 1027 51.12 -50.72 -18.84
CA GLY C 1027 51.37 -49.32 -18.51
C GLY C 1027 50.14 -48.45 -18.69
N GLU C 1028 49.47 -48.59 -19.84
CA GLU C 1028 48.24 -47.82 -20.07
C GLU C 1028 47.15 -48.25 -19.11
N LEU C 1029 47.08 -49.55 -18.79
CA LEU C 1029 46.09 -50.03 -17.83
C LEU C 1029 46.29 -49.39 -16.47
N GLU C 1030 47.54 -49.31 -16.01
CA GLU C 1030 47.80 -48.68 -14.71
C GLU C 1030 47.55 -47.19 -14.76
N SER C 1031 47.95 -46.53 -15.85
CA SER C 1031 47.75 -45.09 -15.97
C SER C 1031 46.26 -44.73 -16.03
N LEU C 1032 45.42 -45.65 -16.49
CA LEU C 1032 43.98 -45.40 -16.49
C LEU C 1032 43.36 -45.77 -15.14
N ARG C 1033 43.83 -46.87 -14.54
CA ARG C 1033 43.29 -47.30 -13.25
C ARG C 1033 43.61 -46.32 -12.14
N ARG C 1034 44.76 -45.63 -12.23
CA ARG C 1034 45.08 -44.63 -11.21
C ARG C 1034 44.08 -43.48 -11.24
N LEU C 1035 43.76 -42.98 -12.44
CA LEU C 1035 42.78 -41.91 -12.56
C LEU C 1035 41.40 -42.40 -12.14
N PHE C 1036 41.05 -43.64 -12.49
CA PHE C 1036 39.74 -44.16 -12.09
C PHE C 1036 39.64 -44.27 -10.57
N ASP C 1037 40.70 -44.76 -9.92
CA ASP C 1037 40.69 -44.90 -8.48
C ASP C 1037 40.66 -43.54 -7.79
N GLU C 1038 41.39 -42.56 -8.33
CA GLU C 1038 41.36 -41.24 -7.71
C GLU C 1038 39.99 -40.58 -7.88
N ASN C 1039 39.34 -40.80 -9.02
CA ASN C 1039 37.98 -40.29 -9.21
C ASN C 1039 37.01 -40.95 -8.23
N ARG C 1040 37.11 -42.27 -8.06
CA ARG C 1040 36.24 -42.97 -7.12
C ARG C 1040 36.49 -42.48 -5.69
N LYS C 1041 37.75 -42.25 -5.34
CA LYS C 1041 38.07 -41.75 -4.01
C LYS C 1041 37.55 -40.34 -3.80
N ARG C 1042 37.62 -39.51 -4.84
CA ARG C 1042 37.06 -38.15 -4.75
C ARG C 1042 35.55 -38.21 -4.52
N LEU C 1043 34.86 -39.09 -5.26
CA LEU C 1043 33.42 -39.23 -5.07
C LEU C 1043 33.08 -39.71 -3.66
N ASP C 1044 33.82 -40.71 -3.18
CA ASP C 1044 33.57 -41.23 -1.84
C ASP C 1044 33.84 -40.17 -0.77
N ARG C 1045 34.90 -39.38 -0.96
CA ARG C 1045 35.21 -38.32 -0.01
C ARG C 1045 34.15 -37.24 -0.02
N ARG C 1046 33.66 -36.86 -1.20
CA ARG C 1046 32.59 -35.87 -1.28
C ARG C 1046 31.34 -36.37 -0.56
N PHE C 1047 30.97 -37.63 -0.79
CA PHE C 1047 29.79 -38.17 -0.13
C PHE C 1047 30.00 -38.29 1.38
N GLU C 1048 31.22 -38.58 1.82
CA GLU C 1048 31.47 -38.67 3.26
C GLU C 1048 31.42 -37.29 3.91
N ASP C 1049 31.92 -36.26 3.23
CA ASP C 1049 31.75 -34.90 3.75
C ASP C 1049 30.29 -34.51 3.80
N LYS C 1050 29.51 -34.92 2.79
CA LYS C 1050 28.08 -34.63 2.80
C LYS C 1050 27.38 -35.29 3.97
N VAL C 1051 27.67 -36.57 4.21
CA VAL C 1051 27.02 -37.27 5.31
C VAL C 1051 27.48 -36.72 6.65
N ASP C 1052 28.75 -36.31 6.76
CA ASP C 1052 29.23 -35.72 8.01
C ASP C 1052 28.55 -34.37 8.27
N LYS C 1053 28.40 -33.55 7.23
CA LYS C 1053 27.69 -32.28 7.40
C LYS C 1053 26.23 -32.50 7.76
N LEU C 1054 25.61 -33.54 7.20
CA LEU C 1054 24.23 -33.85 7.55
C LEU C 1054 24.11 -34.31 9.00
N GLN C 1055 25.06 -35.13 9.46
CA GLN C 1055 25.00 -35.63 10.83
C GLN C 1055 25.36 -34.54 11.85
N ARG C 1056 26.18 -33.56 11.45
CA ARG C 1056 26.59 -32.52 12.38
C ARG C 1056 25.42 -31.64 12.79
N GLY C 1057 24.44 -31.46 11.90
CA GLY C 1057 23.29 -30.63 12.22
C GLY C 1057 23.44 -29.20 11.73
N ASP C 1058 22.34 -28.61 11.27
CA ASP C 1058 22.38 -27.24 10.76
C ASP C 1058 22.31 -26.24 11.91
N GLU C 1059 22.84 -25.05 11.66
CA GLU C 1059 22.86 -23.99 12.65
C GLU C 1059 21.54 -23.22 12.64
N LEU C 1060 21.16 -22.71 13.81
CA LEU C 1060 19.93 -21.95 13.97
C LEU C 1060 20.18 -20.74 14.85
N PRO C 1061 19.23 -19.80 14.93
CA PRO C 1061 19.40 -18.65 15.83
C PRO C 1061 19.51 -19.10 17.27
N PRO C 1062 20.10 -18.27 18.14
CA PRO C 1062 20.28 -18.68 19.54
C PRO C 1062 18.96 -18.89 20.28
N GLY C 1063 17.92 -18.13 19.94
CA GLY C 1063 16.65 -18.29 20.63
C GLY C 1063 15.97 -19.60 20.32
N VAL C 1064 15.85 -19.92 19.03
CA VAL C 1064 15.16 -21.13 18.61
C VAL C 1064 16.07 -22.34 18.75
N MET C 1065 15.49 -23.49 19.06
CA MET C 1065 16.22 -24.74 19.19
C MET C 1065 15.72 -25.84 18.25
N LYS C 1066 14.57 -25.66 17.61
CA LYS C 1066 14.03 -26.65 16.70
C LYS C 1066 13.00 -25.99 15.80
N MET C 1067 12.99 -26.38 14.53
CA MET C 1067 12.07 -25.82 13.56
C MET C 1067 11.63 -26.91 12.59
N VAL C 1068 10.44 -26.75 12.03
CA VAL C 1068 9.85 -27.71 11.11
C VAL C 1068 9.27 -26.94 9.92
N LYS C 1069 9.40 -27.53 8.73
CA LYS C 1069 8.87 -26.95 7.50
C LYS C 1069 8.01 -27.99 6.81
N VAL C 1070 6.79 -27.59 6.44
CA VAL C 1070 5.84 -28.46 5.77
C VAL C 1070 5.63 -27.92 4.36
N PHE C 1071 5.91 -28.76 3.36
CA PHE C 1071 5.77 -28.37 1.96
C PHE C 1071 4.41 -28.85 1.41
N VAL C 1072 3.36 -28.17 1.87
CA VAL C 1072 2.01 -28.51 1.42
C VAL C 1072 1.82 -28.04 -0.02
N ALA C 1073 1.26 -28.91 -0.85
CA ALA C 1073 1.04 -28.62 -2.26
C ALA C 1073 -0.44 -28.72 -2.59
N VAL C 1074 -0.90 -27.82 -3.46
CA VAL C 1074 -2.30 -27.77 -3.88
C VAL C 1074 -2.36 -27.84 -5.40
N LYS C 1075 -3.34 -28.57 -5.92
CA LYS C 1075 -3.55 -28.72 -7.36
C LYS C 1075 -4.81 -27.95 -7.72
N ARG C 1076 -4.63 -26.68 -8.06
CA ARG C 1076 -5.76 -25.81 -8.38
C ARG C 1076 -6.25 -26.07 -9.80
N LYS C 1077 -7.54 -25.83 -10.01
CA LYS C 1077 -8.17 -25.95 -11.31
C LYS C 1077 -8.80 -24.62 -11.70
N LEU C 1078 -9.22 -24.53 -12.96
CA LEU C 1078 -9.85 -23.31 -13.46
C LEU C 1078 -11.26 -23.21 -12.91
N GLN C 1079 -11.52 -22.18 -12.11
CA GLN C 1079 -12.81 -21.93 -11.49
C GLN C 1079 -13.36 -20.58 -11.93
N PRO C 1080 -14.64 -20.34 -11.72
CA PRO C 1080 -15.22 -19.03 -12.08
C PRO C 1080 -14.59 -17.93 -11.22
N GLY C 1081 -14.42 -16.76 -11.84
CA GLY C 1081 -13.79 -15.63 -11.18
C GLY C 1081 -12.30 -15.53 -11.39
N ASP C 1082 -11.67 -16.52 -12.04
CA ASP C 1082 -10.24 -16.45 -12.30
C ASP C 1082 -9.94 -15.46 -13.42
N LYS C 1083 -8.74 -14.89 -13.36
CA LYS C 1083 -8.30 -13.90 -14.34
C LYS C 1083 -7.52 -14.61 -15.44
N MET C 1084 -8.11 -14.67 -16.63
CA MET C 1084 -7.48 -15.30 -17.80
C MET C 1084 -7.36 -14.27 -18.91
N ALA C 1085 -6.13 -14.03 -19.36
CA ALA C 1085 -5.85 -13.06 -20.40
C ALA C 1085 -5.22 -13.75 -21.60
N GLY C 1086 -5.53 -13.23 -22.79
CA GLY C 1086 -4.99 -13.76 -24.02
C GLY C 1086 -3.55 -13.32 -24.26
N ARG C 1087 -3.06 -13.66 -25.45
CA ARG C 1087 -1.69 -13.31 -25.80
C ARG C 1087 -1.53 -11.80 -25.96
N HIS C 1088 -2.55 -11.10 -26.41
CA HIS C 1088 -2.52 -9.66 -26.56
C HIS C 1088 -3.02 -9.01 -25.28
N GLY C 1089 -3.30 -7.70 -25.33
CA GLY C 1089 -3.75 -6.97 -24.16
C GLY C 1089 -5.12 -7.37 -23.65
N ASN C 1090 -5.86 -8.20 -24.39
CA ASN C 1090 -7.18 -8.63 -23.95
C ASN C 1090 -7.06 -9.46 -22.68
N LYS C 1091 -7.94 -9.18 -21.72
CA LYS C 1091 -7.97 -9.88 -20.45
C LYS C 1091 -9.44 -10.18 -20.11
N GLY C 1092 -9.68 -10.58 -18.86
CA GLY C 1092 -11.04 -10.80 -18.41
C GLY C 1092 -11.19 -11.96 -17.45
N VAL C 1093 -12.01 -11.78 -16.42
CA VAL C 1093 -12.27 -12.86 -15.47
C VAL C 1093 -13.14 -13.91 -16.14
N ILE C 1094 -12.82 -15.18 -15.90
CA ILE C 1094 -13.58 -16.27 -16.48
C ILE C 1094 -14.97 -16.29 -15.87
N SER C 1095 -16.00 -16.35 -16.73
CA SER C 1095 -17.38 -16.35 -16.29
C SER C 1095 -17.82 -17.79 -15.98
N ARG C 1096 -19.13 -17.98 -15.82
CA ARG C 1096 -19.66 -19.30 -15.49
C ARG C 1096 -19.37 -20.29 -16.63
N ILE C 1097 -18.84 -21.46 -16.25
CA ILE C 1097 -18.51 -22.49 -17.22
C ILE C 1097 -19.78 -23.27 -17.57
N LEU C 1098 -19.98 -23.53 -18.85
CA LEU C 1098 -21.14 -24.22 -19.36
C LEU C 1098 -20.79 -25.65 -19.76
N PRO C 1099 -21.79 -26.54 -19.83
CA PRO C 1099 -21.53 -27.91 -20.28
C PRO C 1099 -21.10 -27.94 -21.74
N ILE C 1100 -20.67 -29.13 -22.17
CA ILE C 1100 -20.19 -29.28 -23.54
C ILE C 1100 -21.32 -29.17 -24.54
N GLU C 1101 -22.52 -29.61 -24.16
CA GLU C 1101 -23.65 -29.58 -25.09
C GLU C 1101 -24.21 -28.17 -25.26
N ASP C 1102 -24.13 -27.33 -24.23
CA ASP C 1102 -24.66 -25.98 -24.33
C ASP C 1102 -23.84 -25.10 -25.26
N MET C 1103 -22.57 -25.45 -25.50
CA MET C 1103 -21.72 -24.64 -26.35
C MET C 1103 -22.21 -24.68 -27.80
N PRO C 1104 -21.76 -23.73 -28.63
CA PRO C 1104 -22.17 -23.75 -30.04
C PRO C 1104 -21.67 -24.98 -30.76
N PHE C 1105 -22.60 -25.69 -31.41
CA PHE C 1105 -22.29 -26.93 -32.11
C PHE C 1105 -21.78 -26.59 -33.50
N LEU C 1106 -20.47 -26.66 -33.70
CA LEU C 1106 -19.90 -26.43 -35.01
C LEU C 1106 -20.16 -27.63 -35.92
N ALA C 1107 -19.95 -27.42 -37.22
CA ALA C 1107 -20.11 -28.49 -38.18
C ALA C 1107 -19.10 -29.59 -37.91
N ASP C 1108 -19.44 -30.81 -38.35
CA ASP C 1108 -18.64 -32.02 -38.18
C ASP C 1108 -18.58 -32.48 -36.74
N GLY C 1109 -19.43 -31.96 -35.86
CA GLY C 1109 -19.51 -32.40 -34.49
C GLY C 1109 -18.67 -31.61 -33.50
N THR C 1110 -17.65 -30.90 -33.98
CA THR C 1110 -16.80 -30.13 -33.07
C THR C 1110 -17.58 -28.99 -32.45
N HIS C 1111 -17.07 -28.50 -31.31
CA HIS C 1111 -17.69 -27.41 -30.58
C HIS C 1111 -16.62 -26.49 -30.02
N VAL C 1112 -16.97 -25.21 -29.87
CA VAL C 1112 -16.02 -24.24 -29.37
C VAL C 1112 -15.75 -24.48 -27.89
N ASP C 1113 -14.65 -23.89 -27.41
CA ASP C 1113 -14.26 -23.99 -26.00
C ASP C 1113 -14.32 -22.67 -25.26
N VAL C 1114 -14.20 -21.54 -25.96
CA VAL C 1114 -14.27 -20.22 -25.35
C VAL C 1114 -15.08 -19.32 -26.27
N VAL C 1115 -15.81 -18.38 -25.67
CA VAL C 1115 -16.67 -17.45 -26.39
C VAL C 1115 -16.32 -16.04 -25.92
N LEU C 1116 -15.51 -15.33 -26.70
CA LEU C 1116 -15.08 -13.99 -26.35
C LEU C 1116 -16.02 -12.95 -26.96
N ASN C 1117 -16.05 -11.77 -26.33
CA ASN C 1117 -16.90 -10.69 -26.80
C ASN C 1117 -16.20 -9.95 -27.94
N PRO C 1118 -16.82 -9.82 -29.11
CA PRO C 1118 -16.19 -9.13 -30.24
C PRO C 1118 -16.28 -7.60 -30.18
N LEU C 1119 -16.82 -7.03 -29.11
CA LEU C 1119 -16.97 -5.59 -29.01
C LEU C 1119 -15.70 -4.89 -28.54
N GLY C 1120 -14.65 -5.63 -28.22
CA GLY C 1120 -13.40 -5.03 -27.79
C GLY C 1120 -12.49 -4.57 -28.91
N VAL C 1121 -12.84 -4.86 -30.16
CA VAL C 1121 -12.02 -4.48 -31.31
C VAL C 1121 -12.16 -2.99 -31.59
N PRO C 1122 -13.37 -2.46 -31.75
CA PRO C 1122 -13.49 -1.01 -31.98
C PRO C 1122 -12.99 -0.16 -30.83
N SER C 1123 -13.26 -0.57 -29.58
CA SER C 1123 -12.82 0.21 -28.43
C SER C 1123 -11.30 0.21 -28.31
N ARG C 1124 -10.71 -0.97 -28.13
CA ARG C 1124 -9.26 -1.12 -28.04
C ARG C 1124 -8.72 -1.40 -29.44
N MET C 1125 -7.86 -0.50 -29.93
CA MET C 1125 -7.35 -0.59 -31.30
C MET C 1125 -6.30 -1.68 -31.36
N ASN C 1126 -6.77 -2.92 -31.37
CA ASN C 1126 -5.90 -4.09 -31.59
C ASN C 1126 -6.60 -5.05 -32.53
N VAL C 1127 -5.92 -5.42 -33.61
CA VAL C 1127 -6.49 -6.29 -34.62
C VAL C 1127 -5.69 -7.57 -34.81
N GLY C 1128 -4.49 -7.66 -34.22
CA GLY C 1128 -3.66 -8.85 -34.40
C GLY C 1128 -4.29 -10.11 -33.86
N GLN C 1129 -5.21 -9.98 -32.89
CA GLN C 1129 -5.88 -11.16 -32.36
C GLN C 1129 -6.77 -11.83 -33.41
N ILE C 1130 -7.38 -11.03 -34.29
CA ILE C 1130 -8.23 -11.61 -35.34
C ILE C 1130 -7.37 -12.35 -36.35
N PHE C 1131 -6.27 -11.74 -36.79
CA PHE C 1131 -5.37 -12.43 -37.71
C PHE C 1131 -4.74 -13.64 -37.06
N GLU C 1132 -4.42 -13.54 -35.77
CA GLU C 1132 -3.88 -14.70 -35.05
C GLU C 1132 -4.89 -15.83 -35.01
N THR C 1133 -6.17 -15.51 -34.76
CA THR C 1133 -7.21 -16.54 -34.74
C THR C 1133 -7.38 -17.17 -36.12
N HIS C 1134 -7.34 -16.35 -37.18
CA HIS C 1134 -7.47 -16.89 -38.52
C HIS C 1134 -6.31 -17.82 -38.87
N LEU C 1135 -5.08 -17.41 -38.54
CA LEU C 1135 -3.93 -18.25 -38.81
C LEU C 1135 -3.97 -19.53 -37.98
N GLY C 1136 -4.46 -19.44 -36.74
CA GLY C 1136 -4.62 -20.63 -35.93
C GLY C 1136 -5.62 -21.60 -36.50
N TRP C 1137 -6.75 -21.09 -36.98
CA TRP C 1137 -7.75 -21.93 -37.63
C TRP C 1137 -7.16 -22.59 -38.87
N ALA C 1138 -6.39 -21.84 -39.66
CA ALA C 1138 -5.79 -22.38 -40.87
C ALA C 1138 -4.81 -23.50 -40.54
N CYS C 1139 -3.90 -23.26 -39.59
CA CYS C 1139 -2.92 -24.28 -39.26
C CYS C 1139 -3.57 -25.49 -38.58
N ALA C 1140 -4.64 -25.28 -37.82
CA ALA C 1140 -5.35 -26.40 -37.23
C ALA C 1140 -6.02 -27.25 -38.30
N ASN C 1141 -6.62 -26.62 -39.30
CA ASN C 1141 -7.20 -27.38 -40.41
C ASN C 1141 -6.12 -28.14 -41.17
N LEU C 1142 -4.97 -27.50 -41.37
CA LEU C 1142 -3.86 -28.18 -42.05
C LEU C 1142 -3.40 -29.40 -41.26
N GLY C 1143 -3.26 -29.25 -39.94
CA GLY C 1143 -2.86 -30.38 -39.12
C GLY C 1143 -3.89 -31.49 -39.12
N LYS C 1144 -5.18 -31.13 -39.09
CA LYS C 1144 -6.22 -32.15 -39.12
C LYS C 1144 -6.23 -32.89 -40.46
N GLN C 1145 -5.96 -32.17 -41.55
CA GLN C 1145 -5.92 -32.82 -42.87
C GLN C 1145 -4.67 -33.65 -43.06
N ILE C 1146 -3.56 -33.28 -42.41
CA ILE C 1146 -2.33 -34.05 -42.57
C ILE C 1146 -2.31 -35.27 -41.66
N THR C 1147 -2.91 -35.18 -40.47
CA THR C 1147 -2.93 -36.33 -39.57
C THR C 1147 -3.85 -37.43 -40.08
N ASN C 1148 -4.90 -37.06 -40.82
CA ASN C 1148 -5.80 -38.07 -41.37
C ASN C 1148 -5.15 -38.81 -42.54
N LEU C 1149 -4.21 -38.17 -43.24
CA LEU C 1149 -3.55 -38.82 -44.36
C LEU C 1149 -2.65 -39.97 -43.88
N LEU C 1150 -2.00 -39.78 -42.74
CA LEU C 1150 -1.13 -40.82 -42.19
C LEU C 1150 -1.91 -41.93 -41.49
N GLU C 1151 -3.15 -41.66 -41.08
CA GLU C 1151 -3.94 -42.68 -40.41
C GLU C 1151 -4.29 -43.83 -41.33
N ASP C 1152 -4.35 -43.58 -42.64
CA ASP C 1152 -4.66 -44.64 -43.59
C ASP C 1152 -3.52 -45.66 -43.65
N TRP C 1153 -2.32 -45.21 -44.01
CA TRP C 1153 -1.16 -46.09 -44.07
C TRP C 1153 0.07 -45.29 -43.69
N GLN C 1154 0.82 -45.77 -42.72
CA GLN C 1154 2.00 -45.06 -42.25
C GLN C 1154 3.13 -45.16 -43.28
N GLN C 1155 3.96 -44.12 -43.33
CA GLN C 1155 5.09 -44.05 -44.24
C GLN C 1155 4.64 -44.09 -45.71
N GLY C 1156 3.48 -43.52 -45.99
CA GLY C 1156 2.98 -43.51 -47.35
C GLY C 1156 3.76 -42.51 -48.21
N GLY C 1157 3.97 -42.88 -49.47
CA GLY C 1157 4.69 -42.00 -50.38
C GLY C 1157 3.95 -40.70 -50.66
N GLN C 1158 2.62 -40.77 -50.75
CA GLN C 1158 1.83 -39.58 -51.02
C GLN C 1158 1.80 -38.63 -49.83
N LYS C 1159 1.87 -39.17 -48.61
CA LYS C 1159 1.83 -38.31 -47.42
C LYS C 1159 3.08 -37.44 -47.36
N GLN C 1160 4.24 -37.99 -47.68
CA GLN C 1160 5.48 -37.20 -47.65
C GLN C 1160 5.42 -36.06 -48.68
N ALA C 1161 4.78 -36.31 -49.82
CA ALA C 1161 4.65 -35.27 -50.84
C ALA C 1161 3.83 -34.10 -50.31
N LEU C 1162 2.70 -34.39 -49.65
CA LEU C 1162 1.87 -33.32 -49.09
C LEU C 1162 2.59 -32.61 -47.95
N VAL C 1163 3.33 -33.35 -47.13
CA VAL C 1163 4.06 -32.74 -46.02
C VAL C 1163 5.14 -31.81 -46.54
N GLU C 1164 5.79 -32.18 -47.64
CA GLU C 1164 6.81 -31.32 -48.23
C GLU C 1164 6.19 -30.14 -48.98
N ARG C 1165 4.98 -30.31 -49.52
CA ARG C 1165 4.34 -29.22 -50.22
C ARG C 1165 3.80 -28.16 -49.27
N LEU C 1166 3.22 -28.58 -48.15
CA LEU C 1166 2.66 -27.61 -47.21
C LEU C 1166 3.76 -26.82 -46.50
N THR C 1167 4.89 -27.47 -46.22
CA THR C 1167 6.01 -26.80 -45.57
C THR C 1167 6.93 -26.20 -46.62
N GLU C 1168 7.46 -25.01 -46.32
CA GLU C 1168 8.37 -24.33 -47.23
C GLU C 1168 9.67 -25.12 -47.42
N GLU C 1174 14.67 -28.08 -49.02
CA GLU C 1174 13.69 -28.45 -48.00
C GLU C 1174 14.24 -29.51 -47.07
N GLU C 1175 14.50 -29.13 -45.83
CA GLU C 1175 15.03 -30.04 -44.81
C GLU C 1175 13.94 -30.87 -44.13
N LEU C 1176 12.70 -30.81 -44.64
CA LEU C 1176 11.62 -31.56 -44.00
C LEU C 1176 11.79 -33.06 -44.16
N PRO C 1177 11.92 -33.61 -45.37
CA PRO C 1177 12.07 -35.07 -45.49
C PRO C 1177 13.37 -35.57 -44.87
N ASP C 1178 13.27 -36.67 -44.15
CA ASP C 1178 14.40 -37.30 -43.49
C ASP C 1178 14.48 -38.77 -43.90
N THR C 1179 15.69 -39.24 -44.16
CA THR C 1179 15.87 -40.64 -44.57
C THR C 1179 15.54 -41.60 -43.43
N GLU C 1180 15.67 -41.16 -42.19
CA GLU C 1180 15.43 -42.03 -41.05
C GLU C 1180 13.95 -42.33 -40.91
N GLU C 1181 13.61 -43.11 -39.88
CA GLU C 1181 12.24 -43.52 -39.62
C GLU C 1181 11.45 -42.47 -38.83
N GLY C 1182 12.08 -41.37 -38.44
CA GLY C 1182 11.45 -40.36 -37.63
C GLY C 1182 10.34 -39.56 -38.31
N LEU C 1183 9.99 -39.88 -39.55
CA LEU C 1183 8.89 -39.17 -40.19
C LEU C 1183 7.57 -39.45 -39.49
N VAL C 1184 7.40 -40.65 -38.91
CA VAL C 1184 6.16 -40.96 -38.20
C VAL C 1184 6.05 -40.16 -36.91
N GLU C 1185 7.19 -39.89 -36.25
CA GLU C 1185 7.16 -39.09 -35.04
C GLU C 1185 6.83 -37.64 -35.33
N LEU C 1186 7.27 -37.12 -36.48
CA LEU C 1186 6.94 -35.75 -36.85
C LEU C 1186 5.44 -35.60 -37.12
N ALA C 1187 4.82 -36.61 -37.71
CA ALA C 1187 3.38 -36.55 -37.97
C ALA C 1187 2.58 -36.56 -36.69
N ARG C 1188 3.05 -37.27 -35.66
CA ARG C 1188 2.33 -37.30 -34.38
C ARG C 1188 2.26 -35.92 -33.75
N ASN C 1189 3.29 -35.09 -33.95
CA ASN C 1189 3.26 -33.73 -33.43
C ASN C 1189 2.54 -32.79 -34.38
N LEU C 1190 2.65 -33.01 -35.69
CA LEU C 1190 1.97 -32.16 -36.66
C LEU C 1190 0.46 -32.38 -36.67
N GLY C 1191 -0.02 -33.50 -36.14
CA GLY C 1191 -1.45 -33.75 -36.11
C GLY C 1191 -2.21 -32.74 -35.27
N LYS C 1192 -1.55 -32.15 -34.27
CA LYS C 1192 -2.16 -31.13 -33.43
C LYS C 1192 -2.06 -29.74 -34.05
N GLY C 1193 -1.76 -29.63 -35.34
CA GLY C 1193 -1.61 -28.34 -35.98
C GLY C 1193 -0.17 -28.03 -36.32
N VAL C 1194 0.08 -27.57 -37.54
CA VAL C 1194 1.45 -27.27 -37.97
C VAL C 1194 1.86 -25.93 -37.37
N PRO C 1195 3.02 -25.85 -36.71
CA PRO C 1195 3.45 -24.58 -36.13
C PRO C 1195 3.81 -23.58 -37.22
N ILE C 1196 3.48 -22.32 -36.96
CA ILE C 1196 3.76 -21.23 -37.89
C ILE C 1196 4.57 -20.18 -37.15
N ALA C 1197 5.74 -19.85 -37.69
CA ALA C 1197 6.64 -18.86 -37.10
C ALA C 1197 6.59 -17.59 -37.94
N THR C 1198 6.06 -16.52 -37.36
CA THR C 1198 5.95 -15.23 -38.03
C THR C 1198 6.79 -14.20 -37.30
N PRO C 1199 7.66 -13.47 -38.00
CA PRO C 1199 8.48 -12.46 -37.33
C PRO C 1199 7.64 -11.32 -36.80
N VAL C 1200 8.31 -10.43 -36.07
CA VAL C 1200 7.62 -9.28 -35.48
C VAL C 1200 7.23 -8.28 -36.55
N PHE C 1201 8.20 -7.84 -37.35
CA PHE C 1201 7.96 -6.84 -38.39
C PHE C 1201 7.82 -7.45 -39.78
N ASP C 1202 8.26 -8.68 -39.98
CA ASP C 1202 8.16 -9.36 -41.27
C ASP C 1202 7.07 -10.42 -41.25
N GLY C 1203 5.97 -10.15 -40.56
CA GLY C 1203 4.88 -11.09 -40.46
C GLY C 1203 4.22 -11.35 -41.80
N ALA C 1204 3.31 -12.33 -41.78
CA ALA C 1204 2.58 -12.69 -42.99
C ALA C 1204 1.61 -11.58 -43.37
N ARG C 1205 1.65 -11.17 -44.64
CA ARG C 1205 0.78 -10.13 -45.14
C ARG C 1205 -0.64 -10.69 -45.32
N MET C 1206 -1.53 -9.84 -45.86
CA MET C 1206 -2.91 -10.27 -46.09
C MET C 1206 -2.98 -11.35 -47.16
N ASP C 1207 -2.22 -11.19 -48.24
CA ASP C 1207 -2.25 -12.18 -49.31
C ASP C 1207 -1.70 -13.52 -48.84
N ASP C 1208 -0.68 -13.49 -48.00
CA ASP C 1208 -0.10 -14.74 -47.50
C ASP C 1208 -1.09 -15.51 -46.65
N ILE C 1209 -1.73 -14.83 -45.69
CA ILE C 1209 -2.72 -15.49 -44.85
C ILE C 1209 -3.93 -15.94 -45.66
N GLU C 1210 -4.31 -15.16 -46.68
CA GLU C 1210 -5.42 -15.55 -47.54
C GLU C 1210 -5.10 -16.83 -48.30
N GLY C 1211 -3.91 -16.90 -48.89
CA GLY C 1211 -3.51 -18.11 -49.59
C GLY C 1211 -3.38 -19.30 -48.65
N HIS C 1212 -2.92 -19.06 -47.41
CA HIS C 1212 -2.83 -20.14 -46.44
C HIS C 1212 -4.21 -20.67 -46.08
N LEU C 1213 -5.17 -19.77 -45.84
CA LEU C 1213 -6.53 -20.20 -45.55
C LEU C 1213 -7.15 -20.93 -46.73
N GLU C 1214 -6.86 -20.48 -47.96
CA GLU C 1214 -7.39 -21.16 -49.14
C GLU C 1214 -6.80 -22.56 -49.26
N MET C 1215 -5.49 -22.71 -49.02
CA MET C 1215 -4.87 -24.03 -49.11
C MET C 1215 -5.33 -24.96 -47.98
N ALA C 1216 -5.66 -24.39 -46.82
CA ALA C 1216 -6.09 -25.22 -45.70
C ALA C 1216 -7.45 -25.87 -45.93
N GLY C 1217 -8.26 -25.33 -46.84
CA GLY C 1217 -9.60 -25.83 -47.10
C GLY C 1217 -10.70 -24.98 -46.51
N VAL C 1218 -10.38 -24.03 -45.65
CA VAL C 1218 -11.38 -23.14 -45.07
C VAL C 1218 -11.74 -22.07 -46.09
N ASN C 1219 -12.96 -21.53 -45.96
CA ASN C 1219 -13.41 -20.48 -46.86
C ASN C 1219 -12.45 -19.28 -46.82
N LYS C 1220 -12.32 -18.61 -47.97
CA LYS C 1220 -11.37 -17.52 -48.08
C LYS C 1220 -11.73 -16.35 -47.18
N SER C 1221 -13.01 -16.19 -46.85
CA SER C 1221 -13.44 -15.09 -45.99
C SER C 1221 -12.90 -15.22 -44.57
N GLY C 1222 -12.59 -16.43 -44.12
CA GLY C 1222 -12.08 -16.70 -42.80
C GLY C 1222 -13.14 -17.11 -41.80
N GLN C 1223 -14.38 -16.68 -42.00
CA GLN C 1223 -15.47 -17.04 -41.11
C GLN C 1223 -16.16 -18.31 -41.59
N SER C 1224 -16.68 -19.07 -40.63
CA SER C 1224 -17.36 -20.33 -40.91
C SER C 1224 -18.72 -20.35 -40.24
N ILE C 1225 -19.66 -21.06 -40.87
CA ILE C 1225 -21.00 -21.17 -40.32
C ILE C 1225 -20.96 -21.99 -39.04
N LEU C 1226 -21.65 -21.50 -38.01
CA LEU C 1226 -21.67 -22.14 -36.70
C LEU C 1226 -23.10 -22.26 -36.22
N PHE C 1227 -23.46 -23.43 -35.71
CA PHE C 1227 -24.80 -23.66 -35.18
C PHE C 1227 -24.87 -23.29 -33.70
N ASP C 1228 -26.08 -23.34 -33.16
CA ASP C 1228 -26.33 -23.03 -31.76
C ASP C 1228 -26.68 -24.31 -31.03
N GLY C 1229 -25.86 -24.67 -30.04
CA GLY C 1229 -26.09 -25.91 -29.31
C GLY C 1229 -27.21 -25.83 -28.28
N LEU C 1230 -27.45 -24.63 -27.73
CA LEU C 1230 -28.48 -24.49 -26.72
C LEU C 1230 -29.87 -24.67 -27.30
N THR C 1231 -30.10 -24.15 -28.52
CA THR C 1231 -31.40 -24.23 -29.17
C THR C 1231 -31.43 -25.18 -30.35
N GLY C 1232 -30.31 -25.37 -31.05
CA GLY C 1232 -30.29 -26.23 -32.21
C GLY C 1232 -30.56 -25.53 -33.53
N GLU C 1233 -30.35 -24.22 -33.58
CA GLU C 1233 -30.58 -23.44 -34.80
C GLU C 1233 -29.28 -22.81 -35.27
N GLN C 1234 -29.24 -22.50 -36.57
CA GLN C 1234 -28.06 -21.90 -37.18
C GLN C 1234 -28.20 -20.39 -37.21
N PHE C 1235 -27.16 -19.69 -36.77
CA PHE C 1235 -27.17 -18.24 -36.82
C PHE C 1235 -27.21 -17.76 -38.26
N LYS C 1236 -28.00 -16.71 -38.49
CA LYS C 1236 -28.17 -16.16 -39.84
C LYS C 1236 -27.10 -15.13 -40.16
N ARG C 1237 -25.83 -15.50 -39.94
CA ARG C 1237 -24.70 -14.64 -40.24
C ARG C 1237 -23.41 -15.42 -40.05
N PRO C 1238 -22.39 -15.18 -40.86
CA PRO C 1238 -21.11 -15.89 -40.67
C PRO C 1238 -20.43 -15.46 -39.37
N VAL C 1239 -19.80 -16.42 -38.71
CA VAL C 1239 -19.12 -16.19 -37.44
C VAL C 1239 -17.66 -16.55 -37.60
N THR C 1240 -16.82 -15.93 -36.78
CA THR C 1240 -15.38 -16.15 -36.79
C THR C 1240 -14.99 -17.13 -35.68
N VAL C 1241 -14.28 -18.19 -36.06
CA VAL C 1241 -13.82 -19.20 -35.12
C VAL C 1241 -12.39 -19.57 -35.46
N GLY C 1242 -11.58 -19.82 -34.44
CA GLY C 1242 -10.20 -20.20 -34.65
C GLY C 1242 -9.53 -20.54 -33.34
N TYR C 1243 -8.23 -20.85 -33.42
CA TYR C 1243 -7.43 -21.22 -32.28
C TYR C 1243 -6.64 -20.00 -31.81
N ILE C 1244 -6.84 -19.60 -30.56
CA ILE C 1244 -6.16 -18.45 -29.97
C ILE C 1244 -5.36 -18.93 -28.76
N TYR C 1245 -4.18 -18.35 -28.59
CA TYR C 1245 -3.31 -18.69 -27.46
C TYR C 1245 -3.83 -18.01 -26.20
N MET C 1246 -4.16 -18.81 -25.19
CA MET C 1246 -4.68 -18.29 -23.93
C MET C 1246 -3.71 -18.57 -22.80
N LEU C 1247 -3.66 -17.66 -21.84
CA LEU C 1247 -2.78 -17.76 -20.69
C LEU C 1247 -3.60 -17.80 -19.40
N LYS C 1248 -2.98 -18.32 -18.35
CA LYS C 1248 -3.60 -18.41 -17.03
C LYS C 1248 -2.83 -17.49 -16.09
N LEU C 1249 -3.36 -16.30 -15.86
CA LEU C 1249 -2.69 -15.33 -15.02
C LEU C 1249 -2.63 -15.80 -13.57
N HIS C 1250 -1.75 -15.17 -12.80
CA HIS C 1250 -1.56 -15.55 -11.40
C HIS C 1250 -2.64 -14.99 -10.48
N HIS C 1251 -3.49 -14.09 -10.98
CA HIS C 1251 -4.55 -13.50 -10.16
C HIS C 1251 -5.67 -14.52 -9.99
N LEU C 1252 -5.47 -15.45 -9.06
CA LEU C 1252 -6.45 -16.48 -8.79
C LEU C 1252 -7.56 -15.95 -7.91
N VAL C 1253 -8.68 -16.66 -7.90
CA VAL C 1253 -9.84 -16.24 -7.12
C VAL C 1253 -9.81 -16.79 -5.70
N ASP C 1254 -9.21 -17.96 -5.49
CA ASP C 1254 -9.17 -18.55 -4.15
C ASP C 1254 -8.29 -17.72 -3.21
N ASP C 1255 -7.19 -17.19 -3.73
CA ASP C 1255 -6.31 -16.36 -2.92
C ASP C 1255 -6.78 -14.92 -2.81
N LYS C 1256 -7.76 -14.52 -3.61
CA LYS C 1256 -8.26 -13.14 -3.57
C LYS C 1256 -9.46 -12.99 -2.66
N ILE C 1257 -10.33 -13.99 -2.57
CA ILE C 1257 -11.50 -13.90 -1.72
C ILE C 1257 -11.09 -13.89 -0.27
N HIS C 1258 -11.82 -13.14 0.55
CA HIS C 1258 -11.52 -13.04 1.98
C HIS C 1258 -12.71 -12.41 2.69
N ALA C 1259 -13.04 -12.95 3.87
CA ALA C 1259 -14.14 -12.44 4.67
C ALA C 1259 -13.79 -12.56 6.15
N ARG C 1260 -14.09 -11.51 6.90
CA ARG C 1260 -13.78 -11.47 8.33
C ARG C 1260 -15.00 -10.99 9.11
N SER C 1261 -15.23 -11.62 10.26
CA SER C 1261 -16.28 -11.22 11.18
C SER C 1261 -15.72 -10.66 12.48
N ILE C 1262 -14.82 -11.40 13.14
CA ILE C 1262 -14.17 -10.93 14.36
C ILE C 1262 -12.75 -11.47 14.39
N GLY C 1263 -11.77 -10.57 14.38
CA GLY C 1263 -10.37 -10.95 14.35
C GLY C 1263 -9.54 -10.16 15.34
N PRO C 1264 -8.22 -10.31 15.26
CA PRO C 1264 -7.34 -9.60 16.17
C PRO C 1264 -7.34 -8.11 15.89
N TYR C 1265 -7.35 -7.32 16.95
CA TYR C 1265 -7.37 -5.86 16.85
C TYR C 1265 -5.95 -5.30 16.98
N SER C 1266 -5.82 -4.01 16.68
CA SER C 1266 -4.53 -3.35 16.71
C SER C 1266 -4.02 -3.25 18.15
N LEU C 1267 -2.81 -2.74 18.31
CA LEU C 1267 -2.17 -2.63 19.61
C LEU C 1267 -2.45 -1.29 20.27
N VAL C 1268 -2.08 -0.19 19.61
CA VAL C 1268 -2.25 1.13 20.20
C VAL C 1268 -3.57 1.77 19.82
N THR C 1269 -4.06 1.53 18.61
CA THR C 1269 -5.31 2.12 18.15
C THR C 1269 -6.54 1.31 18.56
N GLN C 1270 -6.37 0.01 18.83
CA GLN C 1270 -7.49 -0.86 19.21
C GLN C 1270 -8.52 -0.96 18.08
N GLN C 1271 -8.01 -1.17 16.88
CA GLN C 1271 -8.83 -1.32 15.69
C GLN C 1271 -8.50 -2.64 14.99
N PRO C 1272 -9.36 -3.11 14.10
CA PRO C 1272 -9.07 -4.37 13.39
C PRO C 1272 -7.87 -4.23 12.47
N LEU C 1273 -7.03 -5.26 12.46
CA LEU C 1273 -5.84 -5.24 11.62
C LEU C 1273 -6.22 -5.26 10.14
N GLY C 1274 -5.24 -4.92 9.31
CA GLY C 1274 -5.45 -4.88 7.88
C GLY C 1274 -4.64 -5.90 7.12
N GLY C 1275 -5.10 -6.25 5.92
CA GLY C 1275 -4.40 -7.22 5.09
C GLY C 1275 -4.94 -8.62 5.24
N LYS C 1276 -4.94 -9.39 4.15
CA LYS C 1276 -5.45 -10.75 4.14
C LYS C 1276 -4.53 -11.75 4.86
N ALA C 1277 -3.45 -11.30 5.49
CA ALA C 1277 -2.55 -12.22 6.18
C ALA C 1277 -3.23 -12.87 7.38
N GLN C 1278 -3.67 -12.05 8.33
CA GLN C 1278 -4.31 -12.54 9.55
C GLN C 1278 -5.63 -11.78 9.78
N PHE C 1279 -6.69 -12.25 9.12
CA PHE C 1279 -8.05 -11.75 9.31
C PHE C 1279 -8.13 -10.23 9.18
N GLY C 1280 -7.81 -9.75 7.98
CA GLY C 1280 -7.86 -8.32 7.74
C GLY C 1280 -9.26 -7.79 7.63
N GLY C 1281 -9.38 -6.47 7.78
CA GLY C 1281 -10.66 -5.78 7.65
C GLY C 1281 -10.61 -4.77 6.53
N GLN C 1282 -11.65 -4.75 5.71
CA GLN C 1282 -11.73 -3.81 4.60
C GLN C 1282 -11.77 -2.38 5.13
N ARG C 1283 -10.76 -1.60 4.78
CA ARG C 1283 -10.65 -0.23 5.30
C ARG C 1283 -11.76 0.64 4.75
N PHE C 1284 -12.50 1.30 5.65
CA PHE C 1284 -13.52 2.27 5.29
C PHE C 1284 -12.83 3.60 5.01
N GLY C 1285 -12.45 3.80 3.75
CA GLY C 1285 -11.66 4.96 3.38
C GLY C 1285 -12.39 6.27 3.61
N GLU C 1286 -11.62 7.36 3.51
CA GLU C 1286 -12.19 8.68 3.69
C GLU C 1286 -13.20 9.01 2.61
N MET C 1287 -12.93 8.61 1.37
CA MET C 1287 -13.87 8.87 0.29
C MET C 1287 -15.16 8.06 0.47
N GLU C 1288 -15.06 6.90 1.12
CA GLU C 1288 -16.27 6.11 1.36
C GLU C 1288 -17.18 6.76 2.38
N VAL C 1289 -16.62 7.52 3.32
CA VAL C 1289 -17.44 8.21 4.31
C VAL C 1289 -18.23 9.34 3.64
N TRP C 1290 -17.68 9.95 2.60
CA TRP C 1290 -18.40 11.01 1.89
C TRP C 1290 -19.62 10.44 1.16
N ALA C 1291 -19.57 9.19 0.73
CA ALA C 1291 -20.71 8.59 0.05
C ALA C 1291 -21.91 8.47 0.99
N LEU C 1292 -21.67 8.03 2.23
CA LEU C 1292 -22.76 7.94 3.20
C LEU C 1292 -23.26 9.32 3.58
N GLU C 1293 -22.37 10.31 3.66
CA GLU C 1293 -22.79 11.66 3.96
C GLU C 1293 -23.63 12.26 2.83
N ALA C 1294 -23.36 11.85 1.59
CA ALA C 1294 -24.18 12.30 0.47
C ALA C 1294 -25.62 11.81 0.61
N TYR C 1295 -25.78 10.52 0.89
CA TYR C 1295 -27.10 9.99 1.20
C TYR C 1295 -27.59 10.53 2.54
N GLY C 1296 -28.85 10.27 2.84
CA GLY C 1296 -29.39 10.64 4.13
C GLY C 1296 -29.04 9.72 5.27
N ALA C 1297 -28.22 8.70 5.01
CA ALA C 1297 -27.86 7.72 6.03
C ALA C 1297 -27.01 8.38 7.11
N ALA C 1298 -27.50 8.34 8.35
CA ALA C 1298 -26.76 8.86 9.50
C ALA C 1298 -26.50 7.83 10.58
N TYR C 1299 -27.30 6.78 10.67
CA TYR C 1299 -27.08 5.72 11.65
C TYR C 1299 -26.16 4.63 11.13
N THR C 1300 -26.17 4.37 9.82
CA THR C 1300 -25.25 3.39 9.26
C THR C 1300 -23.80 3.84 9.39
N LEU C 1301 -23.53 5.12 9.13
CA LEU C 1301 -22.19 5.66 9.27
C LEU C 1301 -21.80 5.90 10.73
N GLN C 1302 -22.79 6.07 11.61
CA GLN C 1302 -22.47 6.32 13.01
C GLN C 1302 -22.01 5.04 13.71
N GLU C 1303 -22.69 3.93 13.45
CA GLU C 1303 -22.30 2.66 14.07
C GLU C 1303 -21.14 2.00 13.36
N MET C 1304 -20.96 2.27 12.06
CA MET C 1304 -19.88 1.67 11.30
C MET C 1304 -18.52 2.26 11.65
N LEU C 1305 -18.47 3.33 12.42
CA LEU C 1305 -17.21 3.96 12.80
C LEU C 1305 -16.92 3.93 14.29
N THR C 1306 -17.90 3.59 15.13
CA THR C 1306 -17.71 3.59 16.57
C THR C 1306 -17.86 2.21 17.19
N VAL C 1307 -18.98 1.52 16.93
CA VAL C 1307 -19.25 0.24 17.59
C VAL C 1307 -18.61 -0.93 16.88
N LYS C 1308 -18.16 -0.76 15.64
CA LYS C 1308 -17.57 -1.86 14.90
C LYS C 1308 -16.06 -1.94 15.07
N SER C 1309 -15.37 -0.81 15.08
CA SER C 1309 -13.91 -0.81 15.20
C SER C 1309 -13.39 0.11 16.29
N ASP C 1310 -14.03 1.26 16.51
CA ASP C 1310 -13.48 2.24 17.44
C ASP C 1310 -13.75 1.86 18.89
N ASP C 1311 -15.02 1.77 19.27
CA ASP C 1311 -15.37 1.51 20.66
C ASP C 1311 -14.97 0.09 21.06
N VAL C 1312 -14.28 -0.03 22.19
CA VAL C 1312 -13.86 -1.33 22.70
C VAL C 1312 -14.82 -1.78 23.79
N ALA C 1313 -15.39 -0.81 24.53
CA ALA C 1313 -16.35 -1.14 25.57
C ALA C 1313 -17.66 -1.63 24.98
N GLY C 1314 -18.27 -0.83 24.09
CA GLY C 1314 -19.49 -1.19 23.43
C GLY C 1314 -19.35 -2.13 22.25
N ARG C 1315 -18.13 -2.61 21.98
CA ARG C 1315 -17.95 -3.52 20.86
C ARG C 1315 -18.55 -4.88 21.13
N THR C 1316 -18.47 -5.34 22.38
CA THR C 1316 -19.06 -6.62 22.76
C THR C 1316 -20.55 -6.54 23.01
N LYS C 1317 -21.07 -5.34 23.31
CA LYS C 1317 -22.50 -5.19 23.57
C LYS C 1317 -23.31 -5.50 22.32
N VAL C 1318 -22.86 -5.03 21.16
CA VAL C 1318 -23.61 -5.29 19.93
C VAL C 1318 -23.56 -6.77 19.58
N TYR C 1319 -22.43 -7.43 19.85
CA TYR C 1319 -22.34 -8.87 19.59
C TYR C 1319 -23.26 -9.65 20.52
N GLU C 1320 -23.31 -9.25 21.79
CA GLU C 1320 -24.21 -9.91 22.73
C GLU C 1320 -25.68 -9.70 22.33
N SER C 1321 -26.01 -8.49 21.90
CA SER C 1321 -27.38 -8.22 21.46
C SER C 1321 -27.72 -9.03 20.21
N ILE C 1322 -26.77 -9.19 19.30
CA ILE C 1322 -27.03 -9.97 18.09
C ILE C 1322 -27.21 -11.44 18.43
N VAL C 1323 -26.36 -11.98 19.31
CA VAL C 1323 -26.47 -13.39 19.67
C VAL C 1323 -27.71 -13.66 20.49
N ARG C 1324 -28.18 -12.66 21.24
CA ARG C 1324 -29.39 -12.85 22.04
C ARG C 1324 -30.66 -12.76 21.20
N GLY C 1325 -30.65 -11.90 20.19
CA GLY C 1325 -31.79 -11.74 19.30
C GLY C 1325 -32.37 -10.33 19.25
N ASP C 1326 -31.84 -9.38 20.00
CA ASP C 1326 -32.33 -8.01 20.00
C ASP C 1326 -31.38 -7.11 19.25
N ASP C 1327 -31.90 -6.36 18.30
CA ASP C 1327 -31.10 -5.45 17.48
C ASP C 1327 -31.05 -4.08 18.14
N THR C 1328 -29.90 -3.74 18.72
CA THR C 1328 -29.71 -2.45 19.36
C THR C 1328 -28.24 -2.30 19.72
N PHE C 1329 -27.79 -1.05 19.78
CA PHE C 1329 -26.39 -0.77 20.09
C PHE C 1329 -26.30 0.60 20.77
N GLU C 1330 -25.19 0.81 21.48
CA GLU C 1330 -24.92 2.05 22.17
C GLU C 1330 -23.46 2.40 22.01
N ALA C 1331 -23.18 3.63 21.57
CA ALA C 1331 -21.82 4.11 21.36
C ALA C 1331 -21.60 5.36 22.19
N GLY C 1332 -20.59 5.32 23.07
CA GLY C 1332 -20.29 6.46 23.91
C GLY C 1332 -19.23 7.37 23.35
N ILE C 1333 -18.10 6.81 22.96
CA ILE C 1333 -17.00 7.59 22.40
C ILE C 1333 -15.96 6.64 21.81
N PRO C 1334 -15.41 6.94 20.64
CA PRO C 1334 -14.39 6.05 20.05
C PRO C 1334 -13.07 6.14 20.80
N GLU C 1335 -12.22 5.13 20.56
CA GLU C 1335 -10.91 5.11 21.18
C GLU C 1335 -9.92 6.01 20.47
N SER C 1336 -10.10 6.24 19.17
CA SER C 1336 -9.19 7.10 18.43
C SER C 1336 -9.26 8.54 18.94
N PHE C 1337 -10.47 9.02 19.26
CA PHE C 1337 -10.59 10.36 19.80
C PHE C 1337 -9.92 10.48 21.17
N ASN C 1338 -10.03 9.45 22.00
CA ASN C 1338 -9.36 9.47 23.29
C ASN C 1338 -7.84 9.47 23.12
N VAL C 1339 -7.33 8.69 22.16
CA VAL C 1339 -5.90 8.68 21.88
C VAL C 1339 -5.44 10.05 21.40
N LEU C 1340 -6.24 10.69 20.54
CA LEU C 1340 -5.89 12.02 20.05
C LEU C 1340 -5.89 13.05 21.18
N VAL C 1341 -6.85 12.94 22.10
CA VAL C 1341 -6.91 13.86 23.22
C VAL C 1341 -5.71 13.65 24.14
N LYS C 1342 -5.33 12.40 24.38
CA LYS C 1342 -4.15 12.13 25.18
C LYS C 1342 -2.88 12.63 24.49
N GLU C 1343 -2.84 12.57 23.16
CA GLU C 1343 -1.68 13.07 22.43
C GLU C 1343 -1.58 14.58 22.53
N MET C 1344 -2.70 15.28 22.31
CA MET C 1344 -2.69 16.75 22.40
C MET C 1344 -2.38 17.23 23.81
N ARG C 1345 -2.81 16.48 24.83
CA ARG C 1345 -2.50 16.87 26.20
C ARG C 1345 -1.01 16.74 26.50
N SER C 1346 -0.30 15.88 25.77
CA SER C 1346 1.13 15.73 25.99
C SER C 1346 1.89 17.00 25.65
N LEU C 1347 1.42 17.76 24.66
CA LEU C 1347 2.04 19.03 24.29
C LEU C 1347 1.59 20.11 25.27
N GLY C 1348 1.99 21.35 25.01
CA GLY C 1348 1.56 22.45 25.85
C GLY C 1348 0.09 22.79 25.74
N LEU C 1349 -0.57 22.32 24.69
CA LEU C 1349 -1.98 22.62 24.50
C LEU C 1349 -2.82 21.93 25.57
N ASN C 1350 -3.87 22.63 26.02
CA ASN C 1350 -4.79 22.12 27.03
C ASN C 1350 -6.12 21.83 26.36
N VAL C 1351 -6.42 20.55 26.14
CA VAL C 1351 -7.67 20.13 25.52
C VAL C 1351 -8.55 19.49 26.58
N GLU C 1352 -9.43 20.27 27.17
CA GLU C 1352 -10.33 19.80 28.22
C GLU C 1352 -11.77 19.83 27.73
N LEU C 1353 -12.53 18.79 28.08
CA LEU C 1353 -13.92 18.71 27.68
C LEU C 1353 -14.81 19.47 28.65
N GLU C 1354 -15.90 20.01 28.13
CA GLU C 1354 -16.84 20.79 28.92
C GLU C 1354 -18.24 20.22 28.80
N ASN C 1355 -19.08 20.55 29.77
CA ASN C 1355 -20.47 20.09 29.81
C ASN C 1355 -20.54 18.56 29.88
N THR D 17 -21.59 12.50 28.48
CA THR D 17 -21.59 13.34 27.29
C THR D 17 -20.66 14.53 27.45
N PHE D 18 -20.40 15.23 26.35
CA PHE D 18 -19.53 16.40 26.38
C PHE D 18 -19.83 17.26 25.16
N ASP D 19 -19.75 18.57 25.34
CA ASP D 19 -19.98 19.52 24.26
C ASP D 19 -19.11 20.75 24.49
N GLN D 20 -18.94 21.53 23.42
CA GLN D 20 -18.15 22.76 23.47
C GLN D 20 -16.71 22.48 23.87
N ILE D 21 -16.02 21.71 23.03
CA ILE D 21 -14.63 21.40 23.25
C ILE D 21 -13.81 22.69 23.20
N ARG D 22 -12.98 22.91 24.21
CA ARG D 22 -12.16 24.10 24.32
C ARG D 22 -10.69 23.71 24.45
N ILE D 23 -9.83 24.43 23.73
CA ILE D 23 -8.40 24.19 23.75
C ILE D 23 -7.69 25.51 24.04
N SER D 24 -6.68 25.46 24.91
CA SER D 24 -5.92 26.64 25.27
C SER D 24 -4.57 26.18 25.84
N LEU D 25 -3.79 27.15 26.31
CA LEU D 25 -2.48 26.84 26.88
C LEU D 25 -2.64 26.13 28.22
N ALA D 26 -1.71 25.21 28.49
CA ALA D 26 -1.71 24.44 29.72
C ALA D 26 -0.65 25.02 30.67
N SER D 27 -1.09 25.42 31.86
CA SER D 27 -0.18 25.98 32.84
C SER D 27 0.60 24.88 33.55
N PRO D 28 1.70 25.24 34.22
CA PRO D 28 2.44 24.22 34.99
C PRO D 28 1.62 23.61 36.11
N GLU D 29 0.73 24.39 36.73
CA GLU D 29 -0.12 23.83 37.78
C GLU D 29 -1.07 22.78 37.22
N LYS D 30 -1.66 23.04 36.05
CA LYS D 30 -2.53 22.05 35.43
C LYS D 30 -1.76 20.80 35.04
N ILE D 31 -0.53 20.95 34.58
CA ILE D 31 0.28 19.80 34.20
C ILE D 31 0.63 18.98 35.44
N ARG D 32 0.93 19.64 36.55
CA ARG D 32 1.22 18.92 37.78
C ARG D 32 -0.04 18.23 38.31
N SER D 33 -1.21 18.85 38.14
CA SER D 33 -2.45 18.22 38.58
C SER D 33 -2.77 17.00 37.73
N TRP D 34 -2.52 17.07 36.43
CA TRP D 34 -2.75 15.91 35.57
C TRP D 34 -1.84 14.75 35.94
N SER D 35 -0.56 15.03 36.16
CA SER D 35 0.39 13.97 36.46
C SER D 35 0.14 13.35 37.83
N PHE D 36 0.52 12.08 37.97
CA PHE D 36 0.45 11.38 39.24
C PHE D 36 1.79 11.29 39.95
N GLY D 37 2.87 11.02 39.20
CA GLY D 37 4.19 10.97 39.77
C GLY D 37 5.21 11.50 38.80
N GLU D 38 6.37 11.86 39.34
CA GLU D 38 7.47 12.43 38.56
C GLU D 38 8.48 11.32 38.26
N ILE D 39 8.86 11.21 36.99
CA ILE D 39 9.83 10.22 36.55
C ILE D 39 11.23 10.80 36.68
N LYS D 40 12.15 9.99 37.21
CA LYS D 40 13.52 10.45 37.45
C LYS D 40 14.60 9.54 36.86
N LYS D 41 14.29 8.28 36.57
CA LYS D 41 15.28 7.35 36.04
C LYS D 41 14.84 6.87 34.67
N PRO D 42 15.69 6.97 33.64
CA PRO D 42 15.32 6.48 32.29
C PRO D 42 15.58 4.98 32.14
N GLU D 43 14.83 4.19 32.89
CA GLU D 43 14.94 2.73 32.88
C GLU D 43 13.60 2.15 32.47
N THR D 44 13.54 1.58 31.27
CA THR D 44 12.28 1.03 30.77
C THR D 44 11.88 -0.23 31.53
N ILE D 45 12.71 -1.27 31.45
CA ILE D 45 12.45 -2.55 32.10
C ILE D 45 13.77 -3.21 32.45
N ASN D 46 13.70 -4.23 33.30
CA ASN D 46 14.89 -4.98 33.69
C ASN D 46 15.25 -6.01 32.64
N TYR D 47 16.55 -6.32 32.53
CA TYR D 47 17.01 -7.26 31.53
C TYR D 47 16.80 -8.71 31.97
N ARG D 48 16.83 -8.98 33.27
CA ARG D 48 16.65 -10.35 33.74
C ARG D 48 15.18 -10.71 33.86
N THR D 49 14.39 -9.83 34.47
CA THR D 49 12.96 -10.02 34.59
C THR D 49 12.26 -8.80 33.99
N PHE D 50 11.33 -9.05 33.06
CA PHE D 50 10.65 -7.98 32.35
C PHE D 50 9.51 -7.46 33.22
N LYS D 51 9.79 -6.40 33.96
CA LYS D 51 8.81 -5.77 34.83
C LYS D 51 9.07 -4.28 34.85
N PRO D 52 8.08 -3.47 35.26
CA PRO D 52 8.29 -2.02 35.31
C PRO D 52 9.35 -1.64 36.34
N GLU D 53 9.84 -0.43 36.21
CA GLU D 53 10.88 0.11 37.10
C GLU D 53 10.26 1.05 38.13
N ARG D 54 11.10 1.48 39.07
CA ARG D 54 10.63 2.35 40.15
C ARG D 54 10.27 3.74 39.61
N ASP D 55 11.18 4.34 38.83
CA ASP D 55 10.95 5.67 38.27
C ASP D 55 11.13 5.71 36.76
N GLY D 56 11.18 4.57 36.09
CA GLY D 56 11.36 4.54 34.66
C GLY D 56 10.12 5.03 33.92
N LEU D 57 10.25 5.01 32.58
CA LEU D 57 9.12 5.42 31.74
C LEU D 57 7.94 4.47 31.91
N PHE D 58 8.21 3.18 32.08
CA PHE D 58 7.18 2.18 32.31
C PHE D 58 7.20 1.84 33.80
N CYS D 59 6.37 2.53 34.57
CA CYS D 59 6.29 2.35 36.01
C CYS D 59 4.87 1.94 36.39
N ALA D 60 4.75 0.92 37.22
CA ALA D 60 3.44 0.48 37.68
C ALA D 60 2.90 1.40 38.77
N ARG D 61 3.78 1.92 39.63
CA ARG D 61 3.33 2.79 40.71
C ARG D 61 2.78 4.11 40.18
N ILE D 62 3.25 4.56 39.02
CA ILE D 62 2.82 5.81 38.43
C ILE D 62 1.70 5.62 37.41
N PHE D 63 1.78 4.54 36.62
CA PHE D 63 0.82 4.28 35.56
C PHE D 63 -0.04 3.04 35.84
N GLY D 64 -0.28 2.75 37.11
CA GLY D 64 -1.13 1.64 37.49
C GLY D 64 -0.48 0.29 37.24
N PRO D 65 -1.13 -0.77 37.70
CA PRO D 65 -0.56 -2.10 37.54
C PRO D 65 -0.64 -2.58 36.09
N THR D 66 0.17 -3.59 35.79
CA THR D 66 0.19 -4.16 34.44
C THR D 66 -0.92 -5.18 34.25
N LYS D 67 -1.07 -6.10 35.20
CA LYS D 67 -2.11 -7.11 35.11
C LYS D 67 -3.44 -6.56 35.61
N ASP D 68 -4.50 -7.28 35.27
CA ASP D 68 -5.86 -6.90 35.65
C ASP D 68 -6.18 -7.47 37.03
N TYR D 69 -6.41 -6.57 38.00
CA TYR D 69 -6.76 -6.98 39.37
C TYR D 69 -5.65 -7.80 40.01
N GLU D 70 -4.40 -7.52 39.66
CA GLU D 70 -3.26 -8.27 40.19
C GLU D 70 -2.09 -7.31 40.36
N CYS D 71 -1.76 -6.99 41.61
CA CYS D 71 -0.60 -6.16 41.89
C CYS D 71 0.68 -6.95 41.69
N LEU D 72 1.81 -6.23 41.75
CA LEU D 72 3.11 -6.86 41.60
C LEU D 72 3.51 -7.57 42.89
N CYS D 73 4.66 -8.25 42.84
CA CYS D 73 5.33 -8.93 43.94
C CYS D 73 4.48 -10.03 44.58
N GLY D 74 3.36 -10.41 43.97
CA GLY D 74 2.57 -11.54 44.43
C GLY D 74 2.04 -11.42 45.84
N LYS D 75 1.41 -10.29 46.17
CA LYS D 75 0.86 -10.08 47.49
C LYS D 75 -0.65 -9.90 47.50
N TYR D 76 -1.21 -9.23 46.51
CA TYR D 76 -2.64 -8.98 46.42
C TYR D 76 -3.17 -9.40 45.05
N LYS D 77 -2.76 -10.59 44.61
CA LYS D 77 -3.18 -11.12 43.32
C LYS D 77 -4.53 -11.84 43.38
N ARG D 78 -5.24 -11.74 44.50
CA ARG D 78 -6.53 -12.41 44.63
C ARG D 78 -7.60 -11.80 43.73
N MET D 79 -7.46 -10.52 43.37
CA MET D 79 -8.39 -9.82 42.50
C MET D 79 -9.76 -9.63 43.13
N LYS D 80 -9.86 -9.74 44.45
CA LYS D 80 -11.13 -9.54 45.14
C LYS D 80 -11.34 -8.10 45.57
N TYR D 81 -10.27 -7.40 45.94
CA TYR D 81 -10.36 -6.00 46.33
C TYR D 81 -9.61 -5.13 45.33
N LYS D 82 -10.13 -3.92 45.11
CA LYS D 82 -9.55 -2.99 44.14
C LYS D 82 -9.16 -1.65 44.75
N GLY D 83 -9.40 -1.43 46.04
CA GLY D 83 -9.07 -0.18 46.66
C GLY D 83 -7.82 -0.25 47.52
N ILE D 84 -7.28 -1.46 47.70
CA ILE D 84 -6.09 -1.63 48.53
C ILE D 84 -4.84 -1.28 47.73
N ILE D 85 -3.78 -0.94 48.46
CA ILE D 85 -2.49 -0.61 47.87
C ILE D 85 -1.42 -1.43 48.55
N CYS D 86 -0.60 -2.13 47.77
CA CYS D 86 0.45 -2.97 48.32
C CYS D 86 1.49 -2.10 49.01
N GLU D 87 1.76 -2.40 50.29
CA GLU D 87 2.72 -1.60 51.05
C GLU D 87 4.14 -1.81 50.55
N LYS D 88 4.59 -3.07 50.49
CA LYS D 88 5.96 -3.35 50.09
C LYS D 88 6.21 -3.01 48.63
N CYS D 89 5.24 -3.29 47.76
CA CYS D 89 5.42 -3.03 46.34
C CYS D 89 5.21 -1.55 46.02
N GLY D 90 4.03 -1.02 46.33
CA GLY D 90 3.74 0.37 46.15
C GLY D 90 2.80 0.72 45.00
N VAL D 91 2.03 -0.23 44.49
CA VAL D 91 1.08 0.01 43.41
C VAL D 91 -0.27 -0.59 43.80
N GLU D 92 -1.34 0.10 43.44
CA GLU D 92 -2.69 -0.37 43.73
C GLU D 92 -3.16 -1.34 42.66
N VAL D 93 -4.17 -2.14 43.01
CA VAL D 93 -4.75 -3.12 42.11
C VAL D 93 -5.84 -2.43 41.29
N THR D 94 -5.65 -2.40 39.98
CA THR D 94 -6.58 -1.74 39.07
C THR D 94 -6.47 -2.42 37.71
N LEU D 95 -7.53 -2.27 36.91
CA LEU D 95 -7.56 -2.84 35.58
C LEU D 95 -6.43 -2.28 34.72
N ALA D 96 -6.13 -2.99 33.63
CA ALA D 96 -5.08 -2.54 32.71
C ALA D 96 -5.49 -1.31 31.93
N ARG D 97 -6.79 -0.99 31.88
CA ARG D 97 -7.23 0.19 31.14
C ARG D 97 -6.78 1.48 31.81
N VAL D 98 -6.53 1.45 33.12
CA VAL D 98 -6.07 2.65 33.81
C VAL D 98 -4.65 3.02 33.42
N ARG D 99 -3.87 2.06 32.91
CA ARG D 99 -2.51 2.36 32.48
C ARG D 99 -2.47 3.24 31.23
N ARG D 100 -3.59 3.34 30.50
CA ARG D 100 -3.66 4.17 29.30
C ARG D 100 -4.16 5.58 29.58
N GLU D 101 -4.78 5.82 30.73
CA GLU D 101 -5.35 7.12 31.07
C GLU D 101 -4.58 7.82 32.17
N ARG D 102 -3.34 7.41 32.43
CA ARG D 102 -2.49 8.01 33.46
C ARG D 102 -1.28 8.65 32.80
N MET D 103 -1.02 9.91 33.12
CA MET D 103 0.08 10.66 32.54
C MET D 103 1.12 11.00 33.60
N GLY D 104 2.33 11.31 33.13
CA GLY D 104 3.41 11.69 34.00
C GLY D 104 4.05 12.98 33.55
N HIS D 105 4.69 13.66 34.50
CA HIS D 105 5.34 14.93 34.25
C HIS D 105 6.83 14.83 34.56
N ILE D 106 7.62 15.62 33.82
CA ILE D 106 9.06 15.65 33.96
C ILE D 106 9.46 17.04 34.44
N GLU D 107 10.23 17.10 35.52
CA GLU D 107 10.72 18.38 36.04
C GLU D 107 11.96 18.81 35.28
N LEU D 108 12.05 20.10 34.97
CA LEU D 108 13.16 20.67 34.25
C LEU D 108 13.92 21.64 35.14
N ALA D 109 15.25 21.52 35.16
CA ALA D 109 16.06 22.40 35.99
C ALA D 109 16.06 23.82 35.46
N SER D 110 15.98 24.00 34.15
CA SER D 110 15.96 25.32 33.53
C SER D 110 14.78 25.43 32.59
N PRO D 111 14.19 26.62 32.47
CA PRO D 111 13.05 26.78 31.55
C PRO D 111 13.46 26.58 30.10
N VAL D 112 12.49 26.15 29.29
CA VAL D 112 12.70 25.92 27.87
C VAL D 112 11.54 26.55 27.11
N ALA D 113 11.84 27.07 25.92
CA ALA D 113 10.84 27.72 25.09
C ALA D 113 10.15 26.71 24.19
N HIS D 114 8.84 26.88 24.01
CA HIS D 114 8.08 25.99 23.15
C HIS D 114 8.52 26.15 21.70
N ILE D 115 8.63 25.02 20.99
CA ILE D 115 9.07 25.06 19.61
C ILE D 115 7.95 25.52 18.68
N TRP D 116 6.69 25.24 19.04
CA TRP D 116 5.58 25.62 18.17
C TRP D 116 5.41 27.14 18.13
N PHE D 117 5.47 27.79 19.28
CA PHE D 117 5.29 29.23 19.37
C PHE D 117 6.56 30.02 19.02
N LEU D 118 7.61 29.35 18.55
CA LEU D 118 8.87 30.00 18.22
C LEU D 118 9.23 29.88 16.76
N LYS D 119 9.21 28.67 16.20
CA LYS D 119 9.61 28.43 14.82
C LYS D 119 8.43 28.34 13.87
N SER D 120 7.22 28.63 14.34
CA SER D 120 6.05 28.63 13.46
C SER D 120 6.19 29.73 12.40
N LEU D 121 5.27 29.72 11.44
CA LEU D 121 5.30 30.72 10.38
C LEU D 121 5.13 32.12 10.93
N PRO D 122 4.07 32.45 11.67
CA PRO D 122 4.03 33.73 12.36
C PRO D 122 4.69 33.64 13.73
N SER D 123 5.71 34.44 13.98
CA SER D 123 6.44 34.38 15.25
C SER D 123 5.54 34.91 16.35
N ARG D 124 5.00 34.01 17.17
CA ARG D 124 4.09 34.42 18.24
C ARG D 124 4.83 35.19 19.32
N ILE D 125 6.02 34.71 19.71
CA ILE D 125 6.79 35.42 20.74
C ILE D 125 7.33 36.74 20.19
N ALA D 126 7.67 36.77 18.90
CA ALA D 126 8.18 38.01 18.31
C ALA D 126 7.10 39.07 18.21
N MET D 127 5.84 38.66 18.07
CA MET D 127 4.75 39.62 17.99
C MET D 127 4.59 40.39 19.29
N MET D 128 4.97 39.79 20.42
CA MET D 128 4.89 40.47 21.70
C MET D 128 6.07 41.40 21.90
N LEU D 129 5.81 42.56 22.48
CA LEU D 129 6.80 43.58 22.87
C LEU D 129 7.68 44.04 21.69
N ASP D 130 7.26 43.78 20.46
CA ASP D 130 7.96 44.25 19.26
C ASP D 130 9.42 43.78 19.24
N MET D 131 9.59 42.47 19.23
CA MET D 131 10.90 41.86 19.22
C MET D 131 11.12 41.09 17.92
N PRO D 132 12.21 41.32 17.21
CA PRO D 132 12.46 40.57 15.97
C PRO D 132 12.81 39.12 16.26
N LEU D 133 12.43 38.25 15.33
CA LEU D 133 12.70 36.82 15.50
C LEU D 133 14.20 36.52 15.47
N LYS D 134 14.98 37.35 14.76
CA LYS D 134 16.41 37.12 14.71
C LYS D 134 17.08 37.38 16.06
N ASP D 135 16.53 38.30 16.86
CA ASP D 135 17.11 38.60 18.15
C ASP D 135 16.75 37.57 19.21
N ILE D 136 15.55 37.00 19.14
CA ILE D 136 15.14 36.01 20.12
C ILE D 136 15.96 34.73 19.97
N GLU D 137 16.33 34.37 18.74
CA GLU D 137 17.14 33.17 18.55
C GLU D 137 18.53 33.31 19.14
N ARG D 138 19.06 34.54 19.18
CA ARG D 138 20.39 34.75 19.76
C ARG D 138 20.37 34.57 21.26
N VAL D 139 19.31 35.04 21.93
CA VAL D 139 19.23 34.93 23.38
C VAL D 139 19.02 33.48 23.80
N LEU D 140 18.20 32.74 23.04
CA LEU D 140 17.94 31.35 23.38
C LEU D 140 19.18 30.48 23.19
N TYR D 141 20.00 30.79 22.18
CA TYR D 141 21.21 30.04 21.93
C TYR D 141 22.36 30.44 22.85
N PHE D 142 22.13 31.37 23.78
CA PHE D 142 23.15 31.81 24.73
C PHE D 142 24.33 32.47 24.03
N GLU D 143 24.06 33.15 22.92
CA GLU D 143 25.11 33.82 22.17
C GLU D 143 25.32 35.26 22.64
N TYR D 144 24.25 36.01 22.82
CA TYR D 144 24.32 37.40 23.24
C TYR D 144 23.68 37.57 24.61
N TYR D 145 23.83 38.77 25.16
CA TYR D 145 23.28 39.11 26.47
C TYR D 145 22.26 40.23 26.32
N ILE D 146 21.07 40.03 26.87
CA ILE D 146 20.01 41.03 26.83
C ILE D 146 20.01 41.79 28.15
N VAL D 147 19.70 43.08 28.09
CA VAL D 147 19.70 43.96 29.25
C VAL D 147 18.27 44.36 29.56
N THR D 148 17.94 44.38 30.85
CA THR D 148 16.62 44.80 31.31
C THR D 148 16.76 45.62 32.57
N GLU D 149 15.77 46.46 32.83
CA GLU D 149 15.77 47.37 33.98
C GLU D 149 16.96 48.31 33.90
N PRO D 150 16.99 49.23 32.94
CA PRO D 150 18.11 50.17 32.85
C PRO D 150 17.92 51.35 33.78
N GLY D 151 19.02 51.80 34.37
CA GLY D 151 19.04 52.95 35.25
C GLY D 151 19.48 54.21 34.55
N LEU D 152 20.07 55.12 35.33
CA LEU D 152 20.59 56.37 34.76
C LEU D 152 21.87 56.15 33.97
N THR D 153 22.47 54.97 34.06
CA THR D 153 23.70 54.66 33.33
C THR D 153 23.38 54.38 31.86
N PRO D 154 24.42 54.22 31.03
CA PRO D 154 24.17 53.87 29.62
C PRO D 154 23.69 52.44 29.45
N LEU D 155 23.62 51.98 28.20
CA LEU D 155 23.10 50.64 27.89
C LEU D 155 21.62 50.52 28.29
N LYS D 156 20.80 51.33 27.62
CA LYS D 156 19.36 51.32 27.83
C LYS D 156 18.79 49.93 27.60
N GLN D 157 17.57 49.72 28.10
CA GLN D 157 16.89 48.43 28.00
C GLN D 157 16.75 48.00 26.55
N HIS D 158 16.73 46.68 26.35
CA HIS D 158 16.65 46.08 25.01
C HIS D 158 17.89 46.40 24.18
N GLN D 159 19.02 46.65 24.86
CA GLN D 159 20.25 46.97 24.14
C GLN D 159 20.79 45.75 23.40
N LEU D 160 20.79 44.59 24.04
CA LEU D 160 21.26 43.34 23.45
C LEU D 160 22.73 43.46 23.04
N LEU D 161 23.57 43.64 24.05
CA LEU D 161 25.00 43.69 23.82
C LEU D 161 25.49 42.37 23.23
N SER D 162 26.14 42.46 22.07
CA SER D 162 26.53 41.24 21.34
C SER D 162 27.82 40.66 21.91
N GLU D 163 28.91 41.42 21.84
CA GLU D 163 30.19 40.92 22.31
C GLU D 163 30.21 40.83 23.83
N ASP D 164 31.06 39.92 24.33
CA ASP D 164 31.22 39.78 25.78
C ASP D 164 31.92 40.98 26.40
N ASP D 165 32.63 41.77 25.59
CA ASP D 165 33.28 42.98 26.12
C ASP D 165 32.25 43.96 26.66
N TYR D 166 31.08 44.02 26.03
CA TYR D 166 30.02 44.89 26.54
C TYR D 166 29.40 44.37 27.83
N MET D 167 29.49 43.07 28.07
CA MET D 167 28.95 42.50 29.30
C MET D 167 29.91 42.62 30.48
N ARG D 168 31.21 42.71 30.22
CA ARG D 168 32.22 42.84 31.27
C ARG D 168 32.92 44.19 31.25
N ALA D 169 33.49 44.58 30.10
CA ALA D 169 34.18 45.86 30.02
C ALA D 169 33.20 47.02 30.06
N GLN D 170 32.09 46.91 29.32
CA GLN D 170 31.07 47.95 29.32
C GLN D 170 30.20 47.92 30.58
N GLU D 171 30.36 46.90 31.42
CA GLU D 171 29.60 46.78 32.66
C GLU D 171 30.25 47.52 33.83
N GLU D 172 31.21 48.40 33.54
CA GLU D 172 31.92 49.15 34.59
C GLU D 172 31.13 50.41 34.97
N TYR D 173 29.88 50.19 35.42
CA TYR D 173 29.02 51.27 35.86
C TYR D 173 28.30 50.90 37.16
N GLY D 174 28.97 50.15 38.02
CA GLY D 174 28.37 49.71 39.26
C GLY D 174 27.67 48.37 39.12
N ASP D 175 27.70 47.59 40.20
CA ASP D 175 27.07 46.28 40.23
C ASP D 175 25.57 46.35 40.49
N ASP D 176 25.01 47.53 40.61
CA ASP D 176 23.58 47.72 40.84
C ASP D 176 22.99 48.58 39.74
N SER D 177 21.66 48.61 39.69
CA SER D 177 20.91 49.36 38.67
C SER D 177 21.24 48.89 37.27
N PHE D 178 21.62 47.62 37.12
CA PHE D 178 21.95 47.06 35.81
C PHE D 178 21.79 45.55 35.91
N THR D 179 20.75 45.02 35.25
CA THR D 179 20.45 43.60 35.26
C THR D 179 20.52 43.06 33.84
N ALA D 180 21.29 41.99 33.65
CA ALA D 180 21.46 41.35 32.36
C ALA D 180 21.31 39.84 32.52
N GLU D 181 20.50 39.23 31.67
CA GLU D 181 20.24 37.80 31.72
C GLU D 181 20.37 37.21 30.32
N ILE D 182 20.54 35.89 30.27
CA ILE D 182 20.74 35.18 29.01
C ILE D 182 20.03 33.84 29.08
N GLY D 183 19.53 33.38 27.95
CA GLY D 183 18.84 32.11 27.87
C GLY D 183 17.33 32.24 27.94
N ALA D 184 16.68 31.11 28.19
CA ALA D 184 15.23 31.09 28.29
C ALA D 184 14.73 31.91 29.48
N GLU D 185 15.55 32.09 30.51
CA GLU D 185 15.16 32.92 31.64
C GLU D 185 14.90 34.36 31.21
N ALA D 186 15.66 34.86 30.24
CA ALA D 186 15.44 36.22 29.75
C ALA D 186 14.07 36.34 29.10
N ILE D 187 13.71 35.39 28.24
CA ILE D 187 12.41 35.42 27.59
C ILE D 187 11.29 35.26 28.62
N GLN D 188 11.50 34.41 29.62
CA GLN D 188 10.49 34.22 30.65
C GLN D 188 10.28 35.50 31.45
N ASN D 189 11.36 36.18 31.84
CA ASN D 189 11.23 37.42 32.58
C ASN D 189 10.60 38.51 31.73
N LEU D 190 10.92 38.55 30.44
CA LEU D 190 10.31 39.54 29.56
C LEU D 190 8.81 39.29 29.41
N LEU D 191 8.41 38.03 29.29
CA LEU D 191 6.99 37.71 29.17
C LEU D 191 6.25 37.95 30.49
N LYS D 192 6.94 37.79 31.62
CA LYS D 192 6.30 38.00 32.90
C LYS D 192 6.19 39.48 33.25
N ALA D 193 7.13 40.30 32.78
CA ALA D 193 7.09 41.73 33.07
C ALA D 193 6.20 42.49 32.10
N ILE D 194 5.86 41.91 30.95
CA ILE D 194 5.02 42.60 29.98
C ILE D 194 3.61 42.75 30.53
N ASP D 195 2.94 43.83 30.13
CA ASP D 195 1.58 44.11 30.53
C ASP D 195 0.65 44.03 29.32
N LEU D 196 -0.60 43.69 29.57
CA LEU D 196 -1.60 43.54 28.52
C LEU D 196 -2.50 44.76 28.39
N GLU D 197 -3.04 45.25 29.51
CA GLU D 197 -3.98 46.36 29.46
C GLU D 197 -3.31 47.63 28.95
N LYS D 198 -2.13 47.95 29.48
CA LYS D 198 -1.45 49.17 29.06
C LYS D 198 -1.05 49.11 27.59
N GLU D 199 -0.51 47.97 27.15
CA GLU D 199 -0.12 47.83 25.75
C GLU D 199 -1.34 47.90 24.83
N ALA D 200 -2.46 47.29 25.24
CA ALA D 200 -3.67 47.35 24.42
C ALA D 200 -4.19 48.78 24.33
N GLU D 201 -4.19 49.51 25.45
CA GLU D 201 -4.65 50.90 25.42
C GLU D 201 -3.72 51.77 24.59
N ARG D 202 -2.42 51.49 24.61
CA ARG D 202 -1.48 52.28 23.81
C ARG D 202 -1.64 51.99 22.32
N LEU D 203 -1.89 50.72 21.98
CA LEU D 203 -2.07 50.37 20.57
C LEU D 203 -3.42 50.83 20.04
N ARG D 204 -4.43 50.93 20.90
CA ARG D 204 -5.74 51.38 20.45
C ARG D 204 -5.70 52.84 20.02
N GLU D 205 -5.05 53.69 20.81
CA GLU D 205 -4.97 55.11 20.45
C GLU D 205 -4.09 55.33 19.23
N GLU D 206 -3.01 54.54 19.10
CA GLU D 206 -2.11 54.71 17.96
C GLU D 206 -2.75 54.23 16.67
N LEU D 207 -3.65 53.24 16.75
CA LEU D 207 -4.32 52.75 15.54
C LEU D 207 -5.26 53.80 14.97
N SER D 208 -5.96 54.53 15.84
CA SER D 208 -6.86 55.59 15.40
C SER D 208 -6.07 56.88 15.19
N GLY D 209 -6.24 57.49 14.03
CA GLY D 209 -5.50 58.69 13.70
C GLY D 209 -4.07 58.39 13.29
N THR D 210 -3.91 57.63 12.22
CA THR D 210 -2.59 57.20 11.75
C THR D 210 -2.64 57.05 10.25
N VAL D 211 -1.50 57.34 9.59
CA VAL D 211 -1.42 57.22 8.14
C VAL D 211 -1.70 55.79 7.70
N SER D 212 -1.29 54.80 8.50
CA SER D 212 -1.58 53.39 8.23
C SER D 212 -0.92 52.92 6.94
N ASP D 213 0.38 53.18 6.83
CA ASP D 213 1.15 52.79 5.65
C ASP D 213 1.81 51.42 5.83
N MET D 214 2.60 51.26 6.89
CA MET D 214 3.27 49.98 7.15
C MET D 214 3.12 49.60 8.62
N LYS D 215 2.95 50.60 9.50
CA LYS D 215 2.81 50.32 10.92
C LYS D 215 1.53 49.56 11.22
N GLN D 216 0.50 49.76 10.40
CA GLN D 216 -0.79 49.09 10.65
C GLN D 216 -0.66 47.58 10.51
N LYS D 217 0.16 47.12 9.55
CA LYS D 217 0.28 45.68 9.29
C LYS D 217 0.77 44.92 10.52
N LYS D 218 1.59 45.55 11.35
CA LYS D 218 2.05 44.93 12.58
C LYS D 218 1.19 45.30 13.79
N PHE D 219 0.67 46.53 13.81
CA PHE D 219 -0.15 46.97 14.93
C PHE D 219 -1.44 46.17 15.03
N SER D 220 -2.05 45.84 13.88
CA SER D 220 -3.27 45.05 13.89
C SER D 220 -3.02 43.67 14.48
N LYS D 221 -1.94 43.01 14.06
CA LYS D 221 -1.63 41.69 14.58
C LYS D 221 -1.29 41.74 16.06
N ARG D 222 -0.55 42.78 16.48
CA ARG D 222 -0.22 42.90 17.90
C ARG D 222 -1.47 43.11 18.74
N LEU D 223 -2.38 43.99 18.29
CA LEU D 223 -3.62 44.22 19.02
C LEU D 223 -4.46 42.95 19.05
N LYS D 224 -4.49 42.20 17.95
CA LYS D 224 -5.26 40.96 17.91
C LYS D 224 -4.72 39.95 18.92
N ILE D 225 -3.40 39.75 18.93
CA ILE D 225 -2.81 38.78 19.85
C ILE D 225 -2.98 39.23 21.30
N LEU D 226 -2.90 40.54 21.55
CA LEU D 226 -3.08 41.04 22.91
C LEU D 226 -4.51 40.83 23.39
N GLU D 227 -5.49 41.18 22.55
CA GLU D 227 -6.89 40.98 22.92
C GLU D 227 -7.22 39.50 23.06
N ALA D 228 -6.56 38.64 22.29
CA ALA D 228 -6.78 37.20 22.44
C ALA D 228 -6.22 36.70 23.76
N PHE D 229 -5.01 37.15 24.12
CA PHE D 229 -4.42 36.75 25.40
C PHE D 229 -5.16 37.36 26.58
N GLN D 230 -5.88 38.46 26.39
CA GLN D 230 -6.60 39.10 27.49
C GLN D 230 -7.87 38.34 27.84
N GLU D 231 -8.77 38.18 26.86
CA GLU D 231 -10.06 37.58 27.14
C GLU D 231 -9.97 36.07 27.34
N SER D 232 -8.99 35.42 26.72
CA SER D 232 -8.87 33.97 26.84
C SER D 232 -8.48 33.54 28.25
N GLY D 233 -7.82 34.40 29.02
CA GLY D 233 -7.41 34.06 30.37
C GLY D 233 -6.07 33.37 30.47
N ASN D 234 -5.30 33.33 29.39
CA ASN D 234 -3.99 32.68 29.38
C ASN D 234 -2.90 33.74 29.51
N ARG D 235 -2.09 33.64 30.55
CA ARG D 235 -0.99 34.57 30.73
C ARG D 235 0.05 34.37 29.64
N PRO D 236 0.81 35.43 29.30
CA PRO D 236 1.84 35.28 28.25
C PRO D 236 3.06 34.50 28.70
N GLU D 237 3.19 34.21 30.00
CA GLU D 237 4.36 33.49 30.50
C GLU D 237 4.24 31.98 30.34
N TRP D 238 3.10 31.47 29.90
CA TRP D 238 2.93 30.03 29.72
C TRP D 238 3.62 29.50 28.47
N MET D 239 4.16 30.39 27.62
CA MET D 239 4.85 29.93 26.42
C MET D 239 6.11 29.15 26.78
N VAL D 240 6.91 29.69 27.70
CA VAL D 240 8.11 29.00 28.16
C VAL D 240 7.73 27.98 29.22
N LEU D 241 7.46 26.74 28.78
CA LEU D 241 7.02 25.71 29.70
C LEU D 241 8.17 25.26 30.60
N THR D 242 7.82 24.89 31.84
CA THR D 242 8.80 24.43 32.81
C THR D 242 8.76 22.92 33.03
N VAL D 243 7.57 22.31 32.93
CA VAL D 243 7.42 20.87 33.09
C VAL D 243 6.78 20.31 31.83
N VAL D 244 7.28 19.17 31.39
CA VAL D 244 6.80 18.51 30.18
C VAL D 244 6.08 17.22 30.58
N PRO D 245 4.83 17.03 30.19
CA PRO D 245 4.14 15.77 30.50
C PRO D 245 4.54 14.66 29.56
N VAL D 246 4.42 13.43 30.05
CA VAL D 246 4.77 12.24 29.29
C VAL D 246 3.51 11.49 28.92
N ILE D 247 3.49 10.90 27.72
CA ILE D 247 2.37 10.12 27.24
C ILE D 247 2.26 8.87 28.10
N PRO D 248 1.06 8.35 28.36
CA PRO D 248 0.91 7.13 29.15
C PRO D 248 1.60 5.95 28.47
N PRO D 249 1.92 4.89 29.22
CA PRO D 249 2.64 3.74 28.67
C PRO D 249 1.74 2.76 27.91
N GLU D 250 0.88 3.30 27.06
CA GLU D 250 0.03 2.49 26.19
C GLU D 250 0.03 2.96 24.74
N LEU D 251 0.35 4.22 24.47
CA LEU D 251 0.52 4.70 23.10
C LEU D 251 1.95 4.54 22.61
N ARG D 252 2.89 4.27 23.51
CA ARG D 252 4.29 3.98 23.16
C ARG D 252 4.60 2.58 23.67
N PRO D 253 3.99 1.55 23.10
CA PRO D 253 4.10 0.21 23.66
C PRO D 253 5.49 -0.38 23.47
N LEU D 254 5.76 -1.42 24.27
CA LEU D 254 7.01 -2.18 24.22
C LEU D 254 6.69 -3.67 24.17
N VAL D 255 5.76 -4.04 23.32
CA VAL D 255 5.32 -5.45 23.23
C VAL D 255 6.45 -6.30 22.68
N PRO D 256 6.74 -7.46 23.28
CA PRO D 256 7.81 -8.33 22.76
C PRO D 256 7.32 -9.11 21.56
N LEU D 257 8.01 -8.97 20.43
CA LEU D 257 7.66 -9.70 19.23
C LEU D 257 8.02 -11.17 19.38
N ASP D 258 7.63 -11.96 18.38
CA ASP D 258 7.93 -13.38 18.38
C ASP D 258 9.44 -13.60 18.23
N GLY D 259 10.01 -14.42 19.11
CA GLY D 259 11.43 -14.71 19.10
C GLY D 259 12.21 -14.10 20.23
N GLY D 260 11.57 -13.36 21.13
CA GLY D 260 12.26 -12.75 22.25
C GLY D 260 12.84 -11.39 21.99
N ARG D 261 12.75 -10.88 20.77
CA ARG D 261 13.28 -9.57 20.43
C ARG D 261 12.16 -8.53 20.54
N PHE D 262 12.33 -7.58 21.46
CA PHE D 262 11.31 -6.58 21.69
C PHE D 262 11.24 -5.60 20.51
N ALA D 263 10.18 -4.78 20.51
CA ALA D 263 9.99 -3.78 19.47
C ALA D 263 9.25 -2.61 20.11
N THR D 264 9.99 -1.52 20.37
CA THR D 264 9.44 -0.35 21.02
C THR D 264 9.23 0.78 20.02
N SER D 265 8.36 1.72 20.39
CA SER D 265 8.10 2.87 19.56
C SER D 265 9.24 3.88 19.65
N ASP D 266 9.31 4.77 18.67
CA ASP D 266 10.37 5.77 18.62
C ASP D 266 10.16 6.91 19.59
N LEU D 267 9.03 6.95 20.29
CA LEU D 267 8.80 8.02 21.26
C LEU D 267 9.61 7.82 22.54
N ASN D 268 9.99 6.57 22.85
CA ASN D 268 10.78 6.33 24.06
C ASN D 268 12.17 6.94 23.96
N ASP D 269 12.72 7.04 22.75
CA ASP D 269 14.06 7.60 22.58
C ASP D 269 14.09 9.07 22.98
N LEU D 270 13.09 9.83 22.55
CA LEU D 270 13.05 11.26 22.87
C LEU D 270 12.91 11.49 24.37
N TYR D 271 12.00 10.77 25.02
CA TYR D 271 11.83 10.92 26.46
C TYR D 271 13.08 10.50 27.22
N ARG D 272 13.71 9.40 26.78
CA ARG D 272 14.94 8.96 27.43
C ARG D 272 16.05 9.99 27.29
N ARG D 273 16.21 10.56 26.10
CA ARG D 273 17.23 11.58 25.89
C ARG D 273 16.95 12.82 26.74
N VAL D 274 15.67 13.22 26.83
CA VAL D 274 15.32 14.39 27.62
C VAL D 274 15.62 14.14 29.10
N ILE D 275 15.28 12.94 29.59
CA ILE D 275 15.54 12.62 30.98
C ILE D 275 17.04 12.59 31.26
N ASN D 276 17.81 12.01 30.33
CA ASN D 276 19.26 11.96 30.51
C ASN D 276 19.86 13.36 30.55
N ARG D 277 19.44 14.23 29.62
CA ARG D 277 19.98 15.59 29.60
C ARG D 277 19.57 16.38 30.84
N ASN D 278 18.34 16.17 31.32
CA ASN D 278 17.90 16.85 32.54
C ASN D 278 18.71 16.38 33.74
N ASN D 279 18.95 15.08 33.86
CA ASN D 279 19.76 14.57 34.96
C ASN D 279 21.20 15.08 34.88
N ARG D 280 21.75 15.16 33.66
CA ARG D 280 23.09 15.69 33.49
C ARG D 280 23.17 17.16 33.90
N LEU D 281 22.16 17.95 33.53
CA LEU D 281 22.15 19.35 33.93
C LEU D 281 22.00 19.50 35.43
N LYS D 282 21.17 18.65 36.06
CA LYS D 282 21.01 18.69 37.50
C LYS D 282 22.31 18.34 38.21
N ARG D 283 23.04 17.36 37.69
CA ARG D 283 24.34 17.01 38.27
C ARG D 283 25.37 18.12 38.04
N LEU D 284 25.27 18.81 36.91
CA LEU D 284 26.18 19.92 36.65
C LEU D 284 25.93 21.09 37.61
N ILE D 285 24.66 21.40 37.88
CA ILE D 285 24.36 22.53 38.75
C ILE D 285 24.82 22.26 40.17
N GLU D 286 24.81 21.00 40.61
CA GLU D 286 25.24 20.69 41.97
C GLU D 286 26.76 20.69 42.10
N LEU D 287 27.46 20.25 41.05
CA LEU D 287 28.92 20.19 41.09
C LEU D 287 29.59 21.55 40.92
N ARG D 288 28.83 22.59 40.57
CA ARG D 288 29.37 23.93 40.39
C ARG D 288 30.42 23.95 39.27
N ALA D 289 29.99 23.53 38.09
CA ALA D 289 30.85 23.51 36.91
C ALA D 289 30.99 24.92 36.36
N PRO D 290 31.94 25.13 35.44
CA PRO D 290 32.10 26.46 34.84
C PRO D 290 30.89 26.84 34.00
N ASP D 291 30.81 28.13 33.71
CA ASP D 291 29.67 28.64 32.94
C ASP D 291 29.67 28.13 31.51
N ILE D 292 30.85 27.80 30.97
CA ILE D 292 30.92 27.34 29.59
C ILE D 292 30.28 25.96 29.45
N ILE D 293 30.51 25.09 30.42
CA ILE D 293 29.94 23.74 30.36
C ILE D 293 28.47 23.76 30.74
N ILE D 294 28.08 24.59 31.71
CA ILE D 294 26.69 24.66 32.12
C ILE D 294 25.84 25.28 31.02
N ARG D 295 26.39 26.23 30.27
CA ARG D 295 25.65 26.84 29.18
C ARG D 295 25.37 25.85 28.07
N ASN D 296 26.39 25.06 27.69
CA ASN D 296 26.19 24.06 26.64
C ASN D 296 25.19 23.00 27.07
N GLU D 297 25.17 22.66 28.37
CA GLU D 297 24.19 21.70 28.85
C GLU D 297 22.76 22.23 28.73
N LYS D 298 22.56 23.50 29.11
CA LYS D 298 21.24 24.10 28.95
C LYS D 298 20.84 24.17 27.49
N ARG D 299 21.79 24.49 26.61
CA ARG D 299 21.51 24.55 25.17
C ARG D 299 21.08 23.18 24.65
N MET D 300 21.82 22.13 25.02
CA MET D 300 21.48 20.79 24.58
C MET D 300 20.13 20.35 25.13
N LEU D 301 19.83 20.70 26.39
CA LEU D 301 18.54 20.34 26.97
C LEU D 301 17.40 21.03 26.25
N GLN D 302 17.54 22.33 25.98
CA GLN D 302 16.51 23.06 25.25
C GLN D 302 16.32 22.50 23.84
N GLU D 303 17.42 22.11 23.19
CA GLU D 303 17.32 21.51 21.87
C GLU D 303 16.57 20.18 21.93
N SER D 304 16.87 19.36 22.93
CA SER D 304 16.15 18.09 23.08
C SER D 304 14.67 18.33 23.34
N VAL D 305 14.34 19.34 24.14
CA VAL D 305 12.93 19.63 24.44
C VAL D 305 12.20 20.07 23.18
N ASP D 306 12.73 21.07 22.46
CA ASP D 306 11.99 21.56 21.31
C ASP D 306 12.16 20.65 20.08
N ALA D 307 12.99 19.62 20.16
CA ALA D 307 13.00 18.60 19.13
C ALA D 307 12.10 17.41 19.46
N LEU D 308 11.78 17.20 20.73
CA LEU D 308 10.85 16.14 21.10
C LEU D 308 9.42 16.45 20.66
N PHE D 309 9.11 17.71 20.37
CA PHE D 309 7.75 18.10 19.99
C PHE D 309 7.56 18.10 18.48
N ASP D 310 8.50 18.67 17.73
CA ASP D 310 8.40 18.77 16.28
C ASP D 310 9.43 17.93 15.55
N ASN D 311 10.72 18.10 15.87
CA ASN D 311 11.83 17.38 15.27
C ASN D 311 12.09 17.76 13.82
N GLY D 312 11.40 18.77 13.30
CA GLY D 312 11.60 19.18 11.91
C GLY D 312 12.12 20.59 11.77
N ARG D 313 11.80 21.45 12.74
CA ARG D 313 12.25 22.84 12.67
C ARG D 313 13.75 22.94 12.82
N ARG D 314 14.29 22.38 13.90
CA ARG D 314 15.73 22.38 14.14
C ARG D 314 16.38 21.28 13.30
N GLY D 315 17.66 20.99 13.58
CA GLY D 315 18.33 19.93 12.86
C GLY D 315 17.70 18.58 13.13
N ARG D 316 17.69 17.73 12.11
CA ARG D 316 17.07 16.42 12.23
C ARG D 316 17.82 15.55 13.23
N VAL D 317 17.07 14.82 14.05
CA VAL D 317 17.62 13.90 15.03
C VAL D 317 17.36 12.49 14.54
N ILE D 318 18.41 11.80 14.12
CA ILE D 318 18.32 10.45 13.57
C ILE D 318 19.03 9.48 14.52
N THR D 319 18.43 8.32 14.73
CA THR D 319 19.02 7.32 15.59
C THR D 319 20.26 6.71 14.94
N GLY D 320 21.19 6.26 15.78
CA GLY D 320 22.42 5.67 15.27
C GLY D 320 22.21 4.33 14.60
N ALA D 321 21.19 3.58 15.04
CA ALA D 321 20.94 2.26 14.47
C ALA D 321 20.11 2.36 13.19
N ASN D 322 18.91 2.91 13.30
CA ASN D 322 18.04 3.05 12.14
C ASN D 322 18.42 4.27 11.32
N LYS D 323 18.29 4.15 10.00
CA LYS D 323 18.64 5.22 9.07
C LYS D 323 17.47 6.16 8.78
N ARG D 324 16.31 5.94 9.41
CA ARG D 324 15.17 6.81 9.18
C ARG D 324 15.04 7.83 10.30
N PRO D 325 14.52 9.02 10.00
CA PRO D 325 14.34 10.03 11.05
C PRO D 325 13.22 9.65 12.00
N LEU D 326 13.41 9.99 13.27
CA LEU D 326 12.43 9.68 14.29
C LEU D 326 11.16 10.49 14.08
N LYS D 327 10.03 9.90 14.47
CA LYS D 327 8.73 10.53 14.33
C LYS D 327 8.31 11.09 15.68
N SER D 328 8.31 12.42 15.80
CA SER D 328 7.95 13.07 17.04
C SER D 328 6.42 13.14 17.17
N LEU D 329 5.95 13.89 18.16
CA LEU D 329 4.51 13.99 18.37
C LEU D 329 3.84 14.81 17.26
N ALA D 330 4.52 15.85 16.78
CA ALA D 330 3.94 16.68 15.72
C ALA D 330 3.82 15.90 14.42
N ASP D 331 4.90 15.22 14.01
CA ASP D 331 4.86 14.45 12.77
C ASP D 331 3.93 13.25 12.85
N MET D 332 3.62 12.78 14.06
CA MET D 332 2.74 11.63 14.20
C MET D 332 1.29 11.96 13.89
N LEU D 333 0.91 13.24 13.93
CA LEU D 333 -0.47 13.65 13.72
C LEU D 333 -0.69 14.40 12.42
N LYS D 334 0.35 14.56 11.59
CA LYS D 334 0.19 15.35 10.37
C LYS D 334 -0.43 14.53 9.24
N GLY D 335 0.28 13.52 8.76
CA GLY D 335 -0.19 12.74 7.63
C GLY D 335 -0.29 11.25 7.86
N LYS D 336 0.49 10.71 8.80
CA LYS D 336 0.62 9.27 8.95
C LYS D 336 -0.38 8.71 9.96
N GLN D 337 -0.30 9.17 11.21
CA GLN D 337 -1.17 8.67 12.27
C GLN D 337 -2.16 9.73 12.77
N GLY D 338 -2.18 10.90 12.16
CA GLY D 338 -3.10 11.94 12.56
C GLY D 338 -4.55 11.58 12.25
N ARG D 339 -5.42 12.56 12.46
CA ARG D 339 -6.84 12.39 12.22
C ARG D 339 -7.22 12.65 10.76
N PHE D 340 -6.26 12.66 9.85
CA PHE D 340 -6.57 12.93 8.45
C PHE D 340 -7.26 11.72 7.81
N ARG D 341 -6.57 10.58 7.74
CA ARG D 341 -7.14 9.40 7.14
C ARG D 341 -6.77 8.10 7.86
N GLN D 342 -5.99 8.16 8.93
CA GLN D 342 -5.48 6.94 9.55
C GLN D 342 -6.39 6.42 10.65
N ASN D 343 -6.79 7.27 11.59
CA ASN D 343 -7.54 6.83 12.77
C ASN D 343 -8.92 7.47 12.85
N LEU D 344 -9.01 8.80 12.68
CA LEU D 344 -10.28 9.48 12.90
C LEU D 344 -11.24 9.27 11.75
N LEU D 345 -10.87 9.70 10.55
CA LEU D 345 -11.79 9.65 9.41
C LEU D 345 -11.84 8.24 8.81
N GLY D 346 -10.70 7.75 8.31
CA GLY D 346 -10.64 6.45 7.69
C GLY D 346 -10.04 5.41 8.63
N LYS D 347 -10.82 4.37 8.89
CA LYS D 347 -10.40 3.31 9.79
C LYS D 347 -10.87 1.96 9.24
N ARG D 348 -10.23 0.89 9.71
CA ARG D 348 -10.63 -0.45 9.34
C ARG D 348 -11.99 -0.78 9.94
N VAL D 349 -12.72 -1.67 9.26
CA VAL D 349 -14.05 -2.07 9.68
C VAL D 349 -14.18 -3.58 9.57
N ASP D 350 -14.76 -4.20 10.60
CA ASP D 350 -15.01 -5.63 10.59
C ASP D 350 -16.36 -5.91 9.93
N TYR D 351 -16.76 -7.19 9.92
CA TYR D 351 -18.00 -7.62 9.28
C TYR D 351 -17.99 -7.29 7.79
N SER D 352 -16.83 -7.46 7.16
CA SER D 352 -16.67 -7.10 5.75
C SER D 352 -15.83 -8.16 5.05
N GLY D 353 -15.88 -8.14 3.72
CA GLY D 353 -15.14 -9.07 2.91
C GLY D 353 -14.83 -8.48 1.55
N ARG D 354 -13.94 -9.15 0.83
CA ARG D 354 -13.51 -8.71 -0.49
C ARG D 354 -13.36 -9.91 -1.40
N SER D 355 -13.68 -9.73 -2.68
CA SER D 355 -13.55 -10.80 -3.66
C SER D 355 -13.79 -10.22 -5.04
N VAL D 356 -13.39 -10.98 -6.07
CA VAL D 356 -13.58 -10.53 -7.44
C VAL D 356 -15.06 -10.56 -7.80
N ILE D 357 -15.40 -9.83 -8.86
CA ILE D 357 -16.78 -9.71 -9.30
C ILE D 357 -16.92 -10.31 -10.69
N VAL D 358 -18.12 -10.80 -10.99
CA VAL D 358 -18.46 -11.35 -12.30
C VAL D 358 -19.84 -10.84 -12.70
N VAL D 359 -20.22 -11.13 -13.93
CA VAL D 359 -21.48 -10.66 -14.49
C VAL D 359 -22.50 -11.79 -14.48
N GLY D 360 -23.72 -11.47 -14.06
CA GLY D 360 -24.80 -12.43 -14.07
C GLY D 360 -26.06 -11.86 -14.69
N PRO D 361 -26.50 -12.45 -15.80
CA PRO D 361 -27.71 -11.94 -16.46
C PRO D 361 -29.00 -12.42 -15.83
N GLU D 362 -28.98 -13.55 -15.12
CA GLU D 362 -30.21 -14.08 -14.53
C GLU D 362 -30.64 -13.30 -13.29
N LEU D 363 -29.69 -12.66 -12.61
CA LEU D 363 -30.03 -11.94 -11.39
C LEU D 363 -30.89 -10.72 -11.71
N LYS D 364 -31.68 -10.32 -10.72
CA LYS D 364 -32.54 -9.14 -10.86
C LYS D 364 -31.70 -7.88 -10.70
N LEU D 365 -32.37 -6.73 -10.67
CA LEU D 365 -31.64 -5.47 -10.51
C LEU D 365 -31.25 -5.19 -9.06
N HIS D 366 -32.02 -5.71 -8.10
CA HIS D 366 -31.75 -5.49 -6.69
C HIS D 366 -31.14 -6.70 -6.01
N GLU D 367 -30.78 -7.74 -6.77
CA GLU D 367 -30.19 -8.94 -6.22
C GLU D 367 -28.77 -9.11 -6.73
N CYS D 368 -27.87 -9.53 -5.84
CA CYS D 368 -26.47 -9.75 -6.17
C CYS D 368 -26.02 -11.10 -5.63
N GLY D 369 -25.17 -11.78 -6.38
CA GLY D 369 -24.67 -13.08 -5.96
C GLY D 369 -23.63 -12.93 -4.85
N LEU D 370 -23.69 -13.86 -3.89
CA LEU D 370 -22.77 -13.87 -2.76
C LEU D 370 -22.29 -15.30 -2.54
N PRO D 371 -20.98 -15.52 -2.46
CA PRO D 371 -20.48 -16.88 -2.24
C PRO D 371 -20.89 -17.40 -0.86
N LYS D 372 -21.03 -18.72 -0.78
CA LYS D 372 -21.39 -19.34 0.49
C LYS D 372 -20.30 -19.19 1.54
N LYS D 373 -19.03 -19.10 1.10
CA LYS D 373 -17.94 -18.97 2.06
C LYS D 373 -17.96 -17.61 2.74
N MET D 374 -18.18 -16.54 1.97
CA MET D 374 -18.21 -15.20 2.55
C MET D 374 -19.46 -14.99 3.40
N ALA D 375 -20.61 -15.51 2.95
CA ALA D 375 -21.83 -15.32 3.70
C ALA D 375 -21.81 -16.07 5.03
N LEU D 376 -21.14 -17.22 5.08
CA LEU D 376 -21.10 -17.99 6.31
C LEU D 376 -20.26 -17.30 7.38
N GLU D 377 -19.27 -16.51 6.98
CA GLU D 377 -18.41 -15.83 7.94
C GLU D 377 -18.97 -14.47 8.36
N LEU D 378 -19.60 -13.75 7.43
CA LEU D 378 -20.12 -12.43 7.76
C LEU D 378 -21.32 -12.53 8.69
N PHE D 379 -22.18 -13.52 8.49
CA PHE D 379 -23.42 -13.68 9.26
C PHE D 379 -23.28 -14.73 10.35
N LYS D 380 -22.12 -14.82 10.97
CA LYS D 380 -21.92 -15.79 12.05
C LYS D 380 -22.80 -15.50 13.27
N PRO D 381 -22.82 -14.28 13.83
CA PRO D 381 -23.71 -14.04 14.97
C PRO D 381 -25.18 -14.17 14.63
N PHE D 382 -25.59 -13.82 13.40
CA PHE D 382 -26.96 -14.03 13.00
C PHE D 382 -27.30 -15.52 12.96
N ILE D 383 -26.38 -16.33 12.46
CA ILE D 383 -26.61 -17.78 12.45
C ILE D 383 -26.68 -18.32 13.87
N TYR D 384 -25.85 -17.79 14.77
CA TYR D 384 -25.91 -18.21 16.17
C TYR D 384 -27.26 -17.86 16.79
N ALA D 385 -27.75 -16.65 16.54
CA ALA D 385 -29.03 -16.25 17.07
C ALA D 385 -30.17 -17.10 16.50
N ARG D 386 -30.08 -17.43 15.20
CA ARG D 386 -31.10 -18.27 14.59
C ARG D 386 -31.09 -19.66 15.20
N LEU D 387 -29.90 -20.24 15.40
CA LEU D 387 -29.83 -21.55 16.02
C LEU D 387 -30.31 -21.52 17.46
N ASP D 388 -30.11 -20.40 18.16
CA ASP D 388 -30.61 -20.28 19.53
C ASP D 388 -32.13 -20.19 19.55
N ALA D 389 -32.72 -19.40 18.64
CA ALA D 389 -34.16 -19.25 18.62
C ALA D 389 -34.87 -20.43 17.98
N LYS D 390 -34.25 -21.06 16.97
CA LYS D 390 -34.87 -22.21 16.33
C LYS D 390 -34.96 -23.41 17.27
N GLY D 391 -34.04 -23.51 18.22
CA GLY D 391 -34.03 -24.62 19.15
C GLY D 391 -33.17 -25.80 18.75
N LEU D 392 -32.49 -25.72 17.60
CA LEU D 392 -31.65 -26.82 17.15
C LEU D 392 -30.32 -26.90 17.89
N SER D 393 -29.96 -25.88 18.68
CA SER D 393 -28.72 -25.86 19.43
C SER D 393 -29.00 -25.43 20.86
N GLY D 394 -28.03 -25.62 21.73
CA GLY D 394 -28.17 -25.26 23.12
C GLY D 394 -27.28 -24.10 23.55
N THR D 395 -26.15 -24.43 24.16
CA THR D 395 -25.20 -23.43 24.62
C THR D 395 -24.56 -22.70 23.46
N VAL D 396 -24.20 -21.44 23.67
CA VAL D 396 -23.58 -20.63 22.63
C VAL D 396 -22.26 -21.26 22.19
N LYS D 397 -21.50 -21.76 23.17
CA LYS D 397 -20.22 -22.39 22.86
C LYS D 397 -20.45 -23.61 21.98
N GLN D 398 -21.50 -24.38 22.29
CA GLN D 398 -21.83 -25.56 21.53
C GLN D 398 -22.20 -25.19 20.09
N SER D 399 -22.93 -24.09 19.94
CA SER D 399 -23.34 -23.63 18.61
C SER D 399 -22.12 -23.26 17.79
N LYS D 400 -21.14 -22.62 18.42
CA LYS D 400 -19.92 -22.22 17.73
C LYS D 400 -19.22 -23.45 17.18
N ARG D 401 -19.51 -24.61 17.77
CA ARG D 401 -18.90 -25.87 17.34
C ARG D 401 -19.66 -26.48 16.17
N MET D 402 -20.95 -26.16 16.03
CA MET D 402 -21.73 -26.72 14.93
C MET D 402 -21.31 -26.12 13.59
N VAL D 403 -21.09 -24.80 13.56
CA VAL D 403 -20.71 -24.15 12.31
C VAL D 403 -19.25 -24.41 11.96
N GLU D 404 -18.42 -24.79 12.92
CA GLU D 404 -17.02 -25.05 12.64
C GLU D 404 -16.87 -26.32 11.78
N ARG D 405 -17.55 -27.40 12.18
CA ARG D 405 -17.48 -28.64 11.41
C ARG D 405 -18.29 -28.57 10.12
N GLU D 406 -19.10 -27.53 9.93
CA GLU D 406 -19.86 -27.34 8.69
C GLU D 406 -20.86 -28.47 8.47
N GLN D 407 -21.73 -28.66 9.45
CA GLN D 407 -22.78 -29.65 9.32
C GLN D 407 -23.74 -29.27 8.19
N PRO D 408 -24.38 -30.25 7.56
CA PRO D 408 -25.30 -29.94 6.45
C PRO D 408 -26.56 -29.22 6.89
N GLN D 409 -26.92 -29.29 8.17
CA GLN D 409 -28.14 -28.64 8.64
C GLN D 409 -27.98 -27.13 8.77
N VAL D 410 -26.75 -26.62 8.83
CA VAL D 410 -26.55 -25.18 8.98
C VAL D 410 -26.86 -24.43 7.70
N TRP D 411 -26.89 -25.12 6.56
CA TRP D 411 -27.18 -24.44 5.30
C TRP D 411 -28.62 -23.93 5.26
N ASP D 412 -29.55 -24.70 5.83
CA ASP D 412 -30.94 -24.25 5.85
C ASP D 412 -31.13 -23.02 6.71
N ILE D 413 -30.37 -22.91 7.81
CA ILE D 413 -30.47 -21.74 8.67
C ILE D 413 -29.86 -20.52 7.99
N LEU D 414 -28.82 -20.72 7.18
CA LEU D 414 -28.19 -19.59 6.50
C LEU D 414 -29.10 -19.01 5.43
N GLU D 415 -29.84 -19.87 4.71
CA GLU D 415 -30.75 -19.38 3.70
C GLU D 415 -31.95 -18.66 4.31
N GLU D 416 -32.37 -19.07 5.51
CA GLU D 416 -33.49 -18.40 6.16
C GLU D 416 -33.10 -17.05 6.73
N VAL D 417 -31.89 -16.94 7.30
CA VAL D 417 -31.46 -15.67 7.87
C VAL D 417 -31.18 -14.65 6.78
N ILE D 418 -30.62 -15.10 5.66
CA ILE D 418 -30.33 -14.20 4.53
C ILE D 418 -31.55 -14.22 3.62
N ARG D 419 -32.55 -13.43 4.00
CA ARG D 419 -33.78 -13.30 3.23
C ARG D 419 -34.03 -11.88 2.76
N GLU D 420 -33.90 -10.90 3.66
CA GLU D 420 -34.10 -9.50 3.31
C GLU D 420 -33.01 -8.60 3.86
N HIS D 421 -31.96 -9.16 4.45
CA HIS D 421 -30.88 -8.37 5.02
C HIS D 421 -30.02 -7.79 3.91
N PRO D 422 -30.08 -6.48 3.65
CA PRO D 422 -29.29 -5.92 2.55
C PRO D 422 -27.83 -5.72 2.93
N VAL D 423 -26.95 -5.99 1.98
CA VAL D 423 -25.51 -5.81 2.15
C VAL D 423 -25.05 -4.66 1.28
N LEU D 424 -24.01 -3.97 1.73
CA LEU D 424 -23.47 -2.82 1.02
C LEU D 424 -22.28 -3.25 0.17
N LEU D 425 -22.29 -2.84 -1.09
CA LEU D 425 -21.22 -3.13 -2.03
C LEU D 425 -20.67 -1.84 -2.59
N ASN D 426 -19.35 -1.72 -2.63
CA ASN D 426 -18.71 -0.50 -3.11
C ASN D 426 -17.37 -0.85 -3.76
N ARG D 427 -17.02 -0.12 -4.81
CA ARG D 427 -15.74 -0.30 -5.46
C ARG D 427 -14.64 0.43 -4.69
N ALA D 428 -13.39 0.19 -5.11
CA ALA D 428 -12.26 0.83 -4.43
C ALA D 428 -12.26 2.34 -4.66
N PRO D 429 -12.18 2.84 -5.90
CA PRO D 429 -12.19 4.31 -6.11
C PRO D 429 -13.59 4.89 -6.06
N THR D 430 -14.07 5.15 -4.83
CA THR D 430 -15.40 5.71 -4.62
C THR D 430 -15.36 7.19 -4.96
N LEU D 431 -15.68 7.50 -6.22
CA LEU D 431 -15.65 8.89 -6.67
C LEU D 431 -16.95 9.62 -6.35
N HIS D 432 -18.08 9.03 -6.73
CA HIS D 432 -19.39 9.62 -6.50
C HIS D 432 -20.15 8.81 -5.44
N ARG D 433 -21.35 9.30 -5.10
CA ARG D 433 -22.16 8.63 -4.09
C ARG D 433 -22.77 7.32 -4.61
N LEU D 434 -22.82 7.14 -5.92
CA LEU D 434 -23.38 5.91 -6.49
C LEU D 434 -22.44 4.71 -6.32
N GLY D 435 -21.20 4.93 -5.90
CA GLY D 435 -20.28 3.83 -5.70
C GLY D 435 -20.68 2.87 -4.59
N ILE D 436 -21.47 3.34 -3.63
CA ILE D 436 -21.95 2.53 -2.53
C ILE D 436 -23.44 2.31 -2.73
N GLN D 437 -23.83 1.08 -3.03
CA GLN D 437 -25.22 0.73 -3.26
C GLN D 437 -25.52 -0.61 -2.60
N ALA D 438 -26.62 -0.67 -1.86
CA ALA D 438 -27.01 -1.90 -1.18
C ALA D 438 -27.75 -2.84 -2.12
N PHE D 439 -27.65 -4.13 -1.82
CA PHE D 439 -28.31 -5.16 -2.61
C PHE D 439 -28.89 -6.20 -1.66
N GLU D 440 -29.58 -7.18 -2.23
CA GLU D 440 -30.11 -8.31 -1.46
C GLU D 440 -29.28 -9.55 -1.76
N PRO D 441 -28.51 -10.06 -0.80
CA PRO D 441 -27.61 -11.18 -1.10
C PRO D 441 -28.38 -12.46 -1.37
N LYS D 442 -27.87 -13.25 -2.31
CA LYS D 442 -28.44 -14.55 -2.65
C LYS D 442 -27.31 -15.57 -2.73
N LEU D 443 -27.50 -16.70 -2.06
CA LEU D 443 -26.46 -17.72 -2.02
C LEU D 443 -26.22 -18.31 -3.41
N ILE D 444 -24.95 -18.46 -3.76
CA ILE D 444 -24.56 -19.02 -5.05
C ILE D 444 -23.21 -19.69 -4.90
N GLU D 445 -22.95 -20.69 -5.74
CA GLU D 445 -21.69 -21.40 -5.69
C GLU D 445 -20.56 -20.53 -6.24
N GLY D 446 -19.33 -21.04 -6.12
CA GLY D 446 -18.17 -20.32 -6.59
C GLY D 446 -17.66 -19.33 -5.56
N LYS D 447 -16.63 -18.59 -5.97
CA LYS D 447 -16.00 -17.59 -5.12
C LYS D 447 -16.03 -16.19 -5.73
N ALA D 448 -16.82 -15.98 -6.78
CA ALA D 448 -16.93 -14.69 -7.45
C ALA D 448 -18.27 -14.06 -7.14
N ILE D 449 -18.25 -12.81 -6.68
CA ILE D 449 -19.48 -12.10 -6.36
C ILE D 449 -20.22 -11.76 -7.65
N GLN D 450 -21.41 -12.33 -7.82
CA GLN D 450 -22.22 -12.04 -9.00
C GLN D 450 -22.67 -10.58 -8.98
N LEU D 451 -22.98 -10.07 -10.16
CA LEU D 451 -23.41 -8.68 -10.30
C LEU D 451 -24.37 -8.57 -11.47
N HIS D 452 -25.04 -7.42 -11.54
CA HIS D 452 -25.99 -7.14 -12.61
C HIS D 452 -25.33 -6.37 -13.74
N PRO D 453 -25.66 -6.69 -14.99
CA PRO D 453 -25.03 -5.98 -16.11
C PRO D 453 -25.35 -4.50 -16.15
N LEU D 454 -26.54 -4.09 -15.70
CA LEU D 454 -26.91 -2.68 -15.75
C LEU D 454 -26.31 -1.89 -14.59
N VAL D 455 -26.12 -2.53 -13.44
CA VAL D 455 -25.58 -1.83 -12.29
C VAL D 455 -24.08 -1.61 -12.39
N CYS D 456 -23.39 -2.37 -13.25
CA CYS D 456 -21.94 -2.22 -13.38
C CYS D 456 -21.57 -0.88 -13.99
N ALA D 457 -22.47 -0.28 -14.77
CA ALA D 457 -22.17 1.02 -15.36
C ALA D 457 -22.11 2.12 -14.29
N ALA D 458 -22.86 1.99 -13.21
CA ALA D 458 -22.84 2.99 -12.16
C ALA D 458 -21.53 2.98 -11.39
N PHE D 459 -21.02 1.78 -11.07
CA PHE D 459 -19.76 1.68 -10.33
C PHE D 459 -18.58 2.17 -11.14
N ASN D 460 -18.67 2.17 -12.47
CA ASN D 460 -17.57 2.55 -13.35
C ASN D 460 -16.37 1.62 -13.13
N ALA D 461 -16.61 0.33 -13.36
CA ALA D 461 -15.57 -0.67 -13.16
C ALA D 461 -15.82 -1.84 -14.12
N ASP D 462 -14.83 -2.13 -14.96
CA ASP D 462 -14.92 -3.27 -15.85
C ASP D 462 -14.69 -4.57 -15.07
N PHE D 463 -14.94 -5.69 -15.74
CA PHE D 463 -14.84 -7.01 -15.13
C PHE D 463 -13.55 -7.72 -15.51
N ASP D 464 -12.45 -6.98 -15.64
CA ASP D 464 -11.18 -7.61 -16.00
C ASP D 464 -10.47 -8.18 -14.78
N GLY D 465 -10.23 -7.35 -13.76
CA GLY D 465 -9.60 -7.82 -12.55
C GLY D 465 -10.10 -7.10 -11.31
N ASP D 466 -11.12 -6.28 -11.47
CA ASP D 466 -11.59 -5.46 -10.36
C ASP D 466 -12.26 -6.33 -9.30
N GLN D 467 -12.15 -5.88 -8.04
CA GLN D 467 -12.77 -6.55 -6.91
C GLN D 467 -13.51 -5.53 -6.06
N MET D 468 -14.61 -5.99 -5.46
CA MET D 468 -15.47 -5.12 -4.66
C MET D 468 -15.55 -5.65 -3.24
N ALA D 469 -15.68 -4.71 -2.29
CA ALA D 469 -15.81 -5.05 -0.89
C ALA D 469 -17.28 -5.14 -0.51
N VAL D 470 -17.56 -5.95 0.51
CA VAL D 470 -18.93 -6.18 0.99
C VAL D 470 -18.98 -5.85 2.47
N HIS D 471 -20.02 -5.12 2.87
CA HIS D 471 -20.25 -4.78 4.27
C HIS D 471 -21.63 -5.26 4.69
N VAL D 472 -21.83 -5.37 6.01
CA VAL D 472 -23.07 -5.87 6.57
C VAL D 472 -23.53 -4.91 7.67
N PRO D 473 -24.71 -4.29 7.54
CA PRO D 473 -25.21 -3.44 8.62
C PRO D 473 -25.77 -4.29 9.76
N LEU D 474 -25.30 -4.02 10.97
CA LEU D 474 -25.68 -4.82 12.13
C LEU D 474 -26.96 -4.30 12.79
N SER D 475 -27.05 -2.99 13.01
CA SER D 475 -28.20 -2.43 13.70
C SER D 475 -29.47 -2.58 12.86
N LEU D 476 -30.61 -2.68 13.55
CA LEU D 476 -31.88 -2.80 12.86
C LEU D 476 -32.24 -1.50 12.14
N GLU D 477 -31.95 -0.35 12.76
CA GLU D 477 -32.25 0.92 12.12
C GLU D 477 -31.37 1.15 10.90
N ALA D 478 -30.09 0.79 10.99
CA ALA D 478 -29.20 0.94 9.85
C ALA D 478 -29.55 -0.05 8.74
N GLN D 479 -30.02 -1.24 9.10
CA GLN D 479 -30.43 -2.22 8.10
C GLN D 479 -31.67 -1.74 7.34
N LEU D 480 -32.69 -1.29 8.07
CA LEU D 480 -33.90 -0.78 7.44
C LEU D 480 -33.65 0.56 6.74
N GLU D 481 -32.63 1.31 7.16
CA GLU D 481 -32.35 2.59 6.53
C GLU D 481 -31.69 2.43 5.16
N ALA D 482 -30.91 1.36 4.96
CA ALA D 482 -30.27 1.14 3.68
C ALA D 482 -31.20 0.56 2.63
N ARG D 483 -32.36 0.03 3.05
CA ARG D 483 -33.27 -0.58 2.09
C ARG D 483 -34.07 0.48 1.34
N VAL D 484 -34.44 1.57 2.00
CA VAL D 484 -35.25 2.61 1.40
C VAL D 484 -34.45 3.86 1.07
N LEU D 485 -33.14 3.86 1.29
CA LEU D 485 -32.34 5.05 1.05
C LEU D 485 -31.12 4.76 0.18
N MET D 486 -30.59 3.54 0.26
CA MET D 486 -29.37 3.17 -0.45
C MET D 486 -29.55 1.96 -1.36
N MET D 487 -30.79 1.55 -1.63
CA MET D 487 -31.01 0.41 -2.51
C MET D 487 -30.68 0.78 -3.95
N SER D 488 -30.26 -0.23 -4.73
CA SER D 488 -29.86 0.01 -6.11
C SER D 488 -31.05 0.45 -6.97
N THR D 489 -32.25 0.00 -6.63
CA THR D 489 -33.43 0.37 -7.42
C THR D 489 -33.74 1.86 -7.30
N ASN D 490 -33.40 2.47 -6.15
CA ASN D 490 -33.69 3.88 -5.95
C ASN D 490 -32.69 4.79 -6.66
N ASN D 491 -31.45 4.32 -6.84
CA ASN D 491 -30.41 5.12 -7.48
C ASN D 491 -30.40 4.81 -8.97
N ILE D 492 -31.39 5.36 -9.67
CA ILE D 492 -31.50 5.20 -11.12
C ILE D 492 -31.18 6.48 -11.87
N LEU D 493 -31.09 7.62 -11.19
CA LEU D 493 -30.76 8.90 -11.81
C LEU D 493 -29.45 9.41 -11.26
N SER D 494 -28.63 9.99 -12.13
CA SER D 494 -27.33 10.48 -11.71
C SER D 494 -27.51 11.76 -10.87
N PRO D 495 -26.72 11.93 -9.80
CA PRO D 495 -26.86 13.14 -8.99
C PRO D 495 -26.33 14.39 -9.66
N ALA D 496 -25.40 14.27 -10.60
CA ALA D 496 -24.87 15.45 -11.28
C ALA D 496 -25.92 16.08 -12.18
N ASN D 497 -26.64 15.27 -12.95
CA ASN D 497 -27.67 15.77 -13.84
C ASN D 497 -28.76 14.73 -13.98
N GLY D 498 -29.94 15.17 -14.43
CA GLY D 498 -31.07 14.28 -14.59
C GLY D 498 -30.96 13.37 -15.79
N ARG D 499 -30.01 12.43 -15.76
CA ARG D 499 -29.80 11.48 -16.83
C ARG D 499 -29.78 10.08 -16.26
N PRO D 500 -30.54 9.13 -16.82
CA PRO D 500 -30.55 7.78 -16.27
C PRO D 500 -29.19 7.09 -16.44
N ILE D 501 -28.80 6.35 -15.41
CA ILE D 501 -27.52 5.65 -15.40
C ILE D 501 -27.68 4.16 -15.65
N ILE D 502 -28.88 3.70 -15.96
CA ILE D 502 -29.13 2.29 -16.24
C ILE D 502 -29.27 2.04 -17.75
N VAL D 503 -28.68 2.92 -18.57
CA VAL D 503 -28.76 2.74 -20.02
C VAL D 503 -27.92 1.52 -20.41
N PRO D 504 -28.34 0.74 -21.41
CA PRO D 504 -27.52 -0.40 -21.84
C PRO D 504 -26.19 0.06 -22.39
N SER D 505 -25.12 -0.59 -21.95
CA SER D 505 -23.78 -0.14 -22.30
C SER D 505 -23.34 -0.66 -23.67
N GLN D 506 -23.14 -1.97 -23.80
CA GLN D 506 -22.55 -2.54 -25.00
C GLN D 506 -23.47 -3.51 -25.74
N ASP D 507 -24.01 -4.50 -25.06
CA ASP D 507 -24.71 -5.59 -25.74
C ASP D 507 -26.20 -5.34 -25.91
N ILE D 508 -26.88 -4.84 -24.88
CA ILE D 508 -28.31 -4.61 -24.96
C ILE D 508 -28.62 -3.54 -26.01
N VAL D 509 -27.83 -2.46 -26.02
CA VAL D 509 -28.05 -1.41 -27.01
C VAL D 509 -27.78 -1.93 -28.42
N LEU D 510 -26.76 -2.77 -28.59
CA LEU D 510 -26.49 -3.33 -29.90
C LEU D 510 -27.62 -4.23 -30.37
N GLY D 511 -28.15 -5.06 -29.48
CA GLY D 511 -29.28 -5.91 -29.85
C GLY D 511 -30.52 -5.11 -30.19
N LEU D 512 -30.79 -4.04 -29.42
CA LEU D 512 -31.94 -3.21 -29.71
C LEU D 512 -31.78 -2.48 -31.04
N TYR D 513 -30.56 -2.04 -31.34
CA TYR D 513 -30.33 -1.40 -32.63
C TYR D 513 -30.48 -2.39 -33.78
N TYR D 514 -30.01 -3.63 -33.60
CA TYR D 514 -30.18 -4.65 -34.63
C TYR D 514 -31.66 -4.99 -34.83
N LEU D 515 -32.45 -4.94 -33.75
CA LEU D 515 -33.87 -5.22 -33.88
C LEU D 515 -34.65 -4.05 -34.47
N SER D 516 -34.17 -2.83 -34.25
CA SER D 516 -34.88 -1.65 -34.74
C SER D 516 -34.67 -1.41 -36.23
N VAL D 517 -33.60 -1.94 -36.81
CA VAL D 517 -33.32 -1.71 -38.22
C VAL D 517 -34.39 -2.40 -39.06
N ALA D 518 -34.82 -1.72 -40.13
CA ALA D 518 -35.84 -2.24 -41.02
C ALA D 518 -35.31 -2.18 -42.46
N ARG D 519 -35.45 -3.29 -43.18
CA ARG D 519 -35.00 -3.39 -44.56
C ARG D 519 -36.20 -3.67 -45.46
N ASP D 520 -36.27 -2.96 -46.58
CA ASP D 520 -37.42 -3.11 -47.48
C ASP D 520 -37.43 -4.48 -48.14
N GLY D 521 -36.26 -5.05 -48.44
CA GLY D 521 -36.19 -6.35 -49.07
C GLY D 521 -36.11 -7.49 -48.09
N GLU D 522 -37.25 -8.13 -47.82
CA GLU D 522 -37.32 -9.24 -46.88
C GLU D 522 -38.49 -10.13 -47.26
N PRO D 523 -38.43 -11.42 -46.96
CA PRO D 523 -39.56 -12.31 -47.27
C PRO D 523 -40.71 -12.11 -46.31
N GLY D 524 -41.90 -12.49 -46.79
CA GLY D 524 -43.09 -12.37 -45.97
C GLY D 524 -43.50 -10.95 -45.65
N GLU D 525 -43.43 -10.05 -46.64
CA GLU D 525 -43.79 -8.66 -46.45
C GLU D 525 -45.16 -8.38 -47.05
N GLY D 526 -45.97 -7.62 -46.32
CA GLY D 526 -47.31 -7.25 -46.76
C GLY D 526 -48.42 -7.95 -46.01
N LYS D 527 -48.12 -8.98 -45.24
CA LYS D 527 -49.14 -9.70 -44.49
C LYS D 527 -49.57 -8.90 -43.26
N ILE D 528 -50.78 -9.18 -42.79
CA ILE D 528 -51.36 -8.51 -41.63
C ILE D 528 -51.42 -9.52 -40.49
N PHE D 529 -50.89 -9.11 -39.33
CA PHE D 529 -50.90 -9.95 -38.14
C PHE D 529 -51.69 -9.25 -37.04
N ALA D 530 -52.64 -9.97 -36.44
CA ALA D 530 -53.48 -9.38 -35.41
C ALA D 530 -52.77 -9.33 -34.06
N ASP D 531 -52.16 -10.45 -33.66
CA ASP D 531 -51.49 -10.56 -32.37
C ASP D 531 -50.03 -10.92 -32.58
N LEU D 532 -49.20 -10.55 -31.61
CA LEU D 532 -47.78 -10.90 -31.66
C LEU D 532 -47.55 -12.40 -31.65
N GLY D 533 -48.49 -13.17 -31.10
CA GLY D 533 -48.37 -14.62 -31.15
C GLY D 533 -48.37 -15.15 -32.58
N GLU D 534 -49.21 -14.57 -33.43
CA GLU D 534 -49.21 -14.97 -34.84
C GLU D 534 -47.88 -14.63 -35.50
N ILE D 535 -47.31 -13.47 -35.16
CA ILE D 535 -46.01 -13.10 -35.71
C ILE D 535 -44.94 -14.09 -35.26
N GLU D 536 -44.97 -14.49 -33.99
CA GLU D 536 -44.00 -15.46 -33.49
C GLU D 536 -44.17 -16.81 -34.17
N ALA D 537 -45.42 -17.24 -34.38
CA ALA D 537 -45.67 -18.51 -35.05
C ALA D 537 -45.19 -18.46 -36.49
N ALA D 538 -45.38 -17.33 -37.18
CA ALA D 538 -44.91 -17.20 -38.55
C ALA D 538 -43.40 -17.18 -38.60
N MET D 539 -42.75 -16.51 -37.64
CA MET D 539 -41.29 -16.50 -37.60
C MET D 539 -40.73 -17.90 -37.30
N ASP D 540 -41.45 -18.69 -36.51
CA ASP D 540 -41.00 -20.05 -36.24
C ASP D 540 -41.03 -20.89 -37.50
N ALA D 541 -42.06 -20.73 -38.33
CA ALA D 541 -42.16 -21.46 -39.59
C ALA D 541 -41.22 -20.91 -40.66
N GLY D 542 -40.73 -19.69 -40.49
CA GLY D 542 -39.83 -19.10 -41.46
C GLY D 542 -40.48 -18.37 -42.61
N VAL D 543 -41.81 -18.24 -42.61
CA VAL D 543 -42.48 -17.57 -43.71
C VAL D 543 -42.21 -16.07 -43.67
N VAL D 544 -41.99 -15.50 -42.49
CA VAL D 544 -41.73 -14.08 -42.32
C VAL D 544 -40.34 -13.89 -41.74
N SER D 545 -39.63 -12.88 -42.24
CA SER D 545 -38.30 -12.58 -41.75
C SER D 545 -38.36 -11.92 -40.38
N LEU D 546 -37.20 -11.60 -39.82
CA LEU D 546 -37.15 -10.97 -38.50
C LEU D 546 -37.67 -9.54 -38.57
N HIS D 547 -37.20 -8.77 -39.55
CA HIS D 547 -37.61 -7.38 -39.72
C HIS D 547 -38.01 -7.16 -41.16
N ALA D 548 -39.24 -6.72 -41.38
CA ALA D 548 -39.76 -6.45 -42.71
C ALA D 548 -41.05 -5.66 -42.57
N LYS D 549 -41.44 -4.99 -43.67
CA LYS D 549 -42.64 -4.16 -43.66
C LYS D 549 -43.87 -5.01 -43.39
N ILE D 550 -44.49 -4.81 -42.23
CA ILE D 550 -45.65 -5.58 -41.80
C ILE D 550 -46.62 -4.66 -41.10
N LYS D 551 -47.92 -4.86 -41.35
CA LYS D 551 -48.98 -4.10 -40.71
C LYS D 551 -49.68 -5.00 -39.69
N ALA D 552 -49.58 -4.62 -38.42
CA ALA D 552 -50.16 -5.40 -37.33
C ALA D 552 -51.06 -4.52 -36.48
N ARG D 553 -51.77 -5.15 -35.56
CA ARG D 553 -52.69 -4.47 -34.65
C ARG D 553 -51.98 -4.23 -33.32
N HIS D 554 -52.06 -2.99 -32.82
CA HIS D 554 -51.41 -2.63 -31.57
C HIS D 554 -52.24 -1.56 -30.88
N THR D 555 -52.25 -1.61 -29.55
CA THR D 555 -52.98 -0.66 -28.72
C THR D 555 -52.02 0.39 -28.18
N GLU D 556 -52.47 1.64 -28.18
CA GLU D 556 -51.65 2.77 -27.73
C GLU D 556 -52.20 3.47 -26.51
N MET D 557 -53.52 3.65 -26.42
CA MET D 557 -54.15 4.32 -25.29
C MET D 557 -53.68 5.78 -25.18
N THR D 558 -53.79 6.51 -26.30
CA THR D 558 -53.41 7.91 -26.34
C THR D 558 -54.40 8.85 -25.63
N PRO D 559 -55.72 8.63 -25.68
CA PRO D 559 -56.63 9.54 -24.97
C PRO D 559 -56.79 9.24 -23.48
N GLU D 560 -55.89 8.44 -22.90
CA GLU D 560 -55.95 8.05 -21.48
C GLU D 560 -57.14 7.15 -21.17
N GLY D 561 -57.76 6.57 -22.19
CA GLY D 561 -58.86 5.66 -21.99
C GLY D 561 -58.62 4.29 -22.58
N VAL D 562 -59.45 3.88 -23.53
CA VAL D 562 -59.31 2.61 -24.23
C VAL D 562 -59.21 2.90 -25.72
N LEU D 563 -58.34 2.16 -26.40
CA LEU D 563 -58.14 2.32 -27.84
C LEU D 563 -58.66 1.11 -28.59
N LEU D 564 -59.05 1.35 -29.84
CA LEU D 564 -59.60 0.28 -30.69
C LEU D 564 -58.51 -0.58 -31.33
N ARG D 565 -57.26 -0.42 -30.93
CA ARG D 565 -56.15 -1.21 -31.47
C ARG D 565 -55.99 -0.99 -32.97
N LYS D 566 -55.71 0.25 -33.33
CA LYS D 566 -55.52 0.61 -34.73
C LYS D 566 -54.30 -0.11 -35.30
N VAL D 567 -54.40 -0.52 -36.57
CA VAL D 567 -53.32 -1.26 -37.21
C VAL D 567 -52.12 -0.34 -37.46
N ILE D 568 -50.93 -0.87 -37.26
CA ILE D 568 -49.68 -0.13 -37.46
C ILE D 568 -48.78 -0.94 -38.36
N ASP D 569 -48.05 -0.26 -39.22
CA ASP D 569 -47.15 -0.90 -40.19
C ASP D 569 -45.71 -0.78 -39.69
N THR D 570 -45.24 -1.83 -39.02
CA THR D 570 -43.86 -1.86 -38.54
C THR D 570 -43.35 -3.30 -38.60
N THR D 571 -42.03 -3.43 -38.58
CA THR D 571 -41.40 -4.74 -38.70
C THR D 571 -41.68 -5.59 -37.47
N PRO D 572 -41.48 -6.92 -37.59
CA PRO D 572 -41.64 -7.78 -36.40
C PRO D 572 -40.65 -7.44 -35.30
N GLY D 573 -39.46 -6.93 -35.64
CA GLY D 573 -38.55 -6.45 -34.62
C GLY D 573 -39.15 -5.30 -33.82
N ARG D 574 -39.81 -4.37 -34.50
CA ARG D 574 -40.58 -3.35 -33.81
C ARG D 574 -41.87 -3.95 -33.26
N MET D 575 -42.40 -3.31 -32.21
CA MET D 575 -43.60 -3.71 -31.48
C MET D 575 -43.39 -4.96 -30.64
N LYS D 576 -42.23 -5.62 -30.72
CA LYS D 576 -41.89 -6.70 -29.82
C LYS D 576 -41.28 -6.18 -28.53
N ILE D 577 -40.38 -5.19 -28.63
CA ILE D 577 -39.89 -4.50 -27.45
C ILE D 577 -40.85 -3.41 -27.00
N ALA D 578 -41.67 -2.87 -27.91
CA ALA D 578 -42.65 -1.87 -27.52
C ALA D 578 -43.75 -2.43 -26.63
N ALA D 579 -43.98 -3.75 -26.68
CA ALA D 579 -44.97 -4.35 -25.80
C ALA D 579 -44.57 -4.25 -24.34
N LEU D 580 -43.27 -4.17 -24.06
CA LEU D 580 -42.81 -4.02 -22.68
C LEU D 580 -43.09 -2.62 -22.14
N LEU D 581 -43.37 -1.65 -23.00
CA LEU D 581 -43.64 -0.30 -22.54
C LEU D 581 -44.95 -0.28 -21.75
N PRO D 582 -44.98 0.40 -20.60
CA PRO D 582 -46.23 0.47 -19.82
C PRO D 582 -47.30 1.26 -20.56
N HIS D 583 -48.54 1.00 -20.16
CA HIS D 583 -49.70 1.69 -20.75
C HIS D 583 -49.84 3.07 -20.12
N HIS D 584 -49.58 4.11 -20.90
CA HIS D 584 -49.65 5.47 -20.40
C HIS D 584 -49.61 6.45 -21.57
N PRO D 585 -50.34 7.57 -21.49
CA PRO D 585 -50.28 8.55 -22.57
C PRO D 585 -48.89 9.15 -22.72
N GLN D 586 -48.65 9.77 -23.87
CA GLN D 586 -47.39 10.40 -24.26
C GLN D 586 -46.29 9.39 -24.58
N ILE D 587 -46.57 8.10 -24.47
CA ILE D 587 -45.60 7.05 -24.79
C ILE D 587 -46.32 5.92 -25.50
N GLY D 588 -45.60 5.25 -26.39
CA GLY D 588 -46.20 4.14 -27.14
C GLY D 588 -45.32 3.70 -28.29
N HIS D 589 -45.96 3.13 -29.30
CA HIS D 589 -45.22 2.61 -30.45
C HIS D 589 -44.64 3.73 -31.32
N ARG D 590 -45.15 4.96 -31.17
CA ARG D 590 -44.63 6.06 -31.97
C ARG D 590 -43.20 6.41 -31.58
N LEU D 591 -42.80 6.13 -30.34
CA LEU D 591 -41.46 6.46 -29.88
C LEU D 591 -40.42 5.44 -30.31
N ILE D 592 -40.83 4.23 -30.68
CA ILE D 592 -39.89 3.20 -31.12
C ILE D 592 -39.59 3.28 -32.61
N GLU D 593 -40.12 4.26 -33.31
CA GLU D 593 -39.87 4.38 -34.74
C GLU D 593 -38.43 4.73 -35.06
N LYS D 594 -37.69 5.28 -34.10
CA LYS D 594 -36.30 5.66 -34.33
C LYS D 594 -35.43 4.41 -34.47
N ALA D 595 -34.15 4.63 -34.73
CA ALA D 595 -33.19 3.54 -34.91
C ALA D 595 -32.72 2.94 -33.60
N LEU D 596 -33.18 3.46 -32.45
CA LEU D 596 -32.80 2.93 -31.14
C LEU D 596 -31.30 3.09 -30.88
N THR D 597 -30.81 4.31 -31.09
CA THR D 597 -29.43 4.61 -30.79
C THR D 597 -29.22 4.63 -29.26
N LYS D 598 -27.96 4.58 -28.85
CA LYS D 598 -27.65 4.62 -27.42
C LYS D 598 -28.18 5.90 -26.77
N LYS D 599 -28.00 7.04 -27.43
CA LYS D 599 -28.58 8.27 -26.91
C LYS D 599 -30.10 8.20 -26.94
N GLU D 600 -30.68 7.61 -27.99
CA GLU D 600 -32.13 7.49 -28.07
C GLU D 600 -32.68 6.58 -26.98
N ILE D 601 -32.02 5.44 -26.74
CA ILE D 601 -32.49 4.53 -25.70
C ILE D 601 -32.29 5.15 -24.32
N GLY D 602 -31.24 5.95 -24.15
CA GLY D 602 -31.07 6.66 -22.89
C GLY D 602 -32.15 7.69 -22.66
N ASN D 603 -32.55 8.40 -23.71
CA ASN D 603 -33.64 9.37 -23.60
C ASN D 603 -34.98 8.66 -23.39
N LEU D 604 -35.12 7.44 -23.90
CA LEU D 604 -36.37 6.70 -23.73
C LEU D 604 -36.61 6.33 -22.28
N ILE D 605 -35.55 5.95 -21.56
CA ILE D 605 -35.71 5.60 -20.15
C ILE D 605 -36.05 6.82 -19.30
N ASP D 606 -35.68 8.02 -19.75
CA ASP D 606 -35.98 9.22 -18.98
C ASP D 606 -37.46 9.58 -19.07
N ILE D 607 -38.08 9.45 -20.24
CA ILE D 607 -39.48 9.81 -20.40
C ILE D 607 -40.37 8.81 -19.69
N VAL D 608 -40.01 7.52 -19.73
CA VAL D 608 -40.82 6.51 -19.06
C VAL D 608 -40.75 6.69 -17.55
N TYR D 609 -39.61 7.12 -17.02
CA TYR D 609 -39.50 7.38 -15.59
C TYR D 609 -40.15 8.71 -15.21
N ARG D 610 -40.13 9.69 -16.13
CA ARG D 610 -40.74 10.98 -15.84
C ARG D 610 -42.26 10.88 -15.81
N HIS D 611 -42.85 10.20 -16.81
CA HIS D 611 -44.31 10.10 -16.87
C HIS D 611 -44.83 9.12 -15.83
N CYS D 612 -44.36 7.88 -15.88
CA CYS D 612 -44.85 6.85 -14.99
C CYS D 612 -43.99 6.80 -13.72
N GLY D 613 -44.30 5.84 -12.84
CA GLY D 613 -43.60 5.70 -11.58
C GLY D 613 -42.23 5.07 -11.74
N GLN D 614 -41.64 4.74 -10.58
CA GLN D 614 -40.32 4.13 -10.58
C GLN D 614 -40.36 2.63 -10.80
N LYS D 615 -41.43 1.96 -10.36
CA LYS D 615 -41.53 0.52 -10.54
C LYS D 615 -41.62 0.15 -12.02
N ALA D 616 -42.38 0.93 -12.79
CA ALA D 616 -42.47 0.66 -14.22
C ALA D 616 -41.13 0.82 -14.91
N THR D 617 -40.36 1.83 -14.51
CA THR D 617 -39.05 2.06 -15.11
C THR D 617 -38.12 0.89 -14.84
N VAL D 618 -38.06 0.42 -13.60
CA VAL D 618 -37.14 -0.67 -13.26
C VAL D 618 -37.59 -1.97 -13.91
N ILE D 619 -38.90 -2.21 -13.97
CA ILE D 619 -39.38 -3.44 -14.59
C ILE D 619 -39.13 -3.41 -16.10
N PHE D 620 -39.26 -2.24 -16.73
CA PHE D 620 -38.95 -2.13 -18.15
C PHE D 620 -37.47 -2.31 -18.41
N ALA D 621 -36.62 -1.75 -17.54
CA ALA D 621 -35.18 -1.94 -17.69
C ALA D 621 -34.79 -3.40 -17.51
N ASP D 622 -35.49 -4.11 -16.61
CA ASP D 622 -35.20 -5.53 -16.41
C ASP D 622 -35.66 -6.35 -17.61
N LYS D 623 -36.83 -6.01 -18.17
CA LYS D 623 -37.35 -6.77 -19.31
C LYS D 623 -36.53 -6.53 -20.57
N VAL D 624 -36.09 -5.28 -20.79
CA VAL D 624 -35.36 -4.97 -22.01
C VAL D 624 -33.97 -5.58 -21.99
N MET D 625 -33.41 -5.82 -20.80
CA MET D 625 -32.07 -6.40 -20.73
C MET D 625 -32.04 -7.82 -21.25
N GLY D 626 -33.03 -8.64 -20.86
CA GLY D 626 -33.06 -10.01 -21.34
C GLY D 626 -33.32 -10.10 -22.83
N LEU D 627 -34.19 -9.24 -23.35
CA LEU D 627 -34.48 -9.26 -24.79
C LEU D 627 -33.25 -8.89 -25.60
N GLY D 628 -32.49 -7.88 -25.16
CA GLY D 628 -31.29 -7.51 -25.89
C GLY D 628 -30.25 -8.61 -25.91
N PHE D 629 -30.04 -9.27 -24.78
CA PHE D 629 -29.09 -10.37 -24.73
C PHE D 629 -29.57 -11.55 -25.57
N LYS D 630 -30.87 -11.83 -25.56
CA LYS D 630 -31.40 -12.93 -26.36
C LYS D 630 -31.29 -12.64 -27.85
N GLU D 631 -31.43 -11.38 -28.25
CA GLU D 631 -31.35 -11.04 -29.67
C GLU D 631 -29.90 -10.95 -30.15
N ALA D 632 -29.00 -10.45 -29.29
CA ALA D 632 -27.61 -10.32 -29.69
C ALA D 632 -26.94 -11.68 -29.85
N ALA D 633 -27.31 -12.65 -29.01
CA ALA D 633 -26.74 -13.98 -29.08
C ALA D 633 -27.27 -14.80 -30.25
N LYS D 634 -28.29 -14.32 -30.95
CA LYS D 634 -28.86 -15.03 -32.09
C LYS D 634 -28.31 -14.55 -33.43
N ALA D 635 -27.85 -13.31 -33.52
CA ALA D 635 -27.31 -12.77 -34.75
C ALA D 635 -25.80 -12.94 -34.80
N GLY D 636 -25.24 -12.75 -36.00
CA GLY D 636 -23.81 -12.87 -36.21
C GLY D 636 -23.06 -11.58 -35.98
N ILE D 637 -22.86 -11.20 -34.72
CA ILE D 637 -22.18 -9.96 -34.37
C ILE D 637 -20.68 -10.20 -34.35
N SER D 638 -20.26 -11.39 -34.77
CA SER D 638 -18.84 -11.73 -34.77
C SER D 638 -18.07 -10.82 -35.71
N PHE D 639 -17.00 -10.23 -35.20
CA PHE D 639 -16.14 -9.35 -35.97
C PHE D 639 -15.07 -10.16 -36.67
N GLY D 640 -14.91 -9.96 -37.98
CA GLY D 640 -13.96 -10.68 -38.78
C GLY D 640 -13.00 -9.76 -39.52
N LYS D 641 -12.14 -10.38 -40.32
CA LYS D 641 -11.16 -9.61 -41.09
C LYS D 641 -11.82 -8.92 -42.28
N ASP D 642 -12.85 -9.52 -42.86
CA ASP D 642 -13.56 -8.90 -43.98
C ASP D 642 -14.51 -7.81 -43.55
N ASP D 643 -14.80 -7.69 -42.25
CA ASP D 643 -15.69 -6.63 -41.79
C ASP D 643 -15.07 -5.26 -41.99
N ILE D 644 -13.77 -5.12 -41.73
CA ILE D 644 -13.06 -3.87 -41.94
C ILE D 644 -12.53 -3.85 -43.36
N ILE D 645 -12.81 -2.77 -44.09
CA ILE D 645 -12.41 -2.63 -45.48
C ILE D 645 -11.73 -1.27 -45.66
N ILE D 646 -10.71 -1.24 -46.51
CA ILE D 646 -9.99 0.00 -46.80
C ILE D 646 -10.52 0.57 -48.11
N PRO D 647 -10.65 1.89 -48.23
CA PRO D 647 -11.16 2.46 -49.48
C PRO D 647 -10.17 2.29 -50.61
N VAL D 648 -10.69 1.94 -51.79
CA VAL D 648 -9.84 1.73 -52.96
C VAL D 648 -9.23 3.05 -53.45
N ARG D 649 -9.88 4.17 -53.17
CA ARG D 649 -9.37 5.47 -53.58
C ARG D 649 -8.20 5.95 -52.73
N LYS D 650 -7.94 5.31 -51.59
CA LYS D 650 -6.84 5.75 -50.74
C LYS D 650 -5.49 5.49 -51.39
N THR D 651 -5.37 4.39 -52.13
CA THR D 651 -4.11 4.06 -52.79
C THR D 651 -3.73 5.12 -53.82
N ALA D 652 -4.71 5.77 -54.43
CA ALA D 652 -4.44 6.86 -55.36
C ALA D 652 -4.31 8.19 -54.65
N ILE D 653 -5.08 8.41 -53.58
CA ILE D 653 -5.01 9.68 -52.86
C ILE D 653 -3.64 9.85 -52.22
N VAL D 654 -3.10 8.78 -51.63
CA VAL D 654 -1.81 8.88 -50.96
C VAL D 654 -0.70 9.13 -51.98
N GLU D 655 -0.77 8.49 -53.15
CA GLU D 655 0.27 8.70 -54.15
C GLU D 655 0.17 10.10 -54.74
N GLU D 656 -1.06 10.61 -54.94
CA GLU D 656 -1.22 11.97 -55.42
C GLU D 656 -0.69 12.98 -54.41
N THR D 657 -0.94 12.74 -53.12
CA THR D 657 -0.42 13.63 -52.09
C THR D 657 1.10 13.57 -52.02
N ARG D 658 1.67 12.38 -52.17
CA ARG D 658 3.13 12.27 -52.17
C ARG D 658 3.74 12.97 -53.37
N LYS D 659 3.09 12.88 -54.55
CA LYS D 659 3.60 13.58 -55.72
C LYS D 659 3.47 15.09 -55.56
N LEU D 660 2.39 15.55 -54.92
CA LEU D 660 2.21 16.99 -54.72
C LEU D 660 3.18 17.54 -53.69
N ALA D 661 3.51 16.76 -52.66
CA ALA D 661 4.43 17.23 -51.63
C ALA D 661 5.87 17.29 -52.11
N GLU D 662 6.19 16.61 -53.23
CA GLU D 662 7.56 16.62 -53.73
C GLU D 662 7.95 17.99 -54.26
N GLU D 663 7.03 18.68 -54.93
CA GLU D 663 7.34 19.99 -55.50
C GLU D 663 7.58 21.02 -54.40
N TYR D 664 6.91 20.88 -53.25
CA TYR D 664 7.12 21.83 -52.17
C TYR D 664 8.51 21.71 -51.55
N GLU D 665 9.09 20.52 -51.58
CA GLU D 665 10.42 20.33 -50.99
C GLU D 665 11.51 20.96 -51.85
N GLN D 666 11.38 20.84 -53.18
CA GLN D 666 12.40 21.40 -54.06
C GLN D 666 12.39 22.92 -54.05
N GLN D 667 11.24 23.53 -53.76
CA GLN D 667 11.16 24.98 -53.74
C GLN D 667 11.97 25.57 -52.59
N TYR D 668 11.91 24.93 -51.42
CA TYR D 668 12.65 25.41 -50.25
C TYR D 668 13.50 24.29 -49.65
N ILE D 673 13.07 29.84 -47.38
CA ILE D 673 12.70 29.52 -46.00
C ILE D 673 12.28 28.06 -45.89
N THR D 674 12.88 27.35 -44.94
CA THR D 674 12.54 25.95 -44.71
C THR D 674 11.41 25.78 -43.71
N LYS D 675 11.34 26.65 -42.69
CA LYS D 675 10.28 26.56 -41.69
C LYS D 675 8.91 26.73 -42.33
N GLY D 676 8.75 27.80 -43.12
CA GLY D 676 7.45 28.04 -43.75
C GLY D 676 7.05 26.94 -44.71
N GLU D 677 8.00 26.43 -45.49
CA GLU D 677 7.69 25.34 -46.42
C GLU D 677 7.28 24.08 -45.67
N LYS D 678 8.06 23.70 -44.65
CA LYS D 678 7.74 22.50 -43.88
C LYS D 678 6.43 22.64 -43.14
N TYR D 679 6.06 23.87 -42.76
CA TYR D 679 4.81 24.07 -42.04
C TYR D 679 3.61 24.06 -42.98
N ASN D 680 3.73 24.69 -44.15
CA ASN D 680 2.61 24.78 -45.07
C ASN D 680 2.40 23.49 -45.85
N LYS D 681 3.46 22.71 -46.07
CA LYS D 681 3.33 21.49 -46.86
C LYS D 681 2.66 20.36 -46.07
N VAL D 682 2.73 20.41 -44.74
CA VAL D 682 2.21 19.32 -43.93
C VAL D 682 0.78 19.56 -43.45
N VAL D 683 0.39 20.83 -43.25
CA VAL D 683 -0.95 21.13 -42.75
C VAL D 683 -1.98 21.27 -43.87
N ASP D 684 -1.55 21.24 -45.13
CA ASP D 684 -2.45 21.40 -46.27
C ASP D 684 -2.57 20.12 -47.09
N ALA D 685 -1.46 19.46 -47.39
CA ALA D 685 -1.50 18.25 -48.20
C ALA D 685 -1.95 17.05 -47.39
N TRP D 686 -1.32 16.82 -46.24
CA TRP D 686 -1.66 15.65 -45.43
C TRP D 686 -2.96 15.85 -44.64
N ALA D 687 -3.26 17.09 -44.24
CA ALA D 687 -4.49 17.35 -43.52
C ALA D 687 -5.71 17.14 -44.41
N LYS D 688 -5.66 17.67 -45.63
CA LYS D 688 -6.76 17.45 -46.56
C LYS D 688 -6.84 16.00 -47.02
N ALA D 689 -5.69 15.36 -47.21
CA ALA D 689 -5.69 13.96 -47.63
C ALA D 689 -6.20 13.04 -46.53
N THR D 690 -5.91 13.37 -45.27
CA THR D 690 -6.39 12.54 -44.17
C THR D 690 -7.91 12.58 -44.07
N ASP D 691 -8.51 13.74 -44.34
CA ASP D 691 -9.96 13.85 -44.28
C ASP D 691 -10.63 13.29 -45.53
N ARG D 692 -9.93 13.29 -46.66
CA ARG D 692 -10.50 12.74 -47.89
C ARG D 692 -10.69 11.24 -47.78
N VAL D 693 -9.66 10.53 -47.35
CA VAL D 693 -9.77 9.08 -47.20
C VAL D 693 -10.78 8.72 -46.12
N ALA D 694 -10.91 9.56 -45.09
CA ALA D 694 -11.88 9.30 -44.04
C ALA D 694 -13.30 9.31 -44.59
N ASP D 695 -13.68 10.38 -45.29
CA ASP D 695 -15.02 10.44 -45.87
C ASP D 695 -15.20 9.39 -46.96
N GLU D 696 -14.13 9.04 -47.68
CA GLU D 696 -14.23 8.00 -48.69
C GLU D 696 -14.58 6.66 -48.06
N MET D 697 -13.85 6.27 -47.02
CA MET D 697 -14.16 5.01 -46.33
C MET D 697 -15.52 5.06 -45.65
N MET D 698 -15.92 6.23 -45.13
CA MET D 698 -17.22 6.35 -44.51
C MET D 698 -18.34 6.14 -45.53
N ALA D 699 -18.21 6.72 -46.72
CA ALA D 699 -19.20 6.52 -47.76
C ALA D 699 -19.19 5.10 -48.28
N GLU D 700 -18.01 4.47 -48.35
CA GLU D 700 -17.94 3.10 -48.82
C GLU D 700 -18.53 2.12 -47.81
N LEU D 701 -18.45 2.46 -46.51
CA LEU D 701 -18.98 1.56 -45.49
C LEU D 701 -20.47 1.77 -45.29
N GLN D 702 -20.94 3.02 -45.30
CA GLN D 702 -22.35 3.30 -45.09
C GLN D 702 -23.21 2.85 -46.27
N MET D 703 -22.60 2.61 -47.44
CA MET D 703 -23.36 2.17 -48.61
C MET D 703 -23.94 0.78 -48.36
N LYS D 704 -25.23 0.62 -48.66
CA LYS D 704 -25.93 -0.65 -48.47
C LYS D 704 -25.84 -1.46 -49.75
N HIS D 705 -25.14 -2.58 -49.70
CA HIS D 705 -24.99 -3.44 -50.86
C HIS D 705 -26.32 -4.14 -51.18
N LYS D 706 -26.58 -4.33 -52.46
CA LYS D 706 -27.79 -4.97 -52.94
C LYS D 706 -27.43 -6.36 -53.46
N ASP D 707 -28.04 -7.39 -52.88
CA ASP D 707 -27.79 -8.75 -53.31
C ASP D 707 -28.55 -9.06 -54.59
N GLU D 708 -28.10 -10.10 -55.28
CA GLU D 708 -28.72 -10.49 -56.54
C GLU D 708 -30.16 -10.95 -56.34
N ASN D 709 -30.45 -11.59 -55.20
CA ASN D 709 -31.81 -12.08 -54.96
C ASN D 709 -32.80 -10.92 -54.78
N GLY D 710 -32.32 -9.77 -54.30
CA GLY D 710 -33.18 -8.62 -54.09
C GLY D 710 -33.29 -8.16 -52.65
N ARG D 711 -32.65 -8.81 -51.70
CA ARG D 711 -32.70 -8.44 -50.30
C ARG D 711 -31.29 -8.11 -49.80
N GLU D 712 -31.24 -7.27 -48.77
CA GLU D 712 -29.96 -6.89 -48.17
C GLU D 712 -29.29 -8.11 -47.56
N LYS D 713 -28.04 -8.35 -47.94
CA LYS D 713 -27.32 -9.52 -47.43
C LYS D 713 -27.05 -9.41 -45.94
N GLU D 714 -26.43 -8.31 -45.51
CA GLU D 714 -26.10 -8.09 -44.11
C GLU D 714 -25.50 -6.71 -43.97
N ILE D 715 -25.35 -6.27 -42.73
CA ILE D 715 -24.75 -4.97 -42.42
C ILE D 715 -23.37 -5.20 -41.83
N ASN D 716 -22.49 -4.23 -42.05
CA ASN D 716 -21.12 -4.34 -41.55
C ASN D 716 -21.11 -4.32 -40.02
N ALA D 717 -20.16 -5.05 -39.44
CA ALA D 717 -20.07 -5.14 -37.99
C ALA D 717 -19.55 -3.85 -37.37
N ILE D 718 -18.41 -3.36 -37.89
CA ILE D 718 -17.82 -2.15 -37.32
C ILE D 718 -18.70 -0.95 -37.56
N TYR D 719 -19.38 -0.89 -38.71
CA TYR D 719 -20.29 0.22 -38.98
C TYR D 719 -21.44 0.24 -37.98
N MET D 720 -22.03 -0.93 -37.70
CA MET D 720 -23.10 -1.00 -36.71
C MET D 720 -22.60 -0.64 -35.32
N MET D 721 -21.41 -1.12 -34.96
CA MET D 721 -20.85 -0.83 -33.64
C MET D 721 -20.55 0.66 -33.49
N ALA D 722 -20.19 1.34 -34.58
CA ALA D 722 -19.91 2.77 -34.51
C ALA D 722 -21.21 3.59 -34.51
N HIS D 723 -22.21 3.15 -35.27
CA HIS D 723 -23.46 3.89 -35.35
C HIS D 723 -24.27 3.75 -34.07
N SER D 724 -24.25 2.57 -33.45
CA SER D 724 -24.99 2.38 -32.21
C SER D 724 -24.41 3.19 -31.07
N GLY D 725 -23.11 3.47 -31.11
CA GLY D 725 -22.47 4.25 -30.07
C GLY D 725 -22.10 3.48 -28.82
N ALA D 726 -22.09 2.15 -28.89
CA ALA D 726 -21.75 1.36 -27.70
C ALA D 726 -20.25 1.38 -27.44
N ARG D 727 -19.46 0.86 -28.37
CA ARG D 727 -18.00 0.82 -28.22
C ARG D 727 -17.29 1.57 -29.33
N GLY D 728 -17.68 1.38 -30.58
CA GLY D 728 -16.99 2.00 -31.68
C GLY D 728 -17.14 3.51 -31.69
N SER D 729 -16.18 4.18 -32.31
CA SER D 729 -16.18 5.63 -32.44
C SER D 729 -15.74 5.99 -33.86
N GLN D 730 -15.63 7.29 -34.13
CA GLN D 730 -15.21 7.74 -35.44
C GLN D 730 -13.70 7.70 -35.59
N ALA D 731 -12.97 8.22 -34.59
CA ALA D 731 -11.52 8.25 -34.67
C ALA D 731 -10.93 6.84 -34.67
N GLN D 732 -11.53 5.93 -33.90
CA GLN D 732 -11.05 4.55 -33.87
C GLN D 732 -11.19 3.88 -35.22
N MET D 733 -12.38 4.00 -35.83
CA MET D 733 -12.58 3.40 -37.15
C MET D 733 -11.69 4.07 -38.20
N LYS D 734 -11.47 5.38 -38.07
CA LYS D 734 -10.60 6.07 -39.01
C LYS D 734 -9.16 5.57 -38.90
N GLN D 735 -8.66 5.39 -37.67
CA GLN D 735 -7.31 4.87 -37.49
C GLN D 735 -7.22 3.40 -37.90
N LEU D 736 -8.33 2.66 -37.82
CA LEU D 736 -8.30 1.26 -38.21
C LEU D 736 -8.32 1.08 -39.72
N GLY D 737 -9.12 1.88 -40.43
CA GLY D 737 -9.26 1.70 -41.86
C GLY D 737 -8.69 2.82 -42.71
N GLY D 738 -8.53 4.00 -42.11
CA GLY D 738 -8.07 5.17 -42.84
C GLY D 738 -6.56 5.24 -42.96
N MET D 739 -6.04 6.47 -42.99
CA MET D 739 -4.61 6.72 -43.16
C MET D 739 -3.91 7.02 -41.85
N ARG D 740 -4.65 7.24 -40.76
CA ARG D 740 -4.13 7.53 -39.42
C ARG D 740 -3.60 8.95 -39.27
N GLY D 741 -3.58 9.73 -40.34
CA GLY D 741 -3.11 11.11 -40.22
C GLY D 741 -1.61 11.18 -39.99
N LEU D 742 -1.20 12.09 -39.12
CA LEU D 742 0.19 12.29 -38.78
C LEU D 742 0.36 12.24 -37.27
N MET D 743 1.45 11.62 -36.83
CA MET D 743 1.74 11.51 -35.40
C MET D 743 2.47 12.75 -34.89
N ALA D 744 2.44 12.92 -33.57
CA ALA D 744 3.07 14.05 -32.91
C ALA D 744 4.23 13.56 -32.06
N LYS D 745 5.33 14.30 -32.10
CA LYS D 745 6.52 13.98 -31.33
C LYS D 745 6.37 14.46 -29.90
N PRO D 746 7.23 14.00 -28.99
CA PRO D 746 7.11 14.42 -27.59
C PRO D 746 7.36 15.91 -27.37
N SER D 747 8.04 16.58 -28.30
CA SER D 747 8.30 18.01 -28.13
C SER D 747 7.01 18.82 -28.18
N GLY D 748 6.07 18.41 -29.03
CA GLY D 748 4.81 19.11 -29.16
C GLY D 748 4.38 19.31 -30.59
N GLU D 749 5.36 19.47 -31.49
CA GLU D 749 5.06 19.67 -32.89
C GLU D 749 4.80 18.34 -33.59
N ILE D 750 4.23 18.41 -34.78
CA ILE D 750 3.91 17.24 -35.58
C ILE D 750 5.08 16.91 -36.49
N ILE D 751 5.39 15.62 -36.63
CA ILE D 751 6.48 15.20 -37.49
C ILE D 751 6.08 15.40 -38.95
N GLU D 752 7.06 15.77 -39.77
CA GLU D 752 6.79 16.02 -41.19
C GLU D 752 6.64 14.74 -42.00
N THR D 753 7.13 13.62 -41.49
CA THR D 753 7.04 12.37 -42.23
C THR D 753 5.60 11.88 -42.27
N PRO D 754 5.09 11.43 -43.42
CA PRO D 754 3.71 10.95 -43.48
C PRO D 754 3.58 9.48 -43.10
N ILE D 755 2.80 9.19 -42.06
CA ILE D 755 2.53 7.82 -41.65
C ILE D 755 1.29 7.36 -42.39
N VAL D 756 1.50 6.87 -43.61
CA VAL D 756 0.40 6.43 -44.48
C VAL D 756 0.29 4.91 -44.33
N SER D 757 -0.54 4.49 -43.39
CA SER D 757 -0.79 3.07 -43.14
C SER D 757 -1.85 2.95 -42.05
N ASN D 758 -2.44 1.76 -41.95
CA ASN D 758 -3.43 1.46 -40.94
C ASN D 758 -3.05 0.17 -40.24
N PHE D 759 -3.83 -0.17 -39.20
CA PHE D 759 -3.55 -1.36 -38.42
C PHE D 759 -3.82 -2.64 -39.19
N LYS D 760 -4.64 -2.59 -40.24
CA LYS D 760 -4.91 -3.78 -41.03
C LYS D 760 -3.66 -4.26 -41.76
N GLU D 761 -2.95 -3.33 -42.39
CA GLU D 761 -1.72 -3.65 -43.09
C GLU D 761 -0.51 -3.50 -42.17
N GLY D 762 0.65 -3.91 -42.67
CA GLY D 762 1.85 -3.85 -41.86
C GLY D 762 2.33 -2.43 -41.67
N LEU D 763 3.01 -2.21 -40.55
CA LEU D 763 3.60 -0.91 -40.21
C LEU D 763 5.08 -1.10 -39.93
N THR D 764 5.90 -0.27 -40.58
CA THR D 764 7.34 -0.33 -40.34
C THR D 764 7.66 0.21 -38.95
N VAL D 765 8.91 -0.01 -38.53
CA VAL D 765 9.31 0.38 -37.19
C VAL D 765 9.35 1.89 -37.04
N GLN D 766 9.65 2.62 -38.12
CA GLN D 766 9.78 4.06 -38.02
C GLN D 766 8.43 4.73 -37.72
N GLU D 767 7.39 4.35 -38.46
CA GLU D 767 6.07 4.91 -38.18
C GLU D 767 5.50 4.40 -36.87
N TYR D 768 5.93 3.23 -36.40
CA TYR D 768 5.46 2.72 -35.12
C TYR D 768 6.15 3.42 -33.95
N PHE D 769 7.36 3.94 -34.15
CA PHE D 769 8.05 4.63 -33.06
C PHE D 769 7.30 5.89 -32.64
N ASN D 770 6.78 6.65 -33.61
CA ASN D 770 6.03 7.85 -33.26
C ASN D 770 4.73 7.52 -32.54
N SER D 771 4.05 6.45 -32.97
CA SER D 771 2.86 6.00 -32.27
C SER D 771 3.18 5.58 -30.84
N THR D 772 4.32 4.91 -30.65
CA THR D 772 4.73 4.53 -29.29
C THR D 772 5.03 5.77 -28.46
N HIS D 773 5.66 6.78 -29.05
CA HIS D 773 5.91 8.04 -28.35
C HIS D 773 4.60 8.67 -27.90
N GLY D 774 3.64 8.76 -28.81
CA GLY D 774 2.35 9.35 -28.46
C GLY D 774 1.62 8.56 -27.39
N ALA D 775 1.66 7.23 -27.48
CA ALA D 775 0.98 6.40 -26.49
C ALA D 775 1.62 6.56 -25.12
N ARG D 776 2.95 6.57 -25.05
CA ARG D 776 3.62 6.74 -23.77
C ARG D 776 3.35 8.13 -23.19
N LYS D 777 3.31 9.15 -24.05
CA LYS D 777 2.98 10.50 -23.57
C LYS D 777 1.58 10.55 -23.00
N GLY D 778 0.61 9.94 -23.70
CA GLY D 778 -0.75 9.90 -23.19
C GLY D 778 -0.87 9.14 -21.88
N LEU D 779 -0.16 8.02 -21.77
CA LEU D 779 -0.21 7.24 -20.54
C LEU D 779 0.42 8.00 -19.37
N ALA D 780 1.52 8.70 -19.62
CA ALA D 780 2.13 9.50 -18.56
C ALA D 780 1.26 10.68 -18.19
N ASP D 781 0.52 11.24 -19.15
CA ASP D 781 -0.35 12.36 -18.85
C ASP D 781 -1.56 11.92 -18.03
N THR D 782 -2.17 10.79 -18.39
CA THR D 782 -3.35 10.33 -17.68
C THR D 782 -3.03 9.83 -16.28
N ALA D 783 -1.77 9.51 -15.98
CA ALA D 783 -1.42 9.01 -14.67
C ALA D 783 -1.27 10.12 -13.63
N LEU D 784 -0.86 11.32 -14.05
CA LEU D 784 -0.66 12.43 -13.13
C LEU D 784 -1.91 13.28 -12.96
N LYS D 785 -2.70 13.47 -14.02
CA LYS D 785 -3.87 14.32 -13.94
C LYS D 785 -4.95 13.74 -13.03
N THR D 786 -4.95 12.43 -12.81
CA THR D 786 -5.97 11.83 -11.95
C THR D 786 -5.73 12.14 -10.48
N ALA D 787 -4.47 12.32 -10.08
CA ALA D 787 -4.17 12.66 -8.69
C ALA D 787 -4.64 14.08 -8.38
N ASN D 788 -4.49 15.00 -9.33
CA ASN D 788 -4.98 16.36 -9.14
C ASN D 788 -6.49 16.38 -8.98
N SER D 789 -7.19 15.51 -9.72
CA SER D 789 -8.64 15.42 -9.58
C SER D 789 -9.02 14.96 -8.17
N GLY D 790 -8.32 13.94 -7.65
CA GLY D 790 -8.60 13.50 -6.29
C GLY D 790 -8.30 14.56 -5.26
N TYR D 791 -7.21 15.30 -5.45
CA TYR D 791 -6.89 16.38 -4.52
C TYR D 791 -7.96 17.47 -4.56
N LEU D 792 -8.41 17.84 -5.76
CA LEU D 792 -9.47 18.84 -5.87
C LEU D 792 -10.76 18.36 -5.24
N THR D 793 -11.09 17.07 -5.41
CA THR D 793 -12.29 16.53 -4.79
C THR D 793 -12.18 16.54 -3.27
N ARG D 794 -11.02 16.18 -2.72
CA ARG D 794 -10.84 16.22 -1.28
C ARG D 794 -10.86 17.64 -0.75
N ARG D 795 -10.40 18.62 -1.54
CA ARG D 795 -10.40 20.00 -1.10
C ARG D 795 -11.79 20.63 -1.17
N LEU D 796 -12.59 20.25 -2.16
CA LEU D 796 -13.92 20.84 -2.29
C LEU D 796 -14.88 20.30 -1.24
N VAL D 797 -14.70 19.06 -0.79
CA VAL D 797 -15.61 18.49 0.18
C VAL D 797 -15.45 19.16 1.53
N ASP D 798 -14.26 19.69 1.83
CA ASP D 798 -14.03 20.32 3.13
C ASP D 798 -14.55 21.75 3.19
N VAL D 799 -14.71 22.42 2.05
CA VAL D 799 -15.20 23.79 2.06
C VAL D 799 -16.74 23.84 2.04
N ALA D 800 -17.39 22.86 1.42
CA ALA D 800 -18.83 22.83 1.30
C ALA D 800 -19.47 21.78 2.22
N GLN D 801 -18.75 21.32 3.24
CA GLN D 801 -19.28 20.31 4.13
C GLN D 801 -20.29 20.86 5.13
N ASP D 802 -20.39 22.19 5.26
CA ASP D 802 -21.31 22.81 6.20
C ASP D 802 -22.64 23.22 5.57
N CYS D 803 -22.80 23.02 4.26
CA CYS D 803 -24.03 23.38 3.56
C CYS D 803 -25.03 22.24 3.71
N ILE D 804 -26.06 22.46 4.53
CA ILE D 804 -27.11 21.47 4.75
C ILE D 804 -28.46 22.19 4.73
N ILE D 805 -29.42 21.60 4.03
CA ILE D 805 -30.76 22.18 3.95
C ILE D 805 -31.44 22.01 5.30
N VAL D 806 -31.68 23.12 5.99
CA VAL D 806 -32.28 23.12 7.32
C VAL D 806 -33.67 23.74 7.31
N GLU D 807 -33.86 24.81 6.55
CA GLU D 807 -35.14 25.50 6.48
C GLU D 807 -35.88 25.14 5.19
N GLU D 808 -37.20 25.22 5.26
CA GLU D 808 -38.04 24.93 4.10
C GLU D 808 -38.22 26.14 3.20
N ASP D 809 -38.63 27.27 3.78
CA ASP D 809 -38.80 28.50 3.04
C ASP D 809 -38.08 29.63 3.75
N CYS D 810 -37.53 30.56 2.97
CA CYS D 810 -36.77 31.68 3.51
C CYS D 810 -37.49 33.02 3.39
N GLY D 811 -38.41 33.16 2.45
CA GLY D 811 -39.10 34.43 2.25
C GLY D 811 -38.32 35.45 1.47
N THR D 812 -37.25 35.05 0.79
CA THR D 812 -36.44 35.98 0.03
C THR D 812 -37.06 36.23 -1.34
N THR D 813 -37.06 37.50 -1.77
CA THR D 813 -37.61 37.89 -3.05
C THR D 813 -36.54 38.17 -4.09
N LYS D 814 -35.26 38.14 -3.71
CA LYS D 814 -34.18 38.39 -4.66
C LYS D 814 -33.88 37.16 -5.49
N GLY D 815 -33.18 37.37 -6.60
CA GLY D 815 -32.83 36.29 -7.50
C GLY D 815 -31.75 36.72 -8.46
N ILE D 816 -31.29 35.76 -9.26
CA ILE D 816 -30.24 35.99 -10.24
C ILE D 816 -30.79 35.69 -11.63
N THR D 817 -30.49 36.56 -12.58
CA THR D 817 -30.94 36.38 -13.95
C THR D 817 -30.18 35.21 -14.59
N LEU D 818 -30.91 34.41 -15.36
CA LEU D 818 -30.35 33.22 -16.02
C LEU D 818 -30.58 33.34 -17.52
N ARG D 819 -29.50 33.25 -18.29
CA ARG D 819 -29.55 33.33 -19.73
C ARG D 819 -28.94 32.07 -20.35
N ALA D 820 -29.37 31.76 -21.56
CA ALA D 820 -28.82 30.62 -22.28
C ALA D 820 -27.53 30.99 -23.00
N VAL D 821 -26.67 29.99 -23.19
CA VAL D 821 -25.40 30.19 -23.87
C VAL D 821 -25.61 30.06 -25.36
N VAL D 822 -24.95 30.94 -26.12
CA VAL D 822 -25.08 30.97 -27.58
C VAL D 822 -23.72 31.31 -28.17
N GLU D 823 -23.34 30.58 -29.22
CA GLU D 823 -22.09 30.80 -29.95
C GLU D 823 -22.45 31.10 -31.40
N GLY D 824 -22.44 32.38 -31.77
CA GLY D 824 -22.80 32.78 -33.11
C GLY D 824 -24.29 32.68 -33.37
N GLY D 825 -24.68 31.74 -34.22
CA GLY D 825 -26.08 31.53 -34.55
C GLY D 825 -26.71 30.27 -34.00
N ASP D 826 -26.03 29.54 -33.13
CA ASP D 826 -26.56 28.32 -32.55
C ASP D 826 -26.43 28.37 -31.03
N VAL D 827 -27.35 27.68 -30.36
CA VAL D 827 -27.39 27.60 -28.90
C VAL D 827 -26.79 26.28 -28.46
N LEU D 828 -26.00 26.33 -27.38
CA LEU D 828 -25.39 25.12 -26.83
C LEU D 828 -26.34 24.39 -25.88
N VAL D 829 -26.96 25.14 -24.96
CA VAL D 829 -27.91 24.58 -24.00
C VAL D 829 -29.20 25.38 -24.09
N SER D 830 -30.33 24.69 -24.14
CA SER D 830 -31.62 25.35 -24.22
C SER D 830 -31.95 26.05 -22.90
N LEU D 831 -32.73 27.13 -23.00
CA LEU D 831 -33.12 27.87 -21.81
C LEU D 831 -34.02 27.05 -20.90
N GLY D 832 -34.82 26.14 -21.48
CA GLY D 832 -35.69 25.32 -20.65
C GLY D 832 -34.91 24.33 -19.80
N SER D 833 -33.85 23.75 -20.35
CA SER D 833 -33.05 22.79 -19.59
C SER D 833 -32.24 23.48 -18.50
N ARG D 834 -31.83 24.73 -18.72
CA ARG D 834 -31.03 25.43 -17.73
C ARG D 834 -31.90 25.93 -16.57
N VAL D 835 -33.08 26.48 -16.87
CA VAL D 835 -33.95 27.01 -15.83
C VAL D 835 -34.79 25.93 -15.16
N LEU D 836 -34.85 24.73 -15.74
CA LEU D 836 -35.65 23.67 -15.16
C LEU D 836 -35.09 23.21 -13.82
N GLY D 837 -35.98 22.93 -12.88
CA GLY D 837 -35.58 22.45 -11.57
C GLY D 837 -35.41 23.53 -10.52
N ARG D 838 -35.66 24.79 -10.86
CA ARG D 838 -35.51 25.90 -9.92
C ARG D 838 -36.84 26.65 -9.79
N PHE D 839 -37.11 27.13 -8.59
CA PHE D 839 -38.32 27.90 -8.35
C PHE D 839 -38.20 29.28 -8.97
N THR D 840 -39.24 29.71 -9.68
CA THR D 840 -39.22 31.01 -10.34
C THR D 840 -39.23 32.12 -9.29
N ALA D 841 -38.36 33.12 -9.48
CA ALA D 841 -38.29 34.22 -8.52
C ALA D 841 -39.48 35.16 -8.67
N GLU D 842 -39.75 35.59 -9.90
CA GLU D 842 -40.85 36.50 -10.17
C GLU D 842 -41.66 35.98 -11.35
N ASP D 843 -42.89 36.46 -11.46
CA ASP D 843 -43.79 36.02 -12.53
C ASP D 843 -43.26 36.46 -13.88
N VAL D 844 -42.96 35.50 -14.75
CA VAL D 844 -42.43 35.81 -16.07
C VAL D 844 -43.58 36.18 -17.00
N LYS D 845 -43.37 37.21 -17.79
CA LYS D 845 -44.37 37.69 -18.73
C LYS D 845 -44.01 37.28 -20.15
N ASP D 846 -45.03 36.89 -20.93
CA ASP D 846 -44.80 36.49 -22.31
C ASP D 846 -44.36 37.71 -23.13
N PRO D 847 -43.25 37.64 -23.85
CA PRO D 847 -42.84 38.77 -24.68
C PRO D 847 -43.85 39.03 -25.79
N GLY D 848 -44.25 40.30 -25.91
CA GLY D 848 -45.24 40.68 -26.90
C GLY D 848 -46.66 40.61 -26.38
N THR D 849 -47.15 39.40 -26.16
CA THR D 849 -48.51 39.21 -25.66
C THR D 849 -48.54 39.37 -24.14
N GLY D 850 -49.48 40.18 -23.65
CA GLY D 850 -49.59 40.42 -22.23
C GLY D 850 -50.24 39.28 -21.48
N GLU D 851 -49.53 38.16 -21.35
CA GLU D 851 -50.05 36.99 -20.67
C GLU D 851 -49.00 36.47 -19.69
N LEU D 852 -49.45 36.10 -18.49
CA LEU D 852 -48.58 35.56 -17.46
C LEU D 852 -48.54 34.04 -17.61
N VAL D 853 -47.44 33.51 -18.13
CA VAL D 853 -47.34 32.08 -18.35
C VAL D 853 -46.97 31.34 -17.07
N VAL D 854 -46.24 31.98 -16.16
CA VAL D 854 -45.81 31.35 -14.93
C VAL D 854 -46.12 32.26 -13.75
N PRO D 855 -46.56 31.72 -12.61
CA PRO D 855 -46.84 32.57 -11.44
C PRO D 855 -45.58 33.18 -10.85
N ALA D 856 -45.73 33.96 -9.78
CA ALA D 856 -44.60 34.62 -9.17
C ALA D 856 -43.61 33.61 -8.58
N ASP D 857 -44.10 32.74 -7.70
CA ASP D 857 -43.27 31.74 -7.03
C ASP D 857 -43.95 30.38 -7.17
N THR D 858 -43.48 29.58 -8.13
CA THR D 858 -44.05 28.26 -8.35
C THR D 858 -42.95 27.32 -8.84
N TYR D 859 -43.17 26.03 -8.61
CA TYR D 859 -42.21 25.02 -9.04
C TYR D 859 -42.27 24.85 -10.55
N ILE D 860 -41.11 24.99 -11.21
CA ILE D 860 -41.02 24.87 -12.66
C ILE D 860 -40.97 23.38 -13.00
N ASP D 861 -42.12 22.82 -13.35
CA ASP D 861 -42.20 21.41 -13.73
C ASP D 861 -41.86 21.24 -15.21
N GLU D 862 -41.96 20.00 -15.69
CA GLU D 862 -41.67 19.74 -17.10
C GLU D 862 -42.70 20.40 -18.01
N ASN D 863 -43.96 20.45 -17.56
CA ASN D 863 -44.99 21.14 -18.34
C ASN D 863 -44.68 22.63 -18.45
N ILE D 864 -44.41 23.27 -17.30
CA ILE D 864 -44.00 24.67 -17.33
C ILE D 864 -42.69 24.82 -18.11
N ALA D 865 -41.82 23.82 -18.04
CA ALA D 865 -40.54 23.88 -18.73
C ALA D 865 -40.73 23.98 -20.24
N ASP D 866 -41.43 23.00 -20.83
CA ASP D 866 -41.61 23.05 -22.28
C ASP D 866 -42.61 24.11 -22.71
N ALA D 867 -43.46 24.60 -21.79
CA ALA D 867 -44.29 25.75 -22.12
C ALA D 867 -43.44 27.01 -22.25
N ILE D 868 -42.49 27.22 -21.35
CA ILE D 868 -41.58 28.35 -21.47
C ILE D 868 -40.65 28.18 -22.66
N GLU D 869 -40.29 26.93 -22.99
CA GLU D 869 -39.41 26.69 -24.12
C GLU D 869 -40.11 26.89 -25.45
N ALA D 870 -41.42 26.60 -25.51
CA ALA D 870 -42.15 26.76 -26.76
C ALA D 870 -42.25 28.23 -27.15
N ALA D 871 -42.88 29.04 -26.31
CA ALA D 871 -42.96 30.48 -26.56
C ALA D 871 -41.62 31.12 -26.26
N VAL D 872 -41.11 31.90 -27.21
CA VAL D 872 -39.81 32.55 -27.03
C VAL D 872 -39.89 33.53 -25.88
N VAL D 873 -38.88 33.48 -25.01
CA VAL D 873 -38.83 34.34 -23.83
C VAL D 873 -37.37 34.61 -23.50
N GLN D 874 -37.12 35.81 -22.97
CA GLN D 874 -35.77 36.21 -22.58
C GLN D 874 -35.45 35.62 -21.21
N SER D 875 -34.37 36.09 -20.60
CA SER D 875 -33.96 35.59 -19.29
C SER D 875 -35.02 35.87 -18.25
N VAL D 876 -35.16 34.95 -17.30
CA VAL D 876 -36.14 35.05 -16.22
C VAL D 876 -35.40 35.00 -14.89
N LYS D 877 -35.82 35.86 -13.97
CA LYS D 877 -35.23 35.88 -12.63
C LYS D 877 -35.66 34.64 -11.87
N VAL D 878 -34.69 33.86 -11.40
CA VAL D 878 -34.96 32.60 -10.70
C VAL D 878 -34.18 32.59 -9.39
N ARG D 879 -34.83 32.14 -8.32
CA ARG D 879 -34.18 32.04 -7.04
C ARG D 879 -33.08 30.98 -7.07
N SER D 880 -32.00 31.24 -6.34
CA SER D 880 -30.86 30.34 -6.29
C SER D 880 -30.29 30.33 -4.88
N VAL D 881 -29.40 29.37 -4.63
CA VAL D 881 -28.77 29.25 -3.32
C VAL D 881 -27.82 30.41 -3.04
N LEU D 882 -27.34 31.08 -4.08
CA LEU D 882 -26.41 32.19 -3.89
C LEU D 882 -27.11 33.46 -3.45
N THR D 883 -28.37 33.64 -3.83
CA THR D 883 -29.14 34.82 -3.49
C THR D 883 -29.94 34.66 -2.20
N CYS D 884 -29.91 33.48 -1.58
CA CYS D 884 -30.66 33.26 -0.35
C CYS D 884 -30.07 34.08 0.78
N GLU D 885 -30.94 34.59 1.64
CA GLU D 885 -30.55 35.36 2.82
C GLU D 885 -31.20 34.81 4.07
N ALA D 886 -31.21 33.49 4.20
CA ALA D 886 -31.81 32.81 5.34
C ALA D 886 -30.79 32.70 6.47
N LYS D 887 -31.09 31.88 7.47
CA LYS D 887 -30.21 31.67 8.60
C LYS D 887 -29.08 30.71 8.19
N ILE D 888 -28.34 30.20 9.17
CA ILE D 888 -27.24 29.29 8.89
C ILE D 888 -27.77 28.05 8.18
N GLY D 889 -27.17 27.73 7.05
CA GLY D 889 -27.62 26.62 6.22
C GLY D 889 -28.19 27.08 4.90
N VAL D 890 -29.09 26.28 4.32
CA VAL D 890 -29.73 26.62 3.06
C VAL D 890 -31.18 26.14 3.11
N CYS D 891 -32.07 26.91 2.51
CA CYS D 891 -33.49 26.61 2.50
C CYS D 891 -33.86 25.85 1.23
N GLY D 892 -34.99 25.13 1.31
CA GLY D 892 -35.47 24.38 0.16
C GLY D 892 -36.19 25.20 -0.88
N ALA D 893 -36.45 26.47 -0.59
CA ALA D 893 -37.13 27.35 -1.54
C ALA D 893 -36.18 28.02 -2.52
N CYS D 894 -34.87 27.84 -2.36
CA CYS D 894 -33.88 28.40 -3.26
C CYS D 894 -33.04 27.36 -3.97
N TYR D 895 -32.85 26.19 -3.39
CA TYR D 895 -32.10 25.13 -4.07
C TYR D 895 -32.85 24.66 -5.32
N GLY D 896 -34.11 24.31 -5.17
CA GLY D 896 -34.92 23.91 -6.30
C GLY D 896 -35.19 22.42 -6.35
N ARG D 897 -35.43 21.90 -7.55
CA ARG D 897 -35.71 20.49 -7.72
C ARG D 897 -34.45 19.66 -7.55
N ASP D 898 -34.58 18.53 -6.86
CA ASP D 898 -33.45 17.64 -6.66
C ASP D 898 -33.08 16.97 -7.98
N LEU D 899 -31.80 16.60 -8.10
CA LEU D 899 -31.32 15.95 -9.30
C LEU D 899 -31.43 14.42 -9.24
N ALA D 900 -31.32 13.84 -8.05
CA ALA D 900 -31.44 12.39 -7.93
C ALA D 900 -32.88 11.93 -8.09
N ARG D 901 -33.83 12.71 -7.58
CA ARG D 901 -35.24 12.39 -7.68
C ARG D 901 -35.98 13.55 -8.34
N GLY D 902 -37.13 13.23 -8.95
CA GLY D 902 -37.91 14.26 -9.60
C GLY D 902 -38.53 15.25 -8.64
N THR D 903 -38.92 14.79 -7.45
CA THR D 903 -39.53 15.67 -6.47
C THR D 903 -38.50 16.68 -5.93
N PRO D 904 -38.97 17.73 -5.28
CA PRO D 904 -38.05 18.71 -4.71
C PRO D 904 -37.18 18.11 -3.61
N VAL D 905 -36.10 18.81 -3.28
CA VAL D 905 -35.16 18.34 -2.28
C VAL D 905 -35.82 18.34 -0.91
N ASN D 906 -35.49 17.34 -0.10
CA ASN D 906 -36.03 17.22 1.23
C ASN D 906 -35.14 17.95 2.24
N ILE D 907 -35.71 18.24 3.40
CA ILE D 907 -34.99 18.94 4.46
C ILE D 907 -34.01 17.98 5.12
N GLY D 908 -32.78 18.44 5.34
CA GLY D 908 -31.76 17.65 5.97
C GLY D 908 -30.75 17.00 5.03
N GLU D 909 -31.00 17.05 3.71
CA GLU D 909 -30.09 16.45 2.75
C GLU D 909 -28.85 17.30 2.59
N ALA D 910 -27.70 16.64 2.51
CA ALA D 910 -26.42 17.32 2.36
C ALA D 910 -26.24 17.73 0.89
N VAL D 911 -26.15 19.03 0.65
CA VAL D 911 -26.00 19.56 -0.69
C VAL D 911 -24.54 19.82 -1.04
N GLY D 912 -23.74 20.27 -0.07
CA GLY D 912 -22.35 20.57 -0.35
C GLY D 912 -21.54 19.34 -0.70
N VAL D 913 -21.74 18.24 0.02
CA VAL D 913 -20.99 17.02 -0.25
C VAL D 913 -21.34 16.47 -1.63
N ILE D 914 -22.64 16.43 -1.96
CA ILE D 914 -23.04 15.91 -3.26
C ILE D 914 -22.56 16.82 -4.37
N ALA D 915 -22.55 18.13 -4.13
CA ALA D 915 -22.05 19.07 -5.13
C ALA D 915 -20.56 18.86 -5.37
N ALA D 916 -19.79 18.69 -4.31
CA ALA D 916 -18.36 18.44 -4.47
C ALA D 916 -18.10 17.12 -5.18
N GLN D 917 -18.87 16.09 -4.85
CA GLN D 917 -18.70 14.81 -5.52
C GLN D 917 -19.06 14.90 -7.00
N SER D 918 -20.12 15.65 -7.33
CA SER D 918 -20.48 15.81 -8.73
C SER D 918 -19.47 16.65 -9.49
N ILE D 919 -18.82 17.60 -8.81
CA ILE D 919 -17.80 18.40 -9.48
C ILE D 919 -16.53 17.58 -9.70
N GLY D 920 -16.20 16.69 -8.75
CA GLY D 920 -15.03 15.85 -8.89
C GLY D 920 -15.23 14.60 -9.71
N GLU D 921 -16.48 14.24 -10.02
CA GLU D 921 -16.72 13.02 -10.80
C GLU D 921 -16.17 13.13 -12.22
N PRO D 922 -16.52 14.15 -13.01
CA PRO D 922 -16.04 14.20 -14.41
C PRO D 922 -14.55 14.46 -14.56
N GLY D 923 -13.80 14.59 -13.47
CA GLY D 923 -12.36 14.77 -13.56
C GLY D 923 -11.64 13.60 -14.18
N THR D 924 -10.31 13.72 -14.31
CA THR D 924 -9.43 12.69 -14.85
C THR D 924 -9.55 12.54 -16.37
N GLN D 925 -10.51 13.25 -16.98
CA GLN D 925 -10.64 13.32 -18.44
C GLN D 925 -10.80 14.78 -18.82
N LEU D 926 -9.69 15.49 -18.91
CA LEU D 926 -9.70 16.91 -19.26
C LEU D 926 -8.40 17.25 -19.98
N THR D 927 -8.46 18.27 -20.82
CA THR D 927 -7.30 18.72 -21.60
C THR D 927 -6.79 17.59 -22.50
N THR D 1126 -4.58 26.32 -21.21
CA THR D 1126 -5.68 27.10 -21.75
C THR D 1126 -7.02 26.43 -21.45
N GLY D 1127 -7.18 25.97 -20.21
CA GLY D 1127 -8.41 25.31 -19.80
C GLY D 1127 -8.22 23.85 -19.45
N GLY D 1128 -9.13 23.30 -18.65
CA GLY D 1128 -9.09 21.91 -18.26
C GLY D 1128 -9.02 21.76 -16.75
N LEU D 1129 -8.26 20.77 -16.29
CA LEU D 1129 -8.16 20.52 -14.86
C LEU D 1129 -7.35 21.58 -14.14
N PRO D 1130 -6.12 21.92 -14.57
CA PRO D 1130 -5.40 23.01 -13.89
C PRO D 1130 -6.12 24.34 -13.96
N ARG D 1131 -6.80 24.62 -15.08
CA ARG D 1131 -7.56 25.86 -15.19
C ARG D 1131 -8.69 25.89 -14.18
N VAL D 1132 -9.40 24.77 -14.00
CA VAL D 1132 -10.48 24.71 -13.03
C VAL D 1132 -9.93 24.84 -11.61
N ALA D 1133 -8.79 24.20 -11.35
CA ALA D 1133 -8.19 24.30 -10.02
C ALA D 1133 -7.75 25.72 -9.71
N GLU D 1134 -7.26 26.45 -10.73
CA GLU D 1134 -6.85 27.83 -10.52
C GLU D 1134 -8.07 28.74 -10.36
N LEU D 1135 -9.14 28.46 -11.10
CA LEU D 1135 -10.34 29.29 -11.01
C LEU D 1135 -11.03 29.11 -9.67
N PHE D 1136 -11.10 27.87 -9.17
CA PHE D 1136 -11.73 27.64 -7.87
C PHE D 1136 -10.95 28.28 -6.74
N GLU D 1137 -9.62 28.31 -6.85
CA GLU D 1137 -8.79 28.94 -5.82
C GLU D 1137 -8.84 30.46 -5.90
N ALA D 1138 -9.17 31.03 -7.06
CA ALA D 1138 -9.29 32.47 -7.23
C ALA D 1138 -7.95 33.16 -6.97
N ARG D 1139 -6.90 32.64 -7.61
CA ARG D 1139 -5.56 33.20 -7.48
C ARG D 1139 -5.33 34.23 -8.59
N ARG D 1140 -4.10 34.70 -8.70
CA ARG D 1140 -3.75 35.68 -9.74
C ARG D 1140 -3.42 34.96 -11.04
N PRO D 1141 -4.29 35.06 -12.05
CA PRO D 1141 -4.05 34.34 -13.30
C PRO D 1141 -2.83 34.85 -14.05
N LYS D 1142 -2.76 36.16 -14.26
CA LYS D 1142 -1.65 36.79 -14.97
C LYS D 1142 -1.86 38.30 -14.92
N ASP D 1143 -0.82 39.03 -15.28
CA ASP D 1143 -0.88 40.49 -15.30
C ASP D 1143 -1.89 40.95 -16.34
N CYS D 1144 -3.00 41.53 -15.88
CA CYS D 1144 -4.06 42.02 -16.76
C CYS D 1144 -4.40 43.46 -16.41
N ALA D 1145 -4.96 44.16 -17.39
CA ALA D 1145 -5.32 45.55 -17.20
C ALA D 1145 -6.45 45.68 -16.18
N VAL D 1146 -6.25 46.55 -15.19
CA VAL D 1146 -7.26 46.76 -14.17
C VAL D 1146 -8.45 47.49 -14.76
N ILE D 1147 -9.65 47.16 -14.29
CA ILE D 1147 -10.85 47.81 -14.78
C ILE D 1147 -10.83 49.28 -14.39
N ALA D 1148 -11.34 50.13 -15.29
CA ALA D 1148 -11.30 51.57 -15.05
C ALA D 1148 -12.21 51.96 -13.90
N GLU D 1149 -13.35 51.29 -13.76
CA GLU D 1149 -14.33 51.53 -12.68
C GLU D 1149 -14.73 53.00 -12.57
N MET D 1150 -14.74 53.70 -13.70
CA MET D 1150 -15.10 55.11 -13.76
C MET D 1150 -16.37 55.28 -14.60
N ASP D 1151 -16.75 56.54 -14.82
CA ASP D 1151 -17.94 56.84 -15.60
C ASP D 1151 -17.78 58.19 -16.26
N GLY D 1152 -18.40 58.35 -17.43
CA GLY D 1152 -18.33 59.62 -18.14
C GLY D 1152 -16.93 59.90 -18.62
N ARG D 1153 -16.43 61.09 -18.31
CA ARG D 1153 -15.09 61.48 -18.73
C ARG D 1153 -14.04 60.69 -17.97
N VAL D 1154 -12.97 60.29 -18.67
CA VAL D 1154 -11.88 59.53 -18.08
C VAL D 1154 -10.64 60.43 -18.07
N GLU D 1155 -9.94 60.43 -16.94
CA GLU D 1155 -8.73 61.23 -16.77
C GLU D 1155 -7.49 60.35 -16.91
N PHE D 1156 -6.34 61.01 -17.00
CA PHE D 1156 -5.08 60.30 -17.13
C PHE D 1156 -4.76 59.54 -15.84
N GLY D 1157 -3.82 58.61 -15.95
CA GLY D 1157 -3.40 57.81 -14.81
C GLY D 1157 -2.24 58.43 -14.06
N LYS D 1158 -1.12 57.71 -14.01
CA LYS D 1158 0.08 58.18 -13.33
C LYS D 1158 1.08 58.74 -14.34
N ASP D 1159 2.01 59.55 -13.82
CA ASP D 1159 3.03 60.19 -14.65
C ASP D 1159 4.24 59.28 -14.85
N TYR D 1160 3.99 58.06 -15.34
CA TYR D 1160 5.04 57.09 -15.62
C TYR D 1160 5.80 56.72 -14.35
N LYS D 1161 5.05 56.28 -13.33
CA LYS D 1161 5.62 55.84 -12.06
C LYS D 1161 5.70 54.33 -11.96
N ASN D 1162 5.95 53.65 -13.08
CA ASN D 1162 6.06 52.20 -13.21
C ASN D 1162 4.73 51.48 -13.08
N LYS D 1163 3.62 52.20 -12.93
CA LYS D 1163 2.30 51.59 -12.83
C LYS D 1163 1.25 52.68 -12.80
N ARG D 1164 0.04 52.34 -13.23
CA ARG D 1164 -1.10 53.24 -13.22
C ARG D 1164 -2.02 52.84 -12.08
N ARG D 1165 -2.03 53.64 -11.01
CA ARG D 1165 -2.79 53.28 -9.82
C ARG D 1165 -4.29 53.45 -10.06
N ILE D 1166 -4.73 54.67 -10.33
CA ILE D 1166 -6.15 54.95 -10.54
C ILE D 1166 -6.32 56.32 -11.17
N LYS D 1167 -7.41 56.50 -11.91
CA LYS D 1167 -7.75 57.77 -12.53
C LYS D 1167 -8.98 58.35 -11.86
N ILE D 1168 -8.90 59.60 -11.43
CA ILE D 1168 -9.99 60.27 -10.72
C ILE D 1168 -10.63 61.28 -11.66
N THR D 1169 -11.97 61.29 -11.68
CA THR D 1169 -12.74 62.22 -12.50
C THR D 1169 -13.91 62.74 -11.68
N PRO D 1170 -13.63 63.61 -10.71
CA PRO D 1170 -14.71 64.13 -9.86
C PRO D 1170 -15.63 65.06 -10.64
N ASP D 1171 -16.92 64.96 -10.35
CA ASP D 1171 -17.93 65.78 -11.01
C ASP D 1171 -19.25 65.74 -10.25
N LYS D 1190 3.58 49.40 -19.92
CA LYS D 1190 2.40 48.55 -20.09
C LYS D 1190 1.73 48.83 -21.42
N HIS D 1191 0.98 47.85 -21.92
CA HIS D 1191 0.27 47.97 -23.18
C HIS D 1191 -1.16 48.43 -22.92
N ILE D 1192 -1.54 49.57 -23.48
CA ILE D 1192 -2.87 50.14 -23.31
C ILE D 1192 -3.68 49.90 -24.57
N ALA D 1193 -4.89 49.37 -24.41
CA ALA D 1193 -5.77 49.08 -25.53
C ALA D 1193 -6.97 50.02 -25.62
N VAL D 1194 -7.12 50.93 -24.66
CA VAL D 1194 -8.23 51.88 -24.64
C VAL D 1194 -7.65 53.28 -24.71
N HIS D 1195 -8.22 54.12 -25.56
CA HIS D 1195 -7.76 55.49 -25.72
C HIS D 1195 -8.33 56.38 -24.62
N ASP D 1196 -7.49 57.31 -24.14
CA ASP D 1196 -7.93 58.20 -23.08
C ASP D 1196 -9.02 59.17 -23.55
N GLY D 1197 -9.08 59.43 -24.86
CA GLY D 1197 -10.09 60.36 -25.36
C GLY D 1197 -11.49 59.80 -25.27
N ASP D 1198 -11.65 58.50 -25.55
CA ASP D 1198 -12.96 57.89 -25.50
C ASP D 1198 -13.48 57.80 -24.07
N TYR D 1199 -14.79 57.92 -23.92
CA TYR D 1199 -15.40 57.84 -22.60
C TYR D 1199 -15.33 56.41 -22.06
N ILE D 1200 -15.31 56.30 -20.73
CA ILE D 1200 -15.23 55.02 -20.04
C ILE D 1200 -16.37 54.93 -19.03
N THR D 1201 -17.00 53.77 -18.96
CA THR D 1201 -18.09 53.52 -18.04
C THR D 1201 -17.76 52.33 -17.16
N LYS D 1202 -18.43 52.26 -16.01
CA LYS D 1202 -18.20 51.18 -15.07
C LYS D 1202 -18.64 49.85 -15.68
N GLY D 1203 -17.76 48.86 -15.61
CA GLY D 1203 -18.04 47.55 -16.16
C GLY D 1203 -17.42 47.27 -17.52
N GLU D 1204 -16.72 48.24 -18.10
CA GLU D 1204 -16.09 48.03 -19.39
C GLU D 1204 -14.96 47.00 -19.26
N TYR D 1205 -14.95 46.03 -20.17
CA TYR D 1205 -13.99 44.93 -20.12
C TYR D 1205 -12.68 45.34 -20.79
N ILE D 1206 -12.03 46.32 -20.17
CA ILE D 1206 -10.69 46.77 -20.62
C ILE D 1206 -9.69 45.89 -19.87
N ILE D 1207 -9.42 44.72 -20.44
CA ILE D 1207 -8.56 43.74 -19.80
C ILE D 1207 -8.29 42.62 -20.78
N ASP D 1208 -7.11 42.01 -20.67
CA ASP D 1208 -6.78 40.84 -21.47
C ASP D 1208 -7.56 39.63 -20.94
N GLY D 1209 -7.36 38.48 -21.58
CA GLY D 1209 -8.03 37.27 -21.16
C GLY D 1209 -7.65 36.86 -19.76
N ASN D 1210 -8.53 36.09 -19.13
CA ASN D 1210 -8.35 35.62 -17.77
C ASN D 1210 -8.24 36.79 -16.80
N PRO D 1211 -9.31 37.56 -16.61
CA PRO D 1211 -9.25 38.70 -15.70
C PRO D 1211 -9.18 38.25 -14.25
N ASP D 1212 -8.80 39.20 -13.38
CA ASP D 1212 -8.70 38.90 -11.96
C ASP D 1212 -10.09 38.93 -11.33
N PRO D 1213 -10.39 37.97 -10.44
CA PRO D 1213 -11.70 37.99 -9.76
C PRO D 1213 -11.77 38.97 -8.61
N HIS D 1214 -10.64 39.33 -8.01
CA HIS D 1214 -10.66 40.22 -6.85
C HIS D 1214 -11.17 41.61 -7.23
N ASP D 1215 -10.54 42.24 -8.22
CA ASP D 1215 -10.99 43.56 -8.65
C ASP D 1215 -12.37 43.48 -9.31
N ILE D 1216 -12.71 42.34 -9.91
CA ILE D 1216 -14.04 42.18 -10.51
C ILE D 1216 -15.11 42.22 -9.43
N LEU D 1217 -14.86 41.54 -8.30
CA LEU D 1217 -15.81 41.60 -7.20
C LEU D 1217 -15.78 42.94 -6.49
N ARG D 1218 -14.62 43.61 -6.46
CA ARG D 1218 -14.52 44.90 -5.81
C ARG D 1218 -15.29 45.97 -6.58
N ILE D 1219 -15.19 45.97 -7.91
CA ILE D 1219 -15.87 46.97 -8.71
C ILE D 1219 -17.32 46.58 -8.95
N LEU D 1220 -17.54 45.45 -9.60
CA LEU D 1220 -18.89 44.98 -9.89
C LEU D 1220 -19.48 44.27 -8.68
N GLY D 1221 -20.74 43.86 -8.81
CA GLY D 1221 -21.40 43.17 -7.73
C GLY D 1221 -21.00 41.71 -7.63
N VAL D 1222 -21.42 41.08 -6.52
CA VAL D 1222 -21.10 39.68 -6.30
C VAL D 1222 -21.79 38.80 -7.34
N GLU D 1223 -22.97 39.22 -7.81
CA GLU D 1223 -23.69 38.42 -8.81
C GLU D 1223 -22.91 38.35 -10.12
N ALA D 1224 -22.25 39.45 -10.50
CA ALA D 1224 -21.47 39.45 -11.73
C ALA D 1224 -20.29 38.47 -11.63
N LEU D 1225 -19.58 38.49 -10.50
CA LEU D 1225 -18.47 37.56 -10.32
C LEU D 1225 -18.96 36.12 -10.28
N ALA D 1226 -20.09 35.87 -9.62
CA ALA D 1226 -20.62 34.51 -9.58
C ALA D 1226 -21.01 34.03 -10.96
N ASN D 1227 -21.67 34.88 -11.76
CA ASN D 1227 -22.05 34.50 -13.11
C ASN D 1227 -20.82 34.26 -13.98
N PHE D 1228 -19.79 35.09 -13.81
CA PHE D 1228 -18.57 34.91 -14.59
C PHE D 1228 -17.88 33.58 -14.25
N LEU D 1229 -17.78 33.27 -12.96
CA LEU D 1229 -17.16 32.01 -12.55
C LEU D 1229 -17.98 30.82 -13.03
N VAL D 1230 -19.30 30.91 -12.94
CA VAL D 1230 -20.16 29.82 -13.42
C VAL D 1230 -19.98 29.63 -14.92
N ASP D 1231 -19.94 30.73 -15.68
CA ASP D 1231 -19.75 30.63 -17.12
C ASP D 1231 -18.39 30.00 -17.45
N GLU D 1232 -17.33 30.41 -16.74
CA GLU D 1232 -16.01 29.86 -17.02
C GLU D 1232 -15.96 28.38 -16.72
N ILE D 1233 -16.49 27.97 -15.57
CA ILE D 1233 -16.47 26.55 -15.19
C ILE D 1233 -17.32 25.73 -16.16
N GLN D 1234 -18.49 26.26 -16.55
CA GLN D 1234 -19.34 25.53 -17.48
C GLN D 1234 -18.68 25.38 -18.84
N GLU D 1235 -17.99 26.42 -19.30
CA GLU D 1235 -17.29 26.32 -20.59
C GLU D 1235 -16.14 25.32 -20.50
N VAL D 1236 -15.39 25.34 -19.40
CA VAL D 1236 -14.28 24.41 -19.25
C VAL D 1236 -14.79 22.97 -19.17
N TYR D 1237 -15.97 22.76 -18.60
CA TYR D 1237 -16.49 21.40 -18.49
C TYR D 1237 -17.20 20.96 -19.77
N ARG D 1238 -17.70 21.90 -20.56
CA ARG D 1238 -18.38 21.57 -21.81
C ARG D 1238 -17.44 21.45 -22.99
N LEU D 1239 -16.24 22.01 -22.90
CA LEU D 1239 -15.27 21.86 -23.98
C LEU D 1239 -14.88 20.40 -24.17
N GLN D 1240 -14.95 19.60 -23.12
CA GLN D 1240 -14.65 18.17 -23.21
C GLN D 1240 -15.88 17.31 -23.48
N GLY D 1241 -17.08 17.84 -23.25
CA GLY D 1241 -18.30 17.10 -23.50
C GLY D 1241 -18.87 16.44 -22.27
N VAL D 1242 -18.87 17.14 -21.15
CA VAL D 1242 -19.40 16.61 -19.90
C VAL D 1242 -20.45 17.58 -19.34
N PRO D 1243 -21.72 17.18 -19.28
CA PRO D 1243 -22.75 18.09 -18.76
C PRO D 1243 -22.76 18.12 -17.24
N ILE D 1244 -22.85 19.32 -16.69
CA ILE D 1244 -22.90 19.53 -15.24
C ILE D 1244 -23.81 20.71 -14.95
N ASN D 1245 -24.72 20.55 -13.99
CA ASN D 1245 -25.63 21.62 -13.63
C ASN D 1245 -24.89 22.72 -12.88
N ASP D 1246 -25.40 23.95 -13.01
CA ASP D 1246 -24.80 25.10 -12.37
C ASP D 1246 -25.16 25.24 -10.89
N LYS D 1247 -26.01 24.34 -10.37
CA LYS D 1247 -26.38 24.44 -8.96
C LYS D 1247 -25.20 24.13 -8.05
N HIS D 1248 -24.41 23.12 -8.39
CA HIS D 1248 -23.26 22.78 -7.56
C HIS D 1248 -22.19 23.86 -7.61
N ILE D 1249 -21.96 24.44 -8.79
CA ILE D 1249 -21.00 25.54 -8.90
C ILE D 1249 -21.48 26.74 -8.09
N GLU D 1250 -22.79 27.02 -8.13
CA GLU D 1250 -23.32 28.12 -7.35
C GLU D 1250 -23.18 27.86 -5.85
N THR D 1251 -23.40 26.61 -5.42
CA THR D 1251 -23.22 26.27 -4.01
C THR D 1251 -21.77 26.43 -3.59
N ILE D 1252 -20.83 26.01 -4.44
CA ILE D 1252 -19.41 26.18 -4.11
C ILE D 1252 -19.05 27.65 -4.05
N VAL D 1253 -19.59 28.46 -4.96
CA VAL D 1253 -19.30 29.89 -4.94
C VAL D 1253 -19.86 30.54 -3.69
N ARG D 1254 -21.06 30.11 -3.27
CA ARG D 1254 -21.63 30.64 -2.03
C ARG D 1254 -20.78 30.24 -0.83
N GLN D 1255 -20.30 28.99 -0.80
CA GLN D 1255 -19.43 28.56 0.28
C GLN D 1255 -18.11 29.31 0.28
N MET D 1256 -17.66 29.77 -0.89
CA MET D 1256 -16.43 30.55 -0.95
C MET D 1256 -16.59 31.88 -0.22
N LEU D 1257 -17.62 32.64 -0.57
CA LEU D 1257 -17.84 33.97 0.00
C LEU D 1257 -18.60 33.83 1.31
N GLN D 1258 -17.87 33.89 2.43
CA GLN D 1258 -18.47 33.83 3.75
C GLN D 1258 -17.95 34.89 4.71
N LYS D 1259 -16.93 35.65 4.33
CA LYS D 1259 -16.33 36.66 5.19
C LYS D 1259 -16.55 38.05 4.60
N VAL D 1260 -16.69 39.03 5.49
CA VAL D 1260 -16.85 40.43 5.10
C VAL D 1260 -15.85 41.27 5.88
N GLU D 1261 -15.27 42.26 5.21
CA GLU D 1261 -14.30 43.14 5.84
C GLU D 1261 -15.02 44.18 6.70
N ILE D 1262 -14.27 45.13 7.25
CA ILE D 1262 -14.83 46.18 8.09
C ILE D 1262 -14.14 47.50 7.75
N LEU D 1263 -14.92 48.52 7.44
CA LEU D 1263 -14.40 49.84 7.11
C LEU D 1263 -14.66 50.88 8.19
N GLU D 1264 -15.75 50.75 8.95
CA GLU D 1264 -16.06 51.71 9.99
C GLU D 1264 -15.51 51.24 11.33
N PRO D 1265 -14.94 52.16 12.12
CA PRO D 1265 -14.38 51.79 13.42
C PRO D 1265 -15.40 51.69 14.54
N GLY D 1266 -16.70 51.68 14.24
CA GLY D 1266 -17.72 51.59 15.27
C GLY D 1266 -17.84 50.20 15.86
N ASP D 1267 -17.43 50.06 17.12
CA ASP D 1267 -17.49 48.83 17.90
C ASP D 1267 -16.44 47.80 17.48
N THR D 1268 -15.67 48.05 16.42
CA THR D 1268 -14.65 47.10 15.99
C THR D 1268 -13.59 47.90 15.22
N GLY D 1269 -12.45 48.17 15.87
CA GLY D 1269 -11.38 48.90 15.23
C GLY D 1269 -10.59 48.11 14.22
N LEU D 1270 -10.68 46.78 14.26
CA LEU D 1270 -9.94 45.95 13.33
C LEU D 1270 -10.51 46.09 11.92
N ILE D 1271 -9.72 45.65 10.94
CA ILE D 1271 -10.10 45.76 9.53
C ILE D 1271 -10.02 44.38 8.88
N LYS D 1272 -9.52 43.39 9.61
CA LYS D 1272 -9.37 42.06 9.07
C LYS D 1272 -10.74 41.44 8.77
N GLY D 1273 -10.71 40.37 7.97
CA GLY D 1273 -11.94 39.71 7.59
C GLY D 1273 -12.62 39.04 8.78
N ASP D 1274 -13.94 38.91 8.68
CA ASP D 1274 -14.75 38.30 9.72
C ASP D 1274 -15.87 37.51 9.10
N HIS D 1275 -16.36 36.51 9.83
CA HIS D 1275 -17.47 35.70 9.36
C HIS D 1275 -18.71 36.56 9.14
N LEU D 1276 -19.59 36.11 8.24
CA LEU D 1276 -20.76 36.90 7.88
C LEU D 1276 -21.78 36.97 9.01
N ASP D 1277 -21.74 36.04 9.96
CA ASP D 1277 -22.73 36.04 11.04
C ASP D 1277 -22.40 37.06 12.12
N LYS D 1278 -21.13 37.39 12.31
CA LYS D 1278 -20.75 38.31 13.39
C LYS D 1278 -21.30 39.71 13.16
N PRO D 1279 -21.06 40.37 12.02
CA PRO D 1279 -21.67 41.70 11.81
C PRO D 1279 -23.18 41.68 11.84
N GLU D 1280 -23.80 40.61 11.33
CA GLU D 1280 -25.25 40.51 11.42
C GLU D 1280 -25.71 40.37 12.87
N PHE D 1281 -24.87 39.81 13.74
CA PHE D 1281 -25.16 39.73 15.16
C PHE D 1281 -24.54 40.86 15.97
N ASP D 1282 -23.41 41.40 15.53
CA ASP D 1282 -22.75 42.48 16.27
C ASP D 1282 -23.38 43.83 15.97
N LYS D 1283 -23.79 44.06 14.71
CA LYS D 1283 -24.39 45.34 14.36
C LYS D 1283 -25.74 45.52 15.04
N GLU D 1284 -26.53 44.44 15.15
CA GLU D 1284 -27.80 44.53 15.84
C GLU D 1284 -27.60 44.77 17.33
N GLN D 1285 -26.55 44.21 17.91
CA GLN D 1285 -26.25 44.46 19.33
C GLN D 1285 -25.62 45.83 19.53
N GLU D 1286 -24.80 46.28 18.59
CA GLU D 1286 -24.18 47.60 18.71
C GLU D 1286 -25.22 48.70 18.59
N LYS D 1287 -26.18 48.54 17.68
CA LYS D 1287 -27.23 49.54 17.53
C LYS D 1287 -28.15 49.59 18.75
N ALA D 1288 -28.27 48.47 19.48
CA ALA D 1288 -29.10 48.45 20.66
C ALA D 1288 -28.41 49.08 21.86
N ILE D 1289 -27.08 49.05 21.90
CA ILE D 1289 -26.36 49.66 23.01
C ILE D 1289 -26.52 51.18 22.97
N ALA D 1290 -26.26 51.78 21.81
CA ALA D 1290 -26.38 53.22 21.66
C ALA D 1290 -26.53 53.55 20.19
N ARG D 1291 -27.66 54.15 19.81
CA ARG D 1291 -27.88 54.51 18.42
C ARG D 1291 -26.91 55.60 17.95
N GLY D 1292 -26.40 56.41 18.87
CA GLY D 1292 -25.45 57.44 18.51
C GLY D 1292 -24.13 56.87 18.03
N GLY D 1293 -23.31 57.76 17.48
CA GLY D 1293 -22.02 57.36 16.96
C GLY D 1293 -22.02 57.21 15.44
N ARG D 1294 -21.95 55.96 14.97
CA ARG D 1294 -21.94 55.70 13.54
C ARG D 1294 -22.12 54.22 13.28
N PRO D 1295 -22.84 53.83 12.22
CA PRO D 1295 -22.99 52.40 11.91
C PRO D 1295 -21.72 51.81 11.30
N ALA D 1296 -21.79 50.54 10.91
CA ALA D 1296 -20.65 49.85 10.32
C ALA D 1296 -21.13 49.03 9.13
N VAL D 1297 -20.58 49.32 7.95
CA VAL D 1297 -20.93 48.62 6.73
C VAL D 1297 -19.67 48.46 5.88
N THR D 1298 -19.51 47.29 5.29
CA THR D 1298 -18.35 47.01 4.46
C THR D 1298 -18.71 45.94 3.43
N GLN D 1299 -18.15 46.07 2.23
CA GLN D 1299 -18.42 45.11 1.18
C GLN D 1299 -17.75 43.77 1.47
N PRO D 1300 -18.30 42.68 0.96
CA PRO D 1300 -17.71 41.36 1.23
C PRO D 1300 -16.38 41.18 0.52
N VAL D 1301 -15.63 40.17 0.97
CA VAL D 1301 -14.32 39.85 0.43
C VAL D 1301 -14.35 38.41 -0.06
N LEU D 1302 -13.65 38.14 -1.15
CA LEU D 1302 -13.57 36.82 -1.74
C LEU D 1302 -12.27 36.14 -1.34
N LEU D 1303 -12.30 34.81 -1.32
CA LEU D 1303 -11.11 34.02 -0.98
C LEU D 1303 -11.28 32.62 -1.55
N GLY D 1304 -10.15 31.97 -1.80
CA GLY D 1304 -10.17 30.66 -2.41
C GLY D 1304 -10.73 29.59 -1.50
N ILE D 1305 -10.96 28.41 -2.10
CA ILE D 1305 -11.48 27.28 -1.33
C ILE D 1305 -10.46 26.80 -0.32
N THR D 1306 -9.17 26.91 -0.63
CA THR D 1306 -8.14 26.49 0.31
C THR D 1306 -8.15 27.34 1.57
N LYS D 1307 -8.10 28.66 1.41
CA LYS D 1307 -8.13 29.56 2.55
C LYS D 1307 -9.51 29.66 3.19
N ALA D 1308 -10.55 29.13 2.55
CA ALA D 1308 -11.89 29.17 3.13
C ALA D 1308 -11.95 28.37 4.43
N SER D 1309 -11.16 27.31 4.53
CA SER D 1309 -11.09 26.51 5.75
C SER D 1309 -9.96 26.94 6.68
N LEU D 1310 -9.07 27.82 6.23
CA LEU D 1310 -8.00 28.30 7.09
C LEU D 1310 -8.56 29.06 8.29
N GLN D 1311 -9.47 30.00 8.03
CA GLN D 1311 -10.04 30.87 9.06
C GLN D 1311 -11.42 30.43 9.49
N THR D 1312 -11.72 29.14 9.41
CA THR D 1312 -13.03 28.64 9.83
C THR D 1312 -13.17 28.76 11.35
N LYS D 1313 -14.43 28.71 11.80
CA LYS D 1313 -14.70 28.86 13.23
C LYS D 1313 -14.24 27.63 14.01
N SER D 1314 -14.68 26.45 13.59
CA SER D 1314 -14.32 25.21 14.27
C SER D 1314 -12.91 24.80 13.86
N PHE D 1315 -12.01 24.68 14.84
CA PHE D 1315 -10.63 24.32 14.56
C PHE D 1315 -10.46 22.84 14.23
N ILE D 1316 -11.41 21.99 14.62
CA ILE D 1316 -11.30 20.56 14.33
C ILE D 1316 -11.44 20.32 12.84
N SER D 1317 -12.34 21.04 12.17
CA SER D 1317 -12.50 20.88 10.73
C SER D 1317 -11.28 21.40 9.97
N ALA D 1318 -10.61 22.42 10.50
CA ALA D 1318 -9.44 22.97 9.84
C ALA D 1318 -8.20 22.14 10.07
N ALA D 1319 -8.07 21.52 11.25
CA ALA D 1319 -6.90 20.71 11.56
C ALA D 1319 -6.87 19.39 10.81
N SER D 1320 -7.98 18.97 10.22
CA SER D 1320 -8.01 17.71 9.50
C SER D 1320 -7.33 17.81 8.14
N PHE D 1321 -7.71 18.82 7.35
CA PHE D 1321 -7.17 18.98 6.00
C PHE D 1321 -5.88 19.78 5.98
N GLN D 1322 -5.87 20.94 6.63
CA GLN D 1322 -4.72 21.83 6.61
C GLN D 1322 -3.60 21.25 7.49
N GLU D 1323 -2.52 22.01 7.62
CA GLU D 1323 -1.44 21.63 8.52
C GLU D 1323 -1.92 21.74 9.97
N THR D 1324 -1.63 20.71 10.78
CA THR D 1324 -2.05 20.72 12.17
C THR D 1324 -1.20 21.65 13.03
N THR D 1325 -0.05 22.10 12.51
CA THR D 1325 0.81 22.98 13.30
C THR D 1325 0.26 24.39 13.36
N ARG D 1326 -0.02 24.99 12.21
CA ARG D 1326 -0.51 26.37 12.18
C ARG D 1326 -1.93 26.48 12.72
N VAL D 1327 -2.73 25.41 12.58
CA VAL D 1327 -4.11 25.47 13.03
C VAL D 1327 -4.19 25.34 14.55
N LEU D 1328 -3.34 24.50 15.15
CA LEU D 1328 -3.39 24.29 16.59
C LEU D 1328 -2.76 25.46 17.35
N THR D 1329 -1.61 25.95 16.88
CA THR D 1329 -0.96 27.06 17.57
C THR D 1329 -1.79 28.35 17.47
N GLU D 1330 -2.47 28.55 16.34
CA GLU D 1330 -3.30 29.75 16.20
C GLU D 1330 -4.53 29.67 17.09
N ALA D 1331 -5.21 28.52 17.10
CA ALA D 1331 -6.39 28.34 17.93
C ALA D 1331 -6.06 28.14 19.40
N SER D 1332 -4.79 27.87 19.73
CA SER D 1332 -4.43 27.66 21.13
C SER D 1332 -4.37 28.98 21.90
N VAL D 1333 -3.76 30.01 21.31
CA VAL D 1333 -3.67 31.29 21.99
C VAL D 1333 -5.05 31.95 22.10
N HIS D 1334 -5.85 31.86 21.04
CA HIS D 1334 -7.18 32.45 21.08
C HIS D 1334 -8.12 31.66 21.97
N GLY D 1335 -7.91 30.36 22.12
CA GLY D 1335 -8.77 29.54 22.94
C GLY D 1335 -10.16 29.34 22.35
N LYS D 1336 -10.23 29.06 21.06
CA LYS D 1336 -11.53 28.85 20.42
C LYS D 1336 -12.18 27.56 20.91
N THR D 1337 -13.49 27.63 21.15
CA THR D 1337 -14.26 26.49 21.62
C THR D 1337 -15.08 25.94 20.47
N ASP D 1338 -14.89 24.66 20.16
CA ASP D 1338 -15.64 24.03 19.08
C ASP D 1338 -17.01 23.59 19.57
N THR D 1339 -18.04 23.90 18.80
CA THR D 1339 -19.41 23.56 19.16
C THR D 1339 -19.90 22.25 18.56
N LEU D 1340 -19.10 21.62 17.69
CA LEU D 1340 -19.47 20.35 17.07
C LEU D 1340 -20.72 20.50 16.20
N GLU D 1341 -20.73 21.55 15.39
CA GLU D 1341 -21.86 21.80 14.50
C GLU D 1341 -21.65 21.20 13.12
N GLY D 1342 -20.43 21.27 12.59
CA GLY D 1342 -20.15 20.75 11.27
C GLY D 1342 -20.22 19.23 11.22
N LEU D 1343 -20.19 18.71 9.99
CA LEU D 1343 -20.26 17.26 9.79
C LEU D 1343 -18.93 16.58 10.13
N LYS D 1344 -17.82 17.27 9.97
CA LYS D 1344 -16.52 16.66 10.25
C LYS D 1344 -16.31 16.42 11.74
N GLU D 1345 -16.86 17.28 12.59
CA GLU D 1345 -16.68 17.12 14.03
C GLU D 1345 -17.46 15.93 14.55
N ASN D 1346 -18.69 15.73 14.08
CA ASN D 1346 -19.50 14.61 14.54
C ASN D 1346 -18.92 13.27 14.10
N VAL D 1347 -18.25 13.25 12.95
CA VAL D 1347 -17.63 12.01 12.49
C VAL D 1347 -16.43 11.66 13.34
N ILE D 1348 -15.68 12.67 13.78
CA ILE D 1348 -14.51 12.42 14.63
C ILE D 1348 -14.94 12.03 16.03
N VAL D 1349 -15.96 12.70 16.57
CA VAL D 1349 -16.42 12.39 17.92
C VAL D 1349 -17.24 11.11 17.96
N GLY D 1350 -17.82 10.69 16.84
CA GLY D 1350 -18.60 9.47 16.80
C GLY D 1350 -20.06 9.67 17.17
N ARG D 1351 -20.64 10.77 16.72
CA ARG D 1351 -22.03 11.09 16.96
C ARG D 1351 -22.80 11.08 15.64
N LEU D 1352 -24.12 11.26 15.74
CA LEU D 1352 -24.96 11.28 14.55
C LEU D 1352 -24.69 12.54 13.74
N ILE D 1353 -24.51 12.36 12.43
CA ILE D 1353 -24.24 13.51 11.56
C ILE D 1353 -25.48 14.38 11.46
N PRO D 1354 -25.36 15.71 11.49
CA PRO D 1354 -26.54 16.59 11.37
C PRO D 1354 -27.00 16.75 9.93
N ALA D 1355 -27.48 15.64 9.36
CA ALA D 1355 -27.95 15.64 7.98
C ALA D 1355 -28.91 14.49 7.77
N GLY D 1356 -30.09 14.79 7.24
CA GLY D 1356 -31.09 13.77 6.98
C GLY D 1356 -31.64 13.13 8.24
N THR D 1357 -31.28 11.86 8.47
CA THR D 1357 -31.78 11.15 9.64
C THR D 1357 -31.30 11.82 10.93
N GLY D 1358 -30.03 12.23 10.96
CA GLY D 1358 -29.53 12.91 12.14
C GLY D 1358 -30.23 14.23 12.39
N SER D 1359 -30.50 14.99 11.31
CA SER D 1359 -31.20 16.26 11.46
C SER D 1359 -32.62 16.04 11.97
N TYR D 1360 -33.31 15.02 11.44
CA TYR D 1360 -34.66 14.76 11.90
C TYR D 1360 -34.69 14.31 13.35
N LEU D 1361 -33.71 13.48 13.75
CA LEU D 1361 -33.65 13.05 15.14
C LEU D 1361 -33.34 14.22 16.07
N ARG D 1362 -32.48 15.14 15.62
CA ARG D 1362 -32.19 16.32 16.43
C ARG D 1362 -33.41 17.22 16.56
N SER D 1363 -34.18 17.36 15.48
CA SER D 1363 -35.41 18.14 15.55
C SER D 1363 -36.42 17.49 16.50
N LEU D 1364 -36.53 16.16 16.46
CA LEU D 1364 -37.42 15.45 17.38
C LEU D 1364 -36.96 15.64 18.82
N GLN D 1365 -35.66 15.58 19.07
CA GLN D 1365 -35.15 15.79 20.42
C GLN D 1365 -35.41 17.21 20.89
N ARG D 1366 -35.28 18.20 19.99
CA ARG D 1366 -35.56 19.57 20.35
C ARG D 1366 -37.04 19.77 20.69
N VAL D 1367 -37.93 19.19 19.90
CA VAL D 1367 -39.36 19.33 20.19
C VAL D 1367 -39.72 18.59 21.47
N ALA D 1368 -39.05 17.47 21.76
CA ALA D 1368 -39.30 16.77 23.01
C ALA D 1368 -38.82 17.58 24.20
N ALA D 1369 -37.67 18.24 24.07
CA ALA D 1369 -37.19 19.12 25.14
C ALA D 1369 -38.13 20.30 25.35
N LYS D 1370 -38.66 20.86 24.26
CA LYS D 1370 -39.62 21.95 24.40
C LYS D 1370 -40.88 21.49 25.10
N ARG D 1371 -41.37 20.30 24.75
CA ARG D 1371 -42.57 19.77 25.41
C ARG D 1371 -42.31 19.50 26.88
N ASP D 1372 -41.12 18.99 27.21
CA ASP D 1372 -40.78 18.74 28.61
C ASP D 1372 -40.70 20.05 29.39
N GLU D 1373 -40.12 21.09 28.78
CA GLU D 1373 -40.06 22.39 29.44
C GLU D 1373 -41.46 22.96 29.66
N GLN D 1374 -42.34 22.81 28.67
CA GLN D 1374 -43.71 23.29 28.81
C GLN D 1374 -44.43 22.53 29.92
N LEU D 1375 -44.18 21.22 30.03
CA LEU D 1375 -44.82 20.43 31.08
C LEU D 1375 -44.27 20.80 32.45
N ALA D 1376 -42.98 21.11 32.53
CA ALA D 1376 -42.37 21.50 33.81
C ALA D 1376 -42.74 22.91 34.23
N GLN D 1377 -43.09 23.78 33.28
CA GLN D 1377 -43.46 25.14 33.64
C GLN D 1377 -44.74 25.17 34.49
N GLN D 1378 -45.74 24.37 34.11
CA GLN D 1378 -46.99 24.35 34.85
C GLN D 1378 -46.83 23.69 36.21
N ARG D 1379 -45.92 22.73 36.33
CA ARG D 1379 -45.71 22.04 37.60
C ARG D 1379 -44.88 22.86 38.59
N GLU D 1380 -44.19 23.90 38.10
CA GLU D 1380 -43.37 24.75 38.96
C GLU D 1380 -42.25 23.95 39.62
N ARG E 3 -39.70 -6.50 -0.99
CA ARG E 3 -40.68 -6.94 -1.98
C ARG E 3 -41.66 -5.83 -2.33
N VAL E 4 -41.55 -4.71 -1.61
CA VAL E 4 -42.42 -3.55 -1.83
C VAL E 4 -41.54 -2.34 -2.11
N THR E 5 -41.94 -1.55 -3.10
CA THR E 5 -41.19 -0.36 -3.47
C THR E 5 -41.44 0.76 -2.46
N VAL E 6 -40.59 1.78 -2.52
CA VAL E 6 -40.68 2.92 -1.62
C VAL E 6 -41.46 4.05 -2.30
N GLU E 7 -42.09 3.74 -3.44
CA GLU E 7 -42.86 4.75 -4.15
C GLU E 7 -44.08 5.18 -3.33
N ASP E 8 -44.91 4.22 -2.94
CA ASP E 8 -46.08 4.54 -2.13
C ASP E 8 -45.69 5.08 -0.76
N CYS E 9 -44.57 4.59 -0.20
CA CYS E 9 -44.12 5.11 1.09
C CYS E 9 -43.72 6.58 0.98
N VAL E 10 -43.00 6.94 -0.09
CA VAL E 10 -42.64 8.33 -0.29
C VAL E 10 -43.86 9.17 -0.60
N GLU E 11 -44.86 8.59 -1.28
CA GLU E 11 -46.08 9.32 -1.56
C GLU E 11 -46.85 9.62 -0.29
N LYS E 12 -46.88 8.66 0.65
CA LYS E 12 -47.55 8.90 1.91
C LYS E 12 -46.80 9.93 2.75
N VAL E 13 -45.48 9.78 2.86
CA VAL E 13 -44.65 10.73 3.58
C VAL E 13 -43.57 11.24 2.63
N PRO E 14 -43.65 12.51 2.18
CA PRO E 14 -42.68 13.02 1.21
C PRO E 14 -41.33 13.38 1.81
N ASN E 15 -41.15 13.22 3.13
CA ASN E 15 -39.88 13.60 3.74
C ASN E 15 -38.75 12.67 3.32
N ARG E 16 -39.01 11.36 3.29
CA ARG E 16 -38.06 10.32 2.91
C ARG E 16 -37.00 10.09 3.98
N PHE E 17 -37.03 10.86 5.05
CA PHE E 17 -36.14 10.68 6.20
C PHE E 17 -36.88 10.28 7.46
N ALA E 18 -38.04 10.89 7.72
CA ALA E 18 -38.87 10.48 8.84
C ALA E 18 -39.44 9.08 8.64
N LEU E 19 -39.55 8.63 7.39
CA LEU E 19 -40.07 7.29 7.12
C LEU E 19 -39.18 6.23 7.74
N VAL E 20 -37.87 6.44 7.74
CA VAL E 20 -36.95 5.47 8.31
C VAL E 20 -37.18 5.32 9.80
N LEU E 21 -37.25 6.45 10.52
CA LEU E 21 -37.49 6.41 11.96
C LEU E 21 -38.86 5.83 12.28
N LEU E 22 -39.87 6.19 11.50
CA LEU E 22 -41.21 5.66 11.73
C LEU E 22 -41.24 4.15 11.54
N SER E 23 -40.60 3.65 10.49
CA SER E 23 -40.57 2.21 10.25
C SER E 23 -39.76 1.50 11.33
N ALA E 24 -38.69 2.13 11.80
CA ALA E 24 -37.90 1.52 12.88
C ALA E 24 -38.73 1.41 14.16
N HIS E 25 -39.46 2.47 14.50
CA HIS E 25 -40.33 2.41 15.68
C HIS E 25 -41.44 1.38 15.49
N ARG E 26 -42.00 1.29 14.29
CA ARG E 26 -43.04 0.31 14.02
C ARG E 26 -42.51 -1.10 14.16
N ALA E 27 -41.28 -1.34 13.71
CA ALA E 27 -40.68 -2.67 13.87
C ALA E 27 -40.39 -2.98 15.33
N ARG E 28 -39.87 -1.99 16.08
CA ARG E 28 -39.64 -2.19 17.49
C ARG E 28 -40.93 -2.49 18.24
N GLY E 29 -42.05 -1.90 17.81
CA GLY E 29 -43.33 -2.23 18.40
C GLY E 29 -43.88 -3.57 17.95
N ILE E 30 -43.62 -3.94 16.69
CA ILE E 30 -44.08 -5.23 16.17
C ILE E 30 -43.24 -6.39 16.67
N SER E 31 -42.10 -6.13 17.30
CA SER E 31 -41.30 -7.19 17.87
C SER E 31 -42.02 -7.97 18.96
N ALA E 32 -43.03 -7.36 19.60
CA ALA E 32 -43.77 -8.02 20.67
C ALA E 32 -45.20 -7.52 20.65
N GLY E 33 -46.14 -8.40 20.33
CA GLY E 33 -47.56 -8.09 20.40
C GLY E 33 -48.02 -7.02 19.44
N ALA E 34 -47.83 -7.24 18.14
CA ALA E 34 -48.27 -6.30 17.12
C ALA E 34 -48.55 -7.08 15.85
N ALA E 35 -48.60 -6.37 14.71
CA ALA E 35 -48.84 -6.96 13.39
C ALA E 35 -50.27 -7.42 13.22
N LEU E 36 -51.22 -6.76 13.88
CA LEU E 36 -52.63 -7.07 13.74
C LEU E 36 -53.28 -6.36 12.55
N MET E 37 -52.54 -5.54 11.83
CA MET E 37 -53.06 -4.80 10.68
C MET E 37 -52.76 -5.48 9.35
N VAL E 38 -51.52 -5.91 9.14
CA VAL E 38 -51.10 -6.57 7.92
C VAL E 38 -50.43 -7.88 8.28
N ASP E 39 -50.65 -8.90 7.45
CA ASP E 39 -50.06 -10.20 7.71
C ASP E 39 -48.56 -10.20 7.36
N ARG E 40 -47.87 -11.21 7.88
CA ARG E 40 -46.43 -11.32 7.64
C ARG E 40 -46.16 -11.64 6.17
N ASP E 41 -46.76 -12.70 5.65
CA ASP E 41 -46.57 -13.12 4.26
C ASP E 41 -45.11 -13.48 3.99
N ASN E 42 -44.47 -14.13 4.96
CA ASN E 42 -43.07 -14.54 4.84
C ASN E 42 -42.16 -13.32 4.66
N ASP E 43 -42.33 -12.34 5.55
CA ASP E 43 -41.54 -11.12 5.52
C ASP E 43 -40.95 -10.85 6.89
N LYS E 44 -39.87 -10.08 6.92
CA LYS E 44 -39.20 -9.73 8.15
C LYS E 44 -39.86 -8.51 8.79
N ASN E 45 -39.27 -8.00 9.87
CA ASN E 45 -39.87 -6.86 10.56
C ASN E 45 -39.78 -5.58 9.75
N PRO E 46 -38.61 -5.16 9.23
CA PRO E 46 -38.56 -3.89 8.49
C PRO E 46 -39.41 -3.88 7.23
N VAL E 47 -39.41 -4.96 6.46
CA VAL E 47 -40.19 -4.99 5.22
C VAL E 47 -41.68 -4.97 5.54
N VAL E 48 -42.10 -5.71 6.58
CA VAL E 48 -43.52 -5.70 6.93
C VAL E 48 -43.93 -4.34 7.48
N ALA E 49 -43.03 -3.66 8.19
CA ALA E 49 -43.35 -2.33 8.68
C ALA E 49 -43.48 -1.34 7.53
N LEU E 50 -42.57 -1.43 6.54
CA LEU E 50 -42.66 -0.55 5.38
C LEU E 50 -43.94 -0.82 4.58
N ARG E 51 -44.35 -2.10 4.50
CA ARG E 51 -45.57 -2.42 3.79
C ARG E 51 -46.80 -1.93 4.54
N GLU E 52 -46.77 -1.99 5.87
CA GLU E 52 -47.90 -1.53 6.67
C GLU E 52 -47.99 -0.01 6.68
N ILE E 53 -46.85 0.69 6.52
CA ILE E 53 -46.87 2.14 6.51
C ILE E 53 -47.66 2.67 5.32
N ALA E 54 -47.68 1.93 4.21
CA ALA E 54 -48.42 2.35 3.04
C ALA E 54 -49.92 2.36 3.27
N ASP E 55 -50.41 1.60 4.25
CA ASP E 55 -51.83 1.52 4.56
C ASP E 55 -52.07 1.75 6.05
N ASP E 56 -51.36 2.71 6.62
CA ASP E 56 -51.49 3.04 8.03
C ASP E 56 -51.38 4.55 8.21
N VAL E 57 -51.75 5.02 9.40
CA VAL E 57 -51.64 6.44 9.70
C VAL E 57 -50.19 6.86 9.74
N ILE E 58 -49.86 7.94 9.04
CA ILE E 58 -48.47 8.40 9.01
C ILE E 58 -48.15 9.26 10.22
N ASP E 59 -49.15 9.93 10.80
CA ASP E 59 -48.93 10.79 11.96
C ASP E 59 -49.01 9.96 13.24
N HIS E 60 -47.99 9.10 13.41
CA HIS E 60 -47.85 8.28 14.59
C HIS E 60 -46.56 8.56 15.35
N GLU E 61 -45.93 9.70 15.08
CA GLU E 61 -44.69 10.09 15.76
C GLU E 61 -44.93 10.61 17.16
N GLY E 62 -46.18 10.73 17.60
CA GLY E 62 -46.44 11.17 18.96
C GLY E 62 -45.87 10.22 20.00
N LEU E 63 -46.03 8.91 19.78
CA LEU E 63 -45.46 7.94 20.71
C LEU E 63 -43.94 8.00 20.69
N LYS E 64 -43.34 8.19 19.51
CA LYS E 64 -41.89 8.27 19.42
C LYS E 64 -41.37 9.51 20.15
N GLU E 65 -42.11 10.62 20.08
CA GLU E 65 -41.70 11.83 20.79
C GLU E 65 -41.89 11.69 22.30
N HIS E 66 -42.98 11.02 22.71
CA HIS E 66 -43.23 10.84 24.14
C HIS E 66 -42.29 9.83 24.77
N LEU E 67 -41.73 8.91 23.97
CA LEU E 67 -40.79 7.94 24.52
C LEU E 67 -39.54 8.62 25.07
N ILE E 68 -39.09 9.71 24.43
CA ILE E 68 -37.91 10.43 24.88
C ILE E 68 -38.32 11.79 25.43
N SER E 69 -39.55 11.90 25.91
CA SER E 69 -40.04 13.18 26.42
C SER E 69 -39.40 13.52 27.76
N THR E 70 -39.34 12.55 28.68
CA THR E 70 -38.79 12.74 30.00
C THR E 70 -37.68 11.73 30.24
N LEU E 71 -37.06 11.81 31.41
CA LEU E 71 -35.97 10.91 31.77
C LEU E 71 -36.44 9.89 32.80
N ASP F 109 25.35 34.61 9.35
CA ASP F 109 26.07 34.17 10.53
C ASP F 109 25.30 33.09 11.28
N ARG F 110 24.13 32.74 10.76
CA ARG F 110 23.32 31.69 11.37
C ARG F 110 24.01 30.34 11.23
N THR F 111 23.97 29.55 12.31
CA THR F 111 24.64 28.26 12.36
C THR F 111 23.66 27.10 12.44
N ASP F 112 22.76 27.11 13.42
CA ASP F 112 21.81 26.03 13.63
C ASP F 112 22.56 24.73 13.95
N ASP F 113 23.51 24.83 14.87
CA ASP F 113 24.30 23.67 15.29
C ASP F 113 24.82 23.90 16.71
N PRO F 114 24.31 23.16 17.71
CA PRO F 114 24.79 23.39 19.08
C PRO F 114 26.25 23.01 19.27
N VAL F 115 26.67 21.87 18.73
CA VAL F 115 28.07 21.46 18.86
C VAL F 115 28.99 22.43 18.14
N ARG F 116 28.55 22.96 17.00
CA ARG F 116 29.36 23.94 16.28
C ARG F 116 29.56 25.20 17.11
N MET F 117 28.48 25.69 17.72
CA MET F 117 28.59 26.86 18.60
C MET F 117 29.48 26.57 19.79
N TYR F 118 29.38 25.37 20.36
CA TYR F 118 30.22 25.01 21.50
C TYR F 118 31.69 25.01 21.11
N LEU F 119 32.02 24.40 19.97
CA LEU F 119 33.41 24.36 19.55
C LEU F 119 33.92 25.75 19.20
N ARG F 120 33.07 26.59 18.59
CA ARG F 120 33.48 27.97 18.31
C ARG F 120 33.77 28.73 19.59
N GLU F 121 32.91 28.58 20.60
CA GLU F 121 33.11 29.27 21.86
C GLU F 121 34.36 28.77 22.57
N MET F 122 34.63 27.47 22.52
CA MET F 122 35.82 26.94 23.19
C MET F 122 37.10 27.28 22.43
N GLY F 123 37.01 27.49 21.12
CA GLY F 123 38.19 27.81 20.34
C GLY F 123 38.52 29.28 20.30
N SER F 124 37.51 30.14 20.44
CA SER F 124 37.73 31.58 20.40
C SER F 124 38.20 32.15 21.74
N VAL F 125 38.19 31.36 22.81
CA VAL F 125 38.57 31.85 24.12
C VAL F 125 39.62 31.01 24.82
N GLU F 126 39.86 29.77 24.40
CA GLU F 126 40.82 28.89 25.07
C GLU F 126 42.15 28.89 24.32
N LEU F 127 43.17 28.38 25.00
CA LEU F 127 44.51 28.29 24.43
C LEU F 127 45.19 27.06 25.02
N LEU F 128 46.52 26.98 24.84
CA LEU F 128 47.31 25.88 25.36
C LEU F 128 48.46 26.43 26.18
N SER F 129 48.86 25.68 27.21
CA SER F 129 49.92 26.11 28.11
C SER F 129 50.68 24.89 28.59
N ARG F 130 51.99 24.84 28.30
CA ARG F 130 52.83 23.75 28.77
C ARG F 130 53.16 23.92 30.24
N GLU F 131 53.82 25.02 30.60
CA GLU F 131 54.15 25.31 31.98
C GLU F 131 53.00 25.96 32.74
N GLY F 132 51.92 26.33 32.05
CA GLY F 132 50.78 26.92 32.73
C GLY F 132 50.12 25.97 33.70
N GLU F 133 50.17 24.67 33.42
CA GLU F 133 49.59 23.70 34.36
C GLU F 133 50.34 23.70 35.68
N ILE F 134 51.66 23.93 35.66
CA ILE F 134 52.42 24.01 36.90
C ILE F 134 51.98 25.21 37.71
N ALA F 135 51.79 26.37 37.05
CA ALA F 135 51.33 27.55 37.75
C ALA F 135 49.93 27.35 38.30
N ILE F 136 49.07 26.66 37.56
CA ILE F 136 47.71 26.41 38.03
C ILE F 136 47.74 25.50 39.25
N ALA F 137 48.60 24.47 39.24
CA ALA F 137 48.72 23.58 40.38
C ALA F 137 49.25 24.33 41.60
N LYS F 138 50.25 25.19 41.40
CA LYS F 138 50.78 25.98 42.52
C LYS F 138 49.72 26.92 43.07
N ARG F 139 48.91 27.52 42.21
CA ARG F 139 47.83 28.40 42.68
C ARG F 139 46.79 27.62 43.45
N ILE F 140 46.45 26.41 43.00
CA ILE F 140 45.49 25.58 43.71
C ILE F 140 46.04 25.19 45.08
N GLU F 141 47.34 24.85 45.14
CA GLU F 141 47.95 24.51 46.42
C GLU F 141 47.96 25.71 47.36
N ALA F 142 48.26 26.91 46.83
CA ALA F 142 48.23 28.11 47.65
C ALA F 142 46.83 28.41 48.16
N GLY F 143 45.82 28.20 47.32
CA GLY F 143 44.45 28.40 47.77
C GLY F 143 44.04 27.43 48.84
N ARG F 144 44.44 26.16 48.70
CA ARG F 144 44.16 25.17 49.75
C ARG F 144 44.88 25.54 51.04
N ASP F 145 46.12 26.00 50.94
CA ASP F 145 46.87 26.40 52.13
C ASP F 145 46.20 27.58 52.83
N THR F 146 45.76 28.58 52.06
CA THR F 146 45.10 29.74 52.66
C THR F 146 43.76 29.35 53.27
N MET F 147 43.02 28.45 52.63
CA MET F 147 41.76 27.99 53.19
C MET F 147 41.98 27.24 54.50
N ILE F 148 43.01 26.40 54.55
CA ILE F 148 43.32 25.67 55.78
C ILE F 148 43.75 26.63 56.88
N ARG F 149 44.55 27.65 56.53
CA ARG F 149 44.98 28.61 57.52
C ARG F 149 43.82 29.46 58.03
N GLY F 150 42.84 29.74 57.17
CA GLY F 150 41.69 30.52 57.61
C GLY F 150 40.67 29.72 58.38
N LEU F 151 40.59 28.40 58.13
CA LEU F 151 39.61 27.58 58.82
C LEU F 151 40.03 27.21 60.23
N CYS F 152 41.33 27.22 60.53
CA CYS F 152 41.82 26.85 61.86
C CYS F 152 41.73 28.06 62.77
N GLU F 153 40.54 28.26 63.34
CA GLU F 153 40.27 29.34 64.26
C GLU F 153 39.96 28.78 65.64
N SER F 154 39.61 29.68 66.56
CA SER F 154 39.34 29.32 67.95
C SER F 154 37.86 29.56 68.25
N ALA F 155 37.28 28.65 69.06
CA ALA F 155 35.91 28.69 69.55
C ALA F 155 34.87 28.36 68.47
N LEU F 156 35.28 28.15 67.22
CA LEU F 156 34.36 27.81 66.15
C LEU F 156 34.66 26.44 65.55
N THR F 157 35.93 26.16 65.24
CA THR F 157 36.32 24.87 64.66
C THR F 157 37.05 23.98 65.63
N PHE F 158 37.84 24.53 66.56
CA PHE F 158 38.55 23.71 67.53
C PHE F 158 37.58 23.05 68.50
N GLU F 159 36.70 23.85 69.12
CA GLU F 159 35.73 23.28 70.04
C GLU F 159 34.68 22.45 69.31
N ALA F 160 34.39 22.78 68.06
CA ALA F 160 33.40 22.01 67.29
C ALA F 160 33.94 20.62 66.97
N ILE F 161 35.19 20.53 66.53
CA ILE F 161 35.78 19.23 66.20
C ILE F 161 36.30 18.51 67.43
N MET F 162 36.52 19.22 68.55
CA MET F 162 37.02 18.58 69.75
C MET F 162 35.99 17.63 70.35
N VAL F 163 34.71 17.86 70.09
CA VAL F 163 33.68 16.95 70.59
C VAL F 163 33.81 15.59 69.94
N TRP F 164 34.31 15.54 68.70
CA TRP F 164 34.56 14.26 68.04
C TRP F 164 35.91 13.66 68.46
N ARG F 165 36.90 14.51 68.73
CA ARG F 165 38.20 14.01 69.18
C ARG F 165 38.11 13.41 70.58
N GLU F 166 37.15 13.86 71.39
CA GLU F 166 36.97 13.30 72.72
C GLU F 166 36.41 11.89 72.67
N GLU F 167 35.80 11.50 71.56
CA GLU F 167 35.27 10.15 71.36
C GLU F 167 36.38 9.14 71.06
N LEU F 168 37.63 9.59 70.92
CA LEU F 168 38.72 8.70 70.57
C LEU F 168 38.95 7.66 71.66
N GLY F 169 39.74 6.64 71.33
CA GLY F 169 40.00 5.53 72.21
C GLY F 169 39.28 4.24 71.83
N THR F 170 38.24 4.34 71.00
CA THR F 170 37.50 3.18 70.55
C THR F 170 37.89 2.74 69.14
N GLY F 171 38.61 3.58 68.39
CA GLY F 171 39.03 3.21 67.06
C GLY F 171 37.91 3.12 66.04
N ARG F 172 36.88 3.94 66.18
CA ARG F 172 35.77 3.95 65.23
C ARG F 172 35.97 5.01 64.15
N ILE F 173 36.07 6.28 64.55
CA ILE F 173 36.28 7.36 63.61
C ILE F 173 37.41 8.30 64.04
N LEU F 174 37.98 8.09 65.23
CA LEU F 174 39.05 8.97 65.69
C LEU F 174 40.32 8.77 64.87
N LEU F 175 40.67 7.52 64.59
CA LEU F 175 41.81 7.18 63.76
C LEU F 175 41.34 6.54 62.47
N ARG F 176 42.01 6.89 61.37
CA ARG F 176 41.75 6.42 60.01
C ARG F 176 40.53 7.08 59.36
N GLU F 177 39.79 7.91 60.09
CA GLU F 177 38.60 8.55 59.54
C GLU F 177 38.71 10.07 59.52
N VAL F 178 39.09 10.69 60.63
CA VAL F 178 39.17 12.15 60.69
C VAL F 178 40.46 12.69 60.09
N ILE F 179 41.50 11.85 59.97
CA ILE F 179 42.78 12.27 59.44
C ILE F 179 43.23 11.24 58.41
N ASP F 180 43.66 11.72 57.24
CA ASP F 180 44.12 10.83 56.19
C ASP F 180 45.44 10.16 56.57
N LEU F 181 45.57 8.88 56.20
CA LEU F 181 46.76 8.13 56.55
C LEU F 181 47.84 8.24 55.48
N GLU F 182 47.45 8.41 54.22
CA GLU F 182 48.44 8.56 53.15
C GLU F 182 49.27 9.82 53.32
N GLY F 183 48.69 10.87 53.90
CA GLY F 183 49.43 12.09 54.16
C GLY F 183 50.35 11.98 55.37
N THR F 184 49.84 11.40 56.46
CA THR F 184 50.67 11.24 57.66
C THR F 184 51.80 10.25 57.43
N TYR F 185 51.56 9.20 56.64
CA TYR F 185 52.63 8.23 56.37
C TYR F 185 53.77 8.87 55.58
N ALA F 186 53.44 9.75 54.64
CA ALA F 186 54.49 10.42 53.87
C ALA F 186 55.30 11.37 54.75
N ALA F 187 54.67 11.98 55.75
CA ALA F 187 55.39 12.88 56.64
C ALA F 187 56.43 12.14 57.47
N ILE F 188 56.16 10.89 57.84
CA ILE F 188 57.08 10.10 58.63
C ILE F 188 58.33 9.79 57.83
N VAL F 235 46.92 -3.11 54.16
CA VAL F 235 46.55 -1.98 55.00
C VAL F 235 46.46 -2.43 56.46
N SER F 236 46.22 -3.73 56.67
CA SER F 236 46.11 -4.26 58.03
C SER F 236 47.44 -4.15 58.76
N ALA F 237 48.52 -4.59 58.12
CA ALA F 237 49.85 -4.47 58.73
C ALA F 237 50.28 -3.02 58.87
N MET F 238 49.90 -2.18 57.91
CA MET F 238 50.21 -0.75 57.97
C MET F 238 49.28 -0.08 58.97
N GLU F 239 49.36 1.26 59.04
CA GLU F 239 48.50 2.08 59.89
C GLU F 239 48.56 1.68 61.36
N GLY F 240 49.68 1.09 61.77
CA GLY F 240 49.86 0.69 63.15
C GLY F 240 50.39 1.81 64.01
N GLU F 241 51.53 2.38 63.59
CA GLU F 241 52.11 3.49 64.33
C GLU F 241 51.27 4.75 64.24
N LEU F 242 50.40 4.86 63.23
CA LEU F 242 49.53 6.02 63.09
C LEU F 242 48.56 6.14 64.26
N ARG F 243 48.15 5.01 64.83
CA ARG F 243 47.30 5.04 66.01
C ARG F 243 48.01 5.68 67.18
N GLU F 244 49.25 5.24 67.45
CA GLU F 244 50.03 5.86 68.51
C GLU F 244 50.35 7.31 68.20
N GLY F 245 50.55 7.63 66.91
CA GLY F 245 50.79 9.02 66.54
C GLY F 245 49.60 9.91 66.85
N VAL F 246 48.40 9.48 66.49
CA VAL F 246 47.21 10.26 66.78
C VAL F 246 46.96 10.30 68.29
N MET F 247 47.32 9.24 69.01
CA MET F 247 47.16 9.26 70.46
C MET F 247 48.10 10.28 71.10
N ALA F 248 49.35 10.34 70.65
CA ALA F 248 50.27 11.35 71.15
C ALA F 248 49.83 12.75 70.76
N ILE F 249 49.25 12.89 69.56
CA ILE F 249 48.73 14.20 69.15
C ILE F 249 47.58 14.63 70.05
N LEU F 250 46.70 13.69 70.40
CA LEU F 250 45.60 14.02 71.31
C LEU F 250 46.13 14.35 72.70
N ASP F 251 47.16 13.63 73.16
CA ASP F 251 47.76 13.93 74.46
C ASP F 251 48.36 15.33 74.46
N ALA F 252 48.97 15.74 73.34
CA ALA F 252 49.56 17.07 73.26
C ALA F 252 48.48 18.14 73.18
N ILE F 253 47.41 17.87 72.44
CA ILE F 253 46.34 18.86 72.28
C ILE F 253 45.36 18.89 73.44
N ALA F 254 45.47 17.96 74.38
CA ALA F 254 44.62 18.00 75.57
C ALA F 254 44.86 19.28 76.36
N SER F 255 46.12 19.70 76.49
CA SER F 255 46.42 20.95 77.18
C SER F 255 45.85 22.14 76.42
N GLU F 256 45.97 22.14 75.10
CA GLU F 256 45.42 23.23 74.30
C GLU F 256 43.91 23.29 74.43
N PHE F 257 43.25 22.14 74.54
CA PHE F 257 41.80 22.13 74.70
C PHE F 257 41.40 22.59 76.08
N GLU F 258 42.13 22.18 77.12
CA GLU F 258 41.85 22.66 78.47
C GLU F 258 42.07 24.16 78.58
N ALA F 259 43.05 24.69 77.84
CA ALA F 259 43.27 26.12 77.81
C ALA F 259 42.26 26.78 76.88
N PHE F 260 41.76 27.94 77.29
CA PHE F 260 40.77 28.77 76.61
C PHE F 260 39.36 28.19 76.74
N ARG F 261 39.20 26.96 77.25
CA ARG F 261 37.87 26.39 77.39
C ARG F 261 37.04 27.15 78.42
N LYS F 262 37.65 27.53 79.54
CA LYS F 262 36.99 28.32 80.55
C LYS F 262 37.07 29.82 80.27
N LEU F 263 37.87 30.25 79.31
CA LEU F 263 38.01 31.65 78.98
C LEU F 263 37.12 32.09 77.82
N GLN F 264 36.68 31.17 76.97
CA GLN F 264 35.81 31.53 75.86
C GLN F 264 34.47 32.08 76.38
N ASP F 265 33.94 31.48 77.44
CA ASP F 265 32.68 31.97 78.00
C ASP F 265 32.85 33.37 78.58
N LYS F 266 33.95 33.61 79.30
CA LYS F 266 34.19 34.94 79.84
C LYS F 266 34.37 35.96 78.72
N LEU F 267 35.07 35.58 77.64
CA LEU F 267 35.28 36.51 76.54
C LEU F 267 33.97 36.83 75.83
N VAL F 268 33.13 35.82 75.58
CA VAL F 268 31.87 36.08 74.90
C VAL F 268 30.94 36.90 75.80
N GLY F 269 30.99 36.66 77.12
CA GLY F 269 30.19 37.48 78.02
C GLY F 269 30.66 38.92 78.05
N SER F 270 31.97 39.14 78.05
CA SER F 270 32.49 40.52 78.02
C SER F 270 32.15 41.20 76.70
N ARG F 271 32.16 40.45 75.59
CA ARG F 271 31.79 41.03 74.31
C ARG F 271 30.30 41.37 74.26
N LEU F 272 29.46 40.54 74.87
CA LEU F 272 28.03 40.81 74.89
C LEU F 272 27.70 41.99 75.79
N LYS F 273 28.36 42.09 76.95
CA LYS F 273 28.07 43.18 77.87
C LYS F 273 28.54 44.52 77.31
N GLY F 274 29.65 44.52 76.58
CA GLY F 274 30.17 45.72 75.97
C GLY F 274 31.36 46.35 76.68
N GLU F 275 31.77 45.83 77.82
CA GLU F 275 32.90 46.39 78.54
C GLU F 275 34.19 46.14 77.78
N ASP F 276 35.07 47.14 77.78
CA ASP F 276 36.35 47.03 77.10
C ASP F 276 37.23 45.99 77.79
N LEU F 277 37.62 44.95 77.05
CA LEU F 277 38.45 43.89 77.61
C LEU F 277 39.91 44.35 77.66
N SER F 278 40.53 44.13 78.81
CA SER F 278 41.91 44.54 79.02
C SER F 278 42.87 43.43 78.56
N ASP F 279 44.15 43.59 78.87
CA ASP F 279 45.18 42.62 78.50
C ASP F 279 45.45 41.59 79.59
N ALA F 280 44.74 41.68 80.73
CA ALA F 280 44.98 40.76 81.84
C ALA F 280 44.72 39.32 81.43
N ASP F 281 43.72 39.10 80.58
CA ASP F 281 43.46 37.78 80.02
C ASP F 281 44.12 37.58 78.67
N ARG F 282 44.35 38.67 77.92
CA ARG F 282 44.94 38.56 76.60
C ARG F 282 46.40 38.10 76.68
N LYS F 283 47.10 38.42 77.76
CA LYS F 283 48.49 37.99 77.91
C LYS F 283 48.61 36.47 77.87
N ALA F 284 47.63 35.76 78.41
CA ALA F 284 47.61 34.30 78.32
C ALA F 284 46.87 33.81 77.08
N TYR F 285 45.87 34.56 76.62
CA TYR F 285 45.12 34.15 75.43
C TYR F 285 46.00 34.12 74.20
N GLU F 286 46.95 35.06 74.10
CA GLU F 286 47.87 35.07 72.96
C GLU F 286 48.71 33.80 72.92
N GLY F 287 49.30 33.43 74.05
CA GLY F 287 50.08 32.21 74.10
C GLY F 287 49.24 30.97 73.86
N LEU F 288 48.02 30.95 74.40
CA LEU F 288 47.14 29.81 74.18
C LEU F 288 46.79 29.66 72.70
N SER F 289 46.49 30.78 72.03
CA SER F 289 46.18 30.72 70.60
C SER F 289 47.39 30.30 69.79
N ALA F 290 48.58 30.80 70.16
CA ALA F 290 49.79 30.39 69.47
C ALA F 290 50.02 28.88 69.60
N THR F 291 49.90 28.36 70.82
CA THR F 291 50.11 26.93 71.03
C THR F 291 49.06 26.10 70.30
N ILE F 292 47.80 26.53 70.33
CA ILE F 292 46.74 25.75 69.69
C ILE F 292 46.89 25.76 68.17
N ILE F 293 47.29 26.90 67.60
CA ILE F 293 47.49 26.95 66.15
C ILE F 293 48.72 26.15 65.76
N GLN F 294 49.76 26.16 66.58
CA GLN F 294 50.93 25.34 66.30
C GLN F 294 50.60 23.86 66.35
N HIS F 295 49.73 23.47 67.28
CA HIS F 295 49.33 22.06 67.36
C HIS F 295 48.40 21.68 66.21
N LEU F 296 47.52 22.59 65.79
CA LEU F 296 46.59 22.30 64.71
C LEU F 296 47.29 22.27 63.36
N LYS F 297 48.37 23.05 63.20
CA LYS F 297 49.05 23.09 61.92
C LYS F 297 49.69 21.76 61.55
N THR F 298 50.15 21.00 62.55
CA THR F 298 50.81 19.73 62.31
C THR F 298 49.84 18.56 62.19
N LEU F 299 48.54 18.80 62.32
CA LEU F 299 47.57 17.70 62.24
C LEU F 299 47.44 17.18 60.81
N LYS F 300 47.18 18.07 59.86
CA LYS F 300 47.00 17.69 58.45
C LYS F 300 45.83 16.74 58.29
N LEU F 301 44.64 17.23 58.66
CA LEU F 301 43.43 16.44 58.59
C LEU F 301 43.08 16.12 57.14
N ASN F 302 42.06 15.27 56.97
CA ASN F 302 41.62 14.85 55.66
C ASN F 302 40.76 15.95 55.04
N ASN F 303 40.13 15.65 53.89
CA ASN F 303 39.31 16.62 53.19
C ASN F 303 37.86 16.62 53.67
N ASN F 304 37.37 15.49 54.18
CA ASN F 304 35.97 15.42 54.62
C ASN F 304 35.73 16.30 55.85
N ARG F 305 36.63 16.24 56.83
CA ARG F 305 36.46 17.05 58.03
C ARG F 305 36.55 18.53 57.72
N ILE F 306 37.53 18.92 56.90
CA ILE F 306 37.66 20.33 56.53
C ILE F 306 36.46 20.78 55.70
N GLU F 307 35.92 19.90 54.86
CA GLU F 307 34.73 20.25 54.09
C GLU F 307 33.52 20.46 55.00
N ALA F 308 33.35 19.58 55.99
CA ALA F 308 32.26 19.76 56.95
C ALA F 308 32.42 21.05 57.73
N LEU F 309 33.66 21.36 58.15
CA LEU F 309 33.90 22.59 58.90
C LEU F 309 33.61 23.82 58.05
N VAL F 310 34.06 23.82 56.79
CA VAL F 310 33.81 24.96 55.93
C VAL F 310 32.33 25.07 55.59
N GLU F 311 31.62 23.94 55.53
CA GLU F 311 30.17 24.00 55.29
C GLU F 311 29.45 24.60 56.49
N GLN F 312 29.85 24.24 57.71
CA GLN F 312 29.26 24.85 58.89
C GLN F 312 29.57 26.34 58.95
N LEU F 313 30.82 26.72 58.60
CA LEU F 313 31.17 28.13 58.56
C LEU F 313 30.36 28.87 57.50
N TYR F 314 30.10 28.23 56.36
CA TYR F 314 29.30 28.86 55.32
C TYR F 314 27.86 29.01 55.75
N ALA F 315 27.33 28.06 56.51
CA ALA F 315 25.98 28.20 57.05
C ALA F 315 25.90 29.36 58.04
N ILE F 316 26.91 29.47 58.92
CA ILE F 316 26.94 30.58 59.86
C ILE F 316 27.05 31.91 59.12
N ASN F 317 27.88 31.96 58.08
CA ASN F 317 28.01 33.17 57.28
C ASN F 317 26.72 33.49 56.53
N LYS F 318 25.99 32.47 56.09
CA LYS F 318 24.70 32.71 55.44
C LYS F 318 23.69 33.29 56.42
N ARG F 319 23.67 32.79 57.65
CA ARG F 319 22.82 33.39 58.67
C ARG F 319 23.20 34.84 58.93
N LEU F 320 24.51 35.11 59.05
CA LEU F 320 24.96 36.47 59.30
C LEU F 320 24.62 37.40 58.14
N ILE F 321 24.78 36.93 56.91
CA ILE F 321 24.49 37.77 55.75
C ILE F 321 22.98 37.97 55.60
N GLY F 322 22.18 36.98 56.00
CA GLY F 322 20.74 37.20 56.02
C GLY F 322 20.34 38.25 57.03
N LEU F 323 20.94 38.22 58.22
CA LEU F 323 20.69 39.27 59.21
C LEU F 323 21.11 40.64 58.69
N GLU F 324 22.29 40.69 58.05
CA GLU F 324 22.77 41.95 57.50
C GLU F 324 21.86 42.46 56.37
N GLY F 325 21.34 41.54 55.56
CA GLY F 325 20.42 41.94 54.50
C GLY F 325 19.10 42.46 55.04
N ARG F 326 18.61 41.84 56.12
CA ARG F 326 17.42 42.36 56.78
C ARG F 326 17.68 43.75 57.34
N LEU F 327 18.84 43.95 57.96
CA LEU F 327 19.20 45.27 58.47
C LEU F 327 19.26 46.29 57.34
N LEU F 328 19.85 45.91 56.21
CA LEU F 328 19.97 46.84 55.09
C LEU F 328 18.61 47.15 54.47
N ARG F 329 17.73 46.15 54.40
CA ARG F 329 16.38 46.38 53.88
C ARG F 329 15.54 47.20 54.82
N LEU F 330 15.85 47.18 56.13
CA LEU F 330 15.15 48.05 57.06
C LEU F 330 15.72 49.47 57.09
N ALA F 331 17.01 49.61 56.78
CA ALA F 331 17.66 50.92 56.87
C ALA F 331 17.57 51.71 55.56
N ASP F 332 17.53 51.04 54.41
CA ASP F 332 17.54 51.73 53.13
C ASP F 332 16.24 52.49 52.87
N SER F 333 15.18 52.24 53.64
CA SER F 333 13.94 52.99 53.48
C SER F 333 14.15 54.47 53.77
N TYR F 334 15.12 54.80 54.64
CA TYR F 334 15.44 56.19 54.95
C TYR F 334 16.45 56.77 53.98
N GLY F 335 17.28 55.94 53.36
CA GLY F 335 18.29 56.41 52.44
C GLY F 335 19.69 56.29 52.97
N ILE F 336 19.95 55.24 53.75
CA ILE F 336 21.26 54.99 54.35
C ILE F 336 22.01 53.97 53.49
N SER F 337 23.33 54.17 53.37
CA SER F 337 24.15 53.26 52.60
C SER F 337 24.58 52.06 53.44
N ARG F 338 25.23 51.11 52.78
CA ARG F 338 25.67 49.89 53.45
C ARG F 338 27.08 49.99 54.01
N GLY F 339 27.95 50.77 53.37
CA GLY F 339 29.32 50.92 53.84
C GLY F 339 29.43 51.56 55.21
N GLU F 340 28.87 52.77 55.35
CA GLU F 340 28.94 53.46 56.62
C GLU F 340 28.16 52.71 57.70
N PHE F 341 26.99 52.17 57.34
CA PHE F 341 26.19 51.44 58.31
C PHE F 341 26.91 50.19 58.78
N LEU F 342 27.49 49.43 57.86
CA LEU F 342 28.21 48.22 58.24
C LEU F 342 29.45 48.54 59.06
N LYS F 343 30.18 49.60 58.70
CA LYS F 343 31.37 49.95 59.46
C LYS F 343 31.01 50.43 60.87
N ALA F 344 29.91 51.17 61.00
CA ALA F 344 29.46 51.58 62.32
C ALA F 344 29.00 50.39 63.15
N TYR F 345 28.31 49.44 62.52
CA TYR F 345 27.89 48.24 63.23
C TYR F 345 29.08 47.41 63.69
N PHE F 346 30.15 47.37 62.87
CA PHE F 346 31.33 46.62 63.25
C PHE F 346 32.11 47.32 64.36
N GLY F 347 32.19 48.65 64.30
CA GLY F 347 32.94 49.37 65.31
C GLY F 347 32.21 49.53 66.63
N SER F 348 30.88 49.52 66.61
CA SER F 348 30.07 49.70 67.80
C SER F 348 29.22 48.47 68.11
N GLU F 349 29.73 47.28 67.80
CA GLU F 349 28.98 46.06 68.05
C GLU F 349 29.01 45.66 69.53
N LEU F 350 30.10 45.94 70.22
CA LEU F 350 30.19 45.57 71.63
C LEU F 350 29.26 46.41 72.49
N ASN F 351 29.16 47.70 72.21
CA ASN F 351 28.33 48.60 73.00
C ASN F 351 26.86 48.22 72.84
N PRO F 352 26.15 47.93 73.93
CA PRO F 352 24.72 47.56 73.78
C PRO F 352 23.84 48.72 73.36
N THR F 353 24.21 49.96 73.70
CA THR F 353 23.43 51.14 73.35
C THR F 353 24.00 51.86 72.12
N TRP F 354 24.57 51.11 71.19
CA TRP F 354 25.12 51.72 69.98
C TRP F 354 24.03 52.30 69.09
N SER F 355 22.83 51.71 69.13
CA SER F 355 21.73 52.22 68.32
C SER F 355 21.25 53.57 68.84
N GLU F 356 21.35 53.81 70.15
CA GLU F 356 20.92 55.07 70.73
C GLU F 356 22.04 56.12 70.75
N GLN F 357 23.30 55.69 70.88
CA GLN F 357 24.40 56.64 70.90
C GLN F 357 24.62 57.27 69.52
N VAL F 358 24.26 56.54 68.45
CA VAL F 358 24.43 57.08 67.10
C VAL F 358 23.36 58.10 66.73
N LYS F 359 22.30 58.22 67.54
CA LYS F 359 21.26 59.20 67.25
C LYS F 359 21.78 60.62 67.39
N ALA F 360 22.75 60.84 68.27
CA ALA F 360 23.32 62.18 68.43
C ALA F 360 24.06 62.61 67.16
N MET F 361 24.87 61.72 66.60
CA MET F 361 25.59 62.03 65.36
C MET F 361 24.62 62.19 64.20
N GLY F 362 23.71 61.22 64.02
CA GLY F 362 22.73 61.29 62.96
C GLY F 362 21.51 62.10 63.35
N VAL F 363 21.67 63.44 63.36
CA VAL F 363 20.55 64.32 63.74
C VAL F 363 19.40 64.19 62.75
N ARG F 364 19.71 63.93 61.47
CA ARG F 364 18.68 63.75 60.47
C ARG F 364 17.93 62.44 60.63
N TRP F 365 18.45 61.50 61.43
CA TRP F 365 17.82 60.20 61.60
C TRP F 365 16.65 60.23 62.59
N THR F 366 16.43 61.36 63.27
CA THR F 366 15.45 61.42 64.35
C THR F 366 14.03 61.09 63.89
N LYS F 367 13.71 61.30 62.60
CA LYS F 367 12.37 61.00 62.11
C LYS F 367 12.09 59.50 62.07
N PHE F 368 13.13 58.67 62.02
CA PHE F 368 12.97 57.22 61.97
C PHE F 368 13.69 56.51 63.10
N VAL F 369 14.31 57.25 64.03
CA VAL F 369 15.04 56.65 65.14
C VAL F 369 14.18 55.70 65.95
N GLU F 370 12.87 55.98 66.07
CA GLU F 370 12.01 55.12 66.87
C GLU F 370 11.93 53.71 66.28
N ASN F 371 11.63 53.62 64.97
CA ASN F 371 11.58 52.31 64.32
C ASN F 371 12.96 51.68 64.24
N ASP F 372 13.99 52.51 64.00
CA ASP F 372 15.36 52.01 63.97
C ASP F 372 15.72 51.31 65.26
N SER F 373 15.44 51.95 66.40
CA SER F 373 15.71 51.33 67.69
C SER F 373 14.85 50.09 67.89
N GLN F 374 13.54 50.22 67.69
CA GLN F 374 12.61 49.11 67.96
C GLN F 374 12.90 47.88 67.12
N SER F 375 13.63 48.03 66.00
CA SER F 375 14.09 46.89 65.23
C SER F 375 15.49 46.44 65.61
N VAL F 376 16.44 47.37 65.71
CA VAL F 376 17.84 47.00 65.82
C VAL F 376 18.15 46.47 67.21
N THR F 377 17.43 46.91 68.25
CA THR F 377 17.67 46.35 69.58
C THR F 377 17.35 44.86 69.61
N ASP F 378 16.19 44.46 69.10
CA ASP F 378 15.86 43.04 69.06
C ASP F 378 16.75 42.28 68.09
N ILE F 379 17.15 42.91 66.98
CA ILE F 379 18.03 42.22 66.04
C ILE F 379 19.39 41.95 66.68
N ARG F 380 19.94 42.95 67.37
CA ARG F 380 21.22 42.76 68.04
C ARG F 380 21.11 41.77 69.19
N SER F 381 19.97 41.76 69.89
CA SER F 381 19.77 40.76 70.94
C SER F 381 19.76 39.36 70.36
N GLU F 382 19.07 39.16 69.23
CA GLU F 382 19.03 37.86 68.60
C GLU F 382 20.42 37.44 68.11
N ILE F 383 21.15 38.36 67.49
CA ILE F 383 22.48 38.01 66.97
C ILE F 383 23.44 37.71 68.12
N ALA F 384 23.31 38.46 69.23
CA ALA F 384 24.17 38.19 70.39
C ALA F 384 23.84 36.85 71.02
N ALA F 385 22.56 36.51 71.11
CA ALA F 385 22.18 35.20 71.62
C ALA F 385 22.73 34.08 70.73
N LEU F 386 22.64 34.27 69.42
CA LEU F 386 23.18 33.27 68.49
C LEU F 386 24.70 33.17 68.63
N ALA F 387 25.38 34.29 68.90
CA ALA F 387 26.83 34.27 69.02
C ALA F 387 27.27 33.65 70.34
N THR F 388 26.50 33.83 71.41
CA THR F 388 26.89 33.30 72.71
C THR F 388 26.42 31.87 72.94
N GLU F 389 25.42 31.38 72.21
CA GLU F 389 24.94 30.02 72.44
C GLU F 389 25.98 29.00 72.01
N THR F 390 26.37 29.00 70.74
CA THR F 390 27.38 28.08 70.22
C THR F 390 28.30 28.78 69.23
N GLY F 391 28.69 30.03 69.54
CA GLY F 391 29.48 30.83 68.63
C GLY F 391 30.66 31.48 69.35
N VAL F 392 31.58 31.98 68.54
CA VAL F 392 32.75 32.69 69.01
C VAL F 392 32.50 34.19 68.87
N PRO F 393 33.06 35.03 69.74
CA PRO F 393 32.94 36.48 69.54
C PRO F 393 33.52 36.90 68.20
N ILE F 394 33.10 38.08 67.74
CA ILE F 394 33.42 38.55 66.41
C ILE F 394 34.93 38.74 66.28
N ASP F 395 35.49 39.69 67.03
CA ASP F 395 36.91 40.02 67.00
C ASP F 395 37.39 40.24 65.56
N ASP F 396 36.63 41.06 64.83
CA ASP F 396 36.81 41.22 63.38
C ASP F 396 36.58 39.89 62.67
N TYR F 397 35.46 39.25 63.01
CA TYR F 397 35.12 37.95 62.43
C TYR F 397 34.86 38.04 60.93
N ARG F 398 34.50 39.23 60.43
CA ARG F 398 34.24 39.38 59.00
C ARG F 398 35.49 39.08 58.19
N ARG F 399 36.66 39.52 58.68
CA ARG F 399 37.91 39.22 57.97
C ARG F 399 38.21 37.73 57.99
N ILE F 400 37.97 37.07 59.12
CA ILE F 400 38.24 35.63 59.22
C ILE F 400 37.29 34.85 58.33
N VAL F 401 36.06 35.32 58.15
CA VAL F 401 35.12 34.62 57.29
C VAL F 401 35.32 34.97 55.81
N GLN F 402 35.93 36.12 55.52
CA GLN F 402 36.18 36.51 54.14
C GLN F 402 37.49 35.96 53.60
N THR F 403 38.46 35.68 54.46
CA THR F 403 39.72 35.12 53.98
C THR F 403 39.50 33.72 53.39
N VAL F 404 38.71 32.89 54.06
CA VAL F 404 38.43 31.56 53.53
C VAL F 404 37.62 31.65 52.25
N GLN F 405 36.70 32.62 52.18
CA GLN F 405 35.92 32.81 50.96
C GLN F 405 36.82 33.22 49.79
N LYS F 406 37.77 34.11 50.05
CA LYS F 406 38.71 34.53 49.00
C LYS F 406 39.58 33.36 48.57
N GLY F 407 40.05 32.55 49.52
CA GLY F 407 40.82 31.38 49.15
C GLY F 407 40.04 30.40 48.31
N GLU F 408 38.79 30.14 48.69
CA GLU F 408 37.95 29.23 47.91
C GLU F 408 37.66 29.79 46.52
N ARG F 409 37.45 31.11 46.43
CA ARG F 409 37.21 31.73 45.13
C ARG F 409 38.44 31.62 44.24
N GLU F 410 39.63 31.85 44.80
CA GLU F 410 40.85 31.70 44.02
C GLU F 410 41.04 30.26 43.56
N ALA F 411 40.79 29.30 44.45
CA ALA F 411 40.91 27.89 44.06
C ALA F 411 39.94 27.53 42.95
N ARG F 412 38.69 27.99 43.06
CA ARG F 412 37.69 27.70 42.04
C ARG F 412 38.05 28.36 40.72
N GLN F 413 38.58 29.58 40.75
CA GLN F 413 38.98 30.25 39.53
C GLN F 413 40.14 29.52 38.86
N ALA F 414 41.12 29.07 39.66
CA ALA F 414 42.24 28.31 39.10
C ALA F 414 41.75 27.00 38.50
N LYS F 415 40.84 26.31 39.18
CA LYS F 415 40.31 25.06 38.65
C LYS F 415 39.55 25.29 37.36
N LYS F 416 38.76 26.36 37.29
CA LYS F 416 38.01 26.66 36.06
C LYS F 416 38.96 27.00 34.92
N GLU F 417 40.02 27.77 35.20
CA GLU F 417 40.99 28.08 34.16
C GLU F 417 41.69 26.81 33.67
N MET F 418 42.04 25.92 34.58
CA MET F 418 42.72 24.69 34.18
C MET F 418 41.80 23.78 33.38
N VAL F 419 40.52 23.72 33.74
CA VAL F 419 39.59 22.86 33.01
C VAL F 419 39.23 23.47 31.66
N GLU F 420 39.28 24.80 31.54
CA GLU F 420 39.00 25.44 30.26
C GLU F 420 40.20 25.38 29.33
N ALA F 421 41.42 25.37 29.88
CA ALA F 421 42.61 25.29 29.03
C ALA F 421 42.69 23.95 28.33
N ASN F 422 42.34 22.87 29.03
CA ASN F 422 42.38 21.51 28.47
C ASN F 422 41.01 21.06 27.98
N LEU F 423 40.15 22.00 27.57
CA LEU F 423 38.81 21.62 27.13
C LEU F 423 38.82 20.90 25.79
N ARG F 424 39.77 21.26 24.91
CA ARG F 424 39.84 20.63 23.60
C ARG F 424 40.47 19.24 23.64
N LEU F 425 41.07 18.85 24.76
CA LEU F 425 41.66 17.52 24.84
C LEU F 425 40.59 16.43 24.82
N VAL F 426 39.41 16.70 25.38
CA VAL F 426 38.35 15.70 25.42
C VAL F 426 37.75 15.45 24.04
N ILE F 427 37.86 16.42 23.13
CA ILE F 427 37.27 16.25 21.81
C ILE F 427 38.01 15.18 21.01
N SER F 428 39.31 15.05 21.22
CA SER F 428 40.07 14.03 20.52
C SER F 428 39.73 12.63 21.01
N ILE F 429 39.41 12.49 22.30
CA ILE F 429 39.08 11.18 22.84
C ILE F 429 37.64 10.81 22.52
N ALA F 430 36.73 11.79 22.57
CA ALA F 430 35.32 11.53 22.28
C ALA F 430 35.10 11.21 20.80
N LYS F 431 35.99 11.64 19.91
CA LYS F 431 35.82 11.35 18.49
C LYS F 431 35.94 9.87 18.20
N LYS F 432 36.75 9.14 18.97
CA LYS F 432 36.92 7.72 18.73
C LYS F 432 35.63 6.95 19.04
N TYR F 433 34.93 7.34 20.10
CA TYR F 433 33.67 6.70 20.47
C TYR F 433 32.54 7.43 19.75
N THR F 434 32.01 6.80 18.71
CA THR F 434 30.93 7.39 17.92
C THR F 434 30.05 6.28 17.37
N ASN F 435 28.77 6.60 17.17
CA ASN F 435 27.80 5.66 16.62
C ASN F 435 27.62 4.46 17.55
N ARG F 436 27.61 4.72 18.86
CA ARG F 436 27.41 3.69 19.87
C ARG F 436 26.14 3.88 20.68
N GLY F 437 25.23 4.74 20.22
CA GLY F 437 23.99 5.00 20.91
C GLY F 437 23.89 6.37 21.56
N LEU F 438 24.98 7.14 21.55
CA LEU F 438 25.00 8.47 22.15
C LEU F 438 25.45 9.49 21.11
N GLN F 439 24.88 10.69 21.20
CA GLN F 439 25.23 11.76 20.28
C GLN F 439 26.64 12.27 20.58
N PHE F 440 27.11 13.20 19.75
CA PHE F 440 28.44 13.76 19.94
C PHE F 440 28.47 14.74 21.09
N LEU F 441 27.43 15.57 21.22
CA LEU F 441 27.40 16.56 22.28
C LEU F 441 27.30 15.91 23.65
N ASP F 442 26.53 14.82 23.77
CA ASP F 442 26.43 14.11 25.04
C ASP F 442 27.77 13.50 25.43
N LEU F 443 28.47 12.92 24.47
CA LEU F 443 29.80 12.37 24.76
C LEU F 443 30.77 13.46 25.16
N ILE F 444 30.69 14.63 24.51
CA ILE F 444 31.55 15.75 24.87
C ILE F 444 31.26 16.21 26.29
N GLN F 445 29.97 16.25 26.66
CA GLN F 445 29.61 16.66 28.01
C GLN F 445 30.10 15.65 29.04
N GLU F 446 29.99 14.35 28.74
CA GLU F 446 30.49 13.33 29.65
C GLU F 446 32.00 13.42 29.81
N GLY F 447 32.70 13.66 28.70
CA GLY F 447 34.15 13.84 28.79
C GLY F 447 34.53 15.07 29.59
N ASN F 448 33.76 16.14 29.45
CA ASN F 448 34.00 17.33 30.26
C ASN F 448 33.77 17.05 31.74
N ILE F 449 32.74 16.26 32.05
CA ILE F 449 32.49 15.86 33.43
C ILE F 449 33.69 15.08 33.97
N GLY F 450 34.19 14.12 33.17
CA GLY F 450 35.34 13.35 33.60
C GLY F 450 36.58 14.20 33.80
N LEU F 451 36.80 15.15 32.89
CA LEU F 451 37.96 16.04 33.01
C LEU F 451 37.86 16.91 34.25
N MET F 452 36.67 17.47 34.52
CA MET F 452 36.49 18.29 35.71
C MET F 452 36.64 17.46 36.99
N LYS F 453 36.24 16.19 36.95
CA LYS F 453 36.42 15.34 38.12
C LYS F 453 37.88 14.94 38.30
N ALA F 454 38.65 14.87 37.20
CA ALA F 454 40.04 14.48 37.29
C ALA F 454 40.96 15.65 37.64
N VAL F 455 40.55 16.88 37.38
CA VAL F 455 41.40 18.03 37.66
C VAL F 455 41.56 18.29 39.15
N ASP F 456 40.67 17.73 39.98
CA ASP F 456 40.76 17.97 41.42
C ASP F 456 41.99 17.30 42.01
N LYS F 457 42.35 16.13 41.52
CA LYS F 457 43.47 15.34 42.04
C LYS F 457 44.56 15.30 40.97
N PHE F 458 45.57 16.16 41.13
CA PHE F 458 46.70 16.20 40.19
C PHE F 458 47.89 16.78 40.93
N GLU F 459 48.85 15.92 41.29
CA GLU F 459 50.05 16.32 41.99
C GLU F 459 51.27 16.08 41.11
N TYR F 460 52.45 16.30 41.69
CA TYR F 460 53.71 16.14 40.96
C TYR F 460 54.22 14.70 41.11
N ARG F 461 53.48 13.79 40.49
CA ARG F 461 53.82 12.38 40.48
C ARG F 461 54.69 12.07 39.27
N ARG F 462 54.85 10.78 38.96
CA ARG F 462 55.67 10.38 37.81
C ARG F 462 55.16 10.96 36.50
N GLY F 463 53.84 11.12 36.37
CA GLY F 463 53.28 11.75 35.20
C GLY F 463 53.18 13.25 35.36
N TYR F 464 54.15 13.98 34.81
CA TYR F 464 54.19 15.43 34.95
C TYR F 464 53.33 16.15 33.91
N LYS F 465 52.65 15.42 33.04
CA LYS F 465 51.75 15.99 32.05
C LYS F 465 50.31 15.74 32.48
N PHE F 466 49.50 16.81 32.50
CA PHE F 466 48.12 16.67 32.93
C PHE F 466 47.32 15.79 31.98
N SER F 467 47.70 15.75 30.71
CA SER F 467 46.96 14.94 29.74
C SER F 467 47.10 13.45 30.05
N THR F 468 48.28 13.02 30.50
CA THR F 468 48.51 11.61 30.79
C THR F 468 47.61 11.11 31.91
N TYR F 469 47.27 11.99 32.86
CA TYR F 469 46.36 11.61 33.94
C TYR F 469 44.90 11.87 33.61
N ALA F 470 44.63 12.83 32.72
CA ALA F 470 43.25 13.16 32.37
C ALA F 470 42.68 12.22 31.32
N THR F 471 43.53 11.59 30.50
CA THR F 471 43.02 10.70 29.46
C THR F 471 42.33 9.48 30.08
N TRP F 472 42.88 8.95 31.17
CA TRP F 472 42.26 7.80 31.83
C TRP F 472 40.87 8.15 32.34
N TRP F 473 40.74 9.29 33.02
CA TRP F 473 39.45 9.69 33.56
C TRP F 473 38.46 9.99 32.44
N ILE F 474 38.92 10.61 31.36
CA ILE F 474 38.03 10.92 30.24
C ILE F 474 37.53 9.64 29.60
N ARG F 475 38.42 8.66 29.39
CA ARG F 475 38.01 7.39 28.81
C ARG F 475 37.05 6.65 29.73
N GLN F 476 37.30 6.70 31.03
CA GLN F 476 36.40 6.05 31.97
C GLN F 476 35.02 6.70 31.97
N ALA F 477 34.97 8.03 31.91
CA ALA F 477 33.69 8.72 31.90
C ALA F 477 32.92 8.47 30.60
N ILE F 478 33.65 8.40 29.48
CA ILE F 478 32.98 8.17 28.20
C ILE F 478 32.50 6.73 28.11
N THR F 479 33.27 5.77 28.61
CA THR F 479 32.89 4.37 28.53
C THR F 479 31.86 3.99 29.59
N ARG F 480 31.93 4.61 30.77
CA ARG F 480 30.98 4.27 31.82
C ARG F 480 29.58 4.80 31.50
N SER F 481 29.48 5.92 30.79
CA SER F 481 28.20 6.51 30.46
C SER F 481 27.61 5.95 29.17
N ILE F 482 28.47 5.46 28.25
CA ILE F 482 27.96 4.94 26.99
C ILE F 482 27.22 3.62 27.19
N ALA F 483 27.55 2.88 28.24
CA ALA F 483 26.94 1.59 28.51
C ALA F 483 25.68 1.68 29.36
N ASP F 484 25.27 2.88 29.76
CA ASP F 484 24.11 3.08 30.60
C ASP F 484 22.92 3.69 29.87
N GLN F 485 23.16 4.72 29.06
CA GLN F 485 22.09 5.43 28.35
C GLN F 485 21.88 4.94 26.93
N ALA F 486 22.96 4.56 26.23
CA ALA F 486 22.84 4.19 24.83
C ALA F 486 22.24 2.80 24.64
N ARG F 487 22.23 1.96 25.68
CA ARG F 487 21.76 0.59 25.52
C ARG F 487 20.24 0.50 25.41
N THR F 488 19.51 1.50 25.88
CA THR F 488 18.06 1.61 25.87
C THR F 488 17.43 0.70 26.94
N ILE F 489 18.20 -0.12 27.65
CA ILE F 489 17.69 -0.97 28.71
C ILE F 489 18.75 -1.06 29.80
N ARG F 490 18.29 -1.27 31.03
CA ARG F 490 19.19 -1.33 32.18
C ARG F 490 20.08 -2.55 32.07
N ILE F 491 21.37 -2.33 31.79
CA ILE F 491 22.35 -3.38 31.68
C ILE F 491 23.53 -3.03 32.59
N PRO F 492 23.87 -3.85 33.58
CA PRO F 492 24.97 -3.51 34.49
C PRO F 492 26.31 -3.49 33.76
N VAL F 493 27.31 -2.97 34.46
CA VAL F 493 28.64 -2.86 33.87
C VAL F 493 29.31 -4.23 33.79
N HIS F 494 29.15 -5.06 34.82
CA HIS F 494 29.75 -6.39 34.78
C HIS F 494 29.12 -7.24 33.69
N MET F 495 27.81 -7.08 33.44
CA MET F 495 27.17 -7.83 32.39
C MET F 495 27.72 -7.44 31.02
N ILE F 496 27.86 -6.14 30.76
CA ILE F 496 28.34 -5.69 29.47
C ILE F 496 29.81 -6.06 29.28
N GLU F 497 30.60 -6.00 30.35
CA GLU F 497 32.01 -6.40 30.23
C GLU F 497 32.14 -7.89 29.99
N THR F 498 31.30 -8.70 30.63
CA THR F 498 31.30 -10.13 30.36
C THR F 498 30.87 -10.42 28.93
N ILE F 499 29.88 -9.68 28.43
CA ILE F 499 29.45 -9.84 27.05
C ILE F 499 30.59 -9.51 26.09
N ASN F 500 31.32 -8.42 26.37
CA ASN F 500 32.44 -8.03 25.52
C ASN F 500 33.54 -9.07 25.55
N LYS F 501 33.87 -9.59 26.73
CA LYS F 501 34.90 -10.62 26.83
C LYS F 501 34.49 -11.89 26.09
N ILE F 502 33.22 -12.29 26.21
CA ILE F 502 32.74 -13.47 25.52
C ILE F 502 32.79 -13.27 24.01
N VAL F 503 32.40 -12.09 23.54
CA VAL F 503 32.45 -11.81 22.11
C VAL F 503 33.89 -11.84 21.61
N ARG F 504 34.82 -11.26 22.37
CA ARG F 504 36.23 -11.25 21.97
C ARG F 504 36.79 -12.66 21.90
N THR F 505 36.54 -13.47 22.93
CA THR F 505 37.06 -14.83 22.94
C THR F 505 36.42 -15.67 21.85
N SER F 506 35.13 -15.46 21.57
CA SER F 506 34.47 -16.21 20.51
C SER F 506 35.05 -15.84 19.15
N ARG F 507 35.28 -14.55 18.91
CA ARG F 507 35.88 -14.13 17.65
C ARG F 507 37.30 -14.70 17.50
N GLN F 508 38.09 -14.64 18.57
CA GLN F 508 39.45 -15.17 18.51
C GLN F 508 39.45 -16.68 18.23
N MET F 509 38.55 -17.42 18.88
CA MET F 509 38.49 -18.86 18.65
C MET F 509 38.01 -19.18 17.25
N LEU F 510 37.02 -18.43 16.75
CA LEU F 510 36.53 -18.65 15.39
C LEU F 510 37.60 -18.31 14.36
N HIS F 511 38.49 -17.37 14.67
CA HIS F 511 39.53 -16.97 13.72
C HIS F 511 40.77 -17.84 13.78
N GLU F 512 41.08 -18.45 14.93
CA GLU F 512 42.33 -19.18 15.10
C GLU F 512 42.13 -20.64 15.46
N ILE F 513 40.92 -21.17 15.42
CA ILE F 513 40.68 -22.56 15.78
C ILE F 513 39.99 -23.29 14.63
N GLY F 514 38.79 -22.84 14.27
CA GLY F 514 38.02 -23.51 13.24
C GLY F 514 36.99 -22.63 12.57
N ARG F 515 35.81 -23.20 12.30
CA ARG F 515 34.77 -22.46 11.59
C ARG F 515 33.97 -21.57 12.52
N GLU F 516 33.58 -22.09 13.69
CA GLU F 516 32.76 -21.32 14.61
C GLU F 516 32.89 -21.92 16.00
N PRO F 517 33.06 -21.10 17.05
CA PRO F 517 33.19 -21.65 18.41
C PRO F 517 31.83 -22.01 18.98
N THR F 518 31.73 -23.22 19.53
CA THR F 518 30.47 -23.66 20.10
C THR F 518 30.34 -23.17 21.54
N PRO F 519 29.10 -22.94 21.99
CA PRO F 519 28.91 -22.46 23.38
C PRO F 519 29.32 -23.47 24.44
N GLU F 520 29.46 -24.76 24.08
CA GLU F 520 29.88 -25.75 25.06
C GLU F 520 31.32 -25.51 25.49
N GLU F 521 32.24 -25.35 24.53
CA GLU F 521 33.63 -25.12 24.86
C GLU F 521 33.89 -23.71 25.38
N LEU F 522 32.95 -22.77 25.15
CA LEU F 522 33.14 -21.42 25.65
C LEU F 522 33.09 -21.38 27.18
N ALA F 523 32.40 -22.32 27.81
CA ALA F 523 32.36 -22.37 29.26
C ALA F 523 33.70 -22.82 29.83
N GLU F 524 34.28 -23.88 29.26
CA GLU F 524 35.57 -24.35 29.74
C GLU F 524 36.69 -23.37 29.39
N LYS F 525 36.58 -22.67 28.26
CA LYS F 525 37.60 -21.71 27.89
C LYS F 525 37.61 -20.52 28.85
N LEU F 526 36.43 -20.06 29.26
CA LEU F 526 36.32 -18.93 30.18
C LEU F 526 36.20 -19.38 31.64
N ALA F 527 36.10 -20.69 31.90
CA ALA F 527 35.99 -21.22 33.25
C ALA F 527 34.72 -20.73 33.93
N MET F 528 33.60 -20.89 33.24
CA MET F 528 32.29 -20.50 33.72
C MET F 528 31.31 -21.65 33.52
N PRO F 529 30.25 -21.70 34.32
CA PRO F 529 29.25 -22.76 34.16
C PRO F 529 28.52 -22.65 32.84
N LEU F 530 27.95 -23.78 32.41
CA LEU F 530 27.21 -23.80 31.15
C LEU F 530 25.92 -23.01 31.24
N GLU F 531 25.26 -23.05 32.40
CA GLU F 531 24.02 -22.28 32.56
C GLU F 531 24.28 -20.78 32.51
N LYS F 532 25.45 -20.34 32.98
CA LYS F 532 25.78 -18.92 32.93
C LYS F 532 26.13 -18.47 31.51
N VAL F 533 27.00 -19.24 30.83
CA VAL F 533 27.37 -18.90 29.46
C VAL F 533 26.18 -18.99 28.53
N ARG F 534 25.28 -19.96 28.77
CA ARG F 534 24.07 -20.06 27.96
C ARG F 534 23.13 -18.89 28.21
N LYS F 535 23.02 -18.46 29.46
CA LYS F 535 22.16 -17.32 29.79
C LYS F 535 22.75 -16.00 29.32
N VAL F 536 24.07 -15.95 29.11
CA VAL F 536 24.69 -14.71 28.63
C VAL F 536 24.17 -14.36 27.24
N LEU F 537 24.00 -15.36 26.38
CA LEU F 537 23.44 -15.14 25.06
C LEU F 537 21.94 -14.91 25.16
N LYS F 538 21.34 -14.55 24.03
CA LYS F 538 19.91 -14.27 23.95
C LYS F 538 19.53 -13.11 24.89
N ILE F 539 20.10 -11.95 24.61
CA ILE F 539 19.88 -10.77 25.44
C ILE F 539 18.81 -9.83 24.88
N ALA F 540 18.52 -9.90 23.58
CA ALA F 540 17.51 -9.06 22.95
C ALA F 540 17.88 -7.58 23.07
N LYS F 541 19.06 -7.26 22.57
CA LYS F 541 19.58 -5.89 22.62
C LYS F 541 19.13 -5.11 21.39
N GLU F 542 18.89 -3.81 21.59
CA GLU F 542 18.51 -2.90 20.52
C GLU F 542 17.22 -3.35 19.84
N PRO F 543 16.07 -3.24 20.53
CA PRO F 543 14.81 -3.66 19.92
C PRO F 543 14.47 -2.83 18.69
N ILE F 544 13.82 -3.48 17.72
CA ILE F 544 13.47 -2.82 16.47
C ILE F 544 12.44 -1.73 16.72
N SER F 545 12.62 -0.59 16.06
CA SER F 545 11.66 0.49 16.16
C SER F 545 10.34 0.10 15.51
N LEU F 546 9.24 0.58 16.09
CA LEU F 546 7.92 0.29 15.58
C LEU F 546 7.57 1.10 14.32
N GLU F 547 8.36 2.11 14.00
CA GLU F 547 8.11 2.96 12.83
C GLU F 547 8.92 2.55 11.62
N THR F 548 9.72 1.48 11.72
CA THR F 548 10.53 1.05 10.58
C THR F 548 9.62 0.59 9.45
N PRO F 549 9.79 1.13 8.24
CA PRO F 549 8.90 0.75 7.13
C PRO F 549 9.14 -0.69 6.69
N ILE F 550 8.16 -1.56 6.96
CA ILE F 550 8.26 -2.95 6.55
C ILE F 550 8.28 -3.08 5.04
N GLY F 551 7.41 -2.33 4.36
CA GLY F 551 7.44 -2.32 2.91
C GLY F 551 8.61 -1.53 2.37
N ASP F 552 8.92 -1.78 1.09
CA ASP F 552 10.01 -1.06 0.45
C ASP F 552 9.73 0.44 0.40
N GLU F 553 8.47 0.83 0.27
CA GLU F 553 8.09 2.24 0.22
C GLU F 553 8.04 2.80 1.64
N GLU F 554 7.49 4.02 1.76
CA GLU F 554 7.41 4.68 3.06
C GLU F 554 6.21 4.22 3.88
N ASP F 555 5.15 3.74 3.23
CA ASP F 555 3.95 3.30 3.94
C ASP F 555 4.12 1.87 4.42
N SER F 556 3.07 1.35 5.06
CA SER F 556 3.05 -0.02 5.58
C SER F 556 4.15 -0.23 6.62
N HIS F 557 4.05 0.52 7.71
CA HIS F 557 5.03 0.43 8.78
C HIS F 557 4.82 -0.86 9.59
N LEU F 558 5.75 -1.10 10.52
CA LEU F 558 5.68 -2.30 11.35
C LEU F 558 4.57 -2.21 12.40
N GLY F 559 4.09 -1.01 12.71
CA GLY F 559 3.03 -0.87 13.70
C GLY F 559 1.71 -1.48 13.28
N ASP F 560 1.53 -1.72 11.98
CA ASP F 560 0.26 -2.29 11.51
C ASP F 560 0.28 -3.83 11.60
N PHE F 561 1.43 -4.45 11.36
CA PHE F 561 1.54 -5.91 11.41
C PHE F 561 1.89 -6.37 12.82
N ILE F 562 1.00 -6.05 13.77
CA ILE F 562 1.18 -6.42 15.16
C ILE F 562 -0.19 -6.76 15.75
N GLU F 563 -0.22 -7.79 16.58
CA GLU F 563 -1.45 -8.24 17.22
C GLU F 563 -1.45 -7.88 18.70
N ASP F 564 -2.64 -7.59 19.22
CA ASP F 564 -2.81 -7.24 20.63
C ASP F 564 -3.29 -8.47 21.38
N LYS F 565 -2.46 -8.96 22.30
CA LYS F 565 -2.77 -10.19 23.01
C LYS F 565 -3.67 -9.95 24.22
N ASN F 566 -3.51 -8.80 24.89
CA ASN F 566 -4.30 -8.53 26.08
C ASN F 566 -5.77 -8.31 25.76
N ALA F 567 -6.09 -7.90 24.54
CA ALA F 567 -7.48 -7.66 24.17
C ALA F 567 -8.25 -8.98 24.10
N ILE F 568 -9.50 -8.94 24.55
CA ILE F 568 -10.37 -10.10 24.54
C ILE F 568 -11.38 -9.94 23.41
N LEU F 569 -11.55 -11.00 22.62
CA LEU F 569 -12.48 -10.96 21.50
C LEU F 569 -13.92 -10.93 22.03
N PRO F 570 -14.84 -10.30 21.29
CA PRO F 570 -16.24 -10.26 21.75
C PRO F 570 -16.89 -11.64 21.77
N ILE F 571 -16.44 -12.57 20.93
CA ILE F 571 -17.00 -13.92 20.96
C ILE F 571 -16.68 -14.61 22.28
N ASP F 572 -15.52 -14.33 22.85
CA ASP F 572 -15.18 -14.92 24.15
C ASP F 572 -16.02 -14.31 25.27
N ALA F 573 -16.22 -12.99 25.23
CA ALA F 573 -17.05 -12.34 26.24
C ALA F 573 -18.51 -12.78 26.14
N ALA F 574 -19.00 -13.05 24.93
CA ALA F 574 -20.37 -13.50 24.77
C ALA F 574 -20.59 -14.88 25.37
N ILE F 575 -19.55 -15.72 25.31
CA ILE F 575 -19.61 -17.07 25.87
C ILE F 575 -19.68 -17.01 27.39
N GLN F 576 -19.08 -15.98 27.99
CA GLN F 576 -19.10 -15.84 29.44
C GLN F 576 -20.49 -15.49 29.95
N SER F 577 -21.23 -14.67 29.21
CA SER F 577 -22.58 -14.32 29.63
C SER F 577 -23.51 -15.52 29.61
N ASN F 578 -23.38 -16.34 28.57
CA ASN F 578 -24.19 -17.54 28.43
C ASN F 578 -23.92 -18.49 29.60
N LEU F 579 -22.65 -18.63 29.95
CA LEU F 579 -22.27 -19.51 31.06
C LEU F 579 -22.76 -18.94 32.39
N ARG F 580 -22.70 -17.62 32.55
CA ARG F 580 -23.19 -17.02 33.78
C ARG F 580 -24.69 -17.15 33.92
N GLU F 581 -25.43 -17.15 32.80
CA GLU F 581 -26.87 -17.31 32.85
C GLU F 581 -27.27 -18.77 33.05
N THR F 582 -26.56 -19.69 32.37
CA THR F 582 -26.88 -21.10 32.50
C THR F 582 -26.56 -21.63 33.89
N THR F 583 -25.59 -21.02 34.57
CA THR F 583 -25.25 -21.44 35.92
C THR F 583 -26.35 -21.09 36.91
N THR F 584 -27.10 -20.02 36.64
CA THR F 584 -28.21 -19.66 37.53
C THR F 584 -29.43 -20.54 37.29
N ARG F 585 -29.68 -20.93 36.03
CA ARG F 585 -30.80 -21.81 35.75
C ARG F 585 -30.56 -23.21 36.30
N VAL F 586 -29.33 -23.69 36.21
CA VAL F 586 -29.03 -25.03 36.73
C VAL F 586 -29.11 -25.05 38.25
N LEU F 587 -28.87 -23.92 38.90
CA LEU F 587 -28.96 -23.83 40.36
C LEU F 587 -30.38 -23.50 40.81
N ALA F 588 -31.35 -24.29 40.34
CA ALA F 588 -32.74 -24.10 40.71
C ALA F 588 -33.41 -25.34 41.29
N SER F 589 -32.91 -26.54 41.00
CA SER F 589 -33.50 -27.76 41.55
C SER F 589 -32.95 -28.11 42.92
N LEU F 590 -31.75 -27.65 43.26
CA LEU F 590 -31.16 -27.95 44.56
C LEU F 590 -31.91 -27.19 45.66
N THR F 591 -31.80 -27.71 46.88
CA THR F 591 -32.43 -27.08 48.02
C THR F 591 -31.76 -25.73 48.31
N PRO F 592 -32.43 -24.87 49.09
CA PRO F 592 -31.84 -23.55 49.37
C PRO F 592 -30.56 -23.61 50.17
N ARG F 593 -30.43 -24.57 51.09
CA ARG F 593 -29.23 -24.65 51.92
C ARG F 593 -28.00 -24.99 51.09
N GLU F 594 -28.11 -26.03 50.25
CA GLU F 594 -26.96 -26.43 49.44
C GLU F 594 -26.62 -25.36 48.41
N GLU F 595 -27.63 -24.73 47.81
CA GLU F 595 -27.37 -23.65 46.87
C GLU F 595 -26.67 -22.48 47.56
N ARG F 596 -27.11 -22.14 48.77
CA ARG F 596 -26.50 -21.03 49.49
C ARG F 596 -25.06 -21.35 49.86
N VAL F 597 -24.79 -22.57 50.34
CA VAL F 597 -23.43 -22.92 50.71
C VAL F 597 -22.52 -22.98 49.49
N LEU F 598 -23.06 -23.44 48.35
CA LEU F 598 -22.27 -23.48 47.12
C LEU F 598 -21.95 -22.07 46.63
N ARG F 599 -22.93 -21.18 46.67
CA ARG F 599 -22.68 -19.79 46.27
C ARG F 599 -21.81 -19.06 47.26
N MET F 600 -21.73 -19.53 48.51
CA MET F 600 -20.85 -18.91 49.49
C MET F 600 -19.41 -19.37 49.32
N ARG F 601 -19.19 -20.68 49.14
CA ARG F 601 -17.84 -21.17 48.94
C ARG F 601 -17.29 -20.74 47.59
N PHE F 602 -18.09 -20.88 46.53
CA PHE F 602 -17.71 -20.44 45.19
C PHE F 602 -18.36 -19.09 44.93
N GLY F 603 -17.53 -18.08 44.63
CA GLY F 603 -18.02 -16.74 44.44
C GLY F 603 -18.77 -16.54 43.13
N ILE F 604 -19.93 -17.18 42.99
CA ILE F 604 -20.71 -17.04 41.77
C ILE F 604 -21.32 -15.65 41.68
N GLY F 605 -22.03 -15.24 42.72
CA GLY F 605 -22.65 -13.93 42.73
C GLY F 605 -21.99 -12.97 43.71
N MET F 606 -20.92 -13.42 44.36
CA MET F 606 -20.18 -12.63 45.32
C MET F 606 -18.80 -12.31 44.79
N ASN F 607 -18.34 -11.07 45.01
CA ASN F 607 -17.03 -10.66 44.52
C ASN F 607 -15.90 -11.24 45.36
N THR F 608 -16.13 -11.45 46.65
CA THR F 608 -15.10 -11.97 47.55
C THR F 608 -15.35 -13.43 47.83
N ASP F 609 -14.30 -14.24 47.75
CA ASP F 609 -14.41 -15.67 48.03
C ASP F 609 -14.41 -15.91 49.54
N HIS F 610 -15.03 -17.03 49.93
CA HIS F 610 -15.12 -17.42 51.33
C HIS F 610 -14.57 -18.83 51.49
N THR F 611 -13.69 -19.00 52.47
CA THR F 611 -13.08 -20.30 52.73
C THR F 611 -14.09 -21.20 53.46
N LEU F 612 -13.63 -22.41 53.82
CA LEU F 612 -14.51 -23.34 54.51
C LEU F 612 -14.81 -22.86 55.93
N GLU F 613 -13.78 -22.43 56.66
CA GLU F 613 -13.99 -21.95 58.02
C GLU F 613 -14.80 -20.66 58.03
N GLU F 614 -14.62 -19.80 57.04
CA GLU F 614 -15.37 -18.54 57.00
C GLU F 614 -16.86 -18.80 56.80
N VAL F 615 -17.21 -19.75 55.93
CA VAL F 615 -18.62 -20.07 55.74
C VAL F 615 -19.15 -20.88 56.91
N GLY F 616 -18.30 -21.66 57.58
CA GLY F 616 -18.74 -22.41 58.73
C GLY F 616 -19.02 -21.54 59.94
N GLN F 617 -18.27 -20.44 60.09
CA GLN F 617 -18.52 -19.54 61.21
C GLN F 617 -19.88 -18.87 61.08
N GLN F 618 -20.36 -18.65 59.86
CA GLN F 618 -21.68 -18.07 59.63
C GLN F 618 -22.78 -19.12 59.58
N PHE F 619 -22.43 -20.37 59.30
CA PHE F 619 -23.41 -21.45 59.22
C PHE F 619 -23.41 -22.27 60.50
N SER F 620 -24.44 -23.11 60.64
CA SER F 620 -24.53 -23.99 61.81
C SER F 620 -23.39 -24.99 61.83
N VAL F 621 -23.16 -25.69 60.72
CA VAL F 621 -22.08 -26.66 60.62
C VAL F 621 -20.75 -25.91 60.64
N THR F 622 -19.96 -26.14 61.69
CA THR F 622 -18.70 -25.41 61.85
C THR F 622 -17.71 -25.73 60.74
N ARG F 623 -17.22 -26.96 60.70
CA ARG F 623 -16.18 -27.30 59.71
C ARG F 623 -16.47 -28.57 58.93
N GLU F 624 -17.06 -29.58 59.55
CA GLU F 624 -17.08 -30.92 58.97
C GLU F 624 -18.17 -31.07 57.91
N ARG F 625 -19.43 -30.90 58.30
CA ARG F 625 -20.55 -31.19 57.41
C ARG F 625 -20.63 -30.26 56.21
N ILE F 626 -19.87 -29.15 56.20
CA ILE F 626 -19.85 -28.28 55.02
C ILE F 626 -19.30 -29.04 53.82
N ARG F 627 -18.25 -29.83 54.03
CA ARG F 627 -17.71 -30.64 52.94
C ARG F 627 -18.72 -31.68 52.47
N GLN F 628 -19.47 -32.27 53.40
CA GLN F 628 -20.49 -33.24 53.01
C GLN F 628 -21.58 -32.59 52.20
N ILE F 629 -22.01 -31.38 52.59
CA ILE F 629 -23.03 -30.67 51.83
C ILE F 629 -22.53 -30.32 50.45
N GLU F 630 -21.27 -29.88 50.36
CA GLU F 630 -20.69 -29.56 49.05
C GLU F 630 -20.61 -30.80 48.17
N ALA F 631 -20.22 -31.94 48.75
CA ALA F 631 -20.15 -33.17 47.97
C ALA F 631 -21.52 -33.61 47.50
N LYS F 632 -22.54 -33.46 48.35
CA LYS F 632 -23.90 -33.81 47.95
C LYS F 632 -24.39 -32.91 46.83
N ALA F 633 -24.11 -31.61 46.93
CA ALA F 633 -24.51 -30.68 45.88
C ALA F 633 -23.79 -30.99 44.57
N LEU F 634 -22.51 -31.36 44.65
CA LEU F 634 -21.77 -31.71 43.44
C LEU F 634 -22.31 -32.99 42.82
N ARG F 635 -22.67 -33.97 43.65
CA ARG F 635 -23.26 -35.20 43.12
C ARG F 635 -24.61 -34.93 42.48
N LYS F 636 -25.38 -34.01 43.05
CA LYS F 636 -26.67 -33.66 42.46
C LYS F 636 -26.51 -33.02 41.09
N LEU F 637 -25.41 -32.29 40.88
CA LEU F 637 -25.15 -31.65 39.60
C LEU F 637 -24.44 -32.54 38.60
N LYS F 638 -23.95 -33.71 39.03
CA LYS F 638 -23.27 -34.62 38.13
C LYS F 638 -24.22 -35.44 37.27
N HIS F 639 -25.53 -35.36 37.52
CA HIS F 639 -26.48 -36.12 36.73
C HIS F 639 -26.54 -35.56 35.31
N PRO F 640 -26.65 -36.41 34.29
CA PRO F 640 -26.71 -35.90 32.91
C PRO F 640 -27.97 -35.11 32.62
N SER F 641 -29.09 -35.46 33.24
CA SER F 641 -30.33 -34.73 32.97
C SER F 641 -30.25 -33.30 33.50
N ARG F 642 -29.63 -33.10 34.65
CA ARG F 642 -29.51 -31.78 35.25
C ARG F 642 -28.31 -30.99 34.73
N SER F 643 -27.28 -31.68 34.24
CA SER F 643 -26.07 -31.04 33.72
C SER F 643 -25.86 -31.38 32.25
N ARG F 644 -26.94 -31.37 31.46
CA ARG F 644 -26.83 -31.67 30.04
C ARG F 644 -26.36 -30.45 29.26
N LYS F 645 -26.98 -29.29 29.51
CA LYS F 645 -26.59 -28.07 28.80
C LYS F 645 -25.25 -27.53 29.29
N LEU F 646 -24.91 -27.79 30.55
CA LEU F 646 -23.66 -27.29 31.12
C LEU F 646 -22.43 -28.06 30.67
N ARG F 647 -22.61 -29.25 30.08
CA ARG F 647 -21.46 -30.05 29.66
C ARG F 647 -20.78 -29.48 28.43
N SER F 648 -21.50 -28.73 27.60
CA SER F 648 -20.91 -28.21 26.36
C SER F 648 -19.87 -27.13 26.62
N PHE F 649 -19.86 -26.53 27.81
CA PHE F 649 -18.90 -25.46 28.09
C PHE F 649 -17.49 -26.01 28.26
N LEU F 650 -17.36 -27.15 28.93
CA LEU F 650 -16.03 -27.70 29.19
C LEU F 650 -15.36 -28.17 27.91
N ASP F 651 -16.12 -28.80 27.02
CA ASP F 651 -15.58 -29.30 25.76
C ASP F 651 -15.13 -28.14 24.86
N MET G 1 24.96 -19.19 67.04
CA MET G 1 24.19 -17.95 67.04
C MET G 1 22.74 -18.22 67.45
N SER G 2 22.02 -17.16 67.76
CA SER G 2 20.61 -17.26 68.15
C SER G 2 19.84 -16.10 67.55
N TRP G 3 18.52 -16.28 67.47
CA TRP G 3 17.61 -15.28 66.91
C TRP G 3 16.46 -15.02 67.87
N THR G 4 16.79 -14.86 69.16
CA THR G 4 15.78 -14.60 70.16
C THR G 4 15.27 -13.17 70.05
N ASP G 5 14.38 -12.79 70.97
CA ASP G 5 13.83 -11.44 70.97
C ASP G 5 14.91 -10.40 71.26
N GLU G 6 15.89 -10.74 72.08
CA GLU G 6 16.98 -9.81 72.39
C GLU G 6 17.96 -9.68 71.24
N ARG G 7 18.07 -10.70 70.39
CA ARG G 7 19.00 -10.64 69.26
C ARG G 7 18.58 -9.59 68.25
N VAL G 8 17.28 -9.51 67.96
CA VAL G 8 16.81 -8.53 66.98
C VAL G 8 16.85 -7.13 67.56
N SER G 9 16.63 -6.99 68.87
CA SER G 9 16.65 -5.66 69.48
CA SER G 9 16.65 -5.66 69.48
C SER G 9 18.05 -5.05 69.45
N THR G 10 19.05 -5.81 69.90
CA THR G 10 20.42 -5.31 69.90
C THR G 10 20.91 -5.05 68.49
N LEU G 11 20.50 -5.90 67.53
CA LEU G 11 20.90 -5.70 66.14
C LEU G 11 20.34 -4.40 65.58
N LYS G 12 19.04 -4.15 65.82
CA LYS G 12 18.44 -2.92 65.35
C LYS G 12 19.07 -1.71 66.02
N LYS G 13 19.35 -1.80 67.32
CA LYS G 13 19.98 -0.69 68.02
CA LYS G 13 19.98 -0.69 68.02
C LYS G 13 21.37 -0.39 67.45
N LEU G 14 22.17 -1.43 67.23
CA LEU G 14 23.52 -1.23 66.72
C LEU G 14 23.52 -0.80 65.25
N TRP G 15 22.47 -1.14 64.50
CA TRP G 15 22.36 -0.62 63.15
C TRP G 15 21.88 0.82 63.13
N LEU G 16 21.13 1.24 64.14
CA LEU G 16 20.60 2.60 64.16
C LEU G 16 21.62 3.59 64.70
N ASP G 17 22.34 3.25 65.78
CA ASP G 17 23.25 4.22 66.37
C ASP G 17 24.47 4.49 65.48
N GLY G 18 24.83 3.54 64.61
CA GLY G 18 25.93 3.76 63.70
C GLY G 18 27.16 2.91 64.01
N LEU G 19 27.51 2.01 63.10
CA LEU G 19 28.66 1.14 63.28
C LEU G 19 28.84 0.32 62.01
N SER G 20 30.07 -0.13 61.78
CA SER G 20 30.38 -0.87 60.56
C SER G 20 29.61 -2.20 60.52
N ALA G 21 28.94 -2.44 59.40
CA ALA G 21 28.09 -3.63 59.29
C ALA G 21 28.91 -4.92 59.36
N SER G 22 30.18 -4.88 58.95
CA SER G 22 31.01 -6.08 59.00
CA SER G 22 31.00 -6.08 59.00
C SER G 22 31.30 -6.49 60.44
N GLN G 23 31.56 -5.52 61.31
CA GLN G 23 31.83 -5.80 62.71
C GLN G 23 30.57 -6.04 63.52
N ILE G 24 29.40 -5.87 62.92
CA ILE G 24 28.15 -6.04 63.66
C ILE G 24 27.95 -7.50 64.04
N ALA G 25 28.28 -8.43 63.13
CA ALA G 25 28.12 -9.84 63.42
C ALA G 25 29.15 -10.33 64.43
N LYS G 26 30.36 -9.77 64.38
CA LYS G 26 31.40 -10.19 65.33
C LYS G 26 31.07 -9.73 66.74
N GLN G 27 30.52 -8.52 66.89
CA GLN G 27 30.17 -8.03 68.21
C GLN G 27 29.00 -8.81 68.80
N LEU G 28 28.07 -9.27 67.97
CA LEU G 28 26.95 -10.07 68.46
C LEU G 28 27.37 -11.49 68.78
N GLY G 29 28.32 -12.05 68.02
CA GLY G 29 28.79 -13.41 68.27
C GLY G 29 27.93 -14.45 67.58
N GLY G 30 28.56 -15.41 66.93
CA GLY G 30 27.84 -16.49 66.25
C GLY G 30 27.28 -16.15 64.89
N VAL G 31 26.53 -15.04 64.79
CA VAL G 31 25.95 -14.64 63.51
C VAL G 31 27.05 -14.25 62.55
N THR G 32 26.89 -14.65 61.29
CA THR G 32 27.88 -14.35 60.25
C THR G 32 27.55 -13.01 59.60
N ARG G 33 28.39 -12.62 58.63
CA ARG G 33 28.18 -11.34 57.95
C ARG G 33 26.94 -11.39 57.07
N ASN G 34 26.70 -12.53 56.41
CA ASN G 34 25.53 -12.63 55.52
C ASN G 34 24.23 -12.64 56.31
N ALA G 35 24.24 -13.17 57.53
CA ALA G 35 23.00 -13.26 58.31
C ALA G 35 22.52 -11.88 58.74
N VAL G 36 23.43 -11.02 59.18
CA VAL G 36 23.03 -9.70 59.66
C VAL G 36 22.47 -8.85 58.52
N ILE G 37 23.08 -8.96 57.34
CA ILE G 37 22.59 -8.20 56.19
C ILE G 37 21.20 -8.67 55.80
N GLY G 38 20.98 -9.99 55.77
CA GLY G 38 19.66 -10.49 55.46
C GLY G 38 18.63 -10.10 56.50
N LYS G 39 19.03 -10.06 57.77
CA LYS G 39 18.10 -9.65 58.82
C LYS G 39 17.72 -8.18 58.68
N VAL G 40 18.72 -7.31 58.46
CA VAL G 40 18.43 -5.89 58.32
C VAL G 40 17.64 -5.62 57.05
N HIS G 41 17.83 -6.43 56.01
CA HIS G 41 17.06 -6.25 54.78
C HIS G 41 15.66 -6.82 54.91
N ARG G 42 15.53 -8.00 55.52
CA ARG G 42 14.22 -8.62 55.69
C ARG G 42 13.37 -7.80 56.67
N LEU G 43 13.92 -7.49 57.85
CA LEU G 43 13.19 -6.72 58.84
C LEU G 43 12.98 -5.27 58.41
N GLY G 44 13.76 -4.79 57.45
CA GLY G 44 13.64 -3.41 57.02
C GLY G 44 14.47 -2.46 57.86
N LEU G 45 14.24 -1.17 57.62
CA LEU G 45 14.95 -0.10 58.32
C LEU G 45 16.46 -0.22 58.08
N SER G 46 16.84 -0.02 56.82
CA SER G 46 18.24 -0.12 56.42
C SER G 46 18.90 1.25 56.42
N PRO G 105 61.30 36.57 43.80
CA PRO G 105 60.27 36.98 44.76
C PRO G 105 59.36 38.09 44.21
N GLY G 106 58.14 38.16 44.71
CA GLY G 106 57.17 39.15 44.28
C GLY G 106 57.02 40.27 45.29
N SER G 107 55.88 40.96 45.20
CA SER G 107 55.57 42.09 46.08
C SER G 107 54.13 42.01 46.59
N ALA G 108 53.60 40.80 46.71
CA ALA G 108 52.23 40.62 47.20
C ALA G 108 52.05 39.17 47.61
N THR G 109 51.46 38.96 48.79
CA THR G 109 51.23 37.62 49.31
C THR G 109 49.93 37.06 48.74
N VAL G 110 49.49 35.91 49.28
CA VAL G 110 48.26 35.28 48.80
C VAL G 110 47.01 35.92 49.37
N LEU G 111 47.14 36.88 50.27
CA LEU G 111 46.00 37.56 50.88
C LEU G 111 45.72 38.92 50.28
N THR G 112 46.77 39.71 50.02
CA THR G 112 46.61 41.05 49.45
C THR G 112 46.67 41.03 47.92
N LEU G 113 45.85 40.16 47.32
CA LEU G 113 45.79 40.00 45.87
C LEU G 113 44.48 40.62 45.39
N GLY G 114 44.57 41.80 44.77
CA GLY G 114 43.41 42.48 44.26
C GLY G 114 43.18 42.22 42.78
N ALA G 115 42.14 42.85 42.26
CA ALA G 115 41.79 42.69 40.86
C ALA G 115 42.80 43.39 39.96
N HIS G 116 42.97 42.86 38.75
CA HIS G 116 43.91 43.42 37.77
C HIS G 116 45.34 43.38 38.31
N MET G 117 45.78 42.20 38.72
CA MET G 117 47.12 42.01 39.25
C MET G 117 47.65 40.66 38.78
N CYS G 118 48.98 40.55 38.76
CA CYS G 118 49.62 39.30 38.36
C CYS G 118 49.32 38.20 39.37
N LYS G 119 49.26 36.96 38.87
CA LYS G 119 48.94 35.81 39.70
C LYS G 119 49.87 34.63 39.43
N TRP G 120 50.99 34.86 38.77
CA TRP G 120 51.94 33.78 38.49
C TRP G 120 52.64 33.37 39.78
N PRO G 121 52.50 32.13 40.24
CA PRO G 121 53.14 31.74 41.49
C PRO G 121 54.65 31.64 41.36
N ILE G 122 55.34 31.96 42.45
CA ILE G 122 56.79 31.90 42.50
C ILE G 122 57.18 31.16 43.78
N GLY G 123 57.94 30.08 43.63
CA GLY G 123 58.35 29.29 44.77
C GLY G 123 57.45 28.10 45.03
N ASP G 124 57.37 27.66 46.28
CA ASP G 124 56.53 26.54 46.67
C ASP G 124 55.46 27.01 47.65
N PRO G 125 54.19 26.66 47.44
CA PRO G 125 53.15 27.08 48.38
C PRO G 125 53.34 26.49 49.77
N SER G 126 53.94 25.33 49.88
CA SER G 126 54.22 24.69 51.17
C SER G 126 55.53 25.15 51.77
N SER G 127 56.12 26.23 51.25
CA SER G 127 57.39 26.74 51.74
C SER G 127 57.14 27.95 52.65
N GLU G 128 58.21 28.61 53.07
CA GLU G 128 58.09 29.76 53.94
C GLU G 128 57.70 31.01 53.16
N GLY G 129 58.45 31.34 52.12
CA GLY G 129 58.16 32.51 51.32
C GLY G 129 57.55 32.17 49.97
N PHE G 130 56.25 32.40 49.83
CA PHE G 130 55.54 32.13 48.58
C PHE G 130 54.63 33.31 48.29
N THR G 131 54.96 34.07 47.24
CA THR G 131 54.20 35.26 46.86
C THR G 131 54.07 35.30 45.35
N PHE G 132 53.33 36.30 44.87
CA PHE G 132 53.14 36.53 43.44
C PHE G 132 53.77 37.85 43.04
N CYS G 133 53.79 38.10 41.74
CA CYS G 133 54.37 39.33 41.21
C CYS G 133 53.58 40.55 41.67
N GLY G 134 52.28 40.57 41.36
CA GLY G 134 51.43 41.67 41.76
C GLY G 134 51.77 42.98 41.05
N ARG G 135 51.63 43.00 39.73
CA ARG G 135 51.90 44.20 38.95
C ARG G 135 50.70 44.54 38.07
N ARG G 136 50.88 45.51 37.17
CA ARG G 136 49.79 45.90 36.27
C ARG G 136 49.55 44.81 35.24
N SER G 137 48.60 43.93 35.51
CA SER G 137 48.30 42.77 34.68
C SER G 137 46.79 42.67 34.43
N SER G 138 46.17 43.78 34.07
CA SER G 138 44.74 43.77 33.77
C SER G 138 44.47 42.91 32.53
N GLU G 139 43.18 42.62 32.33
CA GLU G 139 42.67 41.79 31.21
C GLU G 139 43.48 40.51 31.03
N GLY G 140 43.87 39.89 32.14
CA GLY G 140 44.63 38.66 32.10
C GLY G 140 45.03 38.18 33.48
N PRO G 141 44.98 36.87 33.70
CA PRO G 141 45.38 36.32 35.00
C PRO G 141 46.87 36.50 35.26
N TYR G 142 47.70 36.12 34.30
CA TYR G 142 49.14 36.24 34.43
C TYR G 142 49.61 37.60 33.89
N CYS G 143 50.90 37.86 34.07
CA CYS G 143 51.49 39.12 33.64
C CYS G 143 52.01 39.01 32.21
N VAL G 144 52.36 40.17 31.64
CA VAL G 144 52.86 40.19 30.27
C VAL G 144 54.21 39.49 30.17
N GLU G 145 55.02 39.55 31.24
CA GLU G 145 56.31 38.87 31.22
C GLU G 145 56.18 37.36 31.28
N HIS G 146 55.06 36.85 31.82
CA HIS G 146 54.83 35.42 31.91
C HIS G 146 53.73 34.92 30.99
N ALA G 147 52.99 35.82 30.34
CA ALA G 147 51.95 35.39 29.42
C ALA G 147 52.52 34.67 28.21
N ARG G 148 53.76 35.01 27.82
CA ARG G 148 54.42 34.37 26.69
C ARG G 148 55.14 33.08 27.06
N VAL G 149 55.31 32.80 28.35
CA VAL G 149 56.01 31.60 28.79
C VAL G 149 54.98 30.58 29.28
N ALA G 150 53.82 31.06 29.73
CA ALA G 150 52.78 30.16 30.21
C ALA G 150 51.99 29.55 29.06
N TYR G 151 51.35 30.39 28.26
CA TYR G 151 50.58 29.90 27.13
C TYR G 151 51.49 29.30 26.06
N GLN G 152 50.89 28.60 25.13
CA GLN G 152 51.64 27.98 24.04
C GLN G 152 52.25 29.04 23.13
N PRO G 153 53.57 29.20 23.11
CA PRO G 153 54.17 30.21 22.24
C PRO G 153 54.05 29.82 20.77
N GLN G 154 53.88 30.85 19.92
CA GLN G 154 53.73 30.66 18.48
C GLN G 154 52.51 29.79 18.18
N GLN G 155 51.34 30.29 18.57
CA GLN G 155 50.09 29.57 18.37
C GLN G 155 49.81 29.37 16.88
N THR G 156 49.87 28.13 16.42
CA THR G 156 49.61 27.78 15.02
C THR G 156 48.77 26.51 15.01
N LYS G 157 47.45 26.68 14.96
CA LYS G 157 46.53 25.56 14.96
C LYS G 157 45.31 25.92 14.13
N LYS G 158 44.79 24.94 13.39
CA LYS G 158 43.63 25.14 12.54
C LYS G 158 43.07 23.78 12.14
N LYS G 159 41.77 23.75 11.87
CA LYS G 159 41.09 22.53 11.47
C LYS G 159 39.92 22.90 10.57
N SER G 160 39.02 21.95 10.35
CA SER G 160 37.87 22.14 9.50
C SER G 160 36.65 22.51 10.33
N GLY G 161 35.65 23.08 9.66
CA GLY G 161 34.42 23.48 10.32
C GLY G 161 33.25 23.63 9.36
#